data_8G6U
#
_entry.id   8G6U
#
_cell.length_a   1.00
_cell.length_b   1.00
_cell.length_c   1.00
_cell.angle_alpha   90.00
_cell.angle_beta   90.00
_cell.angle_gamma   90.00
#
_symmetry.space_group_name_H-M   'P 1'
#
loop_
_entity.id
_entity.type
_entity.pdbx_description
1 polymer 'CRF01_AE T/F100 HIV-1 gp120'
2 polymer 'CRF-1_AE T/F100 HIV-1 gp41'
3 polymer 'Heavy chain of 8ANC195'
4 polymer 'Light chain of 8ANC195'
5 polymer 'Heavy chain of 10-1074'
6 polymer 'Light chain of 10-1074'
7 branched alpha-D-mannopyranose-(1-2)-alpha-D-mannopyranose-(1-2)-alpha-D-mannopyranose-(1-3)-[alpha-D-mannopyranose-(1-2)-alpha-D-mannopyranose-(1-3)-[alpha-D-mannopyranose-(1-2)-alpha-D-mannopyranose-(1-6)]alpha-D-mannopyranose-(1-6)]beta-D-mannopyranose-(1-4)-2-acetamido-2-deoxy-beta-D-glucopyranose-(1-4)-2-acetamido-2-deoxy-beta-D-glucopyranose
8 branched alpha-D-mannopyranose-(1-2)-alpha-D-mannopyranose-(1-3)-[alpha-D-mannopyranose-(1-6)]beta-D-mannopyranose-(1-4)-2-acetamido-2-deoxy-beta-D-glucopyranose-(1-4)-2-acetamido-2-deoxy-beta-D-glucopyranose
9 branched alpha-D-mannopyranose-(1-2)-alpha-D-mannopyranose-(1-2)-alpha-D-mannopyranose-(1-3)-[alpha-D-mannopyranose-(1-2)-alpha-D-mannopyranose-(1-6)-[alpha-D-mannopyranose-(1-3)]alpha-D-mannopyranose-(1-6)]beta-D-mannopyranose-(1-4)-2-acetamido-2-deoxy-beta-D-glucopyranose-(1-4)-2-acetamido-2-deoxy-beta-D-glucopyranose
10 branched 2-acetamido-2-deoxy-beta-D-glucopyranose-(1-4)-2-acetamido-2-deoxy-beta-D-glucopyranose
11 branched alpha-D-mannopyranose-(1-3)-[alpha-D-mannopyranose-(1-6)]beta-D-mannopyranose-(1-4)-2-acetamido-2-deoxy-beta-D-glucopyranose-(1-4)-2-acetamido-2-deoxy-beta-D-glucopyranose
12 non-polymer 2-acetamido-2-deoxy-beta-D-glucopyranose
#
loop_
_entity_poly.entity_id
_entity_poly.type
_entity_poly.pdbx_seq_one_letter_code
_entity_poly.pdbx_strand_id
1 'polypeptide(L)'
;ATNNLWVTVYYGVPVWRDADTTLFCASDAKAYETEVHNVWATHACVPTDPNPQEMHLKNVTENFNMWKNNMVEQMHEDII
SLWDQSLKPCVKLTPLCVTLNCTSATVTNYTKVNDTSDIIGNITDDVRNCSFNMTTELRDKQQKVYALFYKLDIVPIDDS
SNNGSSNFSEYRLINCNTSVIKQACPKVSFDPIPIHYCTPAGYAILRCNDKKFNGTGPCKNVSSVQCTHGIKPVVSTQLL
LNGSLAEEGIIIRSENLTNNAKTIIVHFNESVKINCTRPSNNTRTGIHIGPGQVFYKTGDIIGDIRKAYCNISGAQWHKV
LGRVANKLKEHFNNKTIVFKPSSGGDPEITMHSFNCRGEFFYCNTTKLFNSTWGGNKNETRDNGTITIPCRIKQIINMWQ
GVGQAMYAPPIKGVIKCLSNITGILLTRDGGNDTENNETFRPGGGDMRDNWRNELYKYKVVQIEPLGIAPTKCKRRVVER
RRRRR
;
A,E,I
2 'polypeptide(L)'
;AVGLGAMIFGFLGAAGSTMGAASITLTVQARQLLSGIVQQQSNLLRAPEAQQHLLQLTVWGIKQLQARVLAVERYLQDQK
FLGLWGCSGKIICCTAVPWNSSWSNKTFEEIWNNMTWIEWEREISNYTSQIYDILTISQTQQEKNEKDLLELDAA
;
B,F,J
3 'polypeptide(L)'
;QIHLVQSGTEVKKPGSSVTVSCKAYGVNTFGLYAVNWVRQAPGQSLEYIGQIWRWKSSASHHFRGRVLISAVDLTGSSPP
ISSLEIKNLTSDDTAVYFCTTTSTYDRWSGLHHDGVMAFSSWGQGTLISVSAASTKGPSVFPLAPSSKSTSGGTAALGCL
VKDYFPEPVTVSWNSGALTSGVHTFPAVLQSSGLYSLSSVVTVPSSSLGTQTYICNVNHKPSNTKVDKRVEPKSCDKT
;
C,G,K
4 'polypeptide(L)'
;DIQMTQSPSTLSASTGDTVRISCRASQSITGNWVAWYQQRPGKAPRLLIYRGAALLGGVPSRFRGSAAGTDFTLTIGNLQ
AEDFGTFYCQQYDTYPGTFGQGTKVEVKRTVAAPSVFIFPPSDEQLKSGTASVVCLLNNFYPREAKVQWKVDNALQSGNS
QESVTEQDSKDSTYSLSSTLTLSKADYEKHKVYACEVTHQGLSSPVTKSFNRGEC
;
D,H,L
5 'polypeptide(L)'
;QVQLQESGPGLVKPSETLSVTCSVSGDSMNNYYWTWIRQSPGKGLEWIGYISDRESATYNPSLNSRVVISRDTSKNQLSL
KLNSVTPADTAVYYCATARRGQRIYGVVSFGEFFYYYSMDVWGKGTTVTVSSASTKGPSVFPLAPSSKSTSGGTAALGCL
VKDYFPEPVTVSWNSGALTSGVHTFPAVLQSSGLYSLSSVVTVPSSSLGTQTYICNVNHKPSNTKVDKRVEPKSCDKT
;
M,O,Q
6 'polypeptide(L)'
;SYVRPLSVALGETARISCGRQALGSRAVQWYQHRPGQAPILLIYNNQDRPSGIPERFSGTPDINFGTRATLTISGVEAGD
EADYYCHMWDSRSGFSWSFGGATRLTVLGQPKAAPSVTLFPPSSEELQANKATLVCLISDFYPGAVTVAWKADSSPVKAG
VETTTPSKQSNNKYAASSYLSLTPEQWKSHRSYSCQVTHEGSTVEKTVAPTECS
;
N,P,R
#
loop_
_chem_comp.id
_chem_comp.type
_chem_comp.name
_chem_comp.formula
BMA D-saccharide, beta linking beta-D-mannopyranose 'C6 H12 O6'
MAN D-saccharide, alpha linking alpha-D-mannopyranose 'C6 H12 O6'
NAG D-saccharide, beta linking 2-acetamido-2-deoxy-beta-D-glucopyranose 'C8 H15 N O6'
#
# COMPACT_ATOMS: atom_id res chain seq x y z
N ASN A 3 -53.26 -36.83 0.95
CA ASN A 3 -53.75 -36.20 -0.28
C ASN A 3 -53.39 -34.71 -0.31
N ASN A 4 -52.57 -34.29 0.65
CA ASN A 4 -52.12 -32.91 0.74
C ASN A 4 -50.60 -32.87 0.83
N LEU A 5 -50.03 -31.73 0.45
CA LEU A 5 -48.59 -31.56 0.37
C LEU A 5 -48.08 -30.68 1.50
N TRP A 6 -46.83 -30.92 1.89
CA TRP A 6 -46.18 -30.15 2.95
C TRP A 6 -44.82 -29.67 2.47
N VAL A 7 -44.39 -28.54 3.02
CA VAL A 7 -43.11 -27.96 2.61
C VAL A 7 -41.96 -28.84 3.06
N THR A 8 -41.04 -29.11 2.14
CA THR A 8 -39.84 -29.88 2.44
C THR A 8 -38.63 -29.10 1.97
N VAL A 9 -37.71 -28.82 2.88
CA VAL A 9 -36.55 -27.99 2.58
C VAL A 9 -35.43 -28.87 2.04
N TYR A 10 -34.88 -28.48 0.89
CA TYR A 10 -33.78 -29.19 0.27
C TYR A 10 -32.54 -28.30 0.26
N TYR A 11 -31.40 -28.87 0.62
CA TYR A 11 -30.12 -28.16 0.59
C TYR A 11 -29.19 -28.87 -0.37
N GLY A 12 -28.70 -28.15 -1.38
CA GLY A 12 -27.86 -28.70 -2.39
C GLY A 12 -28.49 -28.90 -3.75
N VAL A 13 -29.58 -28.19 -4.05
CA VAL A 13 -30.27 -28.34 -5.33
C VAL A 13 -29.40 -27.78 -6.44
N PRO A 14 -29.46 -28.34 -7.66
CA PRO A 14 -28.67 -27.82 -8.80
C PRO A 14 -29.32 -26.61 -9.46
N VAL A 15 -29.21 -25.46 -8.81
CA VAL A 15 -29.77 -24.21 -9.29
C VAL A 15 -28.67 -23.16 -9.31
N TRP A 16 -28.51 -22.47 -10.44
CA TRP A 16 -27.49 -21.46 -10.58
C TRP A 16 -28.12 -20.17 -11.11
N ARG A 17 -27.44 -19.05 -10.83
CA ARG A 17 -27.89 -17.75 -11.27
C ARG A 17 -26.69 -16.92 -11.70
N ASP A 18 -26.87 -16.12 -12.76
CA ASP A 18 -25.78 -15.30 -13.27
C ASP A 18 -25.28 -14.35 -12.19
N ALA A 19 -23.96 -14.28 -12.04
CA ALA A 19 -23.35 -13.39 -11.06
C ALA A 19 -21.91 -13.13 -11.46
N ASP A 20 -21.35 -12.06 -10.91
CA ASP A 20 -19.96 -11.68 -11.13
C ASP A 20 -19.24 -11.62 -9.80
N THR A 21 -18.09 -12.29 -9.72
CA THR A 21 -17.29 -12.35 -8.50
C THR A 21 -15.83 -12.16 -8.86
N THR A 22 -14.99 -12.14 -7.83
CA THR A 22 -13.55 -11.98 -8.00
C THR A 22 -12.89 -13.35 -8.07
N LEU A 23 -12.24 -13.63 -9.19
CA LEU A 23 -11.56 -14.90 -9.41
C LEU A 23 -10.09 -14.76 -9.10
N PHE A 24 -9.55 -15.68 -8.31
CA PHE A 24 -8.16 -15.62 -7.91
C PHE A 24 -7.28 -16.36 -8.93
N CYS A 25 -6.00 -16.48 -8.62
CA CYS A 25 -5.01 -17.06 -9.51
C CYS A 25 -4.69 -18.49 -9.10
N ALA A 26 -4.32 -19.30 -10.11
CA ALA A 26 -4.00 -20.72 -9.92
C ALA A 26 -2.96 -21.10 -10.98
N SER A 27 -1.69 -21.18 -10.58
CA SER A 27 -0.63 -21.46 -11.53
C SER A 27 -0.05 -22.84 -11.29
N ASP A 28 0.41 -23.48 -12.37
CA ASP A 28 1.13 -24.73 -12.26
C ASP A 28 2.39 -24.51 -11.44
N ALA A 29 2.57 -25.28 -10.36
CA ALA A 29 3.54 -24.93 -9.34
C ALA A 29 4.96 -24.89 -9.87
N LYS A 30 5.48 -23.68 -10.03
CA LYS A 30 6.87 -23.41 -10.37
C LYS A 30 7.69 -23.13 -9.12
N ALA A 31 8.82 -22.46 -9.30
CA ALA A 31 9.72 -22.18 -8.16
C ALA A 31 10.99 -23.01 -8.34
N TYR A 32 10.90 -24.19 -8.97
CA TYR A 32 12.14 -24.93 -9.14
C TYR A 32 12.75 -24.46 -10.44
N GLU A 33 12.25 -23.32 -10.90
CA GLU A 33 12.82 -22.50 -11.98
C GLU A 33 13.77 -21.45 -11.40
N THR A 34 14.44 -21.79 -10.31
CA THR A 34 15.14 -20.87 -9.41
C THR A 34 14.08 -20.01 -8.72
N GLU A 35 14.16 -18.68 -8.84
CA GLU A 35 13.07 -17.85 -8.35
C GLU A 35 12.41 -17.12 -9.51
N VAL A 36 13.19 -16.30 -10.21
CA VAL A 36 12.79 -15.67 -11.47
C VAL A 36 11.40 -15.05 -11.34
N HIS A 37 11.30 -13.93 -10.62
CA HIS A 37 10.01 -13.29 -10.45
C HIS A 37 9.52 -12.73 -11.77
N ASN A 38 8.61 -13.45 -12.42
CA ASN A 38 8.05 -12.98 -13.69
C ASN A 38 7.06 -11.86 -13.45
N VAL A 39 6.64 -11.17 -14.51
CA VAL A 39 5.69 -10.08 -14.38
C VAL A 39 4.38 -10.58 -13.78
N TRP A 40 3.89 -11.71 -14.28
CA TRP A 40 2.68 -12.30 -13.72
C TRP A 40 3.10 -13.18 -12.55
N ALA A 41 3.27 -12.57 -11.39
CA ALA A 41 3.93 -13.19 -10.24
C ALA A 41 3.44 -14.60 -9.98
N THR A 42 4.36 -15.57 -10.08
CA THR A 42 4.06 -16.93 -9.67
C THR A 42 3.73 -16.98 -8.18
N HIS A 43 4.49 -16.21 -7.40
CA HIS A 43 4.23 -16.04 -5.98
C HIS A 43 2.90 -15.32 -5.80
N ALA A 44 2.27 -15.57 -4.65
CA ALA A 44 0.95 -15.06 -4.29
C ALA A 44 -0.13 -15.72 -5.14
N CYS A 45 0.27 -16.53 -6.12
CA CYS A 45 -0.64 -17.47 -6.77
C CYS A 45 -0.57 -18.77 -6.00
N VAL A 46 -0.91 -18.71 -4.71
CA VAL A 46 -0.66 -19.84 -3.81
C VAL A 46 -1.32 -21.14 -4.29
N PRO A 47 -2.60 -21.15 -4.70
CA PRO A 47 -3.21 -22.44 -5.07
C PRO A 47 -2.55 -23.06 -6.28
N THR A 48 -1.85 -24.17 -6.07
CA THR A 48 -1.35 -24.97 -7.17
C THR A 48 -2.48 -25.85 -7.68
N ASP A 49 -2.72 -25.81 -8.99
CA ASP A 49 -3.88 -26.48 -9.54
C ASP A 49 -3.78 -27.98 -9.33
N PRO A 50 -4.75 -28.60 -8.68
CA PRO A 50 -4.75 -30.06 -8.54
C PRO A 50 -5.27 -30.73 -9.80
N ASN A 51 -5.48 -32.04 -9.75
CA ASN A 51 -6.04 -32.74 -10.90
C ASN A 51 -7.38 -32.11 -11.28
N PRO A 52 -7.59 -31.76 -12.54
CA PRO A 52 -8.86 -31.13 -12.94
C PRO A 52 -10.05 -31.97 -12.52
N GLN A 53 -11.05 -31.32 -11.97
CA GLN A 53 -12.25 -31.96 -11.43
C GLN A 53 -13.41 -31.63 -12.36
N GLU A 54 -13.57 -32.44 -13.41
CA GLU A 54 -14.61 -32.22 -14.39
C GLU A 54 -15.94 -32.78 -13.90
N MET A 55 -17.03 -32.19 -14.41
CA MET A 55 -18.37 -32.70 -14.13
C MET A 55 -19.28 -32.24 -15.25
N HIS A 56 -19.69 -33.17 -16.11
CA HIS A 56 -20.53 -32.85 -17.24
C HIS A 56 -22.00 -32.77 -16.83
N LEU A 57 -22.70 -31.77 -17.34
CA LEU A 57 -24.11 -31.55 -17.06
C LEU A 57 -24.93 -32.07 -18.23
N LYS A 58 -25.76 -33.09 -17.96
CA LYS A 58 -26.55 -33.72 -19.01
C LYS A 58 -27.83 -32.94 -19.28
N ASN A 59 -28.13 -32.74 -20.56
CA ASN A 59 -29.35 -32.06 -21.00
C ASN A 59 -29.48 -30.67 -20.38
N VAL A 60 -28.37 -29.95 -20.33
CA VAL A 60 -28.35 -28.57 -19.82
C VAL A 60 -27.96 -27.65 -20.97
N THR A 61 -28.83 -26.69 -21.27
CA THR A 61 -28.59 -25.71 -22.31
C THR A 61 -28.53 -24.33 -21.66
N GLU A 62 -27.36 -23.71 -21.68
CA GLU A 62 -27.13 -22.42 -21.05
C GLU A 62 -26.72 -21.41 -22.10
N ASN A 63 -27.34 -20.24 -22.08
CA ASN A 63 -26.98 -19.18 -23.02
C ASN A 63 -25.62 -18.59 -22.66
N PHE A 64 -24.83 -18.30 -23.69
CA PHE A 64 -23.50 -17.72 -23.53
C PHE A 64 -23.40 -16.43 -24.33
N ASN A 65 -22.70 -15.44 -23.79
CA ASN A 65 -22.47 -14.17 -24.47
C ASN A 65 -21.05 -13.73 -24.14
N MET A 66 -20.13 -13.97 -25.09
CA MET A 66 -18.72 -13.67 -24.86
C MET A 66 -18.45 -12.17 -24.76
N TRP A 67 -19.29 -11.33 -25.36
CA TRP A 67 -19.03 -9.90 -25.40
C TRP A 67 -19.54 -9.15 -24.17
N LYS A 68 -20.33 -9.80 -23.32
CA LYS A 68 -20.75 -9.21 -22.05
C LYS A 68 -20.17 -9.95 -20.86
N ASN A 69 -19.14 -10.77 -21.07
CA ASN A 69 -18.53 -11.54 -19.99
C ASN A 69 -17.69 -10.62 -19.11
N ASN A 70 -17.79 -10.84 -17.79
CA ASN A 70 -17.00 -10.08 -16.83
C ASN A 70 -15.63 -10.69 -16.59
N MET A 71 -15.40 -11.92 -17.05
CA MET A 71 -14.11 -12.57 -16.85
C MET A 71 -13.01 -11.85 -17.62
N VAL A 72 -13.35 -11.28 -18.77
CA VAL A 72 -12.36 -10.54 -19.55
C VAL A 72 -11.93 -9.29 -18.81
N GLU A 73 -12.88 -8.59 -18.20
CA GLU A 73 -12.53 -7.39 -17.44
C GLU A 73 -11.75 -7.76 -16.17
N GLN A 74 -12.17 -8.83 -15.51
CA GLN A 74 -11.38 -9.44 -14.44
C GLN A 74 -9.92 -9.50 -14.88
N MET A 75 -9.69 -10.25 -15.96
CA MET A 75 -8.33 -10.49 -16.41
C MET A 75 -7.62 -9.21 -16.76
N HIS A 76 -8.28 -8.29 -17.47
CA HIS A 76 -7.61 -7.07 -17.92
C HIS A 76 -7.15 -6.22 -16.75
N GLU A 77 -8.04 -6.01 -15.76
CA GLU A 77 -7.64 -5.25 -14.59
C GLU A 77 -6.49 -5.93 -13.87
N ASP A 78 -6.55 -7.26 -13.74
CA ASP A 78 -5.43 -7.97 -13.12
C ASP A 78 -4.15 -7.83 -13.93
N ILE A 79 -4.24 -7.80 -15.26
CA ILE A 79 -3.06 -7.62 -16.10
C ILE A 79 -2.40 -6.28 -15.80
N ILE A 80 -3.19 -5.20 -15.82
CA ILE A 80 -2.63 -3.88 -15.60
C ILE A 80 -2.05 -3.76 -14.19
N SER A 81 -2.79 -4.26 -13.20
CA SER A 81 -2.32 -4.18 -11.82
C SER A 81 -1.03 -4.97 -11.63
N LEU A 82 -0.94 -6.16 -12.22
CA LEU A 82 0.26 -6.97 -12.10
C LEU A 82 1.45 -6.29 -12.77
N TRP A 83 1.22 -5.66 -13.93
CA TRP A 83 2.32 -4.99 -14.62
C TRP A 83 2.85 -3.83 -13.79
N ASP A 84 1.95 -3.02 -13.23
CA ASP A 84 2.38 -1.92 -12.37
C ASP A 84 3.12 -2.44 -11.14
N GLN A 85 2.58 -3.50 -10.51
CA GLN A 85 3.23 -4.08 -9.34
C GLN A 85 4.62 -4.60 -9.68
N SER A 86 4.76 -5.22 -10.85
CA SER A 86 6.05 -5.79 -11.23
C SER A 86 7.09 -4.71 -11.47
N LEU A 87 6.74 -3.65 -12.21
CA LEU A 87 7.77 -2.66 -12.53
C LEU A 87 7.93 -1.57 -11.48
N LYS A 88 7.07 -1.52 -10.47
CA LYS A 88 7.14 -0.42 -9.50
C LYS A 88 8.42 -0.42 -8.66
N PRO A 89 8.83 -1.52 -7.96
CA PRO A 89 9.83 -1.41 -6.89
C PRO A 89 11.28 -1.52 -7.35
N CYS A 90 11.65 -0.77 -8.37
CA CYS A 90 13.04 -0.68 -8.82
C CYS A 90 13.20 0.55 -9.71
N VAL A 91 14.33 0.63 -10.41
CA VAL A 91 14.90 1.86 -10.97
C VAL A 91 13.87 2.80 -11.58
N LYS A 92 13.90 4.07 -11.16
CA LYS A 92 12.88 5.03 -11.57
C LYS A 92 13.20 5.69 -12.91
N LEU A 93 14.48 6.04 -13.13
CA LEU A 93 14.98 6.50 -14.42
C LEU A 93 14.31 7.79 -14.89
N THR A 94 14.11 8.75 -13.99
CA THR A 94 13.53 10.02 -14.42
C THR A 94 14.51 10.99 -15.11
N PRO A 95 15.86 11.01 -14.77
CA PRO A 95 16.75 11.98 -15.42
C PRO A 95 17.13 11.62 -16.86
N LEU A 96 16.12 11.44 -17.69
CA LEU A 96 16.35 10.99 -19.06
C LEU A 96 15.88 11.94 -20.13
N CYS A 97 14.89 12.79 -19.84
CA CYS A 97 14.38 13.71 -20.84
C CYS A 97 15.31 14.92 -20.98
N VAL A 98 16.23 14.86 -21.93
CA VAL A 98 17.19 15.92 -22.19
C VAL A 98 17.31 16.11 -23.69
N THR A 99 18.17 17.04 -24.11
CA THR A 99 18.46 17.21 -25.52
C THR A 99 19.50 16.19 -25.94
N LEU A 100 19.15 15.37 -26.93
CA LEU A 100 20.01 14.29 -27.40
C LEU A 100 20.76 14.77 -28.63
N ASN A 101 22.05 15.07 -28.47
CA ASN A 101 22.89 15.56 -29.56
C ASN A 101 23.32 14.38 -30.43
N CYS A 102 22.36 13.87 -31.20
CA CYS A 102 22.57 12.70 -32.03
C CYS A 102 23.27 13.09 -33.34
N THR A 103 23.59 12.09 -34.15
CA THR A 103 24.23 12.33 -35.44
C THR A 103 23.20 12.66 -36.51
N ASP A 126 19.32 1.34 -38.77
CA ASP A 126 18.77 2.54 -38.15
C ASP A 126 19.70 3.07 -37.07
N VAL A 127 19.11 3.38 -35.90
CA VAL A 127 19.71 3.89 -34.66
C VAL A 127 20.56 5.14 -34.90
N ARG A 128 20.82 5.88 -33.83
CA ARG A 128 21.69 7.04 -33.89
C ARG A 128 22.61 7.04 -32.67
N ASN A 129 23.83 7.54 -32.88
CA ASN A 129 24.78 7.72 -31.79
C ASN A 129 24.50 9.06 -31.14
N CYS A 130 23.94 9.03 -29.93
CA CYS A 130 23.48 10.24 -29.25
C CYS A 130 24.33 10.51 -28.02
N SER A 131 24.58 11.79 -27.76
CA SER A 131 25.35 12.23 -26.61
C SER A 131 24.51 13.16 -25.77
N PHE A 132 24.58 13.01 -24.45
CA PHE A 132 23.79 13.82 -23.54
C PHE A 132 24.51 13.92 -22.20
N ASN A 133 24.18 14.96 -21.45
CA ASN A 133 24.75 15.19 -20.13
C ASN A 133 23.88 14.47 -19.09
N MET A 134 24.44 13.45 -18.46
CA MET A 134 23.72 12.60 -17.53
C MET A 134 24.24 12.78 -16.11
N THR A 135 23.32 12.73 -15.15
CA THR A 135 23.70 12.81 -13.74
C THR A 135 24.39 11.52 -13.32
N THR A 136 25.57 11.67 -12.70
CA THR A 136 26.36 10.53 -12.24
C THR A 136 26.05 10.23 -10.78
N GLU A 137 26.91 9.45 -10.13
CA GLU A 137 26.73 9.08 -8.72
C GLU A 137 26.47 10.29 -7.84
N LEU A 138 27.23 11.36 -8.05
CA LEU A 138 27.17 12.52 -7.17
C LEU A 138 26.33 13.64 -7.76
N ARG A 139 25.86 14.52 -6.87
CA ARG A 139 25.04 15.65 -7.30
C ARG A 139 25.88 16.70 -8.00
N ASP A 140 27.15 16.84 -7.61
CA ASP A 140 28.00 17.88 -8.19
C ASP A 140 28.48 17.51 -9.58
N LYS A 141 28.93 16.28 -9.77
CA LYS A 141 29.58 15.89 -11.01
C LYS A 141 28.54 15.71 -12.13
N GLN A 142 29.05 15.73 -13.36
CA GLN A 142 28.25 15.49 -14.56
C GLN A 142 29.08 14.66 -15.53
N GLN A 143 28.46 13.66 -16.14
CA GLN A 143 29.14 12.76 -17.05
C GLN A 143 28.52 12.83 -18.43
N LYS A 144 29.37 12.68 -19.45
CA LYS A 144 28.92 12.66 -20.84
C LYS A 144 28.77 11.20 -21.27
N VAL A 145 27.56 10.84 -21.70
CA VAL A 145 27.21 9.47 -22.01
C VAL A 145 26.86 9.36 -23.49
N TYR A 146 27.48 8.40 -24.17
CA TYR A 146 27.18 8.08 -25.56
C TYR A 146 26.38 6.79 -25.59
N ALA A 147 25.19 6.83 -26.16
CA ALA A 147 24.30 5.68 -26.19
C ALA A 147 23.64 5.56 -27.55
N LEU A 148 23.25 4.35 -27.91
CA LEU A 148 22.56 4.08 -29.15
C LEU A 148 21.06 3.97 -28.88
N PHE A 149 20.28 4.81 -29.55
CA PHE A 149 18.83 4.81 -29.40
C PHE A 149 18.18 4.56 -30.76
N TYR A 150 17.16 3.71 -30.76
CA TYR A 150 16.49 3.38 -32.00
C TYR A 150 15.70 4.58 -32.52
N LYS A 151 15.53 4.64 -33.84
CA LYS A 151 14.90 5.79 -34.47
C LYS A 151 13.44 5.94 -34.06
N LEU A 152 12.78 4.84 -33.69
CA LEU A 152 11.41 4.93 -33.25
C LEU A 152 11.30 5.73 -31.95
N ASP A 153 12.24 5.53 -31.03
CA ASP A 153 12.22 6.25 -29.77
C ASP A 153 12.61 7.71 -29.94
N ILE A 154 13.46 8.00 -30.92
CA ILE A 154 13.98 9.35 -31.14
C ILE A 154 12.92 10.21 -31.79
N VAL A 155 12.79 11.44 -31.32
CA VAL A 155 11.82 12.40 -31.85
C VAL A 155 12.53 13.69 -32.24
N PRO A 156 12.27 14.23 -33.44
CA PRO A 156 12.89 15.51 -33.81
C PRO A 156 12.38 16.66 -32.95
N ILE A 157 13.23 17.66 -32.79
CA ILE A 157 12.88 18.86 -32.04
C ILE A 157 13.57 20.08 -32.64
N SER A 165 20.60 23.19 -41.51
CA SER A 165 21.82 23.28 -42.30
C SER A 165 23.04 22.92 -41.46
N SER A 166 23.05 21.70 -40.93
CA SER A 166 24.15 21.23 -40.10
C SER A 166 24.34 19.73 -40.39
N ASN A 167 25.19 19.10 -39.58
CA ASN A 167 25.50 17.68 -39.73
C ASN A 167 25.20 16.87 -38.48
N PHE A 168 25.21 17.50 -37.30
CA PHE A 168 24.77 16.86 -36.07
C PHE A 168 23.46 17.51 -35.63
N SER A 169 22.42 16.70 -35.46
CA SER A 169 21.11 17.20 -35.06
C SER A 169 20.87 16.90 -33.58
N GLU A 170 19.81 17.49 -33.04
CA GLU A 170 19.48 17.39 -31.64
C GLU A 170 18.05 16.90 -31.49
N TYR A 171 17.82 15.97 -30.57
CA TYR A 171 16.58 15.20 -30.55
C TYR A 171 16.08 15.06 -29.12
N ARG A 172 14.98 14.30 -28.97
CA ARG A 172 14.40 14.00 -27.67
C ARG A 172 13.65 12.68 -27.76
N LEU A 173 13.15 12.22 -26.62
CA LEU A 173 12.51 10.91 -26.54
C LEU A 173 11.06 10.97 -27.03
N ILE A 174 10.48 9.78 -27.21
CA ILE A 174 9.14 9.68 -27.77
C ILE A 174 8.09 10.17 -26.77
N ASN A 175 8.26 9.84 -25.50
CA ASN A 175 7.22 10.09 -24.50
C ASN A 175 7.73 10.99 -23.37
N CYS A 176 8.42 12.06 -23.72
CA CYS A 176 8.81 13.05 -22.73
C CYS A 176 7.69 14.01 -22.37
N ASN A 177 6.55 13.93 -23.05
CA ASN A 177 5.39 14.74 -22.72
C ASN A 177 4.27 13.95 -22.05
N THR A 178 4.35 12.63 -22.04
CA THR A 178 3.28 11.82 -21.46
C THR A 178 3.58 11.45 -20.01
N SER A 179 4.68 10.75 -19.76
CA SER A 179 5.02 10.28 -18.44
C SER A 179 6.51 9.95 -18.42
N VAL A 180 7.04 9.72 -17.21
CA VAL A 180 8.45 9.41 -17.06
C VAL A 180 8.73 8.00 -17.56
N ILE A 181 9.98 7.77 -17.95
CA ILE A 181 10.43 6.48 -18.47
C ILE A 181 11.02 5.68 -17.32
N LYS A 182 10.61 4.42 -17.20
CA LYS A 182 11.01 3.54 -16.10
C LYS A 182 11.56 2.24 -16.68
N GLN A 183 12.66 1.74 -16.10
CA GLN A 183 13.28 0.49 -16.54
C GLN A 183 12.35 -0.70 -16.29
N ALA A 184 12.46 -1.75 -17.12
CA ALA A 184 11.65 -2.95 -16.81
C ALA A 184 12.07 -3.23 -15.37
N CYS A 185 12.84 -4.29 -15.14
CA CYS A 185 13.42 -4.33 -13.80
C CYS A 185 14.58 -5.33 -13.92
N PRO A 186 15.68 -5.18 -13.15
CA PRO A 186 16.89 -6.00 -13.40
C PRO A 186 16.68 -7.50 -13.59
N LYS A 187 16.20 -8.20 -12.56
CA LYS A 187 15.83 -9.61 -12.72
C LYS A 187 14.33 -9.83 -12.73
N VAL A 188 13.64 -9.39 -13.77
CA VAL A 188 12.25 -9.76 -13.97
C VAL A 188 12.09 -10.28 -15.40
N SER A 189 11.54 -11.48 -15.53
CA SER A 189 11.40 -12.11 -16.83
C SER A 189 10.02 -11.81 -17.41
N PHE A 190 9.96 -11.75 -18.74
CA PHE A 190 8.75 -11.42 -19.46
C PHE A 190 8.07 -12.66 -20.04
N ASP A 191 8.50 -13.85 -19.61
CA ASP A 191 7.93 -15.08 -20.14
C ASP A 191 6.52 -15.28 -19.61
N PRO A 192 5.50 -15.36 -20.47
CA PRO A 192 4.14 -15.59 -19.99
C PRO A 192 3.91 -17.06 -19.71
N ILE A 193 3.39 -17.36 -18.52
CA ILE A 193 3.12 -18.74 -18.11
C ILE A 193 1.61 -18.94 -18.04
N PRO A 194 1.11 -20.17 -18.22
CA PRO A 194 -0.34 -20.39 -18.10
C PRO A 194 -0.86 -20.01 -16.73
N ILE A 195 -2.06 -19.43 -16.71
CA ILE A 195 -2.71 -18.99 -15.48
C ILE A 195 -4.11 -19.60 -15.43
N HIS A 196 -4.48 -20.16 -14.28
CA HIS A 196 -5.78 -20.77 -14.09
C HIS A 196 -6.64 -19.85 -13.21
N TYR A 197 -7.94 -19.81 -13.50
CA TYR A 197 -8.86 -18.88 -12.85
C TYR A 197 -9.99 -19.69 -12.19
N CYS A 198 -9.77 -20.09 -10.94
CA CYS A 198 -10.85 -20.70 -10.18
C CYS A 198 -11.70 -19.65 -9.48
N THR A 199 -12.85 -20.09 -8.98
CA THR A 199 -13.84 -19.31 -8.26
C THR A 199 -13.94 -19.81 -6.82
N PRO A 200 -14.36 -18.97 -5.88
CA PRO A 200 -14.53 -19.41 -4.50
C PRO A 200 -15.67 -20.41 -4.37
N ALA A 201 -15.80 -20.96 -3.16
CA ALA A 201 -16.89 -21.87 -2.88
C ALA A 201 -18.23 -21.16 -3.02
N GLY A 202 -19.22 -21.88 -3.53
CA GLY A 202 -20.52 -21.30 -3.82
C GLY A 202 -20.67 -20.74 -5.22
N TYR A 203 -19.61 -20.75 -6.02
CA TYR A 203 -19.64 -20.31 -7.41
C TYR A 203 -19.14 -21.42 -8.31
N ALA A 204 -19.34 -21.24 -9.62
CA ALA A 204 -18.93 -22.24 -10.58
C ALA A 204 -18.71 -21.56 -11.93
N ILE A 205 -18.00 -22.27 -12.82
CA ILE A 205 -17.72 -21.80 -14.17
C ILE A 205 -18.30 -22.80 -15.14
N LEU A 206 -19.08 -22.32 -16.11
CA LEU A 206 -19.69 -23.16 -17.12
C LEU A 206 -18.88 -23.07 -18.41
N ARG A 207 -18.40 -24.23 -18.88
CA ARG A 207 -17.60 -24.31 -20.09
C ARG A 207 -18.45 -24.91 -21.20
N CYS A 208 -18.43 -24.26 -22.37
CA CYS A 208 -19.38 -24.61 -23.42
C CYS A 208 -19.06 -25.97 -24.03
N ASN A 209 -17.80 -26.21 -24.39
CA ASN A 209 -17.38 -27.47 -25.01
C ASN A 209 -18.13 -27.75 -26.30
N ASP A 210 -18.50 -26.71 -27.03
CA ASP A 210 -19.27 -26.83 -28.25
C ASP A 210 -18.38 -26.56 -29.45
N LYS A 211 -18.46 -27.44 -30.44
CA LYS A 211 -17.65 -27.27 -31.64
C LYS A 211 -18.20 -26.14 -32.50
N LYS A 212 -17.29 -25.36 -33.08
CA LYS A 212 -17.66 -24.20 -33.91
C LYS A 212 -18.58 -23.25 -33.16
N PHE A 213 -18.25 -22.97 -31.90
CA PHE A 213 -19.05 -22.08 -31.09
C PHE A 213 -18.78 -20.63 -31.50
N ASN A 214 -19.85 -19.92 -31.86
CA ASN A 214 -19.76 -18.52 -32.28
C ASN A 214 -19.65 -17.56 -31.11
N GLY A 215 -19.71 -18.04 -29.87
CA GLY A 215 -19.55 -17.21 -28.70
C GLY A 215 -20.84 -16.60 -28.18
N THR A 216 -21.89 -16.57 -28.99
CA THR A 216 -23.19 -16.06 -28.57
C THR A 216 -24.25 -17.07 -28.95
N GLY A 217 -25.19 -17.31 -28.02
CA GLY A 217 -26.26 -18.24 -28.27
C GLY A 217 -26.20 -19.44 -27.35
N PRO A 218 -27.17 -20.35 -27.49
CA PRO A 218 -27.21 -21.52 -26.61
C PRO A 218 -26.06 -22.47 -26.88
N CYS A 219 -25.70 -23.22 -25.85
CA CYS A 219 -24.65 -24.22 -25.90
C CYS A 219 -25.29 -25.60 -25.77
N LYS A 220 -24.80 -26.56 -26.57
CA LYS A 220 -25.48 -27.85 -26.68
C LYS A 220 -25.35 -28.67 -25.41
N ASN A 221 -24.13 -29.05 -25.04
CA ASN A 221 -23.91 -29.65 -23.73
C ASN A 221 -22.88 -28.79 -22.99
N VAL A 222 -22.98 -28.75 -21.67
CA VAL A 222 -22.16 -27.86 -20.85
C VAL A 222 -21.59 -28.65 -19.68
N SER A 223 -20.34 -28.39 -19.35
CA SER A 223 -19.68 -29.01 -18.20
C SER A 223 -19.20 -27.94 -17.23
N SER A 224 -19.25 -28.25 -15.95
CA SER A 224 -18.87 -27.31 -14.90
C SER A 224 -17.45 -27.60 -14.42
N VAL A 225 -16.64 -26.55 -14.32
CA VAL A 225 -15.24 -26.66 -13.95
C VAL A 225 -14.92 -25.55 -12.96
N GLN A 226 -13.82 -25.73 -12.22
CA GLN A 226 -13.38 -24.74 -11.24
C GLN A 226 -12.47 -23.67 -11.85
N CYS A 227 -11.31 -24.06 -12.36
CA CYS A 227 -10.41 -23.15 -13.07
C CYS A 227 -10.59 -23.29 -14.57
N THR A 228 -10.32 -22.18 -15.28
CA THR A 228 -10.19 -22.24 -16.71
C THR A 228 -8.90 -22.97 -17.10
N HIS A 229 -8.83 -23.38 -18.35
CA HIS A 229 -7.62 -24.04 -18.83
C HIS A 229 -6.45 -23.07 -18.79
N GLY A 230 -5.24 -23.64 -18.78
CA GLY A 230 -4.04 -22.84 -18.71
C GLY A 230 -3.92 -21.85 -19.85
N ILE A 231 -4.03 -20.57 -19.55
CA ILE A 231 -3.98 -19.51 -20.54
C ILE A 231 -2.75 -18.64 -20.28
N LYS A 232 -1.95 -18.43 -21.32
CA LYS A 232 -0.73 -17.63 -21.21
C LYS A 232 -1.02 -16.19 -21.60
N PRO A 233 -0.79 -15.23 -20.70
CA PRO A 233 -1.09 -13.81 -20.97
C PRO A 233 -0.11 -13.16 -21.95
N VAL A 234 -0.06 -13.68 -23.18
CA VAL A 234 0.74 -13.04 -24.21
C VAL A 234 0.08 -11.74 -24.64
N VAL A 235 0.89 -10.74 -24.98
CA VAL A 235 0.40 -9.45 -25.41
C VAL A 235 0.87 -9.24 -26.85
N SER A 236 -0.08 -9.04 -27.75
CA SER A 236 0.22 -8.84 -29.16
C SER A 236 -0.89 -8.01 -29.80
N THR A 237 -0.55 -7.36 -30.90
CA THR A 237 -1.50 -6.56 -31.65
C THR A 237 -1.53 -7.01 -33.09
N GLN A 238 -2.73 -7.04 -33.67
CA GLN A 238 -2.92 -7.22 -35.11
C GLN A 238 -2.63 -8.67 -35.53
N LEU A 239 -2.09 -9.47 -34.62
CA LEU A 239 -1.78 -10.86 -34.92
C LEU A 239 -1.63 -11.61 -33.61
N LEU A 240 -2.48 -12.63 -33.40
CA LEU A 240 -2.48 -13.32 -32.13
C LEU A 240 -1.29 -14.27 -32.03
N LEU A 241 -1.05 -14.75 -30.81
CA LEU A 241 0.16 -15.49 -30.48
C LEU A 241 -0.24 -16.80 -29.81
N ASN A 242 0.73 -17.45 -29.16
CA ASN A 242 0.52 -18.70 -28.43
C ASN A 242 -0.83 -18.75 -27.74
N GLY A 243 -1.59 -19.82 -27.97
CA GLY A 243 -2.90 -19.93 -27.40
C GLY A 243 -3.54 -21.30 -27.57
N SER A 244 -4.86 -21.33 -27.70
CA SER A 244 -5.60 -22.57 -27.83
C SER A 244 -6.17 -22.68 -29.23
N LEU A 245 -6.07 -23.88 -29.81
CA LEU A 245 -6.52 -24.11 -31.18
C LEU A 245 -8.02 -24.35 -31.19
N ALA A 246 -8.57 -24.50 -32.39
CA ALA A 246 -9.98 -24.81 -32.56
C ALA A 246 -10.14 -26.34 -32.59
N GLU A 247 -11.32 -26.80 -33.01
CA GLU A 247 -11.61 -28.24 -32.99
C GLU A 247 -11.67 -28.85 -34.39
N GLU A 248 -12.48 -28.30 -35.29
CA GLU A 248 -12.50 -28.80 -36.66
C GLU A 248 -12.47 -27.73 -37.74
N GLY A 249 -12.73 -26.48 -37.41
CA GLY A 249 -12.75 -25.45 -38.44
C GLY A 249 -12.33 -24.10 -37.94
N ILE A 250 -12.46 -23.11 -38.81
CA ILE A 250 -12.11 -21.73 -38.52
C ILE A 250 -13.35 -21.04 -37.96
N ILE A 251 -13.18 -20.36 -36.82
CA ILE A 251 -14.27 -19.65 -36.16
C ILE A 251 -13.98 -18.16 -36.23
N ILE A 252 -14.89 -17.42 -36.87
CA ILE A 252 -14.84 -15.96 -36.90
C ILE A 252 -15.90 -15.43 -35.96
N ARG A 253 -15.46 -14.76 -34.90
CA ARG A 253 -16.35 -14.24 -33.88
C ARG A 253 -16.16 -12.73 -33.77
N SER A 254 -17.26 -11.99 -33.87
CA SER A 254 -17.25 -10.54 -33.74
C SER A 254 -18.58 -10.09 -33.16
N GLU A 255 -18.52 -9.08 -32.29
CA GLU A 255 -19.71 -8.62 -31.58
C GLU A 255 -20.76 -8.04 -32.51
N ASN A 256 -20.36 -7.22 -33.48
CA ASN A 256 -21.28 -6.52 -34.37
C ASN A 256 -20.79 -6.64 -35.81
N LEU A 257 -20.63 -7.89 -36.28
CA LEU A 257 -20.15 -8.21 -37.61
C LEU A 257 -20.65 -7.25 -38.69
N THR A 258 -21.90 -6.79 -38.58
CA THR A 258 -22.39 -5.77 -39.51
C THR A 258 -21.60 -4.48 -39.38
N ASN A 259 -21.35 -4.03 -38.16
CA ASN A 259 -20.58 -2.80 -37.96
C ASN A 259 -19.14 -2.99 -38.38
N ASN A 260 -18.60 -1.98 -39.07
CA ASN A 260 -17.21 -2.01 -39.50
C ASN A 260 -16.25 -1.40 -38.49
N ALA A 261 -16.76 -0.81 -37.41
CA ALA A 261 -15.94 -0.21 -36.38
C ALA A 261 -15.59 -1.18 -35.26
N LYS A 262 -16.08 -2.41 -35.33
CA LYS A 262 -15.77 -3.43 -34.34
C LYS A 262 -14.77 -4.42 -34.92
N THR A 263 -13.73 -4.72 -34.15
CA THR A 263 -12.68 -5.62 -34.62
C THR A 263 -13.24 -7.02 -34.82
N ILE A 264 -12.59 -7.76 -35.72
CA ILE A 264 -12.99 -9.12 -36.06
C ILE A 264 -11.93 -10.08 -35.55
N ILE A 265 -12.35 -11.09 -34.81
CA ILE A 265 -11.46 -12.06 -34.19
C ILE A 265 -11.62 -13.40 -34.92
N VAL A 266 -10.50 -14.00 -35.31
CA VAL A 266 -10.49 -15.24 -36.07
C VAL A 266 -9.76 -16.29 -35.26
N HIS A 267 -10.38 -17.46 -35.10
CA HIS A 267 -9.74 -18.59 -34.44
C HIS A 267 -9.22 -19.56 -35.49
N PHE A 268 -8.18 -20.31 -35.11
CA PHE A 268 -7.46 -21.16 -36.06
C PHE A 268 -7.82 -22.63 -35.88
N ASN A 269 -8.45 -23.19 -36.91
CA ASN A 269 -8.43 -24.63 -37.17
C ASN A 269 -7.06 -25.24 -36.85
N GLU A 270 -6.01 -24.70 -37.46
CA GLU A 270 -4.65 -25.19 -37.25
C GLU A 270 -3.71 -24.00 -37.13
N SER A 271 -2.61 -24.21 -36.42
CA SER A 271 -1.64 -23.16 -36.16
C SER A 271 -0.49 -23.19 -37.15
N VAL A 272 0.09 -22.02 -37.39
CA VAL A 272 1.25 -21.87 -38.26
C VAL A 272 2.41 -21.35 -37.42
N LYS A 273 3.55 -22.02 -37.52
CA LYS A 273 4.72 -21.66 -36.72
C LYS A 273 5.50 -20.54 -37.40
N ILE A 274 5.97 -19.60 -36.59
CA ILE A 274 6.78 -18.48 -37.06
C ILE A 274 8.05 -18.42 -36.23
N ASN A 275 9.12 -17.94 -36.84
CA ASN A 275 10.43 -17.86 -36.20
C ASN A 275 10.94 -16.44 -36.28
N CYS A 276 11.03 -15.78 -35.12
CA CYS A 276 11.51 -14.42 -35.02
C CYS A 276 12.82 -14.42 -34.25
N THR A 277 13.85 -13.80 -34.81
CA THR A 277 15.17 -13.79 -34.21
C THR A 277 15.85 -12.45 -34.46
N ARG A 278 16.83 -12.14 -33.61
CA ARG A 278 17.62 -10.92 -33.71
C ARG A 278 19.10 -11.29 -33.70
N PRO A 279 19.64 -11.75 -34.83
CA PRO A 279 21.05 -12.16 -34.89
C PRO A 279 22.01 -10.96 -34.94
N SER A 280 21.92 -10.12 -33.92
CA SER A 280 22.57 -8.81 -33.88
C SER A 280 23.26 -8.62 -32.55
N ASN A 281 24.11 -9.58 -32.17
CA ASN A 281 24.74 -9.69 -30.85
C ASN A 281 25.08 -8.33 -30.25
N ASN A 282 24.52 -8.06 -29.07
CA ASN A 282 24.69 -6.80 -28.37
C ASN A 282 25.78 -6.91 -27.31
N THR A 283 26.26 -5.75 -26.88
CA THR A 283 27.16 -5.63 -25.74
C THR A 283 26.59 -4.53 -24.85
N ARG A 284 25.65 -4.90 -23.98
CA ARG A 284 25.06 -3.92 -23.08
C ARG A 284 26.04 -3.52 -22.00
N THR A 285 25.99 -2.25 -21.62
CA THR A 285 26.86 -1.71 -20.58
C THR A 285 26.03 -0.91 -19.60
N GLY A 286 26.25 -1.13 -18.31
CA GLY A 286 25.51 -0.41 -17.29
C GLY A 286 26.31 0.77 -16.75
N ILE A 287 25.63 1.90 -16.62
CA ILE A 287 26.23 3.11 -16.07
C ILE A 287 25.49 3.50 -14.82
N HIS A 288 26.20 4.14 -13.89
CA HIS A 288 25.63 4.55 -12.61
C HIS A 288 25.13 5.98 -12.75
N ILE A 289 23.81 6.15 -12.73
CA ILE A 289 23.20 7.47 -12.86
C ILE A 289 22.64 7.96 -11.52
N GLY A 290 22.95 7.28 -10.44
CA GLY A 290 22.51 7.70 -9.12
C GLY A 290 22.81 6.67 -8.05
N PRO A 291 22.46 6.98 -6.81
CA PRO A 291 22.76 6.05 -5.71
C PRO A 291 21.93 4.78 -5.81
N GLY A 292 22.40 3.84 -6.63
CA GLY A 292 21.67 2.62 -6.91
C GLY A 292 20.94 2.62 -8.24
N GLN A 293 20.85 3.77 -8.91
CA GLN A 293 20.22 3.85 -10.23
C GLN A 293 21.23 3.41 -11.26
N VAL A 294 21.08 2.18 -11.77
CA VAL A 294 21.96 1.64 -12.80
C VAL A 294 21.19 1.65 -14.12
N PHE A 295 21.70 2.37 -15.10
CA PHE A 295 21.05 2.51 -16.40
C PHE A 295 21.82 1.68 -17.41
N TYR A 296 21.11 0.81 -18.13
CA TYR A 296 21.70 -0.07 -19.12
C TYR A 296 21.41 0.48 -20.51
N LYS A 297 22.47 0.68 -21.30
CA LYS A 297 22.37 1.25 -22.62
C LYS A 297 22.99 0.31 -23.65
N THR A 298 22.53 0.44 -24.89
CA THR A 298 23.02 -0.41 -25.97
C THR A 298 24.38 0.09 -26.44
N GLY A 299 25.38 -0.78 -26.38
CA GLY A 299 26.70 -0.46 -26.86
C GLY A 299 26.87 -0.79 -28.33
N ASP A 300 28.13 -0.77 -28.77
CA ASP A 300 28.45 -1.11 -30.15
C ASP A 300 28.17 -2.58 -30.41
N ILE A 301 27.59 -2.87 -31.58
CA ILE A 301 27.23 -4.23 -31.96
C ILE A 301 28.51 -4.91 -32.44
N ILE A 302 29.05 -5.82 -31.63
CA ILE A 302 30.24 -6.57 -32.03
C ILE A 302 29.87 -7.58 -33.09
N GLY A 303 30.85 -7.96 -33.91
CA GLY A 303 30.57 -8.86 -35.01
C GLY A 303 29.79 -8.14 -36.10
N ASP A 304 29.21 -8.94 -36.98
CA ASP A 304 28.41 -8.40 -38.07
C ASP A 304 27.12 -7.77 -37.56
N ILE A 305 26.58 -6.85 -38.36
CA ILE A 305 25.36 -6.14 -38.02
C ILE A 305 24.20 -6.74 -38.82
N ARG A 306 23.10 -7.03 -38.14
CA ARG A 306 21.95 -7.67 -38.76
C ARG A 306 20.68 -7.00 -38.28
N LYS A 307 19.61 -7.13 -39.06
CA LYS A 307 18.31 -6.58 -38.72
C LYS A 307 17.35 -7.71 -38.38
N ALA A 308 16.46 -7.44 -37.43
CA ALA A 308 15.50 -8.44 -36.97
C ALA A 308 14.50 -8.77 -38.07
N TYR A 309 14.00 -10.01 -38.02
CA TYR A 309 13.06 -10.49 -39.03
C TYR A 309 12.24 -11.62 -38.43
N CYS A 310 11.16 -11.96 -39.13
CA CYS A 310 10.31 -13.08 -38.78
C CYS A 310 10.03 -13.90 -40.03
N ASN A 311 10.09 -15.22 -39.89
CA ASN A 311 9.89 -16.12 -41.01
C ASN A 311 8.51 -16.76 -40.93
N ILE A 312 7.78 -16.73 -42.05
CA ILE A 312 6.44 -17.28 -42.14
C ILE A 312 6.47 -18.35 -43.23
N SER A 313 5.96 -19.54 -42.91
CA SER A 313 5.84 -20.60 -43.91
C SER A 313 4.82 -20.16 -44.96
N GLY A 314 5.29 -19.90 -46.18
CA GLY A 314 4.42 -19.30 -47.18
C GLY A 314 3.24 -20.18 -47.55
N ALA A 315 3.50 -21.47 -47.79
CA ALA A 315 2.44 -22.36 -48.23
C ALA A 315 1.38 -22.53 -47.14
N GLN A 316 1.81 -22.80 -45.91
CA GLN A 316 0.88 -22.99 -44.82
C GLN A 316 0.10 -21.71 -44.52
N TRP A 317 0.78 -20.56 -44.52
CA TRP A 317 0.11 -19.30 -44.27
C TRP A 317 -0.91 -19.00 -45.36
N HIS A 318 -0.56 -19.24 -46.62
CA HIS A 318 -1.50 -18.98 -47.71
C HIS A 318 -2.71 -19.92 -47.64
N LYS A 319 -2.48 -21.19 -47.30
CA LYS A 319 -3.59 -22.12 -47.15
C LYS A 319 -4.51 -21.69 -46.01
N VAL A 320 -3.94 -21.29 -44.88
CA VAL A 320 -4.76 -20.85 -43.75
C VAL A 320 -5.53 -19.59 -44.10
N LEU A 321 -4.89 -18.65 -44.80
CA LEU A 321 -5.58 -17.44 -45.22
C LEU A 321 -6.70 -17.74 -46.19
N GLY A 322 -6.49 -18.69 -47.11
CA GLY A 322 -7.55 -19.07 -48.02
C GLY A 322 -8.73 -19.71 -47.30
N ARG A 323 -8.45 -20.57 -46.31
CA ARG A 323 -9.54 -21.15 -45.53
C ARG A 323 -10.28 -20.07 -44.73
N VAL A 324 -9.54 -19.10 -44.19
CA VAL A 324 -10.16 -18.00 -43.46
C VAL A 324 -11.06 -17.19 -44.38
N ALA A 325 -10.58 -16.90 -45.58
CA ALA A 325 -11.40 -16.16 -46.54
C ALA A 325 -12.64 -16.96 -46.94
N ASN A 326 -12.49 -18.27 -47.13
CA ASN A 326 -13.64 -19.09 -47.48
C ASN A 326 -14.69 -19.09 -46.36
N LYS A 327 -14.23 -19.16 -45.11
CA LYS A 327 -15.16 -19.12 -43.99
C LYS A 327 -15.73 -17.72 -43.75
N LEU A 328 -15.04 -16.68 -44.19
CA LEU A 328 -15.58 -15.32 -44.12
C LEU A 328 -16.62 -15.06 -45.21
N LYS A 329 -16.49 -15.74 -46.35
CA LYS A 329 -17.39 -15.49 -47.46
C LYS A 329 -18.84 -15.77 -47.10
N GLU A 330 -19.09 -16.87 -46.39
CA GLU A 330 -20.45 -17.19 -45.98
C GLU A 330 -21.01 -16.13 -45.05
N HIS A 331 -20.18 -15.61 -44.14
CA HIS A 331 -20.62 -14.53 -43.27
C HIS A 331 -20.78 -13.21 -44.02
N PHE A 332 -20.19 -13.08 -45.20
CA PHE A 332 -20.22 -11.83 -45.97
C PHE A 332 -20.84 -12.05 -47.34
N ASN A 333 -21.88 -12.87 -47.40
CA ASN A 333 -22.74 -13.00 -48.58
C ASN A 333 -21.97 -13.47 -49.81
N ASN A 334 -20.96 -14.30 -49.61
CA ASN A 334 -20.04 -14.74 -50.67
C ASN A 334 -19.59 -13.57 -51.54
N LYS A 335 -18.90 -12.63 -50.88
CA LYS A 335 -18.21 -11.54 -51.55
C LYS A 335 -16.74 -11.88 -51.70
N THR A 336 -16.08 -11.21 -52.64
CA THR A 336 -14.66 -11.44 -52.89
C THR A 336 -13.85 -10.80 -51.79
N ILE A 337 -13.27 -11.62 -50.92
CA ILE A 337 -12.52 -11.11 -49.77
C ILE A 337 -11.13 -10.70 -50.22
N VAL A 338 -10.75 -9.47 -49.91
CA VAL A 338 -9.43 -8.93 -50.25
C VAL A 338 -8.80 -8.38 -48.98
N PHE A 339 -7.51 -8.69 -48.78
CA PHE A 339 -6.76 -8.23 -47.61
C PHE A 339 -5.79 -7.14 -48.05
N LYS A 340 -5.86 -5.99 -47.39
CA LYS A 340 -4.97 -4.88 -47.66
C LYS A 340 -4.09 -4.60 -46.45
N PRO A 341 -2.86 -4.10 -46.66
CA PRO A 341 -1.99 -3.78 -45.53
C PRO A 341 -2.52 -2.59 -44.75
N SER A 342 -1.96 -2.41 -43.55
CA SER A 342 -2.37 -1.31 -42.68
C SER A 342 -2.07 0.04 -43.34
N SER A 343 -2.99 0.98 -43.16
CA SER A 343 -2.92 2.27 -43.82
C SER A 343 -2.58 3.40 -42.85
N GLY A 344 -3.35 3.56 -41.78
CA GLY A 344 -3.13 4.65 -40.84
C GLY A 344 -1.78 4.52 -40.16
N GLY A 345 -0.93 5.54 -40.30
CA GLY A 345 0.38 5.50 -39.67
C GLY A 345 0.33 5.73 -38.17
N ASP A 346 0.55 4.66 -37.41
CA ASP A 346 0.57 4.70 -35.96
C ASP A 346 1.44 3.54 -35.45
N PRO A 347 2.57 3.83 -34.81
CA PRO A 347 3.59 2.78 -34.62
C PRO A 347 3.10 1.54 -33.87
N GLU A 348 2.25 1.70 -32.86
CA GLU A 348 1.74 0.53 -32.16
C GLU A 348 0.65 -0.17 -32.96
N ILE A 349 -0.19 0.60 -33.64
CA ILE A 349 -1.35 0.02 -34.32
C ILE A 349 -0.94 -0.66 -35.62
N THR A 350 -0.12 0.01 -36.44
CA THR A 350 0.19 -0.53 -37.76
C THR A 350 1.18 -1.68 -37.70
N MET A 351 1.92 -1.82 -36.60
CA MET A 351 2.91 -2.86 -36.47
C MET A 351 2.33 -4.09 -35.77
N HIS A 352 3.04 -5.21 -35.88
CA HIS A 352 2.71 -6.42 -35.16
C HIS A 352 3.52 -6.44 -33.87
N SER A 353 2.87 -6.15 -32.75
CA SER A 353 3.54 -6.03 -31.46
C SER A 353 3.69 -7.41 -30.82
N PHE A 354 4.87 -7.65 -30.24
CA PHE A 354 5.13 -8.83 -29.42
C PHE A 354 6.53 -8.71 -28.84
N ASN A 355 6.82 -9.56 -27.87
CA ASN A 355 8.16 -9.69 -27.31
C ASN A 355 8.69 -11.10 -27.55
N CYS A 356 9.98 -11.20 -27.86
CA CYS A 356 10.59 -12.51 -28.12
C CYS A 356 11.27 -13.05 -26.87
N ARG A 357 12.20 -12.26 -26.29
CA ARG A 357 12.83 -12.62 -25.03
C ARG A 357 12.96 -11.41 -24.12
N GLY A 358 12.24 -10.33 -24.41
CA GLY A 358 12.37 -9.09 -23.68
C GLY A 358 12.53 -7.91 -24.61
N GLU A 359 12.38 -8.15 -25.92
CA GLU A 359 12.55 -7.13 -26.94
C GLU A 359 11.32 -7.10 -27.83
N PHE A 360 10.89 -5.89 -28.19
CA PHE A 360 9.66 -5.69 -28.95
C PHE A 360 10.00 -5.36 -30.40
N PHE A 361 9.39 -6.08 -31.34
CA PHE A 361 9.88 -6.14 -32.72
C PHE A 361 9.20 -5.13 -33.65
N TYR A 362 7.88 -5.19 -33.78
CA TYR A 362 7.11 -4.25 -34.61
C TYR A 362 7.54 -4.34 -36.08
N CYS A 363 7.24 -5.48 -36.68
CA CYS A 363 7.53 -5.77 -38.08
C CYS A 363 6.33 -5.34 -38.93
N ASN A 364 6.52 -5.25 -40.27
CA ASN A 364 5.24 -5.06 -40.94
C ASN A 364 4.70 -6.41 -41.41
N THR A 365 3.38 -6.47 -41.56
CA THR A 365 2.72 -7.64 -42.10
C THR A 365 2.17 -7.38 -43.51
N THR A 366 2.77 -6.42 -44.23
CA THR A 366 2.28 -6.10 -45.57
C THR A 366 2.45 -7.27 -46.53
N LYS A 367 3.60 -7.95 -46.47
CA LYS A 367 3.84 -9.09 -47.34
C LYS A 367 2.99 -10.30 -46.98
N LEU A 368 2.34 -10.30 -45.82
CA LEU A 368 1.42 -11.36 -45.43
C LEU A 368 -0.03 -11.03 -45.77
N PHE A 369 -0.48 -9.83 -45.43
CA PHE A 369 -1.87 -9.43 -45.63
C PHE A 369 -2.02 -8.59 -46.90
N ASN A 370 -1.72 -9.23 -48.04
CA ASN A 370 -1.90 -8.58 -49.34
C ASN A 370 -2.23 -9.68 -50.35
N SER A 371 -3.54 -9.88 -50.57
CA SER A 371 -4.00 -10.90 -51.50
C SER A 371 -5.48 -10.66 -51.76
N THR A 372 -5.97 -11.25 -52.86
CA THR A 372 -7.37 -11.22 -53.23
C THR A 372 -7.86 -12.65 -53.36
N TRP A 373 -8.98 -12.96 -52.72
CA TRP A 373 -9.49 -14.33 -52.63
C TRP A 373 -10.88 -14.39 -53.24
N GLY A 374 -11.06 -15.30 -54.20
CA GLY A 374 -12.35 -15.58 -54.79
C GLY A 374 -12.74 -14.67 -55.94
N GLY A 375 -11.93 -13.67 -56.25
CA GLY A 375 -12.26 -12.76 -57.34
C GLY A 375 -12.24 -13.42 -58.69
N ASN A 376 -11.34 -14.38 -58.87
CA ASN A 376 -11.24 -15.13 -60.12
C ASN A 376 -11.00 -16.61 -59.86
N LYS A 377 -11.04 -16.99 -58.58
CA LYS A 377 -11.11 -18.39 -58.13
C LYS A 377 -9.77 -19.11 -58.33
N ASN A 378 -8.82 -18.49 -59.01
CA ASN A 378 -7.57 -19.16 -59.33
C ASN A 378 -6.42 -18.60 -58.48
N GLU A 379 -5.21 -19.10 -58.72
CA GLU A 379 -4.11 -18.96 -57.77
C GLU A 379 -3.16 -17.80 -58.09
N THR A 380 -2.05 -17.79 -57.33
CA THR A 380 -0.94 -16.85 -57.41
C THR A 380 0.03 -17.30 -56.32
N ARG A 381 -0.03 -16.66 -55.15
CA ARG A 381 0.36 -17.28 -53.89
C ARG A 381 1.86 -17.57 -53.79
N ASP A 382 2.33 -18.51 -54.61
CA ASP A 382 3.61 -19.19 -54.44
C ASP A 382 3.64 -19.98 -53.14
N ASN A 383 4.84 -20.45 -52.75
CA ASN A 383 4.97 -21.29 -51.57
C ASN A 383 6.25 -21.00 -50.81
N GLY A 384 6.78 -19.78 -50.94
CA GLY A 384 8.09 -19.45 -50.43
C GLY A 384 8.02 -18.87 -49.02
N THR A 385 9.09 -19.12 -48.27
CA THR A 385 9.22 -18.57 -46.92
C THR A 385 9.19 -17.04 -46.98
N ILE A 386 8.37 -16.44 -46.14
CA ILE A 386 8.16 -14.99 -46.15
C ILE A 386 8.96 -14.38 -45.01
N THR A 387 9.81 -13.41 -45.35
CA THR A 387 10.62 -12.67 -44.39
C THR A 387 10.13 -11.23 -44.34
N ILE A 388 9.83 -10.75 -43.14
CA ILE A 388 9.22 -9.45 -42.94
C ILE A 388 10.20 -8.57 -42.17
N PRO A 389 10.48 -7.35 -42.63
CA PRO A 389 11.39 -6.48 -41.89
C PRO A 389 10.78 -6.02 -40.58
N CYS A 390 11.64 -5.71 -39.60
CA CYS A 390 11.21 -5.35 -38.27
C CYS A 390 11.92 -4.08 -37.82
N ARG A 391 11.24 -3.32 -36.95
CA ARG A 391 11.75 -2.04 -36.43
C ARG A 391 11.67 -2.09 -34.91
N ILE A 392 12.71 -2.62 -34.29
CA ILE A 392 12.75 -2.81 -32.84
C ILE A 392 12.95 -1.45 -32.16
N LYS A 393 12.25 -1.26 -31.03
CA LYS A 393 12.39 -0.08 -30.19
C LYS A 393 12.38 -0.52 -28.73
N GLN A 394 12.75 0.39 -27.84
CA GLN A 394 12.89 0.07 -26.42
C GLN A 394 11.87 0.74 -25.53
N ILE A 395 11.46 1.97 -25.82
CA ILE A 395 10.43 2.64 -25.02
C ILE A 395 9.08 2.05 -25.37
N ILE A 396 8.39 1.51 -24.38
CA ILE A 396 7.17 0.74 -24.58
C ILE A 396 6.04 1.42 -23.82
N ASN A 397 5.16 2.10 -24.55
CA ASN A 397 3.96 2.71 -23.98
C ASN A 397 2.78 1.75 -24.22
N MET A 398 2.85 0.59 -23.58
CA MET A 398 1.85 -0.44 -23.77
C MET A 398 0.69 -0.25 -22.79
N TRP A 399 -0.40 -0.98 -23.05
CA TRP A 399 -1.70 -0.75 -22.40
C TRP A 399 -2.22 0.64 -22.73
N GLN A 400 -1.97 1.08 -23.96
CA GLN A 400 -2.33 2.42 -24.44
C GLN A 400 -1.75 3.44 -23.46
N GLY A 401 -2.51 4.44 -23.03
CA GLY A 401 -2.03 5.38 -22.04
C GLY A 401 -2.28 4.97 -20.60
N VAL A 402 -3.03 3.91 -20.38
CA VAL A 402 -3.35 3.48 -19.02
C VAL A 402 -2.11 2.90 -18.34
N GLY A 403 -1.36 2.07 -19.05
CA GLY A 403 -0.20 1.42 -18.47
C GLY A 403 0.99 2.34 -18.34
N GLN A 404 1.89 1.96 -17.44
CA GLN A 404 3.10 2.74 -17.22
C GLN A 404 4.07 2.58 -18.39
N ALA A 405 4.76 3.66 -18.73
CA ALA A 405 5.81 3.61 -19.73
C ALA A 405 6.99 2.78 -19.21
N MET A 406 7.62 2.05 -20.12
CA MET A 406 8.68 1.12 -19.74
C MET A 406 9.87 1.29 -20.67
N TYR A 407 11.06 1.07 -20.11
CA TYR A 407 12.30 1.03 -20.87
C TYR A 407 12.85 -0.39 -20.78
N ALA A 408 13.00 -1.04 -21.94
CA ALA A 408 13.47 -2.41 -21.98
C ALA A 408 14.99 -2.44 -22.10
N PRO A 409 15.71 -2.95 -21.11
CA PRO A 409 17.17 -3.04 -21.21
C PRO A 409 17.58 -4.02 -22.29
N PRO A 410 18.72 -3.79 -22.94
CA PRO A 410 19.16 -4.70 -24.01
C PRO A 410 19.57 -6.06 -23.46
N ILE A 411 19.47 -7.06 -24.32
CA ILE A 411 19.86 -8.43 -23.99
C ILE A 411 21.26 -8.68 -24.51
N LYS A 412 22.03 -9.46 -23.74
CA LYS A 412 23.44 -9.69 -24.09
C LYS A 412 23.56 -10.43 -25.42
N GLY A 413 23.09 -11.67 -25.48
CA GLY A 413 23.27 -12.52 -26.64
C GLY A 413 22.21 -12.31 -27.70
N VAL A 414 22.20 -13.22 -28.67
CA VAL A 414 21.22 -13.19 -29.73
C VAL A 414 19.86 -13.60 -29.17
N ILE A 415 18.80 -13.21 -29.87
CA ILE A 415 17.43 -13.46 -29.46
C ILE A 415 16.79 -14.43 -30.45
N LYS A 416 16.10 -15.44 -29.95
CA LYS A 416 15.30 -16.32 -30.77
C LYS A 416 14.17 -16.91 -29.95
N CYS A 417 12.95 -16.82 -30.48
CA CYS A 417 11.80 -17.48 -29.87
C CYS A 417 10.92 -18.05 -30.99
N LEU A 418 10.37 -19.23 -30.74
CA LEU A 418 9.57 -19.94 -31.72
C LEU A 418 8.10 -19.80 -31.31
N SER A 419 7.29 -19.26 -32.22
CA SER A 419 5.89 -18.95 -31.95
C SER A 419 5.01 -19.64 -32.97
N ASN A 420 3.82 -20.08 -32.55
CA ASN A 420 2.93 -20.86 -33.39
C ASN A 420 1.56 -20.18 -33.40
N ILE A 421 1.28 -19.42 -34.46
CA ILE A 421 0.21 -18.42 -34.45
C ILE A 421 -1.15 -19.09 -34.33
N THR A 422 -1.96 -18.59 -33.38
CA THR A 422 -3.33 -19.04 -33.17
C THR A 422 -4.19 -17.77 -33.12
N GLY A 423 -4.62 -17.31 -34.29
CA GLY A 423 -5.56 -16.20 -34.36
C GLY A 423 -5.08 -14.95 -35.06
N ILE A 424 -6.02 -14.21 -35.64
CA ILE A 424 -5.76 -12.93 -36.30
C ILE A 424 -6.80 -11.92 -35.80
N LEU A 425 -6.42 -10.65 -35.83
CA LEU A 425 -7.31 -9.54 -35.47
C LEU A 425 -7.51 -8.69 -36.72
N LEU A 426 -8.68 -8.82 -37.36
CA LEU A 426 -8.97 -8.13 -38.61
C LEU A 426 -9.82 -6.89 -38.35
N THR A 427 -9.91 -6.05 -39.38
CA THR A 427 -10.72 -4.83 -39.32
C THR A 427 -11.30 -4.56 -40.69
N ARG A 428 -12.60 -4.33 -40.75
CA ARG A 428 -13.29 -4.10 -42.01
C ARG A 428 -13.37 -2.61 -42.31
N ASP A 429 -13.26 -2.27 -43.59
CA ASP A 429 -13.36 -0.88 -44.03
C ASP A 429 -14.77 -0.57 -44.52
N ASN A 432 -16.15 2.20 -45.03
CA ASN A 432 -17.32 3.06 -45.09
C ASN A 432 -17.92 3.08 -46.49
N ASP A 433 -17.07 2.93 -47.49
CA ASP A 433 -17.52 2.93 -48.88
C ASP A 433 -18.23 1.62 -49.21
N THR A 434 -18.96 1.63 -50.32
CA THR A 434 -19.75 0.49 -50.75
C THR A 434 -19.22 -0.04 -52.08
N GLU A 435 -19.05 -1.35 -52.16
CA GLU A 435 -18.56 -2.02 -53.36
C GLU A 435 -18.91 -3.50 -53.25
N ASN A 436 -18.58 -4.27 -54.28
CA ASN A 436 -18.83 -5.70 -54.29
C ASN A 436 -17.74 -6.50 -53.61
N ASN A 437 -16.70 -5.83 -53.11
CA ASN A 437 -15.61 -6.49 -52.41
C ASN A 437 -15.36 -5.82 -51.07
N GLU A 438 -15.17 -6.63 -50.03
CA GLU A 438 -14.92 -6.13 -48.69
C GLU A 438 -13.44 -6.21 -48.37
N THR A 439 -12.87 -5.10 -47.95
CA THR A 439 -11.45 -5.01 -47.62
C THR A 439 -11.26 -5.18 -46.13
N PHE A 440 -10.47 -6.17 -45.74
CA PHE A 440 -10.15 -6.45 -44.34
C PHE A 440 -8.68 -6.15 -44.12
N ARG A 441 -8.39 -5.07 -43.41
CA ARG A 441 -7.02 -4.75 -43.09
C ARG A 441 -6.71 -5.14 -41.66
N PRO A 442 -5.47 -5.54 -41.37
CA PRO A 442 -5.14 -6.00 -40.02
C PRO A 442 -5.21 -4.89 -38.99
N GLY A 443 -5.03 -5.25 -37.72
CA GLY A 443 -5.07 -4.27 -36.65
C GLY A 443 -6.30 -4.40 -35.77
N GLY A 444 -6.09 -4.74 -34.51
CA GLY A 444 -7.17 -4.92 -33.56
C GLY A 444 -7.52 -3.64 -32.83
N GLY A 445 -8.19 -3.81 -31.70
CA GLY A 445 -8.59 -2.67 -30.88
C GLY A 445 -7.91 -2.68 -29.52
N ASP A 446 -8.70 -2.88 -28.47
CA ASP A 446 -8.16 -2.91 -27.12
C ASP A 446 -7.38 -4.21 -26.88
N MET A 447 -6.59 -4.21 -25.81
CA MET A 447 -5.82 -5.38 -25.45
C MET A 447 -6.69 -6.55 -24.99
N ARG A 448 -7.96 -6.31 -24.67
CA ARG A 448 -8.85 -7.38 -24.25
C ARG A 448 -9.07 -8.41 -25.34
N ASP A 449 -8.91 -8.03 -26.61
CA ASP A 449 -9.15 -8.96 -27.71
C ASP A 449 -8.13 -10.10 -27.74
N ASN A 450 -6.96 -9.92 -27.12
CA ASN A 450 -6.00 -11.01 -27.05
C ASN A 450 -6.52 -12.18 -26.25
N TRP A 451 -7.32 -11.91 -25.22
CA TRP A 451 -7.85 -12.97 -24.36
C TRP A 451 -9.32 -13.25 -24.60
N ARG A 452 -10.00 -12.41 -25.39
CA ARG A 452 -11.38 -12.69 -25.74
C ARG A 452 -11.49 -13.99 -26.52
N ASN A 453 -10.46 -14.35 -27.29
CA ASN A 453 -10.43 -15.61 -28.01
C ASN A 453 -10.30 -16.82 -27.08
N GLU A 454 -9.85 -16.63 -25.85
CA GLU A 454 -9.62 -17.74 -24.93
C GLU A 454 -10.58 -17.81 -23.75
N LEU A 455 -11.27 -16.73 -23.40
CA LEU A 455 -12.26 -16.75 -22.33
C LEU A 455 -13.68 -16.81 -22.85
N TYR A 456 -13.86 -17.06 -24.15
CA TYR A 456 -15.20 -17.09 -24.72
C TYR A 456 -16.03 -18.26 -24.19
N LYS A 457 -15.39 -19.42 -23.99
CA LYS A 457 -16.11 -20.62 -23.57
C LYS A 457 -16.48 -20.62 -22.09
N TYR A 458 -15.81 -19.82 -21.28
CA TYR A 458 -16.04 -19.81 -19.84
C TYR A 458 -17.04 -18.73 -19.45
N LYS A 459 -17.72 -18.97 -18.33
CA LYS A 459 -18.71 -18.03 -17.83
C LYS A 459 -18.92 -18.30 -16.35
N VAL A 460 -18.65 -17.31 -15.51
CA VAL A 460 -18.78 -17.47 -14.07
C VAL A 460 -20.26 -17.43 -13.69
N VAL A 461 -20.63 -18.27 -12.71
CA VAL A 461 -22.03 -18.37 -12.28
C VAL A 461 -22.04 -18.79 -10.82
N GLN A 462 -23.01 -18.27 -10.08
CA GLN A 462 -23.19 -18.63 -8.67
C GLN A 462 -24.32 -19.63 -8.54
N ILE A 463 -24.25 -20.46 -7.50
CA ILE A 463 -25.22 -21.52 -7.27
C ILE A 463 -25.90 -21.29 -5.92
N GLU A 464 -27.21 -21.52 -5.88
CA GLU A 464 -27.99 -21.40 -4.65
C GLU A 464 -28.45 -22.78 -4.22
N PRO A 465 -27.82 -23.39 -3.21
CA PRO A 465 -28.17 -24.77 -2.85
C PRO A 465 -29.53 -24.90 -2.17
N LEU A 466 -30.12 -23.81 -1.68
CA LEU A 466 -31.40 -23.89 -1.01
C LEU A 466 -32.52 -24.14 -2.01
N GLY A 467 -33.47 -24.98 -1.61
CA GLY A 467 -34.60 -25.30 -2.46
C GLY A 467 -35.78 -25.84 -1.67
N ILE A 468 -36.99 -25.46 -2.07
CA ILE A 468 -38.21 -25.86 -1.37
C ILE A 468 -39.14 -26.53 -2.37
N ALA A 469 -39.58 -27.75 -2.05
CA ALA A 469 -40.51 -28.50 -2.86
C ALA A 469 -41.56 -29.13 -1.95
N PRO A 470 -42.79 -29.31 -2.44
CA PRO A 470 -43.83 -29.90 -1.61
C PRO A 470 -43.85 -31.42 -1.66
N THR A 471 -43.89 -32.05 -0.49
CA THR A 471 -44.01 -33.51 -0.38
C THR A 471 -45.05 -33.81 0.69
N LYS A 472 -45.14 -35.08 1.06
CA LYS A 472 -46.06 -35.54 2.10
C LYS A 472 -45.21 -36.01 3.29
N CYS A 473 -44.86 -35.06 4.17
CA CYS A 473 -43.94 -35.33 5.26
C CYS A 473 -44.54 -35.07 6.63
N LYS A 474 -45.17 -33.90 6.82
CA LYS A 474 -46.04 -33.64 7.97
C LYS A 474 -45.28 -33.46 9.29
N ARG A 475 -43.97 -33.70 9.28
CA ARG A 475 -43.20 -33.76 10.52
C ARG A 475 -42.36 -32.50 10.71
N ARG A 476 -41.68 -32.44 11.85
CA ARG A 476 -40.55 -31.55 12.09
C ARG A 476 -40.96 -30.08 12.01
N GLY B 10 -19.84 -28.89 -6.68
CA GLY B 10 -20.07 -30.32 -6.64
C GLY B 10 -21.54 -30.69 -6.80
N PHE B 11 -22.42 -29.73 -6.53
CA PHE B 11 -23.86 -29.95 -6.65
C PHE B 11 -24.37 -29.78 -8.07
N LEU B 12 -23.51 -29.38 -9.01
CA LEU B 12 -23.96 -29.12 -10.37
C LEU B 12 -24.34 -30.38 -11.13
N GLY B 13 -23.96 -31.56 -10.61
CA GLY B 13 -24.27 -32.79 -11.31
C GLY B 13 -25.76 -33.05 -11.36
N ALA B 14 -26.18 -33.66 -12.48
CA ALA B 14 -27.60 -33.98 -12.73
C ALA B 14 -28.48 -32.74 -12.60
N ALA B 15 -28.00 -31.63 -13.15
CA ALA B 15 -28.77 -30.39 -13.08
C ALA B 15 -29.99 -30.43 -13.99
N GLY B 16 -29.82 -30.91 -15.22
CA GLY B 16 -30.93 -30.99 -16.16
C GLY B 16 -31.77 -32.24 -16.06
N SER B 17 -31.46 -33.13 -15.13
CA SER B 17 -32.21 -34.37 -15.00
C SER B 17 -33.55 -34.12 -14.32
N THR B 18 -34.39 -35.16 -14.35
CA THR B 18 -35.68 -35.11 -13.67
C THR B 18 -35.46 -34.96 -12.17
N MET B 19 -36.50 -34.51 -11.47
CA MET B 19 -36.38 -34.22 -10.04
C MET B 19 -36.03 -35.47 -9.23
N GLY B 20 -36.57 -36.63 -9.59
CA GLY B 20 -36.22 -37.85 -8.89
C GLY B 20 -34.74 -38.20 -9.03
N ALA B 21 -34.22 -38.12 -10.25
CA ALA B 21 -32.80 -38.36 -10.49
C ALA B 21 -31.94 -37.32 -9.77
N ALA B 22 -32.39 -36.06 -9.73
CA ALA B 22 -31.67 -35.05 -8.97
C ALA B 22 -31.63 -35.39 -7.49
N SER B 23 -32.77 -35.84 -6.94
CA SER B 23 -32.81 -36.19 -5.53
C SER B 23 -31.89 -37.35 -5.21
N ILE B 24 -31.86 -38.38 -6.07
CA ILE B 24 -30.93 -39.48 -5.82
C ILE B 24 -29.50 -39.06 -6.11
N THR B 25 -29.31 -37.97 -6.85
CA THR B 25 -27.97 -37.45 -7.12
C THR B 25 -27.60 -36.28 -6.22
N LEU B 26 -28.62 -35.55 -5.75
CA LEU B 26 -28.40 -34.38 -4.85
C LEU B 26 -27.72 -34.84 -3.56
N THR B 27 -27.37 -36.14 -3.50
CA THR B 27 -26.70 -36.71 -2.29
C THR B 27 -25.60 -37.68 -2.73
N VAL B 28 -25.36 -37.76 -4.05
CA VAL B 28 -24.30 -38.66 -4.60
C VAL B 28 -22.95 -37.95 -4.53
N GLN B 29 -22.83 -36.69 -4.93
CA GLN B 29 -21.53 -36.02 -4.66
C GLN B 29 -21.73 -35.53 -3.22
N ALA B 30 -22.66 -34.58 -3.10
CA ALA B 30 -22.98 -33.93 -1.80
C ALA B 30 -21.76 -33.09 -1.49
N ARG B 31 -20.87 -33.64 -0.67
CA ARG B 31 -19.55 -32.95 -0.54
C ARG B 31 -18.33 -33.75 -0.05
N GLN B 32 -17.43 -34.03 -1.00
CA GLN B 32 -16.15 -34.75 -0.71
C GLN B 32 -15.17 -33.88 0.10
N LEU B 33 -15.18 -32.54 -0.03
CA LEU B 33 -14.16 -31.79 0.78
C LEU B 33 -12.85 -32.63 0.89
N LEU B 34 -11.90 -32.21 1.72
CA LEU B 34 -10.62 -32.94 1.88
C LEU B 34 -10.55 -33.54 3.30
N LEU B 57 -0.80 -7.34 0.58
CA LEU B 57 -0.67 -6.15 -0.27
C LEU B 57 -0.76 -6.53 -1.74
N THR B 58 -0.43 -7.78 -2.05
CA THR B 58 -0.49 -8.24 -3.43
C THR B 58 -1.94 -8.38 -3.88
N VAL B 59 -2.18 -8.07 -5.16
CA VAL B 59 -3.54 -8.16 -5.70
C VAL B 59 -4.07 -9.57 -5.64
N TRP B 60 -3.20 -10.57 -5.87
CA TRP B 60 -3.64 -11.96 -5.76
C TRP B 60 -4.04 -12.31 -4.34
N GLY B 61 -3.27 -11.85 -3.35
CA GLY B 61 -3.66 -12.07 -1.96
C GLY B 61 -4.97 -11.39 -1.61
N ILE B 62 -5.18 -10.18 -2.13
CA ILE B 62 -6.44 -9.48 -1.90
C ILE B 62 -7.60 -10.25 -2.50
N LYS B 63 -7.43 -10.76 -3.72
CA LYS B 63 -8.47 -11.57 -4.35
C LYS B 63 -8.75 -12.83 -3.54
N GLN B 64 -7.69 -13.48 -3.07
CA GLN B 64 -7.86 -14.67 -2.22
C GLN B 64 -8.69 -14.34 -1.00
N LEU B 65 -8.36 -13.25 -0.31
CA LEU B 65 -9.08 -12.88 0.92
C LEU B 65 -10.53 -12.55 0.63
N GLN B 66 -10.79 -11.79 -0.44
CA GLN B 66 -12.16 -11.47 -0.81
C GLN B 66 -12.96 -12.73 -1.11
N ALA B 67 -12.38 -13.66 -1.89
CA ALA B 67 -13.09 -14.88 -2.22
C ALA B 67 -13.39 -15.71 -0.99
N ARG B 68 -12.40 -15.85 -0.10
CA ARG B 68 -12.61 -16.65 1.11
C ARG B 68 -13.69 -16.04 2.00
N VAL B 69 -13.66 -14.73 2.18
CA VAL B 69 -14.67 -14.08 3.01
C VAL B 69 -16.05 -14.23 2.39
N LEU B 70 -16.14 -14.07 1.06
CA LEU B 70 -17.44 -14.23 0.40
C LEU B 70 -17.98 -15.65 0.55
N ALA B 71 -17.12 -16.65 0.38
CA ALA B 71 -17.58 -18.03 0.55
C ALA B 71 -18.04 -18.28 1.98
N VAL B 72 -17.30 -17.75 2.97
CA VAL B 72 -17.70 -17.90 4.36
C VAL B 72 -19.07 -17.26 4.59
N GLU B 73 -19.28 -16.07 4.02
CA GLU B 73 -20.56 -15.40 4.20
C GLU B 73 -21.71 -16.18 3.59
N ARG B 74 -21.52 -16.73 2.39
CA ARG B 74 -22.59 -17.51 1.77
C ARG B 74 -22.90 -18.76 2.58
N TYR B 75 -21.86 -19.47 3.03
CA TYR B 75 -22.08 -20.65 3.86
C TYR B 75 -22.82 -20.30 5.14
N LEU B 76 -22.42 -19.19 5.78
CA LEU B 76 -23.07 -18.78 7.00
C LEU B 76 -24.52 -18.41 6.76
N GLN B 77 -24.81 -17.74 5.64
CA GLN B 77 -26.20 -17.39 5.31
C GLN B 77 -27.05 -18.65 5.18
N ASP B 78 -26.55 -19.63 4.41
CA ASP B 78 -27.31 -20.86 4.24
C ASP B 78 -27.54 -21.56 5.57
N GLN B 79 -26.50 -21.59 6.43
CA GLN B 79 -26.66 -22.25 7.73
C GLN B 79 -27.61 -21.48 8.65
N LYS B 80 -27.61 -20.15 8.59
CA LYS B 80 -28.59 -19.38 9.35
C LYS B 80 -30.00 -19.77 8.94
N PHE B 81 -30.26 -19.82 7.63
CA PHE B 81 -31.61 -20.17 7.18
C PHE B 81 -31.98 -21.59 7.60
N LEU B 82 -31.05 -22.53 7.43
CA LEU B 82 -31.34 -23.93 7.78
C LEU B 82 -31.62 -24.08 9.27
N GLY B 83 -30.72 -23.58 10.11
CA GLY B 83 -30.92 -23.71 11.55
C GLY B 83 -32.11 -22.93 12.06
N LEU B 84 -32.42 -21.81 11.40
CA LEU B 84 -33.55 -21.00 11.84
C LEU B 84 -34.87 -21.66 11.49
N TRP B 85 -34.92 -22.43 10.41
CA TRP B 85 -36.09 -23.24 10.10
C TRP B 85 -36.13 -24.53 10.91
N GLY B 86 -35.14 -24.76 11.76
CA GLY B 86 -35.06 -25.99 12.52
C GLY B 86 -34.36 -27.13 11.82
N CYS B 87 -33.92 -26.94 10.57
CA CYS B 87 -33.23 -27.99 9.85
C CYS B 87 -31.87 -28.28 10.48
N SER B 88 -31.09 -27.23 10.72
CA SER B 88 -29.72 -27.32 11.28
C SER B 88 -28.92 -28.19 10.33
N GLY B 89 -28.26 -29.26 10.79
CA GLY B 89 -27.44 -30.08 9.94
C GLY B 89 -28.12 -31.31 9.36
N LYS B 90 -29.17 -31.10 8.56
CA LYS B 90 -29.83 -32.18 7.86
C LYS B 90 -30.02 -31.78 6.40
N ILE B 91 -29.74 -32.71 5.48
CA ILE B 91 -29.78 -32.39 4.06
C ILE B 91 -31.22 -32.36 3.56
N ILE B 92 -31.95 -33.46 3.75
CA ILE B 92 -33.37 -33.52 3.34
C ILE B 92 -34.17 -33.14 4.58
N CYS B 93 -34.49 -31.85 4.68
CA CYS B 93 -35.14 -31.31 5.87
C CYS B 93 -36.65 -31.31 5.71
N CYS B 94 -37.35 -31.83 6.71
CA CYS B 94 -38.80 -31.86 6.70
C CYS B 94 -39.37 -30.63 7.40
N THR B 95 -40.63 -30.34 7.09
CA THR B 95 -41.36 -29.26 7.74
C THR B 95 -42.85 -29.55 7.65
N ALA B 96 -43.61 -29.07 8.62
CA ALA B 96 -45.05 -29.31 8.70
C ALA B 96 -45.86 -28.09 8.27
N VAL B 97 -45.41 -27.39 7.23
CA VAL B 97 -46.11 -26.21 6.71
C VAL B 97 -47.04 -26.66 5.59
N PRO B 98 -48.30 -26.21 5.57
CA PRO B 98 -49.21 -26.59 4.48
C PRO B 98 -48.80 -25.97 3.14
N TRP B 99 -49.57 -26.26 2.09
CA TRP B 99 -49.19 -25.97 0.72
C TRP B 99 -50.37 -25.36 -0.05
N ASN B 100 -50.89 -24.24 0.46
CA ASN B 100 -51.93 -23.49 -0.25
C ASN B 100 -51.70 -23.46 -1.76
N SER B 101 -52.79 -23.64 -2.50
CA SER B 101 -52.76 -23.60 -3.97
C SER B 101 -52.70 -22.16 -4.45
N SER B 102 -51.73 -21.43 -3.93
CA SER B 102 -51.38 -20.08 -4.34
C SER B 102 -49.94 -19.97 -4.80
N TRP B 103 -49.03 -20.70 -4.15
CA TRP B 103 -47.66 -20.80 -4.66
C TRP B 103 -47.59 -21.75 -5.85
N SER B 104 -48.41 -22.79 -5.86
CA SER B 104 -48.45 -23.75 -6.94
C SER B 104 -49.77 -24.50 -6.89
N ASN B 105 -50.20 -24.99 -8.05
CA ASN B 105 -51.46 -25.72 -8.16
C ASN B 105 -51.32 -27.06 -8.88
N LYS B 106 -50.10 -27.53 -9.09
CA LYS B 106 -49.86 -28.79 -9.77
C LYS B 106 -49.61 -29.90 -8.76
N THR B 107 -49.77 -31.14 -9.22
CA THR B 107 -49.83 -32.30 -8.33
C THR B 107 -48.59 -33.15 -8.46
N PHE B 108 -47.84 -33.27 -7.34
CA PHE B 108 -46.74 -34.21 -7.10
C PHE B 108 -46.08 -34.82 -8.33
N GLU B 109 -46.81 -35.69 -9.05
CA GLU B 109 -46.21 -36.41 -10.16
C GLU B 109 -45.71 -35.45 -11.23
N GLU B 110 -46.50 -34.44 -11.57
CA GLU B 110 -46.04 -33.48 -12.58
C GLU B 110 -44.96 -32.57 -12.04
N ILE B 111 -45.00 -32.21 -10.75
CA ILE B 111 -43.94 -31.39 -10.17
C ILE B 111 -42.61 -32.11 -10.27
N TRP B 112 -42.60 -33.40 -9.96
CA TRP B 112 -41.35 -34.15 -9.90
C TRP B 112 -41.01 -34.88 -11.21
N ASN B 113 -41.87 -34.79 -12.23
CA ASN B 113 -41.57 -35.40 -13.52
C ASN B 113 -41.58 -34.38 -14.66
N ASN B 114 -42.62 -33.56 -14.79
CA ASN B 114 -42.67 -32.44 -15.72
C ASN B 114 -41.94 -31.21 -15.18
N MET B 115 -40.72 -31.35 -14.67
CA MET B 115 -40.03 -30.18 -14.13
C MET B 115 -38.62 -30.56 -13.69
N THR B 116 -37.78 -29.55 -13.57
CA THR B 116 -36.46 -29.64 -12.98
C THR B 116 -36.35 -28.65 -11.84
N TRP B 117 -35.22 -28.70 -11.13
CA TRP B 117 -35.06 -27.85 -9.95
C TRP B 117 -35.05 -26.37 -10.31
N ILE B 118 -34.40 -26.01 -11.42
CA ILE B 118 -34.36 -24.61 -11.82
C ILE B 118 -35.73 -24.13 -12.27
N GLU B 119 -36.47 -24.98 -12.99
CA GLU B 119 -37.84 -24.64 -13.37
C GLU B 119 -38.70 -24.41 -12.13
N TRP B 120 -38.57 -25.29 -11.12
CA TRP B 120 -39.35 -25.11 -9.89
C TRP B 120 -38.97 -23.81 -9.19
N GLU B 121 -37.67 -23.52 -9.08
CA GLU B 121 -37.23 -22.29 -8.42
C GLU B 121 -37.75 -21.06 -9.16
N ARG B 122 -37.77 -21.09 -10.49
CA ARG B 122 -38.37 -19.98 -11.24
C ARG B 122 -39.87 -19.90 -11.00
N GLU B 123 -40.53 -21.06 -10.85
CA GLU B 123 -41.97 -21.07 -10.59
C GLU B 123 -42.29 -20.40 -9.26
N ILE B 124 -41.48 -20.65 -8.23
CA ILE B 124 -41.75 -20.13 -6.89
C ILE B 124 -40.75 -19.04 -6.54
N SER B 125 -40.27 -18.31 -7.57
CA SER B 125 -39.18 -17.36 -7.36
C SER B 125 -39.56 -16.26 -6.38
N ASN B 126 -40.70 -15.60 -6.60
CA ASN B 126 -41.09 -14.45 -5.80
C ASN B 126 -42.05 -14.81 -4.68
N TYR B 127 -42.26 -16.09 -4.40
CA TYR B 127 -42.92 -16.53 -3.19
C TYR B 127 -41.94 -16.97 -2.12
N THR B 128 -40.64 -16.89 -2.40
CA THR B 128 -39.64 -17.43 -1.49
C THR B 128 -39.65 -16.68 -0.16
N SER B 129 -39.80 -15.35 -0.19
CA SER B 129 -39.79 -14.59 1.05
C SER B 129 -40.97 -14.96 1.94
N GLN B 130 -42.17 -15.03 1.37
CA GLN B 130 -43.35 -15.45 2.13
C GLN B 130 -43.18 -16.86 2.66
N ILE B 131 -42.66 -17.77 1.84
CA ILE B 131 -42.48 -19.15 2.29
C ILE B 131 -41.48 -19.23 3.44
N TYR B 132 -40.39 -18.47 3.36
CA TYR B 132 -39.42 -18.43 4.45
C TYR B 132 -40.05 -17.90 5.72
N ASP B 133 -40.83 -16.83 5.61
CA ASP B 133 -41.48 -16.26 6.79
C ASP B 133 -42.43 -17.27 7.42
N ILE B 134 -43.21 -17.98 6.59
CA ILE B 134 -44.15 -18.97 7.12
C ILE B 134 -43.39 -20.12 7.79
N LEU B 135 -42.26 -20.53 7.20
CA LEU B 135 -41.46 -21.57 7.83
C LEU B 135 -40.98 -21.13 9.20
N THR B 136 -40.48 -19.90 9.30
CA THR B 136 -39.98 -19.41 10.58
C THR B 136 -41.10 -19.33 11.62
N ILE B 137 -42.27 -18.84 11.21
CA ILE B 137 -43.40 -18.75 12.14
C ILE B 137 -43.82 -20.15 12.59
N SER B 138 -43.89 -21.10 11.67
CA SER B 138 -44.27 -22.46 12.05
C SER B 138 -43.25 -23.07 13.00
N GLN B 139 -41.96 -22.83 12.76
CA GLN B 139 -40.93 -23.38 13.63
C GLN B 139 -41.07 -22.82 15.03
N THR B 140 -41.19 -21.50 15.15
CA THR B 140 -41.31 -20.93 16.49
C THR B 140 -42.60 -21.36 17.17
N GLN B 141 -43.68 -21.51 16.40
CA GLN B 141 -44.93 -22.00 16.98
C GLN B 141 -44.77 -23.39 17.56
N GLN B 142 -44.17 -24.31 16.78
CA GLN B 142 -44.02 -25.68 17.26
C GLN B 142 -43.03 -25.75 18.43
N GLU B 143 -41.99 -24.91 18.41
CA GLU B 143 -41.03 -24.91 19.50
C GLU B 143 -41.67 -24.42 20.80
N LYS B 144 -42.46 -23.35 20.72
CA LYS B 144 -43.18 -22.88 21.89
C LYS B 144 -44.19 -23.91 22.38
N ASN B 145 -44.89 -24.55 21.43
CA ASN B 145 -45.87 -25.57 21.80
C ASN B 145 -45.21 -26.72 22.55
N GLU B 146 -44.06 -27.21 22.05
CA GLU B 146 -43.40 -28.31 22.73
C GLU B 146 -42.83 -27.87 24.07
N LYS B 147 -42.29 -26.65 24.16
CA LYS B 147 -41.78 -26.17 25.44
C LYS B 147 -42.89 -26.07 26.48
N ASP B 148 -44.08 -25.59 26.09
CA ASP B 148 -45.19 -25.47 27.02
C ASP B 148 -45.87 -26.80 27.32
N LEU B 149 -45.82 -27.76 26.39
CA LEU B 149 -46.35 -29.10 26.64
C LEU B 149 -45.37 -29.94 27.45
N LEU B 150 -44.12 -29.50 27.54
CA LEU B 150 -43.09 -30.25 28.26
C LEU B 150 -43.39 -30.38 29.75
N GLU B 151 -44.30 -29.57 30.29
CA GLU B 151 -44.69 -29.69 31.69
C GLU B 151 -45.25 -31.07 32.00
N GLN C 1 -31.51 1.91 -30.34
CA GLN C 1 -31.41 0.67 -29.59
C GLN C 1 -32.03 -0.48 -30.37
N ILE C 2 -33.17 -0.98 -29.89
CA ILE C 2 -33.87 -2.08 -30.53
C ILE C 2 -34.98 -1.50 -31.40
N HIS C 3 -34.84 -1.63 -32.71
CA HIS C 3 -35.81 -1.11 -33.66
C HIS C 3 -36.21 -2.23 -34.61
N LEU C 4 -37.50 -2.49 -34.72
CA LEU C 4 -38.03 -3.52 -35.59
C LEU C 4 -38.78 -2.86 -36.75
N VAL C 5 -38.25 -3.03 -37.96
CA VAL C 5 -38.89 -2.53 -39.18
C VAL C 5 -39.10 -3.70 -40.12
N GLN C 6 -40.24 -3.72 -40.79
CA GLN C 6 -40.61 -4.81 -41.67
C GLN C 6 -41.18 -4.26 -42.97
N SER C 7 -41.61 -5.16 -43.84
CA SER C 7 -42.01 -4.78 -45.19
C SER C 7 -43.26 -3.92 -45.16
N GLY C 8 -43.67 -3.45 -46.35
CA GLY C 8 -44.83 -2.59 -46.48
C GLY C 8 -46.11 -3.39 -46.63
N THR C 9 -47.17 -2.65 -46.97
CA THR C 9 -48.50 -3.22 -47.13
C THR C 9 -48.81 -3.42 -48.61
N GLU C 10 -49.58 -4.48 -48.91
CA GLU C 10 -49.98 -4.77 -50.27
C GLU C 10 -51.23 -5.61 -50.25
N VAL C 11 -51.90 -5.67 -51.40
CA VAL C 11 -53.14 -6.43 -51.56
C VAL C 11 -52.88 -7.61 -52.47
N LYS C 12 -53.37 -8.78 -52.08
CA LYS C 12 -53.20 -10.00 -52.86
C LYS C 12 -54.56 -10.67 -53.07
N LYS C 13 -54.53 -11.86 -53.64
CA LYS C 13 -55.70 -12.61 -54.04
C LYS C 13 -55.77 -13.91 -53.25
N PRO C 14 -56.97 -14.47 -53.07
CA PRO C 14 -57.07 -15.74 -52.36
C PRO C 14 -56.33 -16.86 -53.09
N GLY C 15 -55.74 -17.76 -52.30
CA GLY C 15 -54.96 -18.85 -52.85
C GLY C 15 -53.51 -18.53 -53.13
N SER C 16 -53.09 -17.29 -52.90
CA SER C 16 -51.71 -16.89 -53.15
C SER C 16 -50.87 -17.09 -51.88
N SER C 17 -49.61 -16.68 -51.96
CA SER C 17 -48.66 -16.78 -50.86
C SER C 17 -48.12 -15.40 -50.52
N VAL C 18 -47.98 -15.13 -49.23
CA VAL C 18 -47.52 -13.84 -48.72
C VAL C 18 -46.20 -14.04 -48.00
N THR C 19 -45.22 -13.19 -48.32
CA THR C 19 -43.91 -13.21 -47.66
C THR C 19 -43.70 -11.86 -46.99
N VAL C 20 -43.71 -11.85 -45.66
CA VAL C 20 -43.49 -10.65 -44.87
C VAL C 20 -42.15 -10.80 -44.17
N SER C 21 -41.24 -9.87 -44.44
CA SER C 21 -39.89 -9.90 -43.89
C SER C 21 -39.74 -8.86 -42.81
N CYS C 22 -39.26 -9.28 -41.64
CA CYS C 22 -39.05 -8.40 -40.50
C CYS C 22 -37.57 -8.24 -40.24
N LYS C 23 -37.09 -7.00 -40.32
CA LYS C 23 -35.68 -6.67 -40.13
C LYS C 23 -35.48 -6.20 -38.70
N ALA C 24 -34.54 -6.82 -37.99
CA ALA C 24 -34.28 -6.53 -36.59
C ALA C 24 -33.02 -5.68 -36.48
N TYR C 25 -33.19 -4.43 -36.07
CA TYR C 25 -32.08 -3.50 -35.88
C TYR C 25 -31.78 -3.40 -34.39
N GLY C 26 -30.52 -3.66 -34.02
CA GLY C 26 -30.11 -3.66 -32.64
C GLY C 26 -30.07 -5.03 -32.00
N VAL C 27 -30.69 -6.03 -32.64
CA VAL C 27 -30.65 -7.40 -32.13
C VAL C 27 -29.33 -8.03 -32.56
N ASN C 28 -28.55 -8.51 -31.58
CA ASN C 28 -27.26 -9.12 -31.90
C ASN C 28 -27.45 -10.45 -32.64
N THR C 29 -28.10 -11.41 -32.00
CA THR C 29 -28.34 -12.71 -32.60
C THR C 29 -29.76 -13.18 -32.29
N PHE C 30 -30.27 -14.07 -33.14
CA PHE C 30 -31.51 -14.78 -32.86
C PHE C 30 -31.29 -16.02 -32.01
N GLY C 31 -30.08 -16.24 -31.53
CA GLY C 31 -29.84 -17.29 -30.56
C GLY C 31 -30.20 -16.82 -29.17
N LEU C 32 -29.71 -15.63 -28.81
CA LEU C 32 -30.06 -15.04 -27.53
C LEU C 32 -31.49 -14.48 -27.55
N TYR C 33 -31.90 -13.90 -28.67
CA TYR C 33 -33.23 -13.34 -28.82
C TYR C 33 -34.18 -14.36 -29.43
N ALA C 34 -35.48 -14.07 -29.33
CA ALA C 34 -36.51 -14.89 -29.92
C ALA C 34 -37.55 -14.00 -30.56
N VAL C 35 -37.93 -14.33 -31.80
CA VAL C 35 -38.89 -13.54 -32.57
C VAL C 35 -40.22 -14.29 -32.61
N ASN C 36 -41.30 -13.57 -32.35
CA ASN C 36 -42.65 -14.14 -32.30
C ASN C 36 -43.54 -13.40 -33.27
N TRP C 37 -44.40 -14.14 -33.97
CA TRP C 37 -45.30 -13.57 -34.97
C TRP C 37 -46.72 -13.59 -34.43
N VAL C 38 -47.33 -12.41 -34.34
CA VAL C 38 -48.70 -12.26 -33.85
C VAL C 38 -49.49 -11.44 -34.87
N ARG C 39 -50.78 -11.76 -35.00
CA ARG C 39 -51.67 -11.12 -35.95
C ARG C 39 -52.84 -10.49 -35.20
N GLN C 40 -53.15 -9.25 -35.53
CA GLN C 40 -54.28 -8.54 -34.95
C GLN C 40 -55.33 -8.31 -36.03
N ALA C 41 -56.49 -8.94 -35.87
CA ALA C 41 -57.57 -8.73 -36.82
C ALA C 41 -58.10 -7.29 -36.69
N PRO C 42 -58.66 -6.73 -37.78
CA PRO C 42 -59.16 -5.36 -37.72
C PRO C 42 -60.23 -5.16 -36.66
N GLY C 43 -59.93 -4.36 -35.64
CA GLY C 43 -60.86 -4.15 -34.55
C GLY C 43 -61.18 -5.40 -33.77
N GLN C 44 -60.17 -6.21 -33.48
CA GLN C 44 -60.38 -7.49 -32.82
C GLN C 44 -59.13 -7.86 -32.05
N SER C 45 -59.28 -8.76 -31.07
CA SER C 45 -58.17 -9.20 -30.25
C SER C 45 -57.05 -9.80 -31.09
N LEU C 46 -55.87 -9.87 -30.51
CA LEU C 46 -54.69 -10.38 -31.19
C LEU C 46 -54.72 -11.90 -31.28
N GLU C 47 -53.85 -12.45 -32.11
CA GLU C 47 -53.73 -13.88 -32.29
C GLU C 47 -52.27 -14.23 -32.53
N TYR C 48 -51.84 -15.37 -31.98
CA TYR C 48 -50.44 -15.78 -32.02
C TYR C 48 -50.27 -16.88 -33.06
N ILE C 49 -49.36 -16.66 -34.02
CA ILE C 49 -49.15 -17.64 -35.08
C ILE C 49 -48.09 -18.66 -34.67
N GLY C 50 -46.88 -18.20 -34.44
CA GLY C 50 -45.79 -19.10 -34.12
C GLY C 50 -44.52 -18.33 -33.82
N GLN C 51 -43.42 -19.08 -33.76
CA GLN C 51 -42.13 -18.48 -33.41
C GLN C 51 -41.01 -19.35 -33.96
N ILE C 52 -39.81 -18.77 -33.99
CA ILE C 52 -38.58 -19.52 -34.21
C ILE C 52 -37.64 -19.13 -33.06
N TRP C 53 -37.63 -19.95 -32.01
CA TRP C 53 -36.88 -19.67 -30.80
C TRP C 53 -35.59 -20.49 -30.83
N ARG C 54 -34.46 -19.79 -30.80
CA ARG C 54 -33.12 -20.37 -30.95
C ARG C 54 -33.12 -21.47 -32.01
N TRP C 55 -33.56 -21.09 -33.21
CA TRP C 55 -33.61 -21.96 -34.38
C TRP C 55 -34.48 -23.19 -34.12
N LYS C 56 -35.75 -22.93 -33.80
CA LYS C 56 -36.73 -23.99 -33.60
C LYS C 56 -38.09 -23.43 -34.00
N SER C 57 -38.51 -23.72 -35.23
CA SER C 57 -39.77 -23.20 -35.75
C SER C 57 -40.95 -23.93 -35.11
N SER C 58 -42.02 -23.18 -34.86
CA SER C 58 -43.23 -23.73 -34.29
C SER C 58 -44.40 -22.84 -34.71
N ALA C 59 -45.61 -23.37 -34.53
CA ALA C 59 -46.81 -22.66 -34.95
C ALA C 59 -47.97 -23.07 -34.04
N SER C 60 -49.03 -22.26 -34.08
CA SER C 60 -50.20 -22.51 -33.25
C SER C 60 -50.93 -23.76 -33.72
N HIS C 61 -52.00 -24.11 -32.98
CA HIS C 61 -52.76 -25.30 -33.32
C HIS C 61 -53.42 -25.19 -34.68
N HIS C 62 -53.98 -24.02 -34.99
CA HIS C 62 -54.66 -23.84 -36.28
C HIS C 62 -53.69 -23.74 -37.45
N PHE C 63 -52.44 -23.36 -37.20
CA PHE C 63 -51.48 -23.13 -38.27
C PHE C 63 -50.58 -24.36 -38.44
N ARG C 64 -51.19 -25.45 -38.89
CA ARG C 64 -50.48 -26.69 -39.17
C ARG C 64 -50.42 -26.89 -40.68
N GLY C 65 -49.21 -26.97 -41.22
CA GLY C 65 -49.06 -27.04 -42.66
C GLY C 65 -49.52 -25.81 -43.39
N ARG C 66 -49.62 -24.69 -42.69
CA ARG C 66 -50.18 -23.45 -43.23
C ARG C 66 -49.22 -22.29 -43.21
N VAL C 67 -48.32 -22.24 -42.22
CA VAL C 67 -47.39 -21.12 -42.07
C VAL C 67 -45.98 -21.68 -41.98
N LEU C 68 -45.03 -20.90 -42.49
CA LEU C 68 -43.61 -21.26 -42.42
C LEU C 68 -42.82 -20.08 -41.87
N ILE C 69 -41.87 -20.37 -40.99
CA ILE C 69 -41.06 -19.35 -40.33
C ILE C 69 -39.61 -19.52 -40.78
N SER C 70 -39.00 -18.43 -41.20
CA SER C 70 -37.60 -18.41 -41.60
C SER C 70 -36.88 -17.32 -40.82
N ALA C 71 -35.59 -17.55 -40.58
CA ALA C 71 -34.79 -16.58 -39.84
C ALA C 71 -33.35 -16.64 -40.32
N VAL C 72 -32.74 -15.46 -40.50
CA VAL C 72 -31.35 -15.34 -40.90
C VAL C 72 -30.65 -14.44 -39.90
N ASP C 73 -29.47 -14.86 -39.45
CA ASP C 73 -28.75 -14.18 -38.39
C ASP C 73 -27.92 -13.04 -38.99
N LEU C 74 -26.97 -12.51 -38.22
CA LEU C 74 -26.17 -11.37 -38.65
C LEU C 74 -25.41 -11.66 -39.92
N THR C 75 -25.36 -10.68 -40.82
CA THR C 75 -24.55 -10.77 -42.03
C THR C 75 -23.59 -9.59 -42.10
N GLY C 76 -22.86 -9.48 -43.21
CA GLY C 76 -21.90 -8.39 -43.35
C GLY C 76 -22.55 -7.03 -43.42
N SER C 77 -23.67 -6.94 -44.17
CA SER C 77 -24.34 -5.63 -44.33
C SER C 77 -25.77 -5.66 -43.76
N SER C 78 -26.56 -6.68 -44.11
CA SER C 78 -27.94 -6.74 -43.67
C SER C 78 -28.00 -7.12 -42.18
N PRO C 79 -28.99 -6.61 -41.45
CA PRO C 79 -29.19 -7.05 -40.07
C PRO C 79 -29.89 -8.39 -40.04
N PRO C 80 -30.04 -9.01 -38.87
CA PRO C 80 -30.82 -10.25 -38.80
C PRO C 80 -32.25 -10.03 -39.25
N ILE C 81 -32.75 -10.96 -40.06
CA ILE C 81 -34.08 -10.86 -40.66
C ILE C 81 -34.82 -12.16 -40.41
N SER C 82 -36.13 -12.04 -40.18
CA SER C 82 -37.00 -13.20 -40.09
C SER C 82 -38.21 -12.97 -40.96
N SER C 83 -38.57 -13.98 -41.75
CA SER C 83 -39.60 -13.86 -42.77
C SER C 83 -40.80 -14.71 -42.40
N LEU C 84 -41.99 -14.18 -42.70
CA LEU C 84 -43.26 -14.86 -42.47
C LEU C 84 -43.81 -15.34 -43.81
N GLU C 85 -44.06 -16.64 -43.91
CA GLU C 85 -44.57 -17.25 -45.14
C GLU C 85 -45.89 -17.94 -44.82
N ILE C 86 -46.96 -17.53 -45.51
CA ILE C 86 -48.27 -18.14 -45.38
C ILE C 86 -48.78 -18.49 -46.77
N LYS C 87 -49.39 -19.66 -46.92
CA LYS C 87 -49.91 -20.12 -48.18
C LYS C 87 -51.37 -20.50 -48.04
N ASN C 88 -52.05 -20.65 -49.19
CA ASN C 88 -53.47 -20.95 -49.26
C ASN C 88 -54.28 -19.92 -48.48
N LEU C 89 -53.96 -18.64 -48.70
CA LEU C 89 -54.63 -17.57 -47.99
C LEU C 89 -56.11 -17.49 -48.36
N THR C 90 -56.93 -17.17 -47.36
CA THR C 90 -58.36 -17.02 -47.53
C THR C 90 -58.80 -15.64 -47.03
N SER C 91 -60.09 -15.36 -47.17
CA SER C 91 -60.61 -14.02 -46.88
C SER C 91 -60.50 -13.66 -45.40
N ASP C 92 -60.32 -14.64 -44.52
CA ASP C 92 -60.24 -14.36 -43.10
C ASP C 92 -58.84 -13.97 -42.64
N ASP C 93 -57.84 -14.06 -43.52
CA ASP C 93 -56.47 -13.76 -43.14
C ASP C 93 -56.14 -12.28 -43.27
N THR C 94 -57.08 -11.46 -43.72
CA THR C 94 -56.82 -10.03 -43.94
C THR C 94 -56.73 -9.33 -42.59
N ALA C 95 -55.50 -9.11 -42.13
CA ALA C 95 -55.27 -8.46 -40.84
C ALA C 95 -53.86 -7.91 -40.83
N VAL C 96 -53.59 -7.05 -39.85
CA VAL C 96 -52.26 -6.50 -39.66
C VAL C 96 -51.38 -7.53 -38.98
N TYR C 97 -50.16 -7.71 -39.49
CA TYR C 97 -49.23 -8.68 -38.97
C TYR C 97 -48.11 -7.97 -38.23
N PHE C 98 -47.78 -8.46 -37.04
CA PHE C 98 -46.81 -7.82 -36.16
C PHE C 98 -45.62 -8.74 -35.97
N CYS C 99 -44.43 -8.15 -35.96
CA CYS C 99 -43.19 -8.87 -35.68
C CYS C 99 -42.68 -8.46 -34.30
N THR C 100 -42.53 -9.43 -33.41
CA THR C 100 -42.18 -9.17 -32.02
C THR C 100 -40.90 -9.90 -31.67
N THR C 101 -40.02 -9.22 -30.94
CA THR C 101 -38.74 -9.76 -30.54
C THR C 101 -38.49 -9.45 -29.07
N THR C 102 -37.98 -10.44 -28.34
CA THR C 102 -37.66 -10.26 -26.93
C THR C 102 -36.36 -11.00 -26.62
N SER C 103 -35.71 -10.57 -25.53
CA SER C 103 -34.43 -11.13 -25.13
C SER C 103 -34.63 -12.31 -24.20
N THR C 104 -33.97 -13.43 -24.51
CA THR C 104 -34.04 -14.64 -23.70
C THR C 104 -32.71 -14.98 -23.05
N TYR C 105 -31.78 -14.02 -22.97
CA TYR C 105 -30.48 -14.28 -22.37
C TYR C 105 -30.60 -14.61 -20.89
N ASP C 106 -31.43 -13.87 -20.16
CA ASP C 106 -31.58 -14.04 -18.72
C ASP C 106 -32.81 -14.91 -18.45
N ARG C 107 -32.61 -16.01 -17.73
CA ARG C 107 -33.71 -16.96 -17.42
C ARG C 107 -34.59 -16.44 -16.27
N TRP C 108 -34.03 -15.59 -15.41
CA TRP C 108 -34.77 -15.05 -14.28
C TRP C 108 -35.40 -13.70 -14.57
N SER C 109 -35.29 -13.20 -15.79
CA SER C 109 -35.95 -11.95 -16.15
C SER C 109 -37.46 -12.08 -16.12
N GLY C 110 -37.99 -13.26 -16.42
CA GLY C 110 -39.42 -13.50 -16.43
C GLY C 110 -40.12 -13.23 -17.73
N LEU C 111 -39.40 -12.76 -18.75
CA LEU C 111 -40.02 -12.50 -20.05
C LEU C 111 -40.35 -13.78 -20.80
N HIS C 112 -39.67 -14.89 -20.49
CA HIS C 112 -39.85 -16.14 -21.21
C HIS C 112 -40.05 -17.28 -20.22
N HIS C 113 -40.77 -18.31 -20.67
CA HIS C 113 -41.07 -19.47 -19.84
C HIS C 113 -41.32 -20.66 -20.75
N ASP C 114 -40.31 -21.51 -20.93
CA ASP C 114 -40.46 -22.77 -21.67
C ASP C 114 -40.99 -22.54 -23.08
N GLY C 115 -40.46 -21.54 -23.77
CA GLY C 115 -40.80 -21.25 -25.14
C GLY C 115 -41.89 -20.21 -25.31
N VAL C 116 -42.96 -20.28 -24.53
CA VAL C 116 -44.00 -19.26 -24.54
C VAL C 116 -43.49 -18.07 -23.74
N MET C 117 -43.71 -16.86 -24.26
CA MET C 117 -43.01 -15.70 -23.77
C MET C 117 -43.80 -14.44 -24.06
N ALA C 118 -43.38 -13.35 -23.44
CA ALA C 118 -43.93 -12.03 -23.71
C ALA C 118 -43.24 -11.41 -24.91
N PHE C 119 -43.77 -10.27 -25.35
CA PHE C 119 -43.26 -9.56 -26.52
C PHE C 119 -42.78 -8.17 -26.08
N SER C 120 -41.47 -8.03 -25.91
CA SER C 120 -40.90 -6.76 -25.45
C SER C 120 -40.90 -5.71 -26.55
N SER C 121 -40.57 -6.09 -27.77
CA SER C 121 -40.46 -5.14 -28.88
C SER C 121 -41.46 -5.51 -29.98
N TRP C 122 -41.93 -4.48 -30.70
CA TRP C 122 -42.95 -4.67 -31.71
C TRP C 122 -42.57 -3.91 -32.97
N GLY C 123 -43.09 -4.38 -34.11
CA GLY C 123 -42.89 -3.72 -35.38
C GLY C 123 -44.08 -2.85 -35.76
N GLN C 124 -43.90 -2.07 -36.83
CA GLN C 124 -44.94 -1.14 -37.24
C GLN C 124 -46.17 -1.84 -37.77
N GLY C 125 -46.04 -3.05 -38.28
CA GLY C 125 -47.18 -3.79 -38.77
C GLY C 125 -47.33 -3.70 -40.27
N THR C 126 -47.94 -4.73 -40.86
CA THR C 126 -48.20 -4.80 -42.29
C THR C 126 -49.69 -5.05 -42.51
N LEU C 127 -50.39 -4.06 -43.07
CA LEU C 127 -51.78 -4.24 -43.40
C LEU C 127 -51.91 -5.17 -44.61
N ILE C 128 -52.78 -6.16 -44.51
CA ILE C 128 -53.03 -7.12 -45.58
C ILE C 128 -54.53 -7.21 -45.82
N SER C 129 -54.93 -7.15 -47.08
CA SER C 129 -56.34 -7.25 -47.44
C SER C 129 -56.46 -7.83 -48.83
N VAL C 130 -57.67 -8.32 -49.14
CA VAL C 130 -57.95 -8.87 -50.45
C VAL C 130 -58.79 -7.90 -51.28
N ASP D 1 -55.16 -22.68 -24.58
CA ASP D 1 -55.97 -23.56 -23.75
C ASP D 1 -56.55 -22.81 -22.56
N ILE D 2 -56.14 -21.56 -22.39
CA ILE D 2 -56.63 -20.71 -21.31
C ILE D 2 -57.52 -19.64 -21.92
N GLN D 3 -58.80 -19.67 -21.57
CA GLN D 3 -59.78 -18.71 -22.09
C GLN D 3 -59.82 -17.53 -21.14
N MET D 4 -59.06 -16.49 -21.46
CA MET D 4 -58.92 -15.32 -20.61
C MET D 4 -59.79 -14.18 -21.13
N THR D 5 -60.55 -13.57 -20.23
CA THR D 5 -61.40 -12.44 -20.56
C THR D 5 -61.14 -11.30 -19.58
N GLN D 6 -61.35 -10.07 -20.04
CA GLN D 6 -61.14 -8.88 -19.25
C GLN D 6 -62.39 -8.00 -19.27
N SER D 7 -62.73 -7.46 -18.10
CA SER D 7 -63.89 -6.60 -17.91
C SER D 7 -63.48 -5.38 -17.10
N PRO D 8 -64.14 -4.23 -17.31
CA PRO D 8 -65.20 -4.01 -18.31
C PRO D 8 -64.62 -3.85 -19.72
N SER D 9 -65.40 -4.24 -20.73
CA SER D 9 -64.92 -4.15 -22.10
C SER D 9 -64.62 -2.71 -22.50
N THR D 10 -65.48 -1.78 -22.09
CA THR D 10 -65.28 -0.36 -22.36
C THR D 10 -65.47 0.43 -21.08
N LEU D 11 -64.74 1.53 -20.96
CA LEU D 11 -64.85 2.42 -19.81
C LEU D 11 -64.36 3.81 -20.21
N SER D 12 -64.78 4.79 -19.43
CA SER D 12 -64.44 6.18 -19.69
C SER D 12 -63.89 6.81 -18.43
N ALA D 13 -62.85 7.63 -18.59
CA ALA D 13 -62.23 8.32 -17.46
C ALA D 13 -61.52 9.56 -17.97
N SER D 14 -61.24 10.47 -17.05
CA SER D 14 -60.55 11.72 -17.35
C SER D 14 -59.13 11.69 -16.80
N THR D 15 -58.41 12.79 -17.02
CA THR D 15 -57.05 12.91 -16.52
C THR D 15 -57.06 12.98 -15.00
N GLY D 16 -56.14 12.23 -14.38
CA GLY D 16 -56.03 12.21 -12.94
C GLY D 16 -56.93 11.23 -12.22
N ASP D 17 -57.60 10.33 -12.95
CA ASP D 17 -58.48 9.34 -12.36
C ASP D 17 -57.83 7.96 -12.38
N THR D 18 -57.85 7.28 -11.24
CA THR D 18 -57.34 5.93 -11.15
C THR D 18 -58.28 4.98 -11.87
N VAL D 19 -57.75 4.13 -12.74
CA VAL D 19 -58.53 3.28 -13.62
C VAL D 19 -58.22 1.82 -13.29
N ARG D 20 -59.27 1.00 -13.16
CA ARG D 20 -59.12 -0.41 -12.84
C ARG D 20 -59.24 -1.23 -14.11
N ILE D 21 -58.17 -1.93 -14.47
CA ILE D 21 -58.15 -2.86 -15.59
C ILE D 21 -57.86 -4.25 -15.03
N SER D 22 -58.84 -5.14 -15.10
CA SER D 22 -58.74 -6.47 -14.51
C SER D 22 -59.16 -7.53 -15.52
N CYS D 23 -58.61 -8.73 -15.36
CA CYS D 23 -58.98 -9.87 -16.21
C CYS D 23 -58.82 -11.16 -15.42
N ARG D 24 -59.93 -11.82 -15.14
CA ARG D 24 -59.92 -13.14 -14.51
C ARG D 24 -59.68 -14.20 -15.57
N ALA D 25 -58.64 -15.01 -15.37
CA ALA D 25 -58.32 -16.07 -16.31
C ALA D 25 -59.25 -17.26 -16.11
N SER D 26 -59.20 -18.21 -17.05
CA SER D 26 -59.96 -19.44 -16.91
C SER D 26 -59.33 -20.37 -15.89
N GLN D 27 -58.01 -20.30 -15.71
CA GLN D 27 -57.29 -21.15 -14.78
C GLN D 27 -56.31 -20.31 -13.97
N SER D 28 -56.02 -20.77 -12.77
CA SER D 28 -55.11 -20.03 -11.88
C SER D 28 -53.69 -20.06 -12.43
N ILE D 29 -53.04 -18.90 -12.43
CA ILE D 29 -51.65 -18.80 -12.86
C ILE D 29 -50.78 -18.53 -11.65
N THR D 30 -50.24 -19.59 -11.05
CA THR D 30 -49.42 -19.44 -9.84
C THR D 30 -48.06 -18.84 -10.14
N GLY D 31 -47.57 -18.96 -11.36
CA GLY D 31 -46.28 -18.43 -11.72
C GLY D 31 -46.27 -16.96 -12.07
N ASN D 32 -47.41 -16.29 -12.03
CA ASN D 32 -47.54 -14.87 -12.36
C ASN D 32 -47.03 -14.58 -13.77
N TRP D 33 -47.28 -15.51 -14.69
CA TRP D 33 -46.86 -15.34 -16.08
C TRP D 33 -47.95 -14.61 -16.86
N VAL D 34 -48.09 -13.33 -16.55
CA VAL D 34 -49.06 -12.46 -17.22
C VAL D 34 -48.35 -11.20 -17.70
N ALA D 35 -48.72 -10.74 -18.89
CA ALA D 35 -48.12 -9.57 -19.51
C ALA D 35 -49.21 -8.56 -19.87
N TRP D 36 -48.91 -7.29 -19.67
CA TRP D 36 -49.85 -6.20 -19.93
C TRP D 36 -49.39 -5.40 -21.14
N TYR D 37 -50.33 -5.09 -22.04
CA TYR D 37 -50.03 -4.39 -23.27
C TYR D 37 -50.94 -3.19 -23.42
N GLN D 38 -50.39 -2.11 -23.97
CA GLN D 38 -51.12 -0.88 -24.20
C GLN D 38 -50.90 -0.42 -25.63
N GLN D 39 -51.95 -0.49 -26.44
CA GLN D 39 -51.85 -0.21 -27.87
C GLN D 39 -52.41 1.17 -28.17
N ARG D 40 -51.56 2.06 -28.67
CA ARG D 40 -52.03 3.33 -29.17
C ARG D 40 -52.79 3.11 -30.47
N PRO D 41 -53.73 4.01 -30.80
CA PRO D 41 -54.39 3.91 -32.10
C PRO D 41 -53.38 4.05 -33.24
N GLY D 42 -53.51 3.17 -34.23
CA GLY D 42 -52.64 3.19 -35.39
C GLY D 42 -51.41 2.31 -35.31
N LYS D 43 -50.49 2.60 -34.40
CA LYS D 43 -49.22 1.89 -34.35
C LYS D 43 -49.27 0.72 -33.38
N ALA D 44 -48.11 0.12 -33.12
CA ALA D 44 -48.01 -1.10 -32.35
C ALA D 44 -48.22 -0.82 -30.86
N PRO D 45 -48.56 -1.84 -30.09
CA PRO D 45 -48.55 -1.74 -28.63
C PRO D 45 -47.11 -1.80 -28.12
N ARG D 46 -46.98 -1.71 -26.80
CA ARG D 46 -45.75 -2.02 -26.10
C ARG D 46 -46.04 -2.81 -24.83
N LEU D 47 -45.00 -3.47 -24.33
CA LEU D 47 -45.07 -4.23 -23.09
C LEU D 47 -44.83 -3.31 -21.91
N LEU D 48 -45.83 -3.20 -21.04
CA LEU D 48 -45.72 -2.40 -19.82
C LEU D 48 -45.29 -3.26 -18.63
N ILE D 49 -46.07 -4.27 -18.31
CA ILE D 49 -45.89 -5.08 -17.11
C ILE D 49 -45.72 -6.53 -17.51
N TYR D 50 -44.68 -7.16 -16.97
CA TYR D 50 -44.45 -8.59 -17.16
C TYR D 50 -44.22 -9.24 -15.81
N ARG D 51 -44.32 -10.56 -15.78
CA ARG D 51 -44.14 -11.34 -14.56
C ARG D 51 -45.04 -10.83 -13.44
N GLY D 52 -46.29 -10.56 -13.79
CA GLY D 52 -47.28 -10.11 -12.81
C GLY D 52 -47.28 -8.63 -12.55
N ALA D 53 -46.29 -8.13 -11.81
CA ALA D 53 -46.25 -6.72 -11.43
C ALA D 53 -44.83 -6.17 -11.51
N ALA D 54 -44.12 -6.49 -12.58
CA ALA D 54 -42.76 -6.02 -12.79
C ALA D 54 -42.74 -4.97 -13.90
N LEU D 55 -42.12 -3.83 -13.62
CA LEU D 55 -42.04 -2.75 -14.60
C LEU D 55 -40.94 -3.04 -15.63
N LEU D 56 -41.02 -2.33 -16.75
CA LEU D 56 -40.04 -2.41 -17.81
C LEU D 56 -39.22 -1.12 -17.85
N GLY D 57 -37.94 -1.26 -18.20
CA GLY D 57 -37.06 -0.12 -18.27
C GLY D 57 -37.48 0.91 -19.31
N GLY D 58 -37.97 2.05 -18.85
CA GLY D 58 -38.48 3.07 -19.74
C GLY D 58 -39.99 3.16 -19.71
N VAL D 59 -40.57 2.89 -18.55
CA VAL D 59 -42.02 2.97 -18.36
C VAL D 59 -42.32 3.92 -17.22
N PRO D 60 -43.33 4.79 -17.35
CA PRO D 60 -43.70 5.66 -16.23
C PRO D 60 -44.15 4.83 -15.03
N SER D 61 -43.89 5.37 -13.84
CA SER D 61 -44.14 4.65 -12.60
C SER D 61 -45.61 4.58 -12.23
N ARG D 62 -46.51 4.96 -13.14
CA ARG D 62 -47.94 4.95 -12.87
C ARG D 62 -48.61 3.65 -13.27
N PHE D 63 -47.87 2.69 -13.82
CA PHE D 63 -48.41 1.40 -14.25
C PHE D 63 -47.93 0.33 -13.29
N ARG D 64 -48.83 -0.13 -12.42
CA ARG D 64 -48.52 -1.17 -11.45
C ARG D 64 -49.65 -2.19 -11.43
N GLY D 65 -49.27 -3.47 -11.36
CA GLY D 65 -50.22 -4.56 -11.41
C GLY D 65 -50.29 -5.33 -10.10
N SER D 66 -51.05 -6.42 -10.14
CA SER D 66 -51.23 -7.29 -8.98
C SER D 66 -51.45 -8.71 -9.45
N ALA D 67 -50.99 -9.66 -8.63
CA ALA D 67 -51.17 -11.09 -8.90
C ALA D 67 -51.79 -11.74 -7.67
N ALA D 68 -53.06 -12.10 -7.77
CA ALA D 68 -53.80 -12.76 -6.69
C ALA D 68 -54.50 -13.97 -7.29
N GLY D 69 -53.80 -15.10 -7.30
CA GLY D 69 -54.35 -16.32 -7.87
C GLY D 69 -54.76 -16.16 -9.32
N THR D 70 -56.06 -16.18 -9.56
CA THR D 70 -56.59 -16.05 -10.91
C THR D 70 -56.84 -14.59 -11.29
N ASP D 71 -56.99 -13.70 -10.32
CA ASP D 71 -57.28 -12.29 -10.59
C ASP D 71 -55.98 -11.54 -10.90
N PHE D 72 -56.01 -10.76 -11.98
CA PHE D 72 -54.89 -9.90 -12.35
C PHE D 72 -55.43 -8.53 -12.71
N THR D 73 -55.03 -7.51 -11.94
CA THR D 73 -55.54 -6.16 -12.10
C THR D 73 -54.41 -5.21 -12.45
N LEU D 74 -54.68 -4.26 -13.35
CA LEU D 74 -53.73 -3.24 -13.74
C LEU D 74 -54.24 -1.88 -13.27
N THR D 75 -53.36 -1.11 -12.63
CA THR D 75 -53.73 0.18 -12.06
C THR D 75 -53.01 1.31 -12.79
N ILE D 76 -53.74 2.38 -13.08
CA ILE D 76 -53.17 3.57 -13.71
C ILE D 76 -53.47 4.74 -12.79
N GLY D 77 -52.53 5.04 -11.89
CA GLY D 77 -52.69 6.18 -11.00
C GLY D 77 -52.22 7.46 -11.67
N ASN D 78 -53.01 8.52 -11.53
CA ASN D 78 -52.74 9.81 -12.17
C ASN D 78 -52.63 9.61 -13.68
N LEU D 79 -53.78 9.27 -14.27
CA LEU D 79 -53.85 8.98 -15.70
C LEU D 79 -53.35 10.17 -16.49
N GLN D 80 -52.53 9.89 -17.50
CA GLN D 80 -51.82 10.91 -18.27
C GLN D 80 -52.38 10.94 -19.70
N ALA D 81 -51.91 11.91 -20.49
CA ALA D 81 -52.51 12.16 -21.80
C ALA D 81 -52.35 10.98 -22.75
N GLU D 82 -51.14 10.43 -22.84
CA GLU D 82 -50.89 9.35 -23.79
C GLU D 82 -51.49 8.02 -23.38
N ASP D 83 -51.95 7.91 -22.13
CA ASP D 83 -52.45 6.64 -21.62
C ASP D 83 -53.76 6.21 -22.25
N PHE D 84 -54.42 7.08 -23.01
CA PHE D 84 -55.68 6.73 -23.63
C PHE D 84 -55.45 5.72 -24.75
N GLY D 85 -56.23 4.65 -24.75
CA GLY D 85 -56.08 3.61 -25.75
C GLY D 85 -56.48 2.27 -25.18
N THR D 86 -56.52 1.27 -26.06
CA THR D 86 -56.92 -0.07 -25.67
C THR D 86 -55.82 -0.75 -24.87
N PHE D 87 -56.22 -1.72 -24.07
CA PHE D 87 -55.32 -2.47 -23.20
C PHE D 87 -55.51 -3.97 -23.41
N TYR D 88 -54.46 -4.73 -23.10
CA TYR D 88 -54.47 -6.17 -23.28
C TYR D 88 -53.68 -6.84 -22.17
N CYS D 89 -54.24 -7.91 -21.61
CA CYS D 89 -53.52 -8.77 -20.69
C CYS D 89 -53.34 -10.13 -21.35
N GLN D 90 -52.12 -10.67 -21.28
CA GLN D 90 -51.79 -11.91 -21.97
C GLN D 90 -51.11 -12.87 -21.00
N GLN D 91 -51.50 -14.14 -21.05
CA GLN D 91 -50.83 -15.19 -20.29
C GLN D 91 -49.78 -15.86 -21.17
N TYR D 92 -48.63 -16.13 -20.57
CA TYR D 92 -47.54 -16.82 -21.27
C TYR D 92 -46.94 -17.90 -20.38
N ASP D 93 -47.80 -18.69 -19.74
CA ASP D 93 -47.36 -19.85 -18.98
C ASP D 93 -47.69 -21.18 -19.66
N THR D 94 -48.73 -21.22 -20.49
CA THR D 94 -49.12 -22.43 -21.20
C THR D 94 -49.20 -22.13 -22.69
N TYR D 95 -48.53 -22.95 -23.48
CA TYR D 95 -48.50 -22.78 -24.92
C TYR D 95 -49.85 -23.10 -25.53
N PRO D 96 -50.44 -22.21 -26.35
CA PRO D 96 -49.87 -20.91 -26.71
C PRO D 96 -50.45 -19.75 -25.89
N GLY D 97 -49.88 -18.57 -26.04
CA GLY D 97 -50.39 -17.41 -25.35
C GLY D 97 -51.75 -16.98 -25.88
N THR D 98 -52.50 -16.28 -25.03
CA THR D 98 -53.83 -15.80 -25.36
C THR D 98 -54.01 -14.38 -24.83
N PHE D 99 -54.72 -13.56 -25.58
CA PHE D 99 -55.00 -12.18 -25.21
C PHE D 99 -56.48 -12.03 -24.85
N GLY D 100 -56.86 -10.80 -24.50
CA GLY D 100 -58.24 -10.47 -24.22
C GLY D 100 -58.86 -9.65 -25.35
N GLN D 101 -60.16 -9.44 -25.24
CA GLN D 101 -60.90 -8.72 -26.27
C GLN D 101 -60.40 -7.28 -26.39
N GLY D 102 -60.13 -6.63 -25.26
CA GLY D 102 -59.61 -5.27 -25.29
C GLY D 102 -60.40 -4.30 -24.44
N THR D 103 -59.72 -3.62 -23.53
CA THR D 103 -60.32 -2.57 -22.70
C THR D 103 -59.72 -1.24 -23.08
N LYS D 104 -60.58 -0.27 -23.38
CA LYS D 104 -60.13 1.02 -23.88
C LYS D 104 -60.60 2.13 -22.94
N VAL D 105 -59.87 3.25 -22.98
CA VAL D 105 -60.13 4.41 -22.15
C VAL D 105 -60.52 5.57 -23.05
N GLU D 106 -61.63 6.22 -22.72
CA GLU D 106 -62.15 7.33 -23.50
C GLU D 106 -62.47 8.50 -22.60
N VAL D 107 -62.41 9.71 -23.17
CA VAL D 107 -62.68 10.93 -22.40
C VAL D 107 -64.15 11.02 -22.05
N GLN E 1 45.07 -19.54 -72.63
CA GLN E 1 45.73 -19.03 -71.44
C GLN E 1 45.83 -17.51 -71.47
N VAL E 2 46.13 -16.91 -70.33
CA VAL E 2 46.22 -15.46 -70.22
C VAL E 2 47.67 -15.05 -70.39
N GLN E 3 47.95 -14.24 -71.41
CA GLN E 3 49.27 -13.73 -71.70
C GLN E 3 49.26 -12.22 -71.63
N LEU E 4 50.27 -11.64 -70.99
CA LEU E 4 50.35 -10.21 -70.77
C LEU E 4 51.55 -9.62 -71.51
N GLN E 5 51.38 -8.38 -71.98
CA GLN E 5 52.45 -7.68 -72.68
C GLN E 5 52.20 -6.19 -72.54
N GLU E 6 53.05 -5.51 -71.77
CA GLU E 6 52.91 -4.07 -71.56
C GLU E 6 53.51 -3.31 -72.72
N SER E 7 52.85 -2.21 -73.11
CA SER E 7 53.29 -1.35 -74.20
C SER E 7 53.12 0.10 -73.76
N GLY E 8 54.19 0.67 -73.22
CA GLY E 8 54.16 2.05 -72.78
C GLY E 8 55.25 2.89 -73.45
N PRO E 9 54.95 4.16 -73.70
CA PRO E 9 55.94 5.04 -74.32
C PRO E 9 57.22 5.20 -73.52
N GLY E 10 57.13 5.17 -72.18
CA GLY E 10 58.30 5.30 -71.34
C GLY E 10 58.61 6.73 -70.94
N LEU E 11 58.98 7.56 -71.90
CA LEU E 11 59.34 8.96 -71.64
C LEU E 11 58.21 9.86 -72.13
N VAL E 12 57.66 10.66 -71.21
CA VAL E 12 56.58 11.59 -71.52
C VAL E 12 56.85 12.90 -70.79
N LYS E 13 56.53 14.01 -71.44
CA LYS E 13 56.70 15.33 -70.85
C LYS E 13 55.57 15.62 -69.86
N PRO E 14 55.82 16.47 -68.86
CA PRO E 14 54.80 16.76 -67.86
C PRO E 14 53.62 17.51 -68.45
N SER E 15 52.47 17.35 -67.78
CA SER E 15 51.22 18.05 -68.15
C SER E 15 50.80 17.74 -69.58
N GLU E 16 50.84 16.45 -69.94
CA GLU E 16 50.41 16.02 -71.26
C GLU E 16 49.67 14.69 -71.13
N THR E 17 48.84 14.42 -72.14
CA THR E 17 48.06 13.19 -72.15
C THR E 17 48.96 11.98 -72.34
N LEU E 18 48.62 10.88 -71.67
CA LEU E 18 49.38 9.64 -71.71
C LEU E 18 48.55 8.56 -72.40
N SER E 19 49.23 7.52 -72.88
CA SER E 19 48.57 6.38 -73.50
C SER E 19 49.44 5.15 -73.26
N VAL E 20 49.02 4.29 -72.34
CA VAL E 20 49.72 3.06 -71.99
C VAL E 20 48.75 1.90 -72.18
N THR E 21 49.22 0.83 -72.82
CA THR E 21 48.37 -0.29 -73.17
C THR E 21 49.01 -1.61 -72.74
N CYS E 22 48.15 -2.60 -72.49
CA CYS E 22 48.54 -3.97 -72.22
C CYS E 22 47.71 -4.90 -73.09
N SER E 23 48.14 -6.15 -73.18
CA SER E 23 47.50 -7.14 -74.04
C SER E 23 47.11 -8.38 -73.24
N VAL E 24 45.93 -8.92 -73.55
CA VAL E 24 45.48 -10.22 -73.03
C VAL E 24 45.04 -11.07 -74.21
N SER E 25 45.53 -12.30 -74.27
CA SER E 25 45.37 -13.16 -75.44
C SER E 25 44.41 -14.29 -75.13
N GLY E 26 43.56 -14.61 -76.12
CA GLY E 26 42.65 -15.74 -75.99
C GLY E 26 41.66 -15.62 -74.86
N ASP E 27 41.01 -14.46 -74.72
CA ASP E 27 40.11 -14.23 -73.60
C ASP E 27 38.75 -13.76 -74.12
N SER E 28 37.73 -14.00 -73.31
CA SER E 28 36.35 -13.68 -73.66
C SER E 28 36.09 -12.20 -73.43
N MET E 29 34.81 -11.81 -73.47
CA MET E 29 34.42 -10.41 -73.38
C MET E 29 34.12 -9.98 -71.94
N ASN E 30 33.14 -10.62 -71.31
CA ASN E 30 32.69 -10.25 -69.97
C ASN E 30 33.00 -11.31 -68.92
N ASN E 31 33.97 -12.19 -69.19
CA ASN E 31 34.30 -13.25 -68.24
C ASN E 31 34.86 -12.69 -66.94
N TYR E 32 35.71 -11.66 -67.02
CA TYR E 32 36.24 -11.02 -65.82
C TYR E 32 36.56 -9.56 -66.11
N TYR E 33 36.68 -8.78 -65.05
CA TYR E 33 36.92 -7.35 -65.17
C TYR E 33 38.42 -7.07 -65.32
N TRP E 34 38.76 -5.80 -65.48
CA TRP E 34 40.13 -5.39 -65.73
C TRP E 34 40.58 -4.40 -64.67
N THR E 35 41.84 -4.54 -64.21
CA THR E 35 42.41 -3.70 -63.18
C THR E 35 43.86 -3.38 -63.49
N TRP E 36 44.47 -2.59 -62.60
CA TRP E 36 45.85 -2.14 -62.73
C TRP E 36 46.47 -2.04 -61.35
N ILE E 37 47.77 -2.33 -61.24
CA ILE E 37 48.48 -2.31 -59.97
C ILE E 37 49.81 -1.58 -60.14
N ARG E 38 50.42 -1.18 -59.00
CA ARG E 38 51.67 -0.39 -59.01
C ARG E 38 52.49 -0.72 -57.76
N GLN E 39 53.64 -1.36 -57.98
CA GLN E 39 54.60 -1.62 -56.90
C GLN E 39 55.70 -0.57 -56.88
N SER E 40 55.57 0.46 -57.73
CA SER E 40 56.59 1.45 -58.07
C SER E 40 56.99 2.31 -56.87
N PRO E 41 58.03 3.17 -56.96
CA PRO E 41 58.67 3.70 -55.79
C PRO E 41 58.89 2.66 -54.67
N GLY E 42 58.93 1.34 -55.01
CA GLY E 42 59.31 0.32 -54.06
C GLY E 42 58.58 0.42 -52.73
N LYS E 43 57.25 0.28 -52.76
CA LYS E 43 56.44 0.40 -51.56
C LYS E 43 55.48 -0.77 -51.50
N GLY E 44 54.51 -0.72 -50.59
CA GLY E 44 53.44 -1.69 -50.60
C GLY E 44 52.58 -1.56 -51.85
N LEU E 45 51.84 -2.63 -52.14
CA LEU E 45 50.99 -2.62 -53.33
C LEU E 45 49.98 -1.48 -53.24
N GLU E 46 49.88 -0.71 -54.31
CA GLU E 46 48.96 0.42 -54.39
C GLU E 46 47.97 0.21 -55.51
N TRP E 47 46.71 0.54 -55.24
CA TRP E 47 45.64 0.26 -56.17
C TRP E 47 45.38 1.44 -57.10
N ILE E 48 45.07 1.14 -58.35
CA ILE E 48 44.75 2.14 -59.37
C ILE E 48 43.44 1.68 -60.01
N GLY E 49 42.81 2.58 -60.75
CA GLY E 49 41.51 2.37 -61.35
C GLY E 49 41.24 1.01 -61.95
N TYR E 50 40.05 0.48 -61.67
CA TYR E 50 39.59 -0.80 -62.22
C TYR E 50 38.27 -0.54 -62.91
N ILE E 51 38.28 -0.61 -64.25
CA ILE E 51 37.08 -0.32 -65.00
C ILE E 51 36.24 -1.58 -65.12
N SER E 52 34.93 -1.42 -65.26
CA SER E 52 34.01 -2.53 -65.41
C SER E 52 33.90 -2.92 -66.87
N ASP E 53 32.98 -3.85 -67.15
CA ASP E 53 32.75 -4.28 -68.52
C ASP E 53 31.91 -3.29 -69.31
N ARG E 54 31.35 -2.28 -68.65
CA ARG E 54 30.47 -1.31 -69.30
C ARG E 54 31.04 0.11 -69.29
N GLU E 55 32.36 0.25 -69.15
CA GLU E 55 33.04 1.54 -69.17
C GLU E 55 32.51 2.46 -68.05
N SER E 56 32.74 2.03 -66.81
CA SER E 56 32.35 2.78 -65.64
C SER E 56 33.57 3.41 -64.98
N ALA E 57 33.35 4.11 -63.88
CA ALA E 57 34.41 4.80 -63.16
C ALA E 57 34.14 4.76 -61.66
N THR E 58 34.91 3.95 -60.94
CA THR E 58 34.90 3.91 -59.49
C THR E 58 36.30 3.53 -59.03
N TYR E 59 37.11 4.54 -58.74
CA TYR E 59 38.55 4.34 -58.71
C TYR E 59 39.07 4.73 -57.34
N ASN E 60 40.33 4.40 -57.07
CA ASN E 60 40.92 4.67 -55.76
C ASN E 60 40.95 6.16 -55.48
N PRO E 61 40.36 6.60 -54.36
CA PRO E 61 40.41 8.02 -54.00
C PRO E 61 41.83 8.49 -53.66
N SER E 62 42.72 7.53 -53.41
CA SER E 62 44.03 7.85 -52.86
C SER E 62 45.05 8.29 -53.90
N LEU E 63 44.62 8.61 -55.13
CA LEU E 63 45.59 9.19 -56.04
C LEU E 63 45.28 10.66 -56.30
N ASN E 64 44.23 10.93 -57.08
CA ASN E 64 43.41 12.13 -57.02
C ASN E 64 42.00 11.81 -57.53
N SER E 65 41.77 10.54 -57.88
CA SER E 65 40.77 10.17 -58.89
C SER E 65 41.05 10.93 -60.20
N ARG E 66 42.28 10.80 -60.67
CA ARG E 66 42.84 11.63 -61.73
C ARG E 66 42.92 10.94 -63.09
N VAL E 67 43.29 9.67 -63.13
CA VAL E 67 43.64 8.99 -64.37
C VAL E 67 42.37 8.37 -64.95
N VAL E 68 42.04 8.74 -66.19
CA VAL E 68 41.03 8.03 -66.95
C VAL E 68 41.69 6.86 -67.69
N ILE E 69 41.06 5.69 -67.61
CA ILE E 69 41.77 4.48 -68.01
C ILE E 69 41.00 3.69 -69.06
N SER E 70 41.52 2.51 -69.36
CA SER E 70 41.09 1.68 -70.47
C SER E 70 39.61 1.32 -70.43
N ARG E 71 39.00 1.28 -71.62
CA ARG E 71 37.87 0.41 -71.85
C ARG E 71 38.04 -0.40 -73.14
N ASP E 72 38.63 0.23 -74.16
CA ASP E 72 38.53 -0.25 -75.54
C ASP E 72 39.03 -1.67 -75.74
N THR E 73 38.29 -2.45 -76.54
CA THR E 73 38.66 -3.80 -76.88
C THR E 73 38.60 -4.02 -78.40
N SER E 74 39.16 -3.08 -79.16
CA SER E 74 39.09 -3.14 -80.62
C SER E 74 39.65 -4.45 -81.14
N LYS E 75 40.95 -4.68 -80.95
CA LYS E 75 41.48 -6.03 -81.13
C LYS E 75 42.01 -6.59 -79.81
N ASN E 76 43.05 -5.95 -79.27
CA ASN E 76 43.55 -6.27 -77.94
C ASN E 76 44.42 -5.15 -77.41
N GLN E 77 43.87 -4.27 -76.56
CA GLN E 77 44.63 -3.19 -75.94
C GLN E 77 43.84 -2.66 -74.75
N LEU E 78 44.55 -2.00 -73.84
CA LEU E 78 43.90 -1.33 -72.70
C LEU E 78 44.55 0.04 -72.54
N SER E 79 43.92 1.07 -73.11
CA SER E 79 44.56 2.37 -73.26
C SER E 79 44.27 3.29 -72.07
N LEU E 80 45.33 3.85 -71.49
CA LEU E 80 45.26 4.64 -70.27
C LEU E 80 45.41 6.12 -70.64
N LYS E 81 44.33 6.90 -70.49
CA LYS E 81 44.40 8.34 -70.77
C LYS E 81 44.68 9.10 -69.48
N LEU E 82 45.96 9.38 -69.22
CA LEU E 82 46.37 10.09 -68.00
C LEU E 82 46.71 11.53 -68.38
N ASN E 83 45.94 12.47 -67.82
CA ASN E 83 46.12 13.88 -68.08
C ASN E 83 46.70 14.59 -66.87
N SER E 84 47.43 15.68 -67.13
CA SER E 84 48.06 16.49 -66.08
C SER E 84 48.94 15.64 -65.17
N VAL E 85 49.96 15.05 -65.77
CA VAL E 85 50.87 14.16 -65.05
C VAL E 85 51.78 14.97 -64.15
N THR E 86 52.24 14.35 -63.08
CA THR E 86 53.19 14.94 -62.16
C THR E 86 54.29 13.94 -61.85
N PRO E 87 55.49 14.42 -61.50
CA PRO E 87 56.57 13.48 -61.15
C PRO E 87 56.26 12.60 -59.95
N ALA E 88 55.29 12.97 -59.12
CA ALA E 88 54.95 12.18 -57.94
C ALA E 88 54.35 10.82 -58.29
N ASP E 89 53.88 10.62 -59.51
CA ASP E 89 53.31 9.33 -59.93
C ASP E 89 54.11 8.71 -61.07
N THR E 90 55.43 8.84 -61.02
CA THR E 90 56.31 8.14 -61.93
C THR E 90 56.34 6.67 -61.52
N ALA E 91 55.95 5.78 -62.44
CA ALA E 91 55.62 4.42 -62.04
C ALA E 91 55.74 3.48 -63.24
N VAL E 92 55.79 2.19 -62.95
CA VAL E 92 55.61 1.14 -63.94
C VAL E 92 54.25 0.48 -63.70
N TYR E 93 53.49 0.30 -64.76
CA TYR E 93 52.10 -0.16 -64.67
C TYR E 93 52.02 -1.64 -65.04
N TYR E 94 51.34 -2.41 -64.18
CA TYR E 94 51.15 -3.84 -64.41
C TYR E 94 49.70 -4.10 -64.77
N CYS E 95 49.50 -4.86 -65.84
CA CYS E 95 48.17 -5.23 -66.31
C CYS E 95 47.75 -6.53 -65.65
N ALA E 96 46.71 -6.47 -64.82
CA ALA E 96 46.33 -7.60 -63.97
C ALA E 96 44.91 -8.02 -64.30
N THR E 97 44.47 -9.11 -63.68
CA THR E 97 43.11 -9.61 -63.86
C THR E 97 42.24 -9.18 -62.69
N ALA E 98 40.99 -8.83 -62.98
CA ALA E 98 40.02 -8.44 -61.96
C ALA E 98 38.78 -9.31 -62.09
N ARG E 99 38.34 -9.87 -60.97
CA ARG E 99 37.11 -10.66 -60.94
C ARG E 99 36.38 -10.36 -59.64
N ARG E 100 35.05 -10.53 -59.68
CA ARG E 100 34.19 -10.17 -58.57
C ARG E 100 33.55 -11.41 -57.96
N GLY E 101 33.67 -11.55 -56.64
CA GLY E 101 33.00 -12.60 -55.90
C GLY E 101 31.94 -12.02 -54.98
N GLN E 102 31.08 -12.91 -54.49
CA GLN E 102 29.98 -12.49 -53.64
C GLN E 102 29.88 -13.42 -52.43
N ARG E 103 29.80 -12.80 -51.26
CA ARG E 103 29.69 -13.54 -49.97
C ARG E 103 28.45 -13.04 -49.22
N ILE E 104 27.56 -13.97 -48.85
CA ILE E 104 26.33 -13.65 -48.15
C ILE E 104 26.35 -14.32 -46.78
N TYR E 105 25.94 -13.57 -45.75
CA TYR E 105 25.94 -14.07 -44.38
C TYR E 105 24.59 -13.84 -43.71
N GLY E 106 23.58 -13.45 -44.46
CA GLY E 106 22.26 -13.21 -43.90
C GLY E 106 21.16 -13.31 -44.92
N VAL E 107 20.15 -12.45 -44.83
CA VAL E 107 19.04 -12.46 -45.76
C VAL E 107 19.43 -11.70 -47.01
N VAL E 108 19.37 -12.37 -48.16
CA VAL E 108 19.74 -11.73 -49.42
C VAL E 108 18.74 -10.65 -49.79
N SER E 109 17.45 -10.89 -49.53
CA SER E 109 16.42 -9.93 -49.91
C SER E 109 16.52 -8.63 -49.11
N PHE E 110 17.28 -8.61 -48.01
CA PHE E 110 17.45 -7.41 -47.21
C PHE E 110 18.58 -6.52 -47.69
N GLY E 111 19.29 -6.90 -48.76
CA GLY E 111 20.42 -6.12 -49.23
C GLY E 111 21.57 -6.12 -48.24
N GLU E 112 22.12 -7.31 -47.94
CA GLU E 112 23.14 -7.45 -46.92
C GLU E 112 24.47 -7.99 -47.43
N PHE E 113 24.54 -8.44 -48.68
CA PHE E 113 25.76 -8.97 -49.23
C PHE E 113 26.71 -7.84 -49.60
N PHE E 114 28.01 -8.14 -49.55
CA PHE E 114 29.04 -7.23 -50.02
C PHE E 114 29.77 -7.89 -51.19
N TYR E 115 30.56 -7.09 -51.89
CA TYR E 115 31.27 -7.54 -53.08
C TYR E 115 32.77 -7.53 -52.80
N TYR E 116 33.43 -8.66 -53.04
CA TYR E 116 34.87 -8.78 -52.88
C TYR E 116 35.49 -9.28 -54.17
N TYR E 117 36.72 -8.84 -54.42
CA TYR E 117 37.41 -9.08 -55.69
C TYR E 117 38.64 -9.96 -55.47
N SER E 118 39.14 -10.52 -56.56
CA SER E 118 40.30 -11.41 -56.55
C SER E 118 41.13 -11.13 -57.79
N MET E 119 42.45 -11.14 -57.65
CA MET E 119 43.37 -10.74 -58.71
C MET E 119 44.32 -11.90 -59.00
N ASP E 120 44.02 -12.67 -60.04
CA ASP E 120 44.75 -13.92 -60.29
C ASP E 120 46.07 -13.68 -61.02
N VAL E 121 46.00 -13.16 -62.25
CA VAL E 121 47.18 -13.05 -63.10
C VAL E 121 47.55 -11.59 -63.28
N TRP E 122 48.83 -11.28 -63.07
CA TRP E 122 49.36 -9.92 -63.19
C TRP E 122 50.30 -9.85 -64.39
N GLY E 123 50.60 -8.62 -64.80
CA GLY E 123 51.41 -8.38 -65.97
C GLY E 123 52.89 -8.21 -65.67
N LYS E 124 53.65 -7.92 -66.73
CA LYS E 124 55.09 -7.72 -66.60
C LYS E 124 55.43 -6.27 -66.31
N GLY E 125 54.99 -5.36 -67.18
CA GLY E 125 55.17 -3.93 -66.96
C GLY E 125 56.38 -3.38 -67.68
N THR E 126 56.26 -2.15 -68.15
CA THR E 126 57.34 -1.42 -68.79
C THR E 126 57.56 -0.10 -68.07
N THR E 127 58.82 0.20 -67.77
CA THR E 127 59.14 1.38 -66.97
C THR E 127 58.79 2.65 -67.73
N VAL E 128 57.95 3.48 -67.12
CA VAL E 128 57.54 4.76 -67.70
C VAL E 128 57.95 5.86 -66.72
N THR E 129 58.68 6.85 -67.22
CA THR E 129 59.20 7.93 -66.39
C THR E 129 58.92 9.28 -67.04
N VAL E 130 58.78 10.30 -66.21
CA VAL E 130 58.53 11.66 -66.66
C VAL E 130 59.86 12.40 -66.72
N SER E 131 59.93 13.40 -67.60
CA SER E 131 61.13 14.19 -67.76
C SER E 131 61.01 15.53 -67.05
N VAL F 3 56.15 0.54 -41.45
CA VAL F 3 57.24 -0.21 -42.06
C VAL F 3 58.16 -0.76 -40.97
N ARG F 4 57.77 -1.88 -40.39
CA ARG F 4 58.53 -2.51 -39.31
C ARG F 4 59.20 -3.78 -39.80
N PRO F 5 60.52 -3.89 -39.76
CA PRO F 5 61.18 -5.16 -40.14
C PRO F 5 60.69 -6.29 -39.27
N LEU F 6 60.47 -7.44 -39.88
CA LEU F 6 59.65 -8.48 -39.25
C LEU F 6 59.85 -9.80 -39.98
N SER F 7 59.26 -10.86 -39.40
CA SER F 7 58.99 -12.19 -39.97
C SER F 7 59.95 -13.24 -39.44
N VAL F 8 60.67 -13.92 -40.34
CA VAL F 8 61.45 -15.09 -39.96
C VAL F 8 62.55 -15.29 -41.01
N ALA F 9 63.61 -16.02 -40.65
CA ALA F 9 64.76 -16.18 -41.52
C ALA F 9 65.43 -17.53 -41.30
N LEU F 10 66.32 -17.89 -42.23
CA LEU F 10 67.19 -19.05 -42.17
C LEU F 10 66.44 -20.39 -42.18
N GLY F 11 65.21 -20.39 -42.68
CA GLY F 11 64.57 -21.63 -43.09
C GLY F 11 63.92 -22.49 -42.02
N GLU F 12 64.03 -22.01 -40.77
CA GLU F 12 63.25 -22.57 -39.64
C GLU F 12 61.89 -21.91 -39.87
N THR F 13 60.79 -22.67 -39.90
CA THR F 13 59.57 -22.04 -40.36
C THR F 13 58.69 -21.64 -39.17
N ALA F 14 57.63 -20.90 -39.45
CA ALA F 14 56.64 -20.49 -38.46
C ALA F 14 55.30 -20.32 -39.14
N ARG F 15 54.35 -19.65 -38.49
CA ARG F 15 53.06 -19.36 -39.12
C ARG F 15 52.60 -17.95 -38.75
N ILE F 16 52.36 -17.12 -39.76
CA ILE F 16 52.12 -15.70 -39.55
C ILE F 16 50.64 -15.39 -39.71
N SER F 17 50.21 -14.34 -39.02
CA SER F 17 48.84 -13.84 -39.12
C SER F 17 48.88 -12.32 -39.13
N CYS F 18 48.09 -11.72 -40.02
CA CYS F 18 48.05 -10.27 -40.10
C CYS F 18 47.42 -9.67 -38.84
N GLY F 19 47.79 -8.43 -38.55
CA GLY F 19 47.40 -7.78 -37.31
C GLY F 19 45.98 -7.25 -37.27
N ARG F 20 45.24 -7.32 -38.36
CA ARG F 20 43.86 -6.84 -38.38
C ARG F 20 42.97 -7.76 -37.55
N GLN F 21 42.18 -7.16 -36.67
CA GLN F 21 41.24 -7.92 -35.86
C GLN F 21 40.10 -8.45 -36.71
N ALA F 22 39.65 -9.67 -36.40
CA ALA F 22 38.54 -10.29 -37.10
C ALA F 22 37.25 -9.56 -36.71
N LEU F 23 36.68 -8.82 -37.65
CA LEU F 23 35.47 -8.06 -37.43
C LEU F 23 34.45 -8.42 -38.50
N GLY F 24 33.19 -8.53 -38.10
CA GLY F 24 32.11 -8.84 -39.02
C GLY F 24 32.27 -10.18 -39.71
N SER F 25 32.53 -10.15 -41.01
CA SER F 25 32.81 -11.35 -41.79
C SER F 25 34.08 -11.12 -42.59
N ARG F 26 35.03 -12.05 -42.48
CA ARG F 26 36.34 -11.90 -43.08
C ARG F 26 36.46 -12.80 -44.30
N ALA F 27 36.90 -12.21 -45.42
CA ALA F 27 37.22 -12.94 -46.64
C ALA F 27 38.65 -12.55 -47.00
N VAL F 28 39.62 -13.28 -46.45
CA VAL F 28 41.02 -12.94 -46.59
C VAL F 28 41.61 -13.63 -47.82
N GLN F 29 42.53 -12.94 -48.49
CA GLN F 29 43.26 -13.51 -49.63
C GLN F 29 44.75 -13.30 -49.39
N TRP F 30 45.45 -14.36 -49.00
CA TRP F 30 46.90 -14.31 -48.89
C TRP F 30 47.53 -14.21 -50.26
N TYR F 31 48.72 -13.63 -50.32
CA TYR F 31 49.42 -13.41 -51.59
C TYR F 31 50.88 -13.81 -51.45
N GLN F 32 51.44 -14.34 -52.54
CA GLN F 32 52.87 -14.60 -52.64
C GLN F 32 53.49 -13.46 -53.44
N HIS F 33 54.23 -12.59 -52.77
CA HIS F 33 54.92 -11.52 -53.46
C HIS F 33 55.99 -12.11 -54.39
N ARG F 34 56.23 -11.42 -55.50
CA ARG F 34 57.28 -11.81 -56.44
C ARG F 34 58.02 -10.54 -56.87
N PRO F 35 59.22 -10.31 -56.35
CA PRO F 35 59.94 -9.05 -56.65
C PRO F 35 60.33 -8.99 -58.12
N GLY F 36 59.80 -7.98 -58.81
CA GLY F 36 60.18 -7.69 -60.18
C GLY F 36 59.25 -8.25 -61.23
N GLN F 37 58.35 -9.16 -60.86
CA GLN F 37 57.47 -9.78 -61.84
C GLN F 37 56.10 -10.01 -61.18
N ALA F 38 55.25 -10.75 -61.89
CA ALA F 38 53.86 -10.92 -61.45
C ALA F 38 53.79 -11.81 -60.21
N PRO F 39 53.07 -11.38 -59.17
CA PRO F 39 52.85 -12.27 -58.02
C PRO F 39 51.68 -13.21 -58.25
N ILE F 40 51.34 -14.01 -57.24
CA ILE F 40 50.20 -14.93 -57.31
C ILE F 40 49.47 -14.90 -55.98
N LEU F 41 48.14 -14.89 -56.04
CA LEU F 41 47.34 -15.00 -54.85
C LEU F 41 47.39 -16.43 -54.31
N LEU F 42 47.39 -16.55 -52.98
CA LEU F 42 47.43 -17.85 -52.34
C LEU F 42 46.07 -18.49 -52.16
N ILE F 43 45.11 -17.78 -51.59
CA ILE F 43 43.78 -18.32 -51.37
C ILE F 43 42.74 -17.25 -51.68
N TYR F 44 41.56 -17.71 -52.08
CA TYR F 44 40.38 -16.86 -52.19
C TYR F 44 39.22 -17.60 -51.54
N ASN F 45 38.30 -16.86 -50.94
CA ASN F 45 37.20 -17.39 -50.14
C ASN F 45 37.71 -18.08 -48.88
N ASN F 46 39.00 -17.94 -48.59
CA ASN F 46 39.68 -18.45 -47.39
C ASN F 46 39.83 -19.97 -47.40
N GLN F 47 39.15 -20.66 -48.31
CA GLN F 47 39.21 -22.11 -48.38
C GLN F 47 39.61 -22.64 -49.74
N ASP F 48 39.00 -22.15 -50.82
CA ASP F 48 39.11 -22.79 -52.12
C ASP F 48 40.45 -22.48 -52.78
N ARG F 49 41.21 -23.54 -53.05
CA ARG F 49 42.53 -23.53 -53.66
C ARG F 49 42.43 -23.11 -55.12
N PRO F 50 43.19 -22.09 -55.53
CA PRO F 50 43.06 -21.58 -56.91
C PRO F 50 43.32 -22.64 -57.96
N SER F 51 44.54 -23.20 -57.97
CA SER F 51 44.90 -24.24 -58.91
C SER F 51 46.26 -24.79 -58.52
N GLY F 52 46.37 -26.12 -58.50
CA GLY F 52 47.63 -26.83 -58.28
C GLY F 52 48.51 -26.26 -57.19
N ILE F 53 47.93 -25.93 -56.05
CA ILE F 53 48.70 -25.41 -54.92
C ILE F 53 48.87 -26.56 -53.93
N PRO F 54 50.07 -26.76 -53.37
CA PRO F 54 50.25 -27.83 -52.38
C PRO F 54 49.36 -27.59 -51.16
N GLU F 55 48.87 -28.67 -50.58
CA GLU F 55 48.03 -28.55 -49.40
C GLU F 55 48.87 -28.44 -48.13
N ARG F 56 49.59 -27.34 -48.01
CA ARG F 56 50.24 -26.91 -46.79
C ARG F 56 49.87 -25.44 -46.62
N PHE F 57 49.16 -24.92 -47.62
CA PHE F 57 48.79 -23.51 -47.69
C PHE F 57 47.34 -23.28 -47.26
N SER F 58 46.81 -24.10 -46.37
CA SER F 58 45.40 -24.00 -46.00
C SER F 58 45.15 -22.74 -45.18
N GLY F 59 43.88 -22.35 -45.13
CA GLY F 59 43.45 -21.18 -44.37
C GLY F 59 42.39 -21.56 -43.35
N THR F 60 42.28 -20.74 -42.30
CA THR F 60 41.35 -21.05 -41.22
C THR F 60 39.91 -20.91 -41.69
N PRO F 61 39.00 -21.74 -41.17
CA PRO F 61 37.59 -21.63 -41.55
C PRO F 61 36.88 -20.49 -40.80
N ASP F 62 35.86 -19.94 -41.45
CA ASP F 62 35.04 -18.87 -40.87
C ASP F 62 33.80 -19.44 -40.18
N ILE F 63 33.99 -20.39 -39.28
CA ILE F 63 32.91 -20.95 -38.47
C ILE F 63 33.16 -20.57 -37.02
N ASN F 64 32.08 -20.20 -36.32
CA ASN F 64 32.15 -19.73 -34.93
C ASN F 64 33.03 -18.47 -34.84
N PHE F 65 32.53 -17.41 -35.48
CA PHE F 65 33.24 -16.14 -35.56
C PHE F 65 33.84 -15.73 -34.22
N GLY F 66 35.07 -15.24 -34.28
CA GLY F 66 35.83 -14.89 -33.09
C GLY F 66 37.25 -15.40 -33.20
N THR F 67 37.51 -16.26 -34.18
CA THR F 67 38.81 -16.84 -34.40
C THR F 67 39.64 -15.97 -35.32
N ARG F 68 40.96 -16.05 -35.16
CA ARG F 68 41.90 -15.27 -35.96
C ARG F 68 42.16 -15.94 -37.30
N ALA F 69 42.66 -15.15 -38.25
CA ALA F 69 43.02 -15.63 -39.57
C ALA F 69 44.50 -16.00 -39.57
N THR F 70 44.79 -17.30 -39.61
CA THR F 70 46.16 -17.79 -39.52
C THR F 70 46.53 -18.56 -40.79
N LEU F 71 47.73 -18.31 -41.29
CA LEU F 71 48.26 -18.98 -42.47
C LEU F 71 49.42 -19.87 -42.06
N THR F 72 49.40 -21.12 -42.51
CA THR F 72 50.43 -22.09 -42.17
C THR F 72 51.35 -22.31 -43.35
N ILE F 73 52.66 -22.31 -43.09
CA ILE F 73 53.67 -22.50 -44.14
C ILE F 73 54.75 -23.45 -43.64
N SER F 74 55.46 -24.05 -44.58
CA SER F 74 56.62 -24.90 -44.35
C SER F 74 57.23 -25.27 -45.69
N GLY F 75 58.51 -25.65 -45.67
CA GLY F 75 59.22 -25.97 -46.90
C GLY F 75 59.32 -24.79 -47.84
N VAL F 76 60.11 -23.78 -47.45
CA VAL F 76 60.05 -22.49 -48.11
C VAL F 76 61.00 -22.42 -49.29
N GLU F 77 60.57 -21.67 -50.31
CA GLU F 77 61.40 -21.32 -51.45
C GLU F 77 61.65 -19.81 -51.36
N ALA F 78 62.28 -19.25 -52.40
CA ALA F 78 62.42 -17.80 -52.46
C ALA F 78 61.06 -17.12 -52.55
N GLY F 79 60.07 -17.81 -53.10
CA GLY F 79 58.72 -17.28 -53.10
C GLY F 79 58.19 -17.05 -51.69
N ASP F 80 58.35 -18.05 -50.81
CA ASP F 80 57.99 -17.85 -49.41
C ASP F 80 58.90 -16.83 -48.75
N GLU F 81 60.16 -16.76 -49.18
CA GLU F 81 61.07 -15.74 -48.69
C GLU F 81 60.62 -14.35 -49.08
N ALA F 82 59.74 -14.23 -50.08
CA ALA F 82 59.18 -12.93 -50.45
C ALA F 82 58.08 -12.55 -49.47
N ASP F 83 57.37 -11.47 -49.76
CA ASP F 83 56.45 -10.88 -48.79
C ASP F 83 55.10 -11.62 -48.77
N TYR F 84 54.41 -11.50 -47.65
CA TYR F 84 53.04 -11.97 -47.48
C TYR F 84 52.15 -10.76 -47.22
N TYR F 85 50.95 -10.77 -47.79
CA TYR F 85 49.99 -9.68 -47.62
C TYR F 85 48.64 -10.24 -47.19
N CYS F 86 47.97 -9.50 -46.31
CA CYS F 86 46.68 -9.90 -45.75
C CYS F 86 45.61 -8.97 -46.29
N HIS F 87 45.03 -9.34 -47.43
CA HIS F 87 43.92 -8.59 -48.00
C HIS F 87 42.62 -9.09 -47.38
N MET F 88 42.07 -8.33 -46.44
CA MET F 88 40.87 -8.73 -45.72
C MET F 88 39.66 -7.99 -46.27
N TRP F 89 38.58 -8.74 -46.52
CA TRP F 89 37.32 -8.20 -46.99
C TRP F 89 36.31 -8.31 -45.85
N ASP F 90 35.78 -7.17 -45.43
CA ASP F 90 34.89 -7.12 -44.28
C ASP F 90 33.65 -6.31 -44.62
N SER F 91 32.54 -6.68 -43.96
CA SER F 91 31.25 -6.06 -44.27
C SER F 91 31.15 -4.66 -43.67
N ARG F 92 31.43 -4.53 -42.37
CA ARG F 92 31.22 -3.25 -41.70
C ARG F 92 32.26 -2.21 -42.07
N SER F 93 33.49 -2.63 -42.39
CA SER F 93 34.51 -1.67 -42.81
C SER F 93 34.23 -1.10 -44.19
N GLY F 94 33.24 -1.63 -44.91
CA GLY F 94 32.98 -1.15 -46.26
C GLY F 94 34.01 -1.67 -47.24
N PHE F 95 34.23 -0.89 -48.30
CA PHE F 95 35.19 -1.29 -49.31
C PHE F 95 36.62 -1.07 -48.79
N SER F 96 37.25 -2.13 -48.33
CA SER F 96 38.60 -2.05 -47.75
C SER F 96 39.60 -1.78 -48.87
N TRP F 97 40.07 -0.53 -48.95
CA TRP F 97 41.01 -0.11 -49.98
C TRP F 97 42.41 -0.66 -49.71
N SER F 98 42.84 -0.61 -48.46
CA SER F 98 44.18 -1.03 -48.07
C SER F 98 44.41 -2.51 -48.35
N PHE F 99 45.60 -2.85 -48.86
CA PHE F 99 45.92 -4.24 -49.15
C PHE F 99 46.30 -5.03 -47.91
N GLY F 100 46.67 -4.36 -46.82
CA GLY F 100 47.05 -5.05 -45.60
C GLY F 100 48.52 -4.86 -45.26
N GLY F 101 48.91 -5.36 -44.09
CA GLY F 101 50.30 -5.21 -43.68
C GLY F 101 51.23 -6.06 -44.54
N ALA F 102 52.45 -5.56 -44.72
CA ALA F 102 53.47 -6.23 -45.51
C ALA F 102 54.43 -6.96 -44.58
N THR F 103 54.73 -8.22 -44.90
CA THR F 103 55.63 -9.04 -44.09
C THR F 103 56.87 -9.36 -44.93
N ARG F 104 57.92 -8.54 -44.76
CA ARG F 104 59.15 -8.70 -45.53
C ARG F 104 60.09 -9.63 -44.77
N LEU F 105 60.49 -10.72 -45.41
CA LEU F 105 61.40 -11.70 -44.81
C LEU F 105 62.84 -11.24 -45.05
N THR F 106 63.51 -10.85 -43.97
CA THR F 106 64.91 -10.45 -44.02
C THR F 106 65.77 -11.59 -43.49
N VAL F 107 66.76 -12.02 -44.27
CA VAL F 107 67.55 -13.19 -43.95
C VAL F 107 69.03 -12.89 -44.18
N LEU F 108 69.86 -13.40 -43.28
CA LEU F 108 71.31 -13.30 -43.39
C LEU F 108 71.95 -14.57 -42.85
N GLY F 109 72.70 -15.25 -43.70
CA GLY F 109 73.35 -16.49 -43.33
C GLY F 109 74.45 -16.31 -42.30
N ASN G 3 -41.56 -27.04 41.57
CA ASN G 3 -41.31 -25.99 42.54
C ASN G 3 -39.85 -25.53 42.51
N ASN G 4 -39.10 -26.03 41.53
CA ASN G 4 -37.71 -25.69 41.34
C ASN G 4 -37.48 -25.21 39.92
N LEU G 5 -36.40 -24.44 39.73
CA LEU G 5 -36.11 -23.82 38.45
C LEU G 5 -34.91 -24.50 37.78
N TRP G 6 -34.90 -24.45 36.45
CA TRP G 6 -33.84 -25.04 35.66
C TRP G 6 -33.33 -24.03 34.64
N VAL G 7 -32.06 -24.15 34.28
CA VAL G 7 -31.45 -23.21 33.36
C VAL G 7 -32.05 -23.37 31.97
N THR G 8 -32.44 -22.25 31.36
CA THR G 8 -32.98 -22.24 30.01
C THR G 8 -32.20 -21.22 29.19
N VAL G 9 -31.59 -21.68 28.09
CA VAL G 9 -30.74 -20.82 27.28
C VAL G 9 -31.59 -20.10 26.25
N TYR G 10 -31.44 -18.78 26.18
CA TYR G 10 -32.15 -17.94 25.22
C TYR G 10 -31.15 -17.31 24.26
N TYR G 11 -31.48 -17.35 22.97
CA TYR G 11 -30.65 -16.72 21.93
C TYR G 11 -31.48 -15.65 21.24
N GLY G 12 -30.98 -14.42 21.27
CA GLY G 12 -31.66 -13.29 20.70
C GLY G 12 -32.26 -12.32 21.69
N VAL G 13 -31.78 -12.29 22.93
CA VAL G 13 -32.32 -11.40 23.96
C VAL G 13 -31.95 -9.96 23.63
N PRO G 14 -32.80 -9.00 23.96
CA PRO G 14 -32.49 -7.57 23.70
C PRO G 14 -31.56 -6.97 24.76
N VAL G 15 -30.28 -7.29 24.65
CA VAL G 15 -29.26 -6.81 25.58
C VAL G 15 -28.13 -6.20 24.76
N TRP G 16 -27.73 -4.98 25.12
CA TRP G 16 -26.67 -4.28 24.41
C TRP G 16 -25.63 -3.78 25.42
N ARG G 17 -24.42 -3.58 24.92
CA ARG G 17 -23.32 -3.08 25.74
C ARG G 17 -22.50 -2.10 24.92
N ASP G 18 -22.01 -1.05 25.58
CA ASP G 18 -21.21 -0.04 24.90
C ASP G 18 -19.97 -0.66 24.27
N ALA G 19 -19.72 -0.30 23.01
CA ALA G 19 -18.56 -0.81 22.30
C ALA G 19 -18.25 0.12 21.14
N ASP G 20 -17.00 0.02 20.66
CA ASP G 20 -16.54 0.80 19.52
C ASP G 20 -16.08 -0.15 18.42
N THR G 21 -16.57 0.08 17.21
CA THR G 21 -16.22 -0.77 16.07
C THR G 21 -15.97 0.12 14.85
N THR G 22 -15.60 -0.52 13.75
CA THR G 22 -15.32 0.19 12.50
C THR G 22 -16.58 0.22 11.65
N LEU G 23 -17.06 1.43 11.36
CA LEU G 23 -18.26 1.63 10.56
C LEU G 23 -17.87 1.91 9.11
N PHE G 24 -18.50 1.20 8.18
CA PHE G 24 -18.19 1.35 6.77
C PHE G 24 -19.05 2.45 6.16
N CYS G 25 -18.94 2.60 4.84
CA CYS G 25 -19.61 3.67 4.11
C CYS G 25 -20.85 3.14 3.39
N ALA G 26 -21.82 4.03 3.23
CA ALA G 26 -23.11 3.70 2.59
C ALA G 26 -23.62 4.97 1.89
N SER G 27 -23.46 5.04 0.57
CA SER G 27 -23.83 6.24 -0.15
C SER G 27 -25.04 5.96 -1.03
N ASP G 28 -25.87 7.00 -1.23
CA ASP G 28 -26.98 6.91 -2.18
C ASP G 28 -26.40 6.66 -3.57
N ALA G 29 -26.86 5.60 -4.23
CA ALA G 29 -26.16 5.07 -5.40
C ALA G 29 -26.09 6.08 -6.53
N LYS G 30 -24.90 6.65 -6.72
CA LYS G 30 -24.57 7.51 -7.85
C LYS G 30 -23.90 6.71 -8.96
N ALA G 31 -23.16 7.41 -9.81
CA ALA G 31 -22.51 6.75 -10.97
C ALA G 31 -23.21 7.21 -12.24
N TYR G 32 -24.51 7.52 -12.18
CA TYR G 32 -25.13 7.98 -13.42
C TYR G 32 -24.93 9.48 -13.47
N GLU G 33 -23.99 9.94 -12.64
CA GLU G 33 -23.41 11.29 -12.66
C GLU G 33 -22.15 11.31 -13.52
N THR G 34 -22.12 10.48 -14.57
CA THR G 34 -20.94 10.09 -15.32
C THR G 34 -20.06 9.25 -14.41
N GLU G 35 -18.81 9.64 -14.18
CA GLU G 35 -18.02 8.96 -13.17
C GLU G 35 -17.67 9.92 -12.04
N VAL G 36 -16.97 11.00 -12.38
CA VAL G 36 -16.71 12.13 -11.48
C VAL G 36 -16.25 11.63 -10.11
N HIS G 37 -15.00 11.15 -10.04
CA HIS G 37 -14.50 10.65 -8.77
C HIS G 37 -14.33 11.79 -7.79
N ASN G 38 -15.29 11.91 -6.85
CA ASN G 38 -15.22 12.96 -5.84
C ASN G 38 -14.19 12.60 -4.78
N VAL G 39 -13.85 13.55 -3.93
CA VAL G 39 -12.86 13.30 -2.88
C VAL G 39 -13.35 12.20 -1.95
N TRP G 40 -14.62 12.26 -1.56
CA TRP G 40 -15.19 11.19 -0.73
C TRP G 40 -15.70 10.10 -1.67
N ALA G 41 -14.80 9.22 -2.08
CA ALA G 41 -15.04 8.29 -3.19
C ALA G 41 -16.39 7.61 -3.10
N THR G 42 -17.24 7.85 -4.11
CA THR G 42 -18.49 7.10 -4.22
C THR G 42 -18.20 5.61 -4.40
N HIS G 43 -17.18 5.32 -5.22
CA HIS G 43 -16.69 3.96 -5.40
C HIS G 43 -16.10 3.46 -4.09
N ALA G 44 -16.13 2.13 -3.93
CA ALA G 44 -15.72 1.42 -2.72
C ALA G 44 -16.68 1.69 -1.57
N CYS G 45 -17.66 2.57 -1.79
CA CYS G 45 -18.82 2.65 -0.91
C CYS G 45 -19.88 1.73 -1.48
N VAL G 46 -19.54 0.44 -1.57
CA VAL G 46 -20.39 -0.51 -2.32
C VAL G 46 -21.82 -0.56 -1.79
N PRO G 47 -22.07 -0.65 -0.48
CA PRO G 47 -23.47 -0.78 -0.04
C PRO G 47 -24.30 0.45 -0.38
N THR G 48 -25.23 0.29 -1.32
CA THR G 48 -26.22 1.32 -1.58
C THR G 48 -27.32 1.22 -0.53
N ASP G 49 -27.62 2.33 0.12
CA ASP G 49 -28.54 2.29 1.25
C ASP G 49 -29.93 1.85 0.79
N PRO G 50 -30.48 0.78 1.37
CA PRO G 50 -31.85 0.38 1.04
C PRO G 50 -32.86 1.22 1.79
N ASN G 51 -34.13 0.84 1.72
CA ASN G 51 -35.15 1.55 2.48
C ASN G 51 -34.80 1.53 3.96
N PRO G 52 -34.79 2.69 4.63
CA PRO G 52 -34.43 2.71 6.05
C PRO G 52 -35.28 1.74 6.86
N GLN G 53 -34.61 1.00 7.74
CA GLN G 53 -35.25 -0.04 8.55
C GLN G 53 -35.29 0.46 9.99
N GLU G 54 -36.34 1.19 10.32
CA GLU G 54 -36.50 1.76 11.65
C GLU G 54 -37.07 0.72 12.61
N MET G 55 -36.76 0.91 13.89
CA MET G 55 -37.32 0.07 14.94
C MET G 55 -37.26 0.86 16.24
N HIS G 56 -38.41 1.31 16.72
CA HIS G 56 -38.49 2.11 17.94
C HIS G 56 -38.48 1.21 19.17
N LEU G 57 -37.72 1.63 20.18
CA LEU G 57 -37.60 0.91 21.43
C LEU G 57 -38.50 1.57 22.48
N LYS G 58 -39.49 0.84 22.97
CA LYS G 58 -40.45 1.39 23.91
C LYS G 58 -39.91 1.33 25.33
N ASN G 59 -40.07 2.43 26.06
CA ASN G 59 -39.67 2.53 27.46
C ASN G 59 -38.20 2.17 27.65
N VAL G 60 -37.35 2.68 26.76
CA VAL G 60 -35.91 2.47 26.83
C VAL G 60 -35.26 3.83 27.02
N THR G 61 -34.51 3.98 28.11
CA THR G 61 -33.79 5.22 28.41
C THR G 61 -32.30 4.90 28.42
N GLU G 62 -31.57 5.45 27.45
CA GLU G 62 -30.14 5.21 27.30
C GLU G 62 -29.39 6.52 27.44
N ASN G 63 -28.33 6.50 28.24
CA ASN G 63 -27.50 7.69 28.42
C ASN G 63 -26.69 7.97 27.16
N PHE G 64 -26.57 9.25 26.81
CA PHE G 64 -25.83 9.68 25.64
C PHE G 64 -24.78 10.70 26.07
N ASN G 65 -23.61 10.64 25.42
CA ASN G 65 -22.53 11.59 25.68
C ASN G 65 -21.85 11.90 24.35
N MET G 66 -22.21 13.04 23.76
CA MET G 66 -21.71 13.40 22.45
C MET G 66 -20.21 13.69 22.44
N TRP G 67 -19.65 14.10 23.56
CA TRP G 67 -18.25 14.50 23.63
C TRP G 67 -17.29 13.33 23.85
N LYS G 68 -17.79 12.16 24.17
CA LYS G 68 -16.96 10.95 24.26
C LYS G 68 -17.31 9.94 23.19
N ASN G 69 -18.03 10.34 22.15
CA ASN G 69 -18.43 9.43 21.10
C ASN G 69 -17.24 9.10 20.21
N ASN G 70 -17.13 7.83 19.83
CA ASN G 70 -16.07 7.38 18.93
C ASN G 70 -16.44 7.53 17.46
N MET G 71 -17.71 7.80 17.16
CA MET G 71 -18.14 7.95 15.78
C MET G 71 -17.52 9.20 15.15
N VAL G 72 -17.29 10.23 15.95
CA VAL G 72 -16.66 11.44 15.43
C VAL G 72 -15.22 11.17 15.03
N GLU G 73 -14.50 10.39 15.84
CA GLU G 73 -13.13 10.05 15.50
C GLU G 73 -13.08 9.11 14.30
N GLN G 74 -13.99 8.14 14.26
CA GLN G 74 -14.22 7.34 13.07
C GLN G 74 -14.23 8.25 11.86
N MET G 75 -15.19 9.18 11.85
CA MET G 75 -15.37 10.03 10.68
C MET G 75 -14.14 10.85 10.39
N HIS G 76 -13.51 11.44 11.41
CA HIS G 76 -12.38 12.34 11.18
C HIS G 76 -11.20 11.59 10.54
N GLU G 77 -10.87 10.42 11.07
CA GLU G 77 -9.80 9.63 10.46
C GLU G 77 -10.15 9.24 9.03
N ASP G 78 -11.40 8.86 8.79
CA ASP G 78 -11.81 8.55 7.42
C ASP G 78 -11.72 9.79 6.53
N ILE G 79 -12.03 10.97 7.05
CA ILE G 79 -11.93 12.20 6.26
C ILE G 79 -10.48 12.41 5.81
N ILE G 80 -9.55 12.35 6.76
CA ILE G 80 -8.15 12.61 6.42
C ILE G 80 -7.63 11.56 5.45
N SER G 81 -7.95 10.29 5.72
CA SER G 81 -7.48 9.22 4.85
C SER G 81 -8.05 9.36 3.45
N LEU G 82 -9.33 9.70 3.33
CA LEU G 82 -9.93 9.87 2.02
C LEU G 82 -9.32 11.04 1.26
N TRP G 83 -9.03 12.14 1.97
CA TRP G 83 -8.42 13.29 1.31
C TRP G 83 -7.03 12.94 0.77
N ASP G 84 -6.23 12.26 1.58
CA ASP G 84 -4.91 11.83 1.11
C ASP G 84 -5.02 10.88 -0.07
N GLN G 85 -5.94 9.91 0.02
CA GLN G 85 -6.14 8.96 -1.08
C GLN G 85 -6.55 9.68 -2.35
N SER G 86 -7.42 10.68 -2.22
CA SER G 86 -7.92 11.38 -3.40
C SER G 86 -6.82 12.18 -4.08
N LEU G 87 -6.03 12.93 -3.31
CA LEU G 87 -5.03 13.79 -3.97
C LEU G 87 -3.71 13.10 -4.24
N LYS G 88 -3.51 11.87 -3.76
CA LYS G 88 -2.21 11.22 -3.94
C LYS G 88 -1.84 10.92 -5.39
N PRO G 89 -2.68 10.22 -6.20
CA PRO G 89 -2.21 9.62 -7.45
C PRO G 89 -2.26 10.53 -8.68
N CYS G 90 -1.75 11.75 -8.54
CA CYS G 90 -1.61 12.66 -9.67
C CYS G 90 -0.63 13.78 -9.29
N VAL G 91 -0.60 14.84 -10.10
CA VAL G 91 0.52 15.80 -10.20
C VAL G 91 1.15 16.16 -8.86
N LYS G 92 2.49 16.04 -8.78
CA LYS G 92 3.19 16.23 -7.52
C LYS G 92 3.52 17.69 -7.27
N LEU G 93 3.96 18.41 -8.30
CA LEU G 93 4.14 19.87 -8.26
C LEU G 93 5.19 20.30 -7.23
N THR G 94 6.31 19.60 -7.16
CA THR G 94 7.36 20.02 -6.23
C THR G 94 8.22 21.19 -6.73
N PRO G 95 8.49 21.37 -8.09
CA PRO G 95 9.37 22.46 -8.52
C PRO G 95 8.71 23.84 -8.47
N LEU G 96 8.20 24.21 -7.29
CA LEU G 96 7.45 25.46 -7.16
C LEU G 96 8.07 26.44 -6.18
N CYS G 97 8.84 25.98 -5.21
CA CYS G 97 9.43 26.89 -4.23
C CYS G 97 10.65 27.58 -4.81
N VAL G 98 10.46 28.78 -5.37
CA VAL G 98 11.53 29.57 -5.97
C VAL G 98 11.35 31.02 -5.55
N THR G 99 12.24 31.87 -6.03
CA THR G 99 12.10 33.31 -5.80
C THR G 99 11.13 33.87 -6.84
N LEU G 100 10.05 34.48 -6.35
CA LEU G 100 9.00 35.01 -7.21
C LEU G 100 9.24 36.51 -7.40
N ASN G 101 9.72 36.88 -8.59
CA ASN G 101 10.02 38.27 -8.92
C ASN G 101 8.70 39.00 -9.26
N CYS G 102 7.92 39.26 -8.22
CA CYS G 102 6.61 39.87 -8.38
C CYS G 102 6.75 41.39 -8.52
N THR G 103 5.62 42.06 -8.75
CA THR G 103 5.61 43.50 -8.88
C THR G 103 5.53 44.18 -7.52
N ASP G 126 -6.36 42.66 -5.38
CA ASP G 126 -5.11 42.14 -4.84
C ASP G 126 -4.23 41.58 -5.96
N VAL G 127 -3.71 40.36 -5.72
CA VAL G 127 -2.84 39.55 -6.58
C VAL G 127 -1.61 40.32 -7.05
N ARG G 128 -0.60 39.57 -7.50
CA ARG G 128 0.61 40.16 -8.06
C ARG G 128 1.02 39.39 -9.30
N ASN G 129 1.59 40.10 -10.27
CA ASN G 129 2.13 39.49 -11.47
C ASN G 129 3.56 39.04 -11.16
N CYS G 130 3.76 37.74 -11.04
CA CYS G 130 5.03 37.19 -10.61
C CYS G 130 5.69 36.42 -11.74
N SER G 131 7.02 36.51 -11.80
CA SER G 131 7.81 35.82 -12.80
C SER G 131 8.84 34.93 -12.12
N PHE G 132 9.01 33.72 -12.64
CA PHE G 132 9.94 32.77 -12.04
C PHE G 132 10.43 31.82 -13.12
N ASN G 133 11.59 31.21 -12.85
CA ASN G 133 12.20 30.25 -13.78
C ASN G 133 11.67 28.86 -13.44
N MET G 134 10.90 28.28 -14.37
CA MET G 134 10.23 27.02 -14.17
C MET G 134 10.82 25.95 -15.08
N THR G 135 10.90 24.73 -14.55
CA THR G 135 11.37 23.59 -15.33
C THR G 135 10.31 23.20 -16.36
N THR G 136 10.73 23.09 -17.62
CA THR G 136 9.85 22.74 -18.72
C THR G 136 9.89 21.23 -18.96
N GLU G 137 9.39 20.80 -20.13
CA GLU G 137 9.36 19.38 -20.48
C GLU G 137 10.73 18.72 -20.29
N LEU G 138 11.79 19.39 -20.72
CA LEU G 138 13.11 18.78 -20.73
C LEU G 138 13.95 19.23 -19.55
N ARG G 139 14.96 18.43 -19.22
CA ARG G 139 15.85 18.73 -18.12
C ARG G 139 16.79 19.88 -18.46
N ASP G 140 17.15 20.02 -19.73
CA ASP G 140 18.11 21.04 -20.14
C ASP G 140 17.47 22.42 -20.19
N LYS G 141 16.29 22.51 -20.80
CA LYS G 141 15.68 23.80 -21.07
C LYS G 141 15.12 24.42 -19.78
N GLN G 142 14.89 25.73 -19.84
CA GLN G 142 14.26 26.49 -18.76
C GLN G 142 13.33 27.51 -19.38
N GLN G 143 12.14 27.66 -18.79
CA GLN G 143 11.13 28.56 -19.31
C GLN G 143 10.78 29.62 -18.28
N LYS G 144 10.48 30.82 -18.76
CA LYS G 144 10.07 31.92 -17.90
C LYS G 144 8.54 31.99 -17.89
N VAL G 145 7.95 31.88 -16.71
CA VAL G 145 6.51 31.76 -16.55
C VAL G 145 6.00 32.96 -15.76
N TYR G 146 4.98 33.64 -16.30
CA TYR G 146 4.30 34.72 -15.63
C TYR G 146 2.96 34.22 -15.14
N ALA G 147 2.72 34.32 -13.84
CA ALA G 147 1.50 33.80 -13.23
C ALA G 147 0.98 34.79 -12.20
N LEU G 148 -0.32 34.73 -11.96
CA LEU G 148 -0.98 35.58 -10.96
C LEU G 148 -1.18 34.76 -9.69
N PHE G 149 -0.63 35.26 -8.59
CA PHE G 149 -0.75 34.61 -7.30
C PHE G 149 -1.41 35.56 -6.31
N TYR G 150 -2.34 35.04 -5.52
CA TYR G 150 -3.04 35.86 -4.55
C TYR G 150 -2.11 36.27 -3.42
N LYS G 151 -2.40 37.44 -2.83
CA LYS G 151 -1.52 38.01 -1.82
C LYS G 151 -1.43 37.13 -0.58
N LEU G 152 -2.48 36.36 -0.30
CA LEU G 152 -2.45 35.47 0.86
C LEU G 152 -1.37 34.40 0.69
N ASP G 153 -1.23 33.86 -0.52
CA ASP G 153 -0.23 32.84 -0.76
C ASP G 153 1.19 33.41 -0.80
N ILE G 154 1.31 34.67 -1.22
CA ILE G 154 2.62 35.31 -1.36
C ILE G 154 3.17 35.70 0.01
N VAL G 155 4.47 35.46 0.21
CA VAL G 155 5.13 35.77 1.46
C VAL G 155 6.36 36.63 1.19
N PRO G 156 6.56 37.74 1.91
CA PRO G 156 7.76 38.54 1.71
C PRO G 156 9.02 37.80 2.13
N ILE G 157 10.13 38.15 1.47
CA ILE G 157 11.42 37.57 1.80
C ILE G 157 12.54 38.59 1.58
N SER G 165 14.13 49.82 -1.45
CA SER G 165 14.16 51.00 -2.30
C SER G 165 14.17 50.61 -3.78
N SER G 166 13.13 49.90 -4.19
CA SER G 166 12.99 49.44 -5.57
C SER G 166 11.52 49.48 -5.95
N ASN G 167 11.20 48.93 -7.12
CA ASN G 167 9.83 48.91 -7.62
C ASN G 167 9.33 47.50 -7.92
N PHE G 168 10.22 46.54 -8.19
CA PHE G 168 9.86 45.13 -8.30
C PHE G 168 10.45 44.39 -7.11
N SER G 169 9.60 43.70 -6.36
CA SER G 169 10.02 42.97 -5.18
C SER G 169 10.07 41.47 -5.49
N GLU G 170 10.66 40.72 -4.57
CA GLU G 170 10.87 39.30 -4.74
C GLU G 170 10.27 38.55 -3.55
N TYR G 171 9.58 37.45 -3.82
CA TYR G 171 8.70 36.84 -2.83
C TYR G 171 8.86 35.33 -2.85
N ARG G 172 8.04 34.65 -2.03
CA ARG G 172 8.01 33.19 -1.97
C ARG G 172 6.63 32.76 -1.51
N LEU G 173 6.41 31.44 -1.51
CA LEU G 173 5.10 30.88 -1.19
C LEU G 173 4.86 30.83 0.32
N ILE G 174 3.61 30.55 0.69
CA ILE G 174 3.22 30.56 2.10
C ILE G 174 3.82 29.37 2.84
N ASN G 175 3.85 28.20 2.21
CA ASN G 175 4.22 26.97 2.89
C ASN G 175 5.40 26.29 2.22
N CYS G 176 6.44 27.07 1.91
CA CYS G 176 7.68 26.49 1.41
C CYS G 176 8.56 25.94 2.52
N ASN G 177 8.19 26.14 3.78
CA ASN G 177 8.91 25.58 4.91
C ASN G 177 8.19 24.41 5.57
N THR G 178 6.92 24.18 5.24
CA THR G 178 6.18 23.10 5.89
C THR G 178 6.21 21.81 5.07
N SER G 179 5.72 21.85 3.84
CA SER G 179 5.64 20.66 2.99
C SER G 179 5.50 21.12 1.54
N VAL G 180 5.64 20.17 0.62
CA VAL G 180 5.53 20.48 -0.79
C VAL G 180 4.08 20.77 -1.16
N ILE G 181 3.91 21.53 -2.23
CA ILE G 181 2.59 21.92 -2.74
C ILE G 181 2.17 20.93 -3.81
N LYS G 182 0.94 20.43 -3.71
CA LYS G 182 0.41 19.41 -4.61
C LYS G 182 -0.92 19.87 -5.18
N GLN G 183 -1.12 19.65 -6.48
CA GLN G 183 -2.37 20.03 -7.15
C GLN G 183 -3.55 19.24 -6.61
N ALA G 184 -4.75 19.84 -6.64
CA ALA G 184 -5.92 19.03 -6.22
C ALA G 184 -5.79 17.82 -7.13
N CYS G 185 -6.67 17.67 -8.12
CA CYS G 185 -6.32 16.65 -9.12
C CYS G 185 -7.17 16.98 -10.34
N PRO G 186 -6.72 16.71 -11.58
CA PRO G 186 -7.42 17.22 -12.77
C PRO G 186 -8.93 17.03 -12.81
N LYS G 187 -9.41 15.78 -12.84
CA LYS G 187 -10.84 15.52 -12.72
C LYS G 187 -11.24 14.95 -11.36
N VAL G 188 -11.14 15.75 -10.31
CA VAL G 188 -11.71 15.34 -9.02
C VAL G 188 -12.58 16.49 -8.51
N SER G 189 -13.82 16.19 -8.18
CA SER G 189 -14.78 17.20 -7.75
C SER G 189 -14.78 17.29 -6.23
N PHE G 190 -15.07 18.49 -5.75
CA PHE G 190 -15.07 18.77 -4.31
C PHE G 190 -16.48 18.83 -3.75
N ASP G 191 -17.47 18.35 -4.51
CA ASP G 191 -18.85 18.41 -4.05
C ASP G 191 -19.07 17.38 -2.95
N PRO G 192 -19.47 17.78 -1.75
CA PRO G 192 -19.74 16.80 -0.68
C PRO G 192 -21.12 16.18 -0.86
N ILE G 193 -21.17 14.85 -0.81
CA ILE G 193 -22.42 14.12 -0.96
C ILE G 193 -22.77 13.48 0.38
N PRO G 194 -24.05 13.21 0.66
CA PRO G 194 -24.40 12.55 1.93
C PRO G 194 -23.75 11.19 2.04
N ILE G 195 -23.33 10.85 3.25
CA ILE G 195 -22.68 9.56 3.54
C ILE G 195 -23.41 8.91 4.70
N HIS G 196 -23.71 7.62 4.56
CA HIS G 196 -24.39 6.86 5.59
C HIS G 196 -23.40 5.93 6.27
N TYR G 197 -23.57 5.73 7.58
CA TYR G 197 -22.64 4.98 8.40
C TYR G 197 -23.37 3.81 9.07
N CYS G 198 -23.42 2.67 8.39
CA CYS G 198 -23.94 1.47 9.03
C CYS G 198 -22.84 0.74 9.80
N THR G 199 -23.29 -0.22 10.62
CA THR G 199 -22.47 -1.08 11.43
C THR G 199 -22.61 -2.53 10.98
N PRO G 200 -21.61 -3.37 11.22
CA PRO G 200 -21.72 -4.78 10.84
C PRO G 200 -22.78 -5.50 11.66
N ALA G 201 -23.02 -6.76 11.29
CA ALA G 201 -23.95 -7.59 12.02
C ALA G 201 -23.45 -7.80 13.45
N GLY G 202 -24.39 -7.83 14.40
CA GLY G 202 -24.05 -7.92 15.80
C GLY G 202 -23.88 -6.59 16.49
N TYR G 203 -23.96 -5.48 15.78
CA TYR G 203 -23.88 -4.14 16.34
C TYR G 203 -25.12 -3.34 15.95
N ALA G 204 -25.30 -2.20 16.60
CA ALA G 204 -26.44 -1.35 16.34
C ALA G 204 -26.10 0.08 16.71
N ILE G 205 -26.92 1.01 16.21
CA ILE G 205 -26.77 2.43 16.47
C ILE G 205 -28.06 2.92 17.13
N LEU G 206 -27.91 3.62 18.25
CA LEU G 206 -29.05 4.16 18.99
C LEU G 206 -29.19 5.64 18.67
N ARG G 207 -30.34 6.03 18.16
CA ARG G 207 -30.64 7.41 17.78
C ARG G 207 -31.58 8.00 18.83
N CYS G 208 -31.26 9.20 19.31
CA CYS G 208 -31.96 9.75 20.46
C CYS G 208 -33.39 10.16 20.10
N ASN G 209 -33.56 10.89 18.99
CA ASN G 209 -34.88 11.37 18.57
C ASN G 209 -35.55 12.23 19.63
N ASP G 210 -34.77 12.95 20.41
CA ASP G 210 -35.27 13.77 21.51
C ASP G 210 -35.20 15.24 21.12
N LYS G 211 -36.31 15.95 21.33
CA LYS G 211 -36.35 17.37 21.01
C LYS G 211 -35.54 18.17 22.01
N LYS G 212 -34.82 19.18 21.51
CA LYS G 212 -33.95 20.02 22.33
C LYS G 212 -32.97 19.18 23.14
N PHE G 213 -32.35 18.21 22.48
CA PHE G 213 -31.38 17.35 23.13
C PHE G 213 -30.05 18.10 23.30
N ASN G 214 -29.59 18.19 24.54
CA ASN G 214 -28.34 18.87 24.85
C ASN G 214 -27.10 18.02 24.56
N GLY G 215 -27.27 16.77 24.13
CA GLY G 215 -26.17 15.93 23.76
C GLY G 215 -25.59 15.11 24.90
N THR G 216 -25.89 15.47 26.14
CA THR G 216 -25.44 14.73 27.31
C THR G 216 -26.63 14.49 28.23
N GLY G 217 -26.73 13.27 28.75
CA GLY G 217 -27.81 12.92 29.64
C GLY G 217 -28.73 11.86 29.05
N PRO G 218 -29.75 11.48 29.82
CA PRO G 218 -30.67 10.44 29.34
C PRO G 218 -31.52 10.91 28.18
N CYS G 219 -31.94 9.95 27.37
CA CYS G 219 -32.80 10.19 26.22
C CYS G 219 -34.17 9.59 26.50
N LYS G 220 -35.23 10.30 26.12
CA LYS G 220 -36.58 9.91 26.55
C LYS G 220 -37.03 8.63 25.85
N ASN G 221 -37.18 8.66 24.53
CA ASN G 221 -37.39 7.43 23.78
C ASN G 221 -36.27 7.30 22.75
N VAL G 222 -35.92 6.06 22.42
CA VAL G 222 -34.76 5.77 21.57
C VAL G 222 -35.17 4.75 20.52
N SER G 223 -34.70 4.95 19.29
CA SER G 223 -34.94 4.03 18.19
C SER G 223 -33.60 3.52 17.65
N SER G 224 -33.59 2.26 17.21
CA SER G 224 -32.39 1.63 16.70
C SER G 224 -32.38 1.65 15.18
N VAL G 225 -31.26 2.05 14.60
CA VAL G 225 -31.11 2.21 13.16
C VAL G 225 -29.76 1.61 12.76
N GLN G 226 -29.62 1.31 11.46
CA GLN G 226 -28.38 0.76 10.93
C GLN G 226 -27.40 1.84 10.50
N CYS G 227 -27.77 2.66 9.51
CA CYS G 227 -26.97 3.80 9.08
C CYS G 227 -27.49 5.09 9.71
N THR G 228 -26.57 6.03 9.90
CA THR G 228 -26.97 7.38 10.24
C THR G 228 -27.60 8.05 9.03
N HIS G 229 -28.31 9.15 9.28
CA HIS G 229 -28.93 9.90 8.20
C HIS G 229 -27.85 10.47 7.27
N GLY G 230 -28.26 10.79 6.05
CA GLY G 230 -27.33 11.32 5.06
C GLY G 230 -26.65 12.58 5.52
N ILE G 231 -25.34 12.51 5.77
CA ILE G 231 -24.57 13.64 6.26
C ILE G 231 -23.53 14.00 5.19
N LYS G 232 -23.49 15.28 4.83
CA LYS G 232 -22.57 15.78 3.82
C LYS G 232 -21.30 16.30 4.49
N PRO G 233 -20.13 15.75 4.17
CA PRO G 233 -18.88 16.16 4.82
C PRO G 233 -18.37 17.53 4.36
N VAL G 234 -19.17 18.57 4.60
CA VAL G 234 -18.72 19.92 4.32
C VAL G 234 -17.65 20.32 5.32
N VAL G 235 -16.69 21.12 4.87
CA VAL G 235 -15.60 21.60 5.72
C VAL G 235 -15.71 23.12 5.80
N SER G 236 -15.84 23.63 7.01
CA SER G 236 -15.96 25.06 7.22
C SER G 236 -15.45 25.41 8.61
N THR G 237 -15.05 26.66 8.79
CA THR G 237 -14.58 27.15 10.07
C THR G 237 -15.38 28.39 10.46
N GLN G 238 -15.69 28.47 11.76
CA GLN G 238 -16.24 29.67 12.37
C GLN G 238 -17.70 29.89 11.96
N LEU G 239 -18.19 29.09 11.02
CA LEU G 239 -19.57 29.22 10.55
C LEU G 239 -19.94 27.94 9.85
N LEU G 240 -20.96 27.24 10.36
CA LEU G 240 -21.31 25.94 9.82
C LEU G 240 -22.08 26.10 8.50
N LEU G 241 -22.20 24.98 7.78
CA LEU G 241 -22.69 24.97 6.41
C LEU G 241 -23.83 23.97 6.32
N ASN G 242 -24.19 23.60 5.08
CA ASN G 242 -25.23 22.62 4.80
C ASN G 242 -25.26 21.48 5.82
N GLY G 243 -26.43 21.22 6.39
CA GLY G 243 -26.54 20.20 7.40
C GLY G 243 -27.98 19.88 7.77
N SER G 244 -28.20 19.51 9.03
CA SER G 244 -29.52 19.12 9.52
C SER G 244 -30.03 20.17 10.48
N LEU G 245 -31.31 20.51 10.33
CA LEU G 245 -31.92 21.55 11.16
C LEU G 245 -32.33 20.97 12.51
N ALA G 246 -32.83 21.84 13.39
CA ALA G 246 -33.35 21.44 14.68
C ALA G 246 -34.83 21.11 14.55
N GLU G 247 -35.52 20.98 15.68
CA GLU G 247 -36.93 20.59 15.67
C GLU G 247 -37.86 21.72 16.06
N GLU G 248 -37.65 22.36 17.20
CA GLU G 248 -38.48 23.51 17.57
C GLU G 248 -37.70 24.71 18.09
N GLY G 249 -36.45 24.56 18.48
CA GLY G 249 -35.73 25.69 19.03
C GLY G 249 -34.25 25.64 18.73
N ILE G 250 -33.53 26.58 19.33
CA ILE G 250 -32.09 26.70 19.18
C ILE G 250 -31.42 25.88 20.27
N ILE G 251 -30.47 25.03 19.88
CA ILE G 251 -29.75 24.17 20.82
C ILE G 251 -28.30 24.62 20.87
N ILE G 252 -27.86 25.03 22.06
CA ILE G 252 -26.46 25.36 22.30
C ILE G 252 -25.83 24.21 23.08
N ARG G 253 -24.87 23.53 22.46
CA ARG G 253 -24.21 22.37 23.05
C ARG G 253 -22.71 22.65 23.14
N SER G 254 -22.16 22.48 24.33
CA SER G 254 -20.73 22.64 24.56
C SER G 254 -20.30 21.71 25.69
N GLU G 255 -19.11 21.14 25.55
CA GLU G 255 -18.63 20.15 26.50
C GLU G 255 -18.42 20.73 27.89
N ASN G 256 -17.82 21.91 27.99
CA ASN G 256 -17.48 22.53 29.27
C ASN G 256 -17.89 24.01 29.26
N LEU G 257 -19.19 24.24 29.03
CA LEU G 257 -19.78 25.57 28.96
C LEU G 257 -19.17 26.57 29.95
N THR G 258 -18.85 26.10 31.15
CA THR G 258 -18.16 26.97 32.11
C THR G 258 -16.79 27.40 31.59
N ASN G 259 -16.03 26.46 31.03
CA ASN G 259 -14.71 26.78 30.51
C ASN G 259 -14.83 27.65 29.27
N ASN G 260 -13.96 28.66 29.18
CA ASN G 260 -13.94 29.55 28.04
C ASN G 260 -13.00 29.09 26.94
N ALA G 261 -12.22 28.03 27.18
CA ALA G 261 -11.29 27.51 26.18
C ALA G 261 -11.91 26.42 25.32
N LYS G 262 -13.17 26.07 25.55
CA LYS G 262 -13.87 25.08 24.75
C LYS G 262 -14.85 25.78 23.82
N THR G 263 -14.83 25.40 22.55
CA THR G 263 -15.69 26.03 21.56
C THR G 263 -17.15 25.75 21.87
N ILE G 264 -18.02 26.65 21.42
CA ILE G 264 -19.45 26.56 21.64
C ILE G 264 -20.13 26.29 20.30
N ILE G 265 -20.97 25.26 20.26
CA ILE G 265 -21.65 24.84 19.04
C ILE G 265 -23.12 25.18 19.17
N VAL G 266 -23.67 25.83 18.15
CA VAL G 266 -25.06 26.30 18.14
C VAL G 266 -25.79 25.62 17.00
N HIS G 267 -26.94 25.02 17.29
CA HIS G 267 -27.79 24.43 16.28
C HIS G 267 -28.92 25.38 15.93
N PHE G 268 -29.44 25.27 14.71
CA PHE G 268 -30.40 26.24 14.18
C PHE G 268 -31.81 25.66 14.18
N ASN G 269 -32.68 26.28 14.98
CA ASN G 269 -34.12 26.24 14.76
C ASN G 269 -34.47 26.32 13.29
N GLU G 270 -33.99 27.36 12.61
CA GLU G 270 -34.25 27.56 11.20
C GLU G 270 -32.97 28.02 10.51
N SER G 271 -32.87 27.74 9.22
CA SER G 271 -31.68 28.03 8.44
C SER G 271 -31.83 29.35 7.70
N VAL G 272 -30.69 30.01 7.46
CA VAL G 272 -30.64 31.25 6.70
C VAL G 272 -29.79 31.00 5.46
N LYS G 273 -30.33 31.36 4.30
CA LYS G 273 -29.65 31.13 3.03
C LYS G 273 -28.66 32.24 2.74
N ILE G 274 -27.49 31.85 2.23
CA ILE G 274 -26.44 32.79 1.85
C ILE G 274 -26.03 32.49 0.41
N ASN G 275 -25.60 33.54 -0.30
CA ASN G 275 -25.22 33.44 -1.69
C ASN G 275 -23.81 33.96 -1.86
N CYS G 276 -22.87 33.06 -2.20
CA CYS G 276 -21.48 33.41 -2.41
C CYS G 276 -21.15 33.17 -3.87
N THR G 277 -20.57 34.19 -4.53
CA THR G 277 -20.26 34.11 -5.94
C THR G 277 -18.95 34.84 -6.23
N ARG G 278 -18.34 34.48 -7.35
CA ARG G 278 -17.10 35.09 -7.83
C ARG G 278 -17.29 35.53 -9.27
N PRO G 279 -17.94 36.67 -9.49
CA PRO G 279 -18.19 37.16 -10.86
C PRO G 279 -16.94 37.77 -11.48
N SER G 280 -15.88 36.98 -11.57
CA SER G 280 -14.55 37.42 -11.94
C SER G 280 -13.94 36.49 -12.98
N ASN G 281 -14.68 36.27 -14.07
CA ASN G 281 -14.39 35.28 -15.10
C ASN G 281 -12.90 35.11 -15.35
N ASN G 282 -12.41 33.87 -15.16
CA ASN G 282 -11.00 33.55 -15.30
C ASN G 282 -10.73 32.95 -16.67
N THR G 283 -9.45 32.95 -17.03
CA THR G 283 -8.94 32.25 -18.22
C THR G 283 -7.73 31.44 -17.76
N ARG G 284 -7.98 30.23 -17.25
CA ARG G 284 -6.89 29.39 -16.79
C ARG G 284 -6.12 28.84 -17.98
N THR G 285 -4.81 28.71 -17.81
CA THR G 285 -3.93 28.19 -18.86
C THR G 285 -3.01 27.15 -18.24
N GLY G 286 -2.88 26.00 -18.90
CA GLY G 286 -2.01 24.95 -18.41
C GLY G 286 -0.67 24.97 -19.10
N ILE G 287 0.39 24.82 -18.29
CA ILE G 287 1.75 24.78 -18.80
C ILE G 287 2.35 23.42 -18.44
N HIS G 288 3.28 22.96 -19.28
CA HIS G 288 3.93 21.67 -19.08
C HIS G 288 5.21 21.88 -18.30
N ILE G 289 5.23 21.43 -17.06
CA ILE G 289 6.39 21.58 -16.19
C ILE G 289 7.13 20.26 -16.00
N GLY G 290 6.78 19.24 -16.78
CA GLY G 290 7.45 17.96 -16.71
C GLY G 290 6.76 16.90 -17.55
N PRO G 291 7.34 15.70 -17.57
CA PRO G 291 6.75 14.62 -18.37
C PRO G 291 5.40 14.17 -17.82
N GLY G 292 4.35 14.91 -18.16
CA GLY G 292 3.02 14.68 -17.63
C GLY G 292 2.61 15.61 -16.53
N GLN G 293 3.54 16.41 -16.01
CA GLN G 293 3.23 17.41 -14.98
C GLN G 293 2.66 18.64 -15.67
N VAL G 294 1.33 18.80 -15.61
CA VAL G 294 0.66 19.97 -16.18
C VAL G 294 0.25 20.89 -15.05
N PHE G 295 0.77 22.11 -15.06
CA PHE G 295 0.51 23.09 -14.01
C PHE G 295 -0.46 24.13 -14.55
N TYR G 296 -1.55 24.36 -13.83
CA TYR G 296 -2.58 25.32 -14.23
C TYR G 296 -2.43 26.58 -13.40
N LYS G 297 -2.32 27.72 -14.09
CA LYS G 297 -2.10 29.00 -13.45
C LYS G 297 -3.19 29.98 -13.88
N THR G 298 -3.42 30.98 -13.03
CA THR G 298 -4.45 31.97 -13.29
C THR G 298 -3.93 32.99 -14.31
N GLY G 299 -4.64 33.13 -15.41
CA GLY G 299 -4.30 34.11 -16.43
C GLY G 299 -4.97 35.45 -16.18
N ASP G 300 -4.90 36.31 -17.19
CA ASP G 300 -5.53 37.61 -17.10
C ASP G 300 -7.05 37.46 -17.04
N ILE G 301 -7.68 38.26 -16.18
CA ILE G 301 -9.12 38.23 -15.99
C ILE G 301 -9.76 39.00 -17.15
N ILE G 302 -10.37 38.28 -18.09
CA ILE G 302 -11.04 38.93 -19.20
C ILE G 302 -12.34 39.57 -18.72
N GLY G 303 -12.78 40.59 -19.44
CA GLY G 303 -13.95 41.32 -19.00
C GLY G 303 -13.61 42.17 -17.77
N ASP G 304 -14.68 42.61 -17.10
CA ASP G 304 -14.51 43.44 -15.92
C ASP G 304 -13.93 42.62 -14.77
N ILE G 305 -13.31 43.33 -13.82
CA ILE G 305 -12.68 42.71 -12.66
C ILE G 305 -13.59 42.93 -11.45
N ARG G 306 -13.82 41.84 -10.70
CA ARG G 306 -14.73 41.87 -9.56
C ARG G 306 -14.10 41.10 -8.41
N LYS G 307 -14.55 41.41 -7.20
CA LYS G 307 -14.08 40.74 -6.00
C LYS G 307 -15.20 39.86 -5.43
N ALA G 308 -14.79 38.73 -4.87
CA ALA G 308 -15.76 37.78 -4.33
C ALA G 308 -16.47 38.35 -3.11
N TYR G 309 -17.70 37.90 -2.90
CA TYR G 309 -18.52 38.38 -1.80
C TYR G 309 -19.55 37.33 -1.44
N CYS G 310 -20.17 37.51 -0.28
CA CYS G 310 -21.26 36.66 0.17
C CYS G 310 -22.39 37.54 0.69
N ASN G 311 -23.62 37.19 0.33
CA ASN G 311 -24.80 37.97 0.70
C ASN G 311 -25.54 37.27 1.83
N ILE G 312 -25.87 38.04 2.87
CA ILE G 312 -26.59 37.54 4.03
C ILE G 312 -27.87 38.33 4.16
N SER G 313 -29.00 37.64 4.29
CA SER G 313 -30.27 38.30 4.53
C SER G 313 -30.23 38.97 5.90
N GLY G 314 -30.23 40.30 5.90
CA GLY G 314 -30.00 41.02 7.15
C GLY G 314 -31.07 40.77 8.18
N ALA G 315 -32.34 40.84 7.78
CA ALA G 315 -33.44 40.67 8.73
C ALA G 315 -33.45 39.27 9.33
N GLN G 316 -33.35 38.25 8.46
CA GLN G 316 -33.37 36.88 8.95
C GLN G 316 -32.16 36.59 9.83
N TRP G 317 -30.98 37.05 9.41
CA TRP G 317 -29.77 36.82 10.20
C TRP G 317 -29.87 37.49 11.56
N HIS G 318 -30.38 38.73 11.60
CA HIS G 318 -30.50 39.44 12.87
C HIS G 318 -31.53 38.76 13.78
N LYS G 319 -32.64 38.29 13.21
CA LYS G 319 -33.62 37.57 14.01
C LYS G 319 -33.04 36.29 14.58
N VAL G 320 -32.31 35.53 13.76
CA VAL G 320 -31.69 34.29 14.24
C VAL G 320 -30.66 34.57 15.32
N LEU G 321 -29.86 35.62 15.12
CA LEU G 321 -28.86 35.99 16.13
C LEU G 321 -29.53 36.42 17.43
N GLY G 322 -30.64 37.15 17.35
CA GLY G 322 -31.36 37.52 18.55
C GLY G 322 -31.92 36.32 19.28
N ARG G 323 -32.48 35.36 18.54
CA ARG G 323 -32.96 34.13 19.18
C ARG G 323 -31.83 33.35 19.82
N VAL G 324 -30.67 33.31 19.14
CA VAL G 324 -29.50 32.62 19.70
C VAL G 324 -29.05 33.29 20.99
N ALA G 325 -29.01 34.63 21.00
CA ALA G 325 -28.64 35.35 22.21
C ALA G 325 -29.63 35.11 23.32
N ASN G 326 -30.93 35.09 23.00
CA ASN G 326 -31.95 34.83 24.02
C ASN G 326 -31.79 33.45 24.61
N LYS G 327 -31.49 32.45 23.78
CA LYS G 327 -31.28 31.10 24.29
C LYS G 327 -29.94 30.94 25.00
N LEU G 328 -28.97 31.80 24.71
CA LEU G 328 -27.70 31.79 25.45
C LEU G 328 -27.85 32.46 26.81
N LYS G 329 -28.76 33.43 26.93
CA LYS G 329 -28.89 34.17 28.18
C LYS G 329 -29.25 33.26 29.34
N GLU G 330 -30.16 32.31 29.13
CA GLU G 330 -30.52 31.38 30.20
C GLU G 330 -29.33 30.53 30.63
N HIS G 331 -28.52 30.11 29.66
CA HIS G 331 -27.30 29.36 29.99
C HIS G 331 -26.24 30.24 30.63
N PHE G 332 -26.34 31.56 30.50
CA PHE G 332 -25.34 32.48 31.02
C PHE G 332 -25.94 33.48 31.99
N ASN G 333 -26.88 32.99 32.83
CA ASN G 333 -27.39 33.74 33.98
C ASN G 333 -28.06 35.05 33.58
N ASN G 334 -28.70 35.07 32.40
CA ASN G 334 -29.28 36.29 31.82
C ASN G 334 -28.31 37.47 31.91
N LYS G 335 -27.16 37.30 31.24
CA LYS G 335 -26.20 38.36 31.03
C LYS G 335 -26.41 38.96 29.64
N THR G 336 -25.92 40.19 29.47
CA THR G 336 -26.05 40.89 28.19
C THR G 336 -25.05 40.29 27.21
N ILE G 337 -25.55 39.55 26.23
CA ILE G 337 -24.71 38.87 25.25
C ILE G 337 -24.26 39.86 24.19
N VAL G 338 -22.95 39.95 23.98
CA VAL G 338 -22.38 40.83 22.97
C VAL G 338 -21.46 40.00 22.08
N PHE G 339 -21.56 40.22 20.77
CA PHE G 339 -20.74 39.52 19.79
C PHE G 339 -19.68 40.48 19.25
N LYS G 340 -18.42 40.07 19.31
CA LYS G 340 -17.32 40.86 18.79
C LYS G 340 -16.64 40.12 17.63
N PRO G 341 -16.08 40.85 16.67
CA PRO G 341 -15.39 40.18 15.55
C PRO G 341 -14.12 39.50 16.02
N SER G 342 -13.58 38.65 15.15
CA SER G 342 -12.36 37.93 15.47
C SER G 342 -11.20 38.89 15.66
N SER G 343 -10.34 38.57 16.63
CA SER G 343 -9.25 39.45 17.03
C SER G 343 -7.89 38.91 16.62
N GLY G 344 -7.56 37.69 17.01
CA GLY G 344 -6.26 37.13 16.71
C GLY G 344 -6.06 36.95 15.22
N GLY G 345 -5.02 37.59 14.67
CA GLY G 345 -4.75 37.48 13.26
C GLY G 345 -4.16 36.13 12.86
N ASP G 346 -4.97 35.31 12.20
CA ASP G 346 -4.59 34.00 11.72
C ASP G 346 -5.46 33.63 10.53
N PRO G 347 -4.89 33.51 9.33
CA PRO G 347 -5.75 33.49 8.12
C PRO G 347 -6.80 32.40 8.09
N GLU G 348 -6.50 31.20 8.58
CA GLU G 348 -7.52 30.15 8.60
C GLU G 348 -8.51 30.35 9.73
N ILE G 349 -8.03 30.82 10.89
CA ILE G 349 -8.89 30.91 12.06
C ILE G 349 -9.82 32.12 11.97
N THR G 350 -9.27 33.29 11.61
CA THR G 350 -10.09 34.50 11.65
C THR G 350 -11.08 34.58 10.48
N MET G 351 -10.85 33.82 9.42
CA MET G 351 -11.72 33.85 8.26
C MET G 351 -12.78 32.77 8.33
N HIS G 352 -13.81 32.91 7.49
CA HIS G 352 -14.83 31.90 7.32
C HIS G 352 -14.44 31.01 6.16
N SER G 353 -13.96 29.81 6.45
CA SER G 353 -13.46 28.90 5.43
C SER G 353 -14.60 28.11 4.81
N PHE G 354 -14.54 27.94 3.49
CA PHE G 354 -15.45 27.07 2.76
C PHE G 354 -15.02 27.07 1.31
N ASN G 355 -15.58 26.12 0.55
CA ASN G 355 -15.41 26.08 -0.90
C ASN G 355 -16.77 26.21 -1.57
N CYS G 356 -16.80 26.94 -2.70
CA CYS G 356 -18.04 27.14 -3.42
C CYS G 356 -18.17 26.15 -4.57
N ARG G 357 -17.18 26.10 -5.46
CA ARG G 357 -17.14 25.10 -6.52
C ARG G 357 -15.73 24.56 -6.71
N GLY G 358 -14.84 24.77 -5.74
CA GLY G 358 -13.46 24.39 -5.85
C GLY G 358 -12.53 25.53 -5.47
N GLU G 359 -13.10 26.61 -4.96
CA GLU G 359 -12.36 27.81 -4.59
C GLU G 359 -12.68 28.19 -3.16
N PHE G 360 -11.67 28.59 -2.40
CA PHE G 360 -11.80 28.88 -0.98
C PHE G 360 -11.80 30.38 -0.76
N PHE G 361 -12.79 30.88 -0.03
CA PHE G 361 -13.14 32.30 -0.05
C PHE G 361 -12.48 33.11 1.08
N TYR G 362 -12.71 32.74 2.34
CA TYR G 362 -12.11 33.40 3.49
C TYR G 362 -12.50 34.89 3.56
N CYS G 363 -13.79 35.10 3.80
CA CYS G 363 -14.37 36.43 3.94
C CYS G 363 -14.32 36.87 5.41
N ASN G 364 -14.53 38.16 5.68
CA ASN G 364 -14.66 38.35 7.13
C ASN G 364 -16.14 38.33 7.51
N THR G 365 -16.38 37.98 8.77
CA THR G 365 -17.72 38.01 9.34
C THR G 365 -17.88 39.16 10.34
N THR G 366 -17.08 40.21 10.21
CA THR G 366 -17.15 41.32 11.17
C THR G 366 -18.49 42.03 11.09
N LYS G 367 -19.00 42.25 9.88
CA LYS G 367 -20.28 42.93 9.72
C LYS G 367 -21.46 42.06 10.16
N LEU G 368 -21.24 40.76 10.37
CA LEU G 368 -22.27 39.87 10.89
C LEU G 368 -22.20 39.73 12.41
N PHE G 369 -21.02 39.48 12.95
CA PHE G 369 -20.85 39.24 14.39
C PHE G 369 -20.37 40.51 15.09
N ASN G 370 -21.22 41.54 15.07
CA ASN G 370 -20.94 42.78 15.78
C ASN G 370 -22.29 43.36 16.21
N SER G 371 -22.69 43.06 17.43
CA SER G 371 -23.95 43.55 17.98
C SER G 371 -23.96 43.30 19.48
N THR G 372 -24.85 44.02 20.16
CA THR G 372 -25.06 43.85 21.60
C THR G 372 -26.54 43.52 21.81
N TRP G 373 -26.80 42.48 22.59
CA TRP G 373 -28.15 41.95 22.75
C TRP G 373 -28.53 42.00 24.24
N GLY G 374 -29.66 42.63 24.53
CA GLY G 374 -30.22 42.65 25.86
C GLY G 374 -29.68 43.73 26.78
N GLY G 375 -28.70 44.51 26.32
CA GLY G 375 -28.13 45.55 27.15
C GLY G 375 -29.10 46.67 27.45
N ASN G 376 -29.97 46.98 26.48
CA ASN G 376 -30.98 48.01 26.66
C ASN G 376 -32.31 47.57 26.07
N LYS G 377 -32.38 46.31 25.62
CA LYS G 377 -33.61 45.61 25.25
C LYS G 377 -34.20 46.14 23.94
N ASN G 378 -33.66 47.21 23.40
CA ASN G 378 -34.26 47.83 22.21
C ASN G 378 -33.36 47.57 20.99
N GLU G 379 -33.77 48.13 19.85
CA GLU G 379 -33.26 47.69 18.55
C GLU G 379 -32.12 48.53 17.99
N THR G 380 -31.81 48.26 16.72
CA THR G 380 -30.79 48.90 15.90
C THR G 380 -30.84 48.17 14.56
N ARG G 381 -29.95 47.20 14.36
CA ARG G 381 -30.19 46.08 13.47
C ARG G 381 -30.26 46.47 12.00
N ASP G 382 -31.32 47.20 11.65
CA ASP G 382 -31.79 47.39 10.28
C ASP G 382 -32.22 46.06 9.67
N ASN G 383 -32.44 46.04 8.35
CA ASN G 383 -32.95 44.85 7.68
C ASN G 383 -32.33 44.67 6.30
N GLY G 384 -31.13 45.21 6.09
CA GLY G 384 -30.53 45.28 4.78
C GLY G 384 -29.63 44.08 4.50
N THR G 385 -29.57 43.72 3.21
CA THR G 385 -28.69 42.65 2.78
C THR G 385 -27.25 43.00 3.11
N ILE G 386 -26.53 42.04 3.71
CA ILE G 386 -25.17 42.25 4.18
C ILE G 386 -24.20 41.62 3.20
N THR G 387 -23.27 42.42 2.70
CA THR G 387 -22.23 41.98 1.79
C THR G 387 -20.89 42.03 2.50
N ILE G 388 -20.16 40.92 2.49
CA ILE G 388 -18.92 40.78 3.24
C ILE G 388 -17.78 40.59 2.25
N PRO G 389 -16.69 41.34 2.38
CA PRO G 389 -15.55 41.15 1.46
C PRO G 389 -14.87 39.83 1.69
N CYS G 390 -14.23 39.31 0.63
CA CYS G 390 -13.60 38.01 0.67
C CYS G 390 -12.19 38.09 0.11
N ARG G 391 -11.31 37.21 0.61
CA ARG G 391 -9.90 37.16 0.22
C ARG G 391 -9.57 35.74 -0.21
N ILE G 392 -9.83 35.43 -1.48
CA ILE G 392 -9.62 34.10 -2.02
C ILE G 392 -8.14 33.80 -2.16
N LYS G 393 -7.75 32.56 -1.85
CA LYS G 393 -6.40 32.07 -2.02
C LYS G 393 -6.46 30.65 -2.57
N GLN G 394 -5.32 30.14 -3.03
CA GLN G 394 -5.26 28.84 -3.68
C GLN G 394 -4.51 27.77 -2.89
N ILE G 395 -3.45 28.14 -2.18
CA ILE G 395 -2.72 27.17 -1.36
C ILE G 395 -3.53 26.89 -0.10
N ILE G 396 -3.88 25.63 0.11
CA ILE G 396 -4.82 25.22 1.16
C ILE G 396 -4.10 24.25 2.08
N ASN G 397 -3.73 24.73 3.27
CA ASN G 397 -3.14 23.89 4.31
C ASN G 397 -4.25 23.52 5.29
N MET G 398 -5.20 22.72 4.80
CA MET G 398 -6.36 22.35 5.59
C MET G 398 -6.06 21.07 6.38
N TRP G 399 -6.95 20.76 7.33
CA TRP G 399 -6.73 19.75 8.36
C TRP G 399 -5.53 20.14 9.24
N GLN G 400 -5.38 21.44 9.48
CA GLN G 400 -4.26 22.00 10.25
C GLN G 400 -2.96 21.52 9.58
N GLY G 401 -1.98 21.04 10.33
CA GLY G 401 -0.78 20.48 9.75
C GLY G 401 -0.83 19.01 9.43
N VAL G 402 -1.90 18.33 9.86
CA VAL G 402 -2.01 16.89 9.62
C VAL G 402 -2.25 16.61 8.15
N GLY G 403 -3.14 17.37 7.52
CA GLY G 403 -3.48 17.12 6.14
C GLY G 403 -2.44 17.62 5.17
N GLN G 404 -2.47 17.04 3.96
CA GLN G 404 -1.54 17.43 2.92
C GLN G 404 -1.87 18.81 2.37
N ALA G 405 -0.83 19.57 2.06
CA ALA G 405 -1.01 20.86 1.40
C ALA G 405 -1.54 20.65 -0.02
N MET G 406 -2.41 21.57 -0.46
CA MET G 406 -3.07 21.42 -1.74
C MET G 406 -3.01 22.73 -2.51
N TYR G 407 -2.95 22.61 -3.83
CA TYR G 407 -3.03 23.75 -4.75
C TYR G 407 -4.31 23.58 -5.55
N ALA G 408 -5.20 24.57 -5.45
CA ALA G 408 -6.48 24.50 -6.14
C ALA G 408 -6.37 25.15 -7.50
N PRO G 409 -6.53 24.41 -8.60
CA PRO G 409 -6.46 25.02 -9.93
C PRO G 409 -7.63 25.96 -10.15
N PRO G 410 -7.44 27.01 -10.94
CA PRO G 410 -8.53 27.96 -11.18
C PRO G 410 -9.67 27.35 -12.01
N ILE G 411 -10.85 27.91 -11.84
CA ILE G 411 -12.04 27.49 -12.56
C ILE G 411 -12.25 28.42 -13.74
N LYS G 412 -12.72 27.85 -14.86
CA LYS G 412 -12.87 28.63 -16.08
C LYS G 412 -13.89 29.75 -15.92
N GLY G 413 -15.15 29.39 -15.70
CA GLY G 413 -16.24 30.35 -15.66
C GLY G 413 -16.42 30.98 -14.29
N VAL G 414 -17.53 31.68 -14.15
CA VAL G 414 -17.89 32.31 -12.88
C VAL G 414 -18.29 31.22 -11.89
N ILE G 415 -18.22 31.56 -10.60
CA ILE G 415 -18.52 30.64 -9.51
C ILE G 415 -19.75 31.14 -8.79
N LYS G 416 -20.68 30.22 -8.50
CA LYS G 416 -21.83 30.53 -7.67
C LYS G 416 -22.33 29.26 -7.00
N CYS G 417 -22.51 29.31 -5.68
CA CYS G 417 -23.13 28.22 -4.94
C CYS G 417 -24.05 28.81 -3.88
N LEU G 418 -25.18 28.16 -3.68
CA LEU G 418 -26.20 28.63 -2.75
C LEU G 418 -26.13 27.77 -1.50
N SER G 419 -25.94 28.40 -0.34
CA SER G 419 -25.72 27.71 0.92
C SER G 419 -26.74 28.20 1.93
N ASN G 420 -27.19 27.30 2.81
CA ASN G 420 -28.26 27.60 3.76
C ASN G 420 -27.77 27.24 5.16
N ILE G 421 -27.33 28.25 5.91
CA ILE G 421 -26.48 28.06 7.10
C ILE G 421 -27.25 27.32 8.18
N THR G 422 -26.64 26.26 8.72
CA THR G 422 -27.17 25.48 9.84
C THR G 422 -26.05 25.37 10.87
N GLY G 423 -25.93 26.38 11.74
CA GLY G 423 -25.00 26.31 12.83
C GLY G 423 -23.90 27.38 12.86
N ILE G 424 -23.44 27.70 14.07
CA ILE G 424 -22.34 28.64 14.28
C ILE G 424 -21.36 28.02 15.27
N LEU G 425 -20.10 28.42 15.18
CA LEU G 425 -19.05 27.99 16.11
C LEU G 425 -18.57 29.22 16.87
N LEU G 426 -18.99 29.35 18.12
CA LEU G 426 -18.66 30.52 18.93
C LEU G 426 -17.50 30.22 19.88
N THR G 427 -16.96 31.29 20.46
CA THR G 427 -15.87 31.17 21.41
C THR G 427 -16.02 32.27 22.45
N ARG G 428 -15.95 31.90 23.72
CA ARG G 428 -16.12 32.84 24.82
C ARG G 428 -14.77 33.38 25.28
N ASP G 429 -14.75 34.65 25.64
CA ASP G 429 -13.53 35.28 26.15
C ASP G 429 -13.52 35.29 27.67
N ASN G 432 -11.14 35.79 29.66
CA ASN G 432 -10.45 35.59 30.93
C ASN G 432 -10.86 36.65 31.94
N ASP G 433 -11.15 37.85 31.45
CA ASP G 433 -11.54 38.95 32.32
C ASP G 433 -12.97 38.74 32.82
N THR G 434 -13.32 39.50 33.86
CA THR G 434 -14.61 39.38 34.52
C THR G 434 -15.38 40.69 34.36
N GLU G 435 -16.65 40.57 33.96
CA GLU G 435 -17.53 41.73 33.78
C GLU G 435 -18.96 41.20 33.77
N ASN G 436 -19.93 42.11 33.66
CA ASN G 436 -21.34 41.77 33.63
C ASN G 436 -21.81 41.38 32.23
N ASN G 437 -20.93 41.42 31.23
CA ASN G 437 -21.26 41.05 29.86
C ASN G 437 -20.25 40.05 29.34
N GLU G 438 -20.76 39.01 28.66
CA GLU G 438 -19.92 37.97 28.09
C GLU G 438 -19.75 38.20 26.60
N THR G 439 -18.50 38.24 26.15
CA THR G 439 -18.18 38.47 24.76
C THR G 439 -17.95 37.13 24.06
N PHE G 440 -18.72 36.87 23.01
CA PHE G 440 -18.60 35.66 22.22
C PHE G 440 -18.09 36.04 20.83
N ARG G 441 -16.84 35.70 20.55
CA ARG G 441 -16.30 35.97 19.24
C ARG G 441 -16.29 34.70 18.40
N PRO G 442 -16.45 34.80 17.09
CA PRO G 442 -16.53 33.60 16.25
C PRO G 442 -15.21 32.84 16.19
N GLY G 443 -15.22 31.68 15.56
CA GLY G 443 -14.02 30.88 15.44
C GLY G 443 -14.07 29.60 16.26
N GLY G 444 -14.06 28.46 15.60
CA GLY G 444 -14.12 27.18 16.25
C GLY G 444 -12.75 26.63 16.59
N GLY G 445 -12.71 25.32 16.82
CA GLY G 445 -11.46 24.64 17.12
C GLY G 445 -11.05 23.65 16.06
N ASP G 446 -11.07 22.37 16.41
CA ASP G 446 -10.71 21.33 15.45
C ASP G 446 -11.80 21.14 14.42
N MET G 447 -11.45 20.44 13.34
CA MET G 447 -12.41 20.17 12.27
C MET G 447 -13.51 19.21 12.70
N ARG G 448 -13.34 18.52 13.82
CA ARG G 448 -14.37 17.60 14.31
C ARG G 448 -15.67 18.32 14.67
N ASP G 449 -15.59 19.61 15.00
CA ASP G 449 -16.78 20.35 15.40
C ASP G 449 -17.78 20.52 14.26
N ASN G 450 -17.32 20.41 13.00
CA ASN G 450 -18.23 20.49 11.88
C ASN G 450 -19.23 19.34 11.88
N TRP G 451 -18.80 18.16 12.33
CA TRP G 451 -19.67 17.00 12.34
C TRP G 451 -20.16 16.63 13.72
N ARG G 452 -19.63 17.27 14.77
CA ARG G 452 -20.15 17.04 16.11
C ARG G 452 -21.61 17.45 16.22
N ASN G 453 -22.03 18.46 15.44
CA ASN G 453 -23.42 18.89 15.40
C ASN G 453 -24.32 17.85 14.75
N GLU G 454 -23.79 16.92 13.97
CA GLU G 454 -24.59 15.95 13.24
C GLU G 454 -24.49 14.52 13.74
N LEU G 455 -23.44 14.16 14.47
CA LEU G 455 -23.31 12.82 15.03
C LEU G 455 -23.66 12.77 16.50
N TYR G 456 -24.24 13.85 17.04
CA TYR G 456 -24.56 13.87 18.47
C TYR G 456 -25.65 12.87 18.82
N LYS G 457 -26.65 12.70 17.96
CA LYS G 457 -27.77 11.82 18.26
C LYS G 457 -27.45 10.35 18.11
N TYR G 458 -26.40 10.00 17.38
CA TYR G 458 -26.07 8.60 17.13
C TYR G 458 -25.05 8.09 18.14
N LYS G 459 -25.08 6.78 18.37
CA LYS G 459 -24.17 6.14 19.31
C LYS G 459 -24.08 4.67 18.97
N VAL G 460 -22.90 4.19 18.63
CA VAL G 460 -22.70 2.79 18.26
C VAL G 460 -22.75 1.92 19.50
N VAL G 461 -23.35 0.74 19.39
CA VAL G 461 -23.49 -0.18 20.50
C VAL G 461 -23.54 -1.60 19.96
N GLN G 462 -22.97 -2.53 20.72
CA GLN G 462 -22.99 -3.94 20.36
C GLN G 462 -24.05 -4.66 21.18
N ILE G 463 -24.57 -5.75 20.62
CA ILE G 463 -25.65 -6.52 21.23
C ILE G 463 -25.18 -7.94 21.47
N GLU G 464 -25.54 -8.49 22.63
CA GLU G 464 -25.21 -9.87 22.97
C GLU G 464 -26.48 -10.70 22.99
N PRO G 465 -26.75 -11.50 21.96
CA PRO G 465 -28.03 -12.23 21.91
C PRO G 465 -28.13 -13.36 22.91
N LEU G 466 -27.03 -13.81 23.51
CA LEU G 466 -27.09 -14.90 24.46
C LEU G 466 -27.71 -14.44 25.77
N GLY G 467 -28.53 -15.30 26.36
CA GLY G 467 -29.18 -15.00 27.63
C GLY G 467 -29.63 -16.25 28.36
N ILE G 468 -29.51 -16.25 29.68
CA ILE G 468 -29.86 -17.40 30.50
C ILE G 468 -30.86 -16.96 31.57
N ALA G 469 -32.00 -17.64 31.62
CA ALA G 469 -33.03 -17.37 32.60
C ALA G 469 -33.53 -18.70 33.16
N PRO G 470 -33.96 -18.72 34.43
CA PRO G 470 -34.44 -19.98 35.00
C PRO G 470 -35.92 -20.23 34.75
N THR G 471 -36.26 -21.44 34.29
CA THR G 471 -37.64 -21.85 34.09
C THR G 471 -37.78 -23.26 34.64
N LYS G 472 -38.92 -23.89 34.35
CA LYS G 472 -39.22 -25.25 34.78
C LYS G 472 -39.26 -26.12 33.52
N CYS G 473 -38.09 -26.61 33.10
CA CYS G 473 -37.99 -27.33 31.84
C CYS G 473 -37.47 -28.75 32.00
N LYS G 474 -36.36 -28.93 32.74
CA LYS G 474 -35.91 -30.24 33.22
C LYS G 474 -35.34 -31.13 32.12
N ARG G 475 -35.41 -30.71 30.87
CA ARG G 475 -35.09 -31.57 29.75
C ARG G 475 -33.73 -31.20 29.14
N ARG G 476 -33.32 -31.99 28.16
CA ARG G 476 -32.27 -31.62 27.22
C ARG G 476 -30.92 -31.42 27.90
N GLY H 10 -31.98 -6.53 14.63
CA GLY H 10 -33.38 -6.92 14.55
C GLY H 10 -33.94 -7.37 15.90
N PHE H 11 -33.06 -7.75 16.80
CA PHE H 11 -33.46 -8.21 18.13
C PHE H 11 -33.70 -7.06 19.10
N LEU H 12 -33.45 -5.82 18.69
CA LEU H 12 -33.59 -4.68 19.60
C LEU H 12 -35.04 -4.38 19.95
N GLY H 13 -36.00 -4.93 19.20
CA GLY H 13 -37.39 -4.64 19.48
C GLY H 13 -37.82 -5.17 20.83
N ALA H 14 -38.73 -4.43 21.46
CA ALA H 14 -39.26 -4.78 22.79
C ALA H 14 -38.14 -4.96 23.81
N ALA H 15 -37.15 -4.08 23.76
CA ALA H 15 -36.03 -4.18 24.69
C ALA H 15 -36.44 -3.80 26.10
N GLY H 16 -37.19 -2.71 26.25
CA GLY H 16 -37.62 -2.27 27.56
C GLY H 16 -38.89 -2.90 28.07
N SER H 17 -39.48 -3.81 27.31
CA SER H 17 -40.72 -4.43 27.72
C SER H 17 -40.48 -5.49 28.79
N THR H 18 -41.57 -5.96 29.38
CA THR H 18 -41.51 -7.04 30.35
C THR H 18 -40.97 -8.30 29.69
N MET H 19 -40.48 -9.22 30.53
CA MET H 19 -39.84 -10.42 30.00
C MET H 19 -40.79 -11.28 29.18
N GLY H 20 -42.07 -11.37 29.57
CA GLY H 20 -43.03 -12.12 28.77
C GLY H 20 -43.22 -11.53 27.39
N ALA H 21 -43.40 -10.21 27.32
CA ALA H 21 -43.52 -9.53 26.04
C ALA H 21 -42.25 -9.67 25.20
N ALA H 22 -41.08 -9.64 25.85
CA ALA H 22 -39.84 -9.87 25.14
C ALA H 22 -39.79 -11.27 24.55
N SER H 23 -40.21 -12.28 25.34
CA SER H 23 -40.20 -13.64 24.86
C SER H 23 -41.15 -13.83 23.68
N ILE H 24 -42.33 -13.22 23.73
CA ILE H 24 -43.23 -13.35 22.58
C ILE H 24 -42.74 -12.48 21.42
N THR H 25 -41.85 -11.52 21.70
CA THR H 25 -41.26 -10.69 20.65
C THR H 25 -39.87 -11.17 20.24
N LEU H 26 -39.16 -11.82 21.19
CA LEU H 26 -37.80 -12.34 20.92
C LEU H 26 -37.85 -13.36 19.78
N THR H 27 -39.04 -13.55 19.18
CA THR H 27 -39.21 -14.51 18.07
C THR H 27 -40.13 -13.90 17.01
N VAL H 28 -40.50 -12.62 17.18
CA VAL H 28 -41.39 -11.92 16.21
C VAL H 28 -40.54 -11.37 15.07
N GLN H 29 -39.41 -10.71 15.34
CA GLN H 29 -38.53 -10.35 14.18
C GLN H 29 -37.74 -11.65 13.98
N ALA H 30 -36.90 -11.92 14.98
CA ALA H 30 -35.99 -13.09 15.01
C ALA H 30 -34.97 -12.77 13.93
N ARG H 31 -35.19 -13.31 12.73
CA ARG H 31 -34.34 -12.82 11.61
C ARG H 31 -34.85 -12.98 10.17
N GLN H 32 -35.25 -11.85 9.57
CA GLN H 32 -35.72 -11.79 8.17
C GLN H 32 -34.58 -12.02 7.16
N LEU H 33 -33.32 -11.64 7.47
CA LEU H 33 -32.29 -11.86 6.40
C LEU H 33 -32.92 -11.64 5.00
N LEU H 34 -32.19 -11.99 3.93
CA LEU H 34 -32.72 -11.82 2.55
C LEU H 34 -32.94 -13.20 1.91
N LEU H 57 -7.27 -2.16 -1.18
CA LEU H 57 -6.33 -1.12 -0.80
C LEU H 57 -7.06 0.12 -0.31
N THR H 58 -8.30 0.29 -0.76
CA THR H 58 -9.10 1.44 -0.35
C THR H 58 -9.51 1.30 1.11
N VAL H 59 -9.56 2.43 1.81
CA VAL H 59 -9.92 2.42 3.23
C VAL H 59 -11.34 1.91 3.42
N TRP H 60 -12.25 2.24 2.50
CA TRP H 60 -13.61 1.71 2.61
C TRP H 60 -13.65 0.20 2.45
N GLY H 61 -12.86 -0.34 1.50
CA GLY H 61 -12.79 -1.78 1.38
C GLY H 61 -12.20 -2.44 2.61
N ILE H 62 -11.18 -1.81 3.20
CA ILE H 62 -10.59 -2.34 4.43
C ILE H 62 -11.62 -2.37 5.55
N LYS H 63 -12.39 -1.29 5.69
CA LYS H 63 -13.44 -1.24 6.71
C LYS H 63 -14.49 -2.32 6.45
N GLN H 64 -14.88 -2.50 5.18
CA GLN H 64 -15.82 -3.56 4.83
C GLN H 64 -15.30 -4.92 5.28
N LEU H 65 -14.05 -5.22 4.96
CA LEU H 65 -13.47 -6.51 5.29
C LEU H 65 -13.39 -6.71 6.80
N GLN H 66 -12.95 -5.68 7.53
CA GLN H 66 -12.89 -5.78 8.99
C GLN H 66 -14.27 -6.03 9.57
N ALA H 67 -15.29 -5.30 9.11
CA ALA H 67 -16.63 -5.47 9.65
C ALA H 67 -17.16 -6.87 9.36
N ARG H 68 -16.96 -7.36 8.13
CA ARG H 68 -17.47 -8.68 7.79
C ARG H 68 -16.78 -9.76 8.61
N VAL H 69 -15.46 -9.68 8.78
CA VAL H 69 -14.75 -10.67 9.57
C VAL H 69 -15.21 -10.62 11.02
N LEU H 70 -15.40 -9.42 11.56
CA LEU H 70 -15.85 -9.30 12.95
C LEU H 70 -17.24 -9.91 13.13
N ALA H 71 -18.15 -9.65 12.19
CA ALA H 71 -19.48 -10.23 12.29
C ALA H 71 -19.43 -11.75 12.20
N VAL H 72 -18.60 -12.28 11.31
CA VAL H 72 -18.43 -13.73 11.20
C VAL H 72 -17.91 -14.30 12.51
N GLU H 73 -16.93 -13.64 13.12
CA GLU H 73 -16.39 -14.14 14.38
C GLU H 73 -17.43 -14.14 15.50
N ARG H 74 -18.23 -13.07 15.60
CA ARG H 74 -19.25 -13.05 16.64
C ARG H 74 -20.30 -14.15 16.42
N TYR H 75 -20.75 -14.31 15.17
CA TYR H 75 -21.71 -15.37 14.89
C TYR H 75 -21.14 -16.74 15.22
N LEU H 76 -19.87 -16.96 14.85
CA LEU H 76 -19.24 -18.25 15.14
C LEU H 76 -19.10 -18.46 16.64
N GLN H 77 -18.78 -17.42 17.40
CA GLN H 77 -18.68 -17.55 18.85
C GLN H 77 -20.03 -17.97 19.45
N ASP H 78 -21.09 -17.29 19.04
CA ASP H 78 -22.41 -17.64 19.56
C ASP H 78 -22.79 -19.08 19.20
N GLN H 79 -22.48 -19.50 17.96
CA GLN H 79 -22.80 -20.86 17.56
C GLN H 79 -21.95 -21.89 18.29
N LYS H 80 -20.68 -21.58 18.57
CA LYS H 80 -19.87 -22.48 19.38
C LYS H 80 -20.50 -22.69 20.74
N PHE H 81 -20.90 -21.60 21.40
CA PHE H 81 -21.51 -21.73 22.73
C PHE H 81 -22.82 -22.54 22.65
N LEU H 82 -23.67 -22.22 21.67
CA LEU H 82 -24.95 -22.91 21.55
C LEU H 82 -24.75 -24.41 21.30
N GLY H 83 -23.96 -24.76 20.29
CA GLY H 83 -23.76 -26.16 19.98
C GLY H 83 -23.01 -26.90 21.07
N LEU H 84 -22.15 -26.20 21.79
CA LEU H 84 -21.38 -26.86 22.85
C LEU H 84 -22.25 -27.15 24.06
N TRP H 85 -23.27 -26.31 24.30
CA TRP H 85 -24.25 -26.61 25.33
C TRP H 85 -25.30 -27.60 24.86
N GLY H 86 -25.21 -28.08 23.62
CA GLY H 86 -26.20 -28.98 23.07
C GLY H 86 -27.37 -28.30 22.41
N CYS H 87 -27.45 -26.97 22.46
CA CYS H 87 -28.56 -26.26 21.84
C CYS H 87 -28.52 -26.40 20.33
N SER H 88 -27.37 -26.14 19.72
CA SER H 88 -27.17 -26.18 18.28
C SER H 88 -28.15 -25.18 17.66
N GLY H 89 -28.98 -25.58 16.70
CA GLY H 89 -29.89 -24.66 16.05
C GLY H 89 -31.29 -24.62 16.64
N LYS H 90 -31.41 -24.23 17.90
CA LYS H 90 -32.70 -24.02 18.54
C LYS H 90 -32.70 -22.69 19.26
N ILE H 91 -33.78 -21.93 19.11
CA ILE H 91 -33.84 -20.59 19.68
C ILE H 91 -34.09 -20.64 21.18
N ILE H 92 -35.18 -21.28 21.58
CA ILE H 92 -35.51 -21.43 23.01
C ILE H 92 -34.92 -22.78 23.43
N CYS H 93 -33.69 -22.74 23.94
CA CYS H 93 -32.96 -23.95 24.25
C CYS H 93 -33.16 -24.34 25.72
N CYS H 94 -33.50 -25.61 25.93
CA CYS H 94 -33.70 -26.14 27.27
C CYS H 94 -32.41 -26.74 27.82
N THR H 95 -32.35 -26.85 29.14
CA THR H 95 -31.23 -27.50 29.81
C THR H 95 -31.71 -28.01 31.16
N ALA H 96 -31.09 -29.08 31.65
CA ALA H 96 -31.46 -29.71 32.91
C ALA H 96 -30.50 -29.37 34.04
N VAL H 97 -30.03 -28.15 34.10
CA VAL H 97 -29.10 -27.69 35.13
C VAL H 97 -29.91 -27.08 36.28
N PRO H 98 -29.63 -27.44 37.54
CA PRO H 98 -30.36 -26.84 38.65
C PRO H 98 -30.06 -25.35 38.82
N TRP H 99 -30.69 -24.73 39.82
CA TRP H 99 -30.70 -23.27 39.98
C TRP H 99 -30.43 -22.89 41.43
N ASN H 100 -29.29 -23.32 41.98
CA ASN H 100 -28.86 -22.89 43.31
C ASN H 100 -29.19 -21.43 43.59
N SER H 101 -29.67 -21.18 44.80
CA SER H 101 -29.99 -19.83 45.26
C SER H 101 -28.71 -19.09 45.65
N SER H 102 -27.77 -19.07 44.71
CA SER H 102 -26.54 -18.32 44.79
C SER H 102 -26.39 -17.36 43.62
N TRP H 103 -26.81 -17.76 42.42
CA TRP H 103 -26.89 -16.84 41.30
C TRP H 103 -28.08 -15.90 41.43
N SER H 104 -29.18 -16.39 42.00
CA SER H 104 -30.38 -15.59 42.20
C SER H 104 -31.24 -16.26 43.26
N ASN H 105 -32.05 -15.45 43.95
CA ASN H 105 -32.92 -15.94 45.01
C ASN H 105 -34.37 -15.49 44.85
N LYS H 106 -34.74 -14.95 43.70
CA LYS H 106 -36.09 -14.48 43.45
C LYS H 106 -36.89 -15.53 42.67
N THR H 107 -38.20 -15.41 42.73
CA THR H 107 -39.11 -16.46 42.28
C THR H 107 -39.82 -16.07 40.99
N PHE H 108 -39.56 -16.83 39.93
CA PHE H 108 -40.28 -16.84 38.65
C PHE H 108 -41.10 -15.60 38.33
N GLU H 109 -42.20 -15.38 39.06
CA GLU H 109 -43.10 -14.27 38.72
C GLU H 109 -42.39 -12.93 38.79
N GLU H 110 -41.57 -12.71 39.83
CA GLU H 110 -40.86 -11.45 39.92
C GLU H 110 -39.72 -11.37 38.92
N ILE H 111 -39.06 -12.50 38.62
CA ILE H 111 -38.01 -12.48 37.60
C ILE H 111 -38.57 -12.05 36.25
N TRP H 112 -39.74 -12.57 35.89
CA TRP H 112 -40.31 -12.33 34.57
C TRP H 112 -41.28 -11.16 34.54
N ASN H 113 -41.56 -10.52 35.69
CA ASN H 113 -42.43 -9.34 35.72
C ASN H 113 -41.73 -8.11 36.29
N ASN H 114 -41.09 -8.22 37.45
CA ASN H 114 -40.25 -7.17 38.02
C ASN H 114 -38.86 -7.16 37.40
N MET H 115 -38.72 -7.22 36.09
CA MET H 115 -37.37 -7.23 35.50
C MET H 115 -37.48 -7.20 33.98
N THR H 116 -36.36 -6.81 33.35
CA THR H 116 -36.17 -6.91 31.91
C THR H 116 -34.92 -7.72 31.64
N TRP H 117 -34.66 -7.95 30.35
CA TRP H 117 -33.53 -8.81 29.99
C TRP H 117 -32.20 -8.21 30.38
N ILE H 118 -32.06 -6.89 30.21
CA ILE H 118 -30.80 -6.22 30.57
C ILE H 118 -30.60 -6.23 32.08
N GLU H 119 -31.69 -5.99 32.83
CA GLU H 119 -31.61 -6.08 34.29
C GLU H 119 -31.19 -7.48 34.73
N TRP H 120 -31.76 -8.51 34.12
CA TRP H 120 -31.37 -9.88 34.47
C TRP H 120 -29.90 -10.14 34.14
N GLU H 121 -29.46 -9.71 32.96
CA GLU H 121 -28.06 -9.92 32.58
C GLU H 121 -27.11 -9.21 33.54
N ARG H 122 -27.47 -8.00 33.98
CA ARG H 122 -26.66 -7.32 34.99
C ARG H 122 -26.70 -8.06 36.32
N GLU H 123 -27.84 -8.66 36.65
CA GLU H 123 -27.96 -9.41 37.90
C GLU H 123 -27.02 -10.63 37.90
N ILE H 124 -26.91 -11.31 36.76
CA ILE H 124 -26.11 -12.54 36.68
C ILE H 124 -24.86 -12.28 35.85
N SER H 125 -24.36 -11.04 35.88
CA SER H 125 -23.27 -10.64 34.99
C SER H 125 -22.01 -11.47 35.25
N ASN H 126 -21.57 -11.55 36.50
CA ASN H 126 -20.30 -12.20 36.82
C ASN H 126 -20.48 -13.64 37.28
N TYR H 127 -21.67 -14.21 37.13
CA TYR H 127 -21.88 -15.65 37.27
C TYR H 127 -21.92 -16.36 35.92
N THR H 128 -21.76 -15.61 34.83
CA THR H 128 -21.94 -16.18 33.50
C THR H 128 -20.90 -17.26 33.22
N SER H 129 -19.64 -17.04 33.62
CA SER H 129 -18.59 -18.01 33.37
C SER H 129 -18.87 -19.33 34.09
N GLN H 130 -19.21 -19.25 35.38
CA GLN H 130 -19.56 -20.45 36.14
C GLN H 130 -20.77 -21.15 35.55
N ILE H 131 -21.80 -20.38 35.15
CA ILE H 131 -23.00 -20.99 34.57
C ILE H 131 -22.66 -21.70 33.26
N TYR H 132 -21.82 -21.08 32.42
CA TYR H 132 -21.42 -21.72 31.18
C TYR H 132 -20.66 -23.01 31.45
N ASP H 133 -19.73 -22.98 32.42
CA ASP H 133 -18.98 -24.18 32.75
C ASP H 133 -19.90 -25.30 33.23
N ILE H 134 -20.88 -24.95 34.09
CA ILE H 134 -21.80 -25.97 34.59
C ILE H 134 -22.66 -26.52 33.46
N LEU H 135 -23.07 -25.66 32.51
CA LEU H 135 -23.83 -26.16 31.36
C LEU H 135 -23.00 -27.14 30.56
N THR H 136 -21.74 -26.82 30.31
CA THR H 136 -20.89 -27.71 29.52
C THR H 136 -20.69 -29.05 30.24
N ILE H 137 -20.46 -29.00 31.55
CA ILE H 137 -20.28 -30.23 32.30
C ILE H 137 -21.54 -31.07 32.28
N SER H 138 -22.70 -30.44 32.46
CA SER H 138 -23.96 -31.19 32.43
C SER H 138 -24.20 -31.81 31.06
N GLN H 139 -23.88 -31.07 29.99
CA GLN H 139 -24.07 -31.60 28.64
C GLN H 139 -23.21 -32.83 28.43
N THR H 140 -21.91 -32.72 28.75
CA THR H 140 -21.04 -33.88 28.54
C THR H 140 -21.44 -35.05 29.43
N GLN H 141 -21.90 -34.76 30.65
CA GLN H 141 -22.37 -35.82 31.53
C GLN H 141 -23.56 -36.57 30.92
N GLN H 142 -24.56 -35.83 30.44
CA GLN H 142 -25.73 -36.47 29.88
C GLN H 142 -25.41 -37.19 28.58
N GLU H 143 -24.48 -36.64 27.78
CA GLU H 143 -24.10 -37.29 26.54
C GLU H 143 -23.39 -38.61 26.80
N LYS H 144 -22.46 -38.61 27.76
CA LYS H 144 -21.80 -39.86 28.14
C LYS H 144 -22.80 -40.86 28.72
N ASN H 145 -23.72 -40.38 29.56
CA ASN H 145 -24.72 -41.26 30.15
C ASN H 145 -25.57 -41.92 29.07
N GLU H 146 -26.04 -41.15 28.08
CA GLU H 146 -26.85 -41.74 27.03
C GLU H 146 -26.03 -42.68 26.15
N LYS H 147 -24.76 -42.33 25.86
CA LYS H 147 -23.92 -43.22 25.06
C LYS H 147 -23.71 -44.56 25.77
N ASP H 148 -23.47 -44.53 27.09
CA ASP H 148 -23.25 -45.76 27.84
C ASP H 148 -24.54 -46.53 28.12
N LEU H 149 -25.69 -45.86 28.19
CA LEU H 149 -26.98 -46.53 28.33
C LEU H 149 -27.47 -47.09 27.00
N LEU H 150 -26.87 -46.62 25.90
CA LEU H 150 -27.30 -47.06 24.58
C LEU H 150 -27.10 -48.54 24.34
N GLU H 151 -26.29 -49.21 25.16
CA GLU H 151 -26.10 -50.65 25.04
C GLU H 151 -27.42 -51.41 25.20
N GLN I 1 -9.54 16.80 39.07
CA GLN I 1 -10.54 15.91 38.49
C GLN I 1 -11.91 16.18 39.09
N ILE I 2 -12.39 15.23 39.90
CA ILE I 2 -13.69 15.34 40.54
C ILE I 2 -13.47 15.85 41.96
N HIS I 3 -13.91 17.09 42.23
CA HIS I 3 -13.76 17.70 43.54
C HIS I 3 -15.12 18.21 44.00
N LEU I 4 -15.54 17.79 45.19
CA LEU I 4 -16.82 18.20 45.76
C LEU I 4 -16.55 19.11 46.95
N VAL I 5 -16.94 20.38 46.83
CA VAL I 5 -16.83 21.35 47.90
C VAL I 5 -18.22 21.91 48.18
N GLN I 6 -18.54 22.11 49.46
CA GLN I 6 -19.84 22.57 49.87
C GLN I 6 -19.70 23.66 50.92
N SER I 7 -20.83 24.14 51.42
CA SER I 7 -20.86 25.29 52.31
C SER I 7 -20.16 24.97 53.63
N GLY I 8 -20.05 26.00 54.47
CA GLY I 8 -19.39 25.88 55.76
C GLY I 8 -20.33 25.39 56.85
N THR I 9 -19.83 25.47 58.08
CA THR I 9 -20.57 25.03 59.25
C THR I 9 -21.17 26.23 59.97
N GLU I 10 -22.35 26.03 60.57
CA GLU I 10 -23.00 27.07 61.33
C GLU I 10 -23.96 26.44 62.33
N VAL I 11 -24.38 27.23 63.30
CA VAL I 11 -25.28 26.78 64.35
C VAL I 11 -26.63 27.49 64.19
N LYS I 12 -27.70 26.73 64.28
CA LYS I 12 -29.05 27.27 64.16
C LYS I 12 -29.90 26.84 65.35
N LYS I 13 -31.19 27.14 65.27
CA LYS I 13 -32.14 26.94 66.34
C LYS I 13 -33.20 25.94 65.90
N PRO I 14 -33.83 25.24 66.84
CA PRO I 14 -34.90 24.31 66.46
C PRO I 14 -36.06 25.02 65.79
N GLY I 15 -36.67 24.35 64.82
CA GLY I 15 -37.77 24.91 64.06
C GLY I 15 -37.36 25.75 62.87
N SER I 16 -36.06 25.95 62.64
CA SER I 16 -35.59 26.74 61.53
C SER I 16 -35.36 25.85 60.30
N SER I 17 -34.84 26.46 59.24
CA SER I 17 -34.56 25.77 57.99
C SER I 17 -33.08 25.92 57.64
N VAL I 18 -32.49 24.84 57.14
CA VAL I 18 -31.07 24.80 56.81
C VAL I 18 -30.93 24.58 55.31
N THR I 19 -30.09 25.38 54.67
CA THR I 19 -29.80 25.24 53.24
C THR I 19 -28.30 24.97 53.08
N VAL I 20 -27.97 23.75 52.66
CA VAL I 20 -26.60 23.34 52.45
C VAL I 20 -26.40 23.15 50.95
N SER I 21 -25.47 23.90 50.37
CA SER I 21 -25.22 23.88 48.94
C SER I 21 -23.92 23.14 48.64
N CYS I 22 -23.99 22.18 47.74
CA CYS I 22 -22.83 21.38 47.35
C CYS I 22 -22.44 21.71 45.91
N LYS I 23 -21.21 22.20 45.75
CA LYS I 23 -20.69 22.58 44.45
C LYS I 23 -19.86 21.43 43.88
N ALA I 24 -20.18 21.01 42.66
CA ALA I 24 -19.52 19.87 42.02
C ALA I 24 -18.53 20.40 40.99
N TYR I 25 -17.24 20.21 41.26
CA TYR I 25 -16.18 20.60 40.35
C TYR I 25 -15.69 19.37 39.61
N GLY I 26 -15.69 19.44 38.28
CA GLY I 26 -15.31 18.33 37.43
C GLY I 26 -16.46 17.49 36.93
N VAL I 27 -17.66 17.67 37.50
CA VAL I 27 -18.84 16.96 37.05
C VAL I 27 -19.40 17.70 35.84
N ASN I 28 -19.54 16.99 34.71
CA ASN I 28 -20.05 17.63 33.50
C ASN I 28 -21.53 17.98 33.66
N THR I 29 -22.37 16.98 33.88
CA THR I 29 -23.81 17.20 34.03
C THR I 29 -24.33 16.31 35.15
N PHE I 30 -25.46 16.73 35.73
CA PHE I 30 -26.22 15.89 36.65
C PHE I 30 -27.17 14.95 35.94
N GLY I 31 -27.13 14.91 34.61
CA GLY I 31 -27.88 13.90 33.88
C GLY I 31 -27.11 12.59 33.85
N LEU I 32 -25.83 12.67 33.51
CA LEU I 32 -24.98 11.49 33.54
C LEU I 32 -24.61 11.11 34.97
N TYR I 33 -24.39 12.10 35.83
CA TYR I 33 -24.03 11.86 37.22
C TYR I 33 -25.28 11.87 38.10
N ALA I 34 -25.11 11.37 39.32
CA ALA I 34 -26.18 11.39 40.31
C ALA I 34 -25.59 11.76 41.67
N VAL I 35 -26.26 12.69 42.34
CA VAL I 35 -25.80 13.20 43.64
C VAL I 35 -26.69 12.63 44.73
N ASN I 36 -26.05 12.13 45.79
CA ASN I 36 -26.74 11.49 46.91
C ASN I 36 -26.36 12.20 48.19
N TRP I 37 -27.35 12.40 49.07
CA TRP I 37 -27.16 13.08 50.34
C TRP I 37 -27.20 12.07 51.47
N VAL I 38 -26.11 12.01 52.24
CA VAL I 38 -26.00 11.10 53.38
C VAL I 38 -25.57 11.90 54.61
N ARG I 39 -26.06 11.49 55.78
CA ARG I 39 -25.77 12.16 57.03
C ARG I 39 -25.12 11.18 58.00
N GLN I 40 -24.04 11.61 58.64
CA GLN I 40 -23.34 10.80 59.63
C GLN I 40 -23.50 11.46 60.99
N ALA I 41 -24.20 10.78 61.90
CA ALA I 41 -24.35 11.29 63.24
C ALA I 41 -23.00 11.26 63.97
N PRO I 42 -22.80 12.16 64.95
CA PRO I 42 -21.52 12.19 65.65
C PRO I 42 -21.19 10.86 66.34
N GLY I 43 -20.14 10.21 65.89
CA GLY I 43 -19.77 8.91 66.44
C GLY I 43 -20.82 7.85 66.24
N GLN I 44 -21.41 7.78 65.05
CA GLN I 44 -22.50 6.86 64.79
C GLN I 44 -22.52 6.54 63.30
N SER I 45 -23.15 5.43 62.95
CA SER I 45 -23.25 4.99 61.57
C SER I 45 -23.92 6.05 60.70
N LEU I 46 -23.70 5.92 59.39
CA LEU I 46 -24.22 6.88 58.43
C LEU I 46 -25.72 6.65 58.19
N GLU I 47 -26.35 7.62 57.55
CA GLU I 47 -27.77 7.55 57.22
C GLU I 47 -27.98 8.22 55.88
N TYR I 48 -28.89 7.66 55.08
CA TYR I 48 -29.15 8.12 53.72
C TYR I 48 -30.44 8.93 53.69
N ILE I 49 -30.36 10.16 53.21
CA ILE I 49 -31.55 11.02 53.15
C ILE I 49 -32.30 10.83 51.85
N GLY I 50 -31.66 11.15 50.73
CA GLY I 50 -32.32 11.07 49.45
C GLY I 50 -31.37 11.40 48.33
N GLN I 51 -31.94 11.60 47.14
CA GLN I 51 -31.13 11.85 45.95
C GLN I 51 -31.98 12.59 44.93
N ILE I 52 -31.29 13.17 43.95
CA ILE I 52 -31.92 13.67 42.72
C ILE I 52 -31.16 13.03 41.56
N TRP I 53 -31.69 11.92 41.05
CA TRP I 53 -31.03 11.14 40.01
C TRP I 53 -31.67 11.47 38.67
N ARG I 54 -30.86 11.98 37.74
CA ARG I 54 -31.31 12.50 36.44
C ARG I 54 -32.63 13.25 36.57
N TRP I 55 -32.61 14.25 37.45
CA TRP I 55 -33.75 15.15 37.70
C TRP I 55 -34.97 14.36 38.19
N LYS I 56 -34.78 13.67 39.31
CA LYS I 56 -35.86 12.92 39.94
C LYS I 56 -35.58 12.91 41.44
N SER I 57 -36.21 13.81 42.17
CA SER I 57 -35.99 13.94 43.60
C SER I 57 -36.66 12.79 44.35
N SER I 58 -36.00 12.32 45.41
CA SER I 58 -36.53 11.26 46.25
C SER I 58 -35.91 11.39 47.63
N ALA I 59 -36.52 10.70 48.60
CA ALA I 59 -36.06 10.78 49.97
C ALA I 59 -36.37 9.46 50.67
N SER I 60 -35.73 9.27 51.83
CA SER I 60 -35.89 8.04 52.59
C SER I 60 -37.29 7.97 53.19
N HIS I 61 -37.57 6.84 53.86
CA HIS I 61 -38.89 6.64 54.45
C HIS I 61 -39.19 7.67 55.52
N HIS I 62 -38.21 7.98 56.37
CA HIS I 62 -38.43 8.94 57.44
C HIS I 62 -38.51 10.38 56.95
N PHE I 63 -37.94 10.67 55.78
CA PHE I 63 -37.88 12.04 55.28
C PHE I 63 -39.00 12.29 54.27
N ARG I 64 -40.23 12.27 54.76
CA ARG I 64 -41.41 12.54 53.96
C ARG I 64 -41.97 13.90 54.36
N GLY I 65 -42.04 14.81 53.39
CA GLY I 65 -42.45 16.17 53.70
C GLY I 65 -41.49 16.91 54.60
N ARG I 66 -40.25 16.44 54.69
CA ARG I 66 -39.27 16.98 55.62
C ARG I 66 -38.03 17.52 54.94
N VAL I 67 -37.63 16.97 53.81
CA VAL I 67 -36.42 17.36 53.12
C VAL I 67 -36.77 17.68 51.67
N LEU I 68 -36.04 18.64 51.11
CA LEU I 68 -36.21 19.03 49.71
C LEU I 68 -34.85 19.02 49.03
N ILE I 69 -34.80 18.52 47.80
CA ILE I 69 -33.56 18.39 47.04
C ILE I 69 -33.67 19.29 45.81
N SER I 70 -32.64 20.12 45.59
CA SER I 70 -32.58 20.98 44.42
C SER I 70 -31.26 20.74 43.71
N ALA I 71 -31.26 20.94 42.40
CA ALA I 71 -30.06 20.73 41.61
C ALA I 71 -30.06 21.69 40.43
N VAL I 72 -28.91 22.29 40.15
CA VAL I 72 -28.73 23.19 39.01
C VAL I 72 -27.55 22.68 38.20
N ASP I 73 -27.70 22.62 36.89
CA ASP I 73 -26.70 22.05 36.01
C ASP I 73 -25.66 23.12 35.65
N LEU I 74 -24.85 22.85 34.62
CA LEU I 74 -23.75 23.75 34.24
C LEU I 74 -24.27 25.14 33.89
N THR I 75 -23.54 26.15 34.33
CA THR I 75 -23.83 27.53 33.96
C THR I 75 -22.62 28.17 33.31
N GLY I 76 -22.69 29.48 33.02
CA GLY I 76 -21.57 30.15 32.39
C GLY I 76 -20.35 30.23 33.28
N SER I 77 -20.57 30.54 34.56
CA SER I 77 -19.43 30.70 35.51
C SER I 77 -19.49 29.67 36.64
N SER I 78 -20.65 29.51 37.28
CA SER I 78 -20.76 28.58 38.40
C SER I 78 -20.76 27.13 37.91
N PRO I 79 -20.20 26.21 38.68
CA PRO I 79 -20.30 24.79 38.34
C PRO I 79 -21.66 24.25 38.71
N PRO I 80 -21.99 23.01 38.35
CA PRO I 80 -23.25 22.43 38.81
C PRO I 80 -23.31 22.37 40.34
N ILE I 81 -24.48 22.75 40.88
CA ILE I 81 -24.67 22.85 42.31
C ILE I 81 -25.95 22.09 42.68
N SER I 82 -25.92 21.43 43.83
CA SER I 82 -27.11 20.81 44.39
C SER I 82 -27.24 21.22 45.84
N SER I 83 -28.46 21.63 46.23
CA SER I 83 -28.71 22.21 47.54
C SER I 83 -29.58 21.27 48.37
N LEU I 84 -29.28 21.22 49.67
CA LEU I 84 -30.02 20.42 50.63
C LEU I 84 -30.88 21.35 51.48
N GLU I 85 -32.18 21.11 51.49
CA GLU I 85 -33.13 21.92 52.25
C GLU I 85 -33.87 21.03 53.24
N ILE I 86 -33.76 21.35 54.53
CA ILE I 86 -34.47 20.64 55.58
C ILE I 86 -35.20 21.67 56.44
N LYS I 87 -36.44 21.35 56.82
CA LYS I 87 -37.27 22.24 57.62
C LYS I 87 -37.76 21.51 58.87
N ASN I 88 -38.25 22.29 59.82
CA ASN I 88 -38.72 21.79 61.11
C ASN I 88 -37.63 20.96 61.80
N LEU I 89 -36.43 21.53 61.83
CA LEU I 89 -35.28 20.86 62.43
C LEU I 89 -35.48 20.67 63.93
N THR I 90 -35.02 19.53 64.44
CA THR I 90 -35.08 19.19 65.85
C THR I 90 -33.68 18.86 66.35
N SER I 91 -33.59 18.56 67.65
CA SER I 91 -32.28 18.37 68.28
C SER I 91 -31.56 17.13 67.79
N ASP I 92 -32.26 16.20 67.14
CA ASP I 92 -31.63 14.97 66.66
C ASP I 92 -30.99 15.13 65.29
N ASP I 93 -31.17 16.28 64.64
CA ASP I 93 -30.63 16.50 63.30
C ASP I 93 -29.21 17.01 63.32
N THR I 94 -28.63 17.26 64.49
CA THR I 94 -27.29 17.82 64.61
C THR I 94 -26.28 16.75 64.21
N ALA I 95 -25.80 16.81 62.97
CA ALA I 95 -24.84 15.85 62.47
C ALA I 95 -24.13 16.45 61.26
N VAL I 96 -23.04 15.81 60.87
CA VAL I 96 -22.30 16.23 59.68
C VAL I 96 -23.03 15.71 58.44
N TYR I 97 -23.18 16.58 57.45
CA TYR I 97 -23.89 16.27 56.22
C TYR I 97 -22.89 16.12 55.08
N PHE I 98 -23.02 15.06 54.30
CA PHE I 98 -22.09 14.73 53.24
C PHE I 98 -22.78 14.80 51.89
N CYS I 99 -22.09 15.35 50.90
CA CYS I 99 -22.57 15.40 49.53
C CYS I 99 -21.78 14.40 48.69
N THR I 100 -22.47 13.46 48.08
CA THR I 100 -21.84 12.36 47.35
C THR I 100 -22.30 12.35 45.91
N THR I 101 -21.36 12.15 44.99
CA THR I 101 -21.64 12.14 43.56
C THR I 101 -20.96 10.94 42.92
N THR I 102 -21.66 10.27 42.02
CA THR I 102 -21.11 9.13 41.29
C THR I 102 -21.59 9.18 39.86
N SER I 103 -20.85 8.49 38.99
CA SER I 103 -21.13 8.49 37.55
C SER I 103 -22.07 7.33 37.22
N THR I 104 -23.13 7.64 36.48
CA THR I 104 -24.11 6.64 36.05
C THR I 104 -24.13 6.46 34.54
N TYR I 105 -23.07 6.91 33.85
CA TYR I 105 -23.03 6.78 32.40
C TYR I 105 -23.00 5.31 31.97
N ASP I 106 -22.19 4.50 32.64
CA ASP I 106 -22.02 3.09 32.28
C ASP I 106 -22.92 2.24 33.17
N ARG I 107 -23.79 1.44 32.54
CA ARG I 107 -24.76 0.58 33.27
C ARG I 107 -24.06 -0.68 33.81
N TRP I 108 -22.97 -1.11 33.17
CA TRP I 108 -22.26 -2.30 33.59
C TRP I 108 -21.10 -2.01 34.53
N SER I 109 -20.91 -0.75 34.93
CA SER I 109 -19.86 -0.42 35.90
C SER I 109 -20.17 -1.02 37.27
N GLY I 110 -21.44 -1.16 37.62
CA GLY I 110 -21.83 -1.72 38.89
C GLY I 110 -21.97 -0.72 40.02
N LEU I 111 -21.68 0.56 39.77
CA LEU I 111 -21.83 1.57 40.83
C LEU I 111 -23.29 1.90 41.12
N HIS I 112 -24.19 1.64 40.18
CA HIS I 112 -25.60 1.99 40.34
C HIS I 112 -26.47 0.80 39.98
N HIS I 113 -27.65 0.75 40.60
CA HIS I 113 -28.60 -0.34 40.37
C HIS I 113 -30.00 0.18 40.68
N ASP I 114 -30.75 0.53 39.64
CA ASP I 114 -32.16 0.92 39.76
C ASP I 114 -32.36 2.05 40.76
N GLY I 115 -31.50 3.07 40.68
CA GLY I 115 -31.60 4.26 41.50
C GLY I 115 -30.76 4.22 42.77
N VAL I 116 -30.76 3.11 43.49
CA VAL I 116 -29.90 2.94 44.65
C VAL I 116 -28.50 2.62 44.16
N MET I 117 -27.49 3.25 44.78
CA MET I 117 -26.17 3.29 44.17
C MET I 117 -25.12 3.50 45.25
N ALA I 118 -23.86 3.30 44.86
CA ALA I 118 -22.73 3.59 45.72
C ALA I 118 -22.35 5.07 45.60
N PHE I 119 -21.41 5.49 46.45
CA PHE I 119 -20.97 6.88 46.49
C PHE I 119 -19.48 6.91 46.17
N SER I 120 -19.15 7.26 44.93
CA SER I 120 -17.75 7.29 44.50
C SER I 120 -17.00 8.49 45.07
N SER I 121 -17.63 9.66 45.07
CA SER I 121 -16.99 10.89 45.52
C SER I 121 -17.72 11.45 46.73
N TRP I 122 -16.98 12.14 47.58
CA TRP I 122 -17.51 12.66 48.83
C TRP I 122 -17.04 14.10 49.04
N GLY I 123 -17.85 14.87 49.79
CA GLY I 123 -17.51 16.22 50.14
C GLY I 123 -16.90 16.30 51.54
N GLN I 124 -16.40 17.50 51.87
CA GLN I 124 -15.71 17.68 53.15
C GLN I 124 -16.66 17.58 54.34
N GLY I 125 -17.94 17.86 54.13
CA GLY I 125 -18.91 17.75 55.20
C GLY I 125 -19.21 19.09 55.85
N THR I 126 -20.41 19.21 56.40
CA THR I 126 -20.86 20.42 57.10
C THR I 126 -21.32 20.03 58.50
N LEU I 127 -20.59 20.48 59.51
CA LEU I 127 -21.01 20.24 60.89
C LEU I 127 -22.21 21.13 61.22
N ILE I 128 -23.24 20.52 61.80
CA ILE I 128 -24.45 21.23 62.18
C ILE I 128 -24.77 20.89 63.63
N SER I 129 -25.08 21.91 64.42
CA SER I 129 -25.41 21.72 65.83
C SER I 129 -26.34 22.83 66.28
N VAL I 130 -27.02 22.59 67.40
CA VAL I 130 -27.91 23.57 67.99
C VAL I 130 -27.27 24.22 69.21
N ASP J 1 -34.47 -1.70 54.34
CA ASP J 1 -35.22 -2.91 54.66
C ASP J 1 -34.27 -4.07 54.96
N ILE J 2 -32.98 -3.83 54.76
CA ILE J 2 -31.94 -4.83 55.02
C ILE J 2 -31.16 -4.39 56.26
N GLN J 3 -31.26 -5.17 57.32
CA GLN J 3 -30.58 -4.87 58.58
C GLN J 3 -29.21 -5.53 58.54
N MET J 4 -28.20 -4.75 58.14
CA MET J 4 -26.85 -5.25 57.96
C MET J 4 -25.98 -4.87 59.15
N THR J 5 -25.26 -5.86 59.69
CA THR J 5 -24.35 -5.65 60.80
C THR J 5 -22.98 -6.23 60.46
N GLN J 6 -21.94 -5.64 61.05
CA GLN J 6 -20.57 -6.07 60.83
C GLN J 6 -19.86 -6.32 62.16
N SER J 7 -19.10 -7.41 62.19
CA SER J 7 -18.36 -7.84 63.37
C SER J 7 -16.94 -8.20 62.97
N PRO J 8 -15.96 -8.03 63.87
CA PRO J 8 -16.11 -7.45 65.21
C PRO J 8 -16.24 -5.93 65.17
N SER J 9 -16.95 -5.35 66.15
CA SER J 9 -17.15 -3.91 66.16
C SER J 9 -15.83 -3.17 66.29
N THR J 10 -14.93 -3.66 67.14
CA THR J 10 -13.61 -3.07 67.31
C THR J 10 -12.56 -4.17 67.23
N LEU J 11 -11.38 -3.79 66.73
CA LEU J 11 -10.26 -4.71 66.62
C LEU J 11 -8.98 -3.91 66.58
N SER J 12 -7.87 -4.58 66.90
CA SER J 12 -6.56 -3.95 66.93
C SER J 12 -5.58 -4.79 66.14
N ALA J 13 -4.71 -4.11 65.39
CA ALA J 13 -3.70 -4.79 64.58
C ALA J 13 -2.55 -3.83 64.33
N SER J 14 -1.42 -4.39 63.93
CA SER J 14 -0.21 -3.63 63.65
C SER J 14 0.06 -3.62 62.15
N THR J 15 1.15 -2.95 61.77
CA THR J 15 1.54 -2.90 60.37
C THR J 15 1.98 -4.28 59.89
N GLY J 16 1.52 -4.65 58.71
CA GLY J 16 1.87 -5.94 58.12
C GLY J 16 0.99 -7.10 58.53
N ASP J 17 -0.12 -6.85 59.21
CA ASP J 17 -1.03 -7.91 59.65
C ASP J 17 -2.28 -7.91 58.79
N THR J 18 -2.66 -9.08 58.30
CA THR J 18 -3.88 -9.24 57.53
C THR J 18 -5.08 -9.11 58.47
N VAL J 19 -6.05 -8.28 58.08
CA VAL J 19 -7.18 -7.92 58.93
C VAL J 19 -8.46 -8.40 58.25
N ARG J 20 -9.34 -9.06 59.02
CA ARG J 20 -10.60 -9.57 58.52
C ARG J 20 -11.72 -8.61 58.88
N ILE J 21 -12.36 -8.03 57.87
CA ILE J 21 -13.53 -7.18 58.04
C ILE J 21 -14.70 -7.85 57.31
N SER J 22 -15.68 -8.31 58.07
CA SER J 22 -16.80 -9.07 57.53
C SER J 22 -18.11 -8.50 58.04
N CYS J 23 -19.17 -8.67 57.24
CA CYS J 23 -20.52 -8.26 57.64
C CYS J 23 -21.55 -9.16 56.98
N ARG J 24 -22.24 -9.95 57.80
CA ARG J 24 -23.35 -10.77 57.33
C ARG J 24 -24.61 -9.92 57.25
N ALA J 25 -25.22 -9.89 56.06
CA ALA J 25 -26.44 -9.12 55.86
C ALA J 25 -27.63 -9.87 56.44
N SER J 26 -28.77 -9.17 56.51
CA SER J 26 -30.01 -9.81 56.92
C SER J 26 -30.59 -10.69 55.83
N GLN J 27 -30.32 -10.36 54.57
CA GLN J 27 -30.83 -11.12 53.43
C GLN J 27 -29.70 -11.34 52.44
N SER J 28 -29.82 -12.42 51.67
CA SER J 28 -28.78 -12.76 50.69
C SER J 28 -28.78 -11.76 49.55
N ILE J 29 -27.60 -11.30 49.16
CA ILE J 29 -27.45 -10.38 48.04
C ILE J 29 -26.78 -11.13 46.89
N THR J 30 -27.60 -11.68 46.00
CA THR J 30 -27.06 -12.47 44.88
C THR J 30 -26.40 -11.59 43.83
N GLY J 31 -26.77 -10.32 43.75
CA GLY J 31 -26.19 -9.41 42.76
C GLY J 31 -24.86 -8.81 43.16
N ASN J 32 -24.34 -9.15 44.34
CA ASN J 32 -23.07 -8.62 44.83
C ASN J 32 -23.08 -7.09 44.88
N TRP J 33 -24.23 -6.51 45.23
CA TRP J 33 -24.36 -5.05 45.31
C TRP J 33 -23.98 -4.60 46.73
N VAL J 34 -22.69 -4.69 47.00
CA VAL J 34 -22.13 -4.26 48.29
C VAL J 34 -20.96 -3.32 48.02
N ALA J 35 -20.85 -2.28 48.85
CA ALA J 35 -19.81 -1.28 48.72
C ALA J 35 -19.05 -1.16 50.04
N TRP J 36 -17.73 -0.98 49.94
CA TRP J 36 -16.87 -0.86 51.11
C TRP J 36 -16.34 0.56 51.22
N TYR J 37 -16.38 1.10 52.44
CA TYR J 37 -15.97 2.46 52.71
C TYR J 37 -14.95 2.50 53.84
N GLN J 38 -14.00 3.42 53.71
CA GLN J 38 -12.94 3.60 54.70
C GLN J 38 -12.84 5.07 55.04
N GLN J 39 -13.23 5.43 56.26
CA GLN J 39 -13.31 6.82 56.69
C GLN J 39 -12.12 7.15 57.58
N ARG J 40 -11.28 8.08 57.11
CA ARG J 40 -10.23 8.62 57.96
C ARG J 40 -10.85 9.49 59.05
N PRO J 41 -10.17 9.63 60.19
CA PRO J 41 -10.67 10.56 61.21
C PRO J 41 -10.70 11.98 60.67
N GLY J 42 -11.80 12.68 60.93
CA GLY J 42 -11.97 14.05 60.52
C GLY J 42 -12.66 14.25 59.18
N LYS J 43 -12.05 13.80 58.10
CA LYS J 43 -12.58 14.08 56.77
C LYS J 43 -13.47 12.94 56.27
N ALA J 44 -13.86 13.02 55.00
CA ALA J 44 -14.81 12.11 54.41
C ALA J 44 -14.21 10.74 54.18
N PRO J 45 -15.04 9.71 54.04
CA PRO J 45 -14.57 8.40 53.58
C PRO J 45 -14.34 8.44 52.08
N ARG J 46 -13.92 7.29 51.54
CA ARG J 46 -13.91 7.05 50.11
C ARG J 46 -14.38 5.63 49.82
N LEU J 47 -14.76 5.43 48.57
CA LEU J 47 -15.21 4.13 48.08
C LEU J 47 -14.00 3.31 47.67
N LEU J 48 -13.79 2.16 48.33
CA LEU J 48 -12.71 1.25 47.97
C LEU J 48 -13.19 0.16 47.03
N ILE J 49 -14.18 -0.62 47.46
CA ILE J 49 -14.63 -1.81 46.74
C ILE J 49 -16.11 -1.65 46.43
N TYR J 50 -16.47 -1.89 45.17
CA TYR J 50 -17.86 -1.91 44.74
C TYR J 50 -18.12 -3.19 43.97
N ARG J 51 -19.40 -3.51 43.81
CA ARG J 51 -19.83 -4.70 43.09
C ARG J 51 -19.16 -5.96 43.65
N GLY J 52 -19.13 -6.04 44.98
CA GLY J 52 -18.58 -7.19 45.65
C GLY J 52 -17.08 -7.14 45.87
N ALA J 53 -16.30 -7.38 44.81
CA ALA J 53 -14.85 -7.43 44.91
C ALA J 53 -14.18 -6.74 43.73
N ALA J 54 -14.68 -5.57 43.36
CA ALA J 54 -14.11 -4.81 42.26
C ALA J 54 -13.39 -3.58 42.81
N LEU J 55 -12.15 -3.39 42.37
CA LEU J 55 -11.34 -2.26 42.80
C LEU J 55 -11.74 -0.99 42.07
N LEU J 56 -11.34 0.14 42.65
CA LEU J 56 -11.57 1.46 42.07
C LEU J 56 -10.26 2.03 41.57
N GLY J 57 -10.33 2.78 40.47
CA GLY J 57 -9.14 3.39 39.90
C GLY J 57 -8.46 4.37 40.82
N GLY J 58 -7.30 4.00 41.35
CA GLY J 58 -6.61 4.83 42.31
C GLY J 58 -6.67 4.28 43.71
N VAL J 59 -6.71 2.96 43.83
CA VAL J 59 -6.76 2.28 45.12
C VAL J 59 -5.59 1.31 45.21
N PRO J 60 -4.90 1.24 46.35
CA PRO J 60 -3.84 0.24 46.50
C PRO J 60 -4.39 -1.17 46.37
N SER J 61 -3.55 -2.06 45.85
CA SER J 61 -3.95 -3.42 45.54
C SER J 61 -4.11 -4.30 46.77
N ARG J 62 -4.06 -3.72 47.97
CA ARG J 62 -4.17 -4.48 49.21
C ARG J 62 -5.61 -4.61 49.71
N PHE J 63 -6.58 -4.03 49.01
CA PHE J 63 -7.98 -4.07 49.40
C PHE J 63 -8.72 -4.99 48.44
N ARG J 64 -9.05 -6.20 48.90
CA ARG J 64 -9.77 -7.17 48.10
C ARG J 64 -10.88 -7.79 48.95
N GLY J 65 -12.05 -7.97 48.32
CA GLY J 65 -13.22 -8.47 49.00
C GLY J 65 -13.64 -9.84 48.50
N SER J 66 -14.80 -10.27 49.00
CA SER J 66 -15.36 -11.57 48.62
C SER J 66 -16.87 -11.50 48.69
N ALA J 67 -17.54 -12.27 47.83
CA ALA J 67 -18.98 -12.35 47.80
C ALA J 67 -19.37 -13.82 47.85
N ALA J 68 -19.90 -14.26 49.00
CA ALA J 68 -20.34 -15.64 49.20
C ALA J 68 -21.74 -15.57 49.82
N GLY J 69 -22.75 -15.53 48.95
CA GLY J 69 -24.12 -15.45 49.40
C GLY J 69 -24.38 -14.24 50.28
N THR J 70 -24.61 -14.49 51.57
CA THR J 70 -24.88 -13.42 52.52
C THR J 70 -23.60 -12.87 53.16
N ASP J 71 -22.51 -13.65 53.16
CA ASP J 71 -21.26 -13.24 53.78
C ASP J 71 -20.47 -12.34 52.83
N PHE J 72 -19.99 -11.22 53.35
CA PHE J 72 -19.13 -10.31 52.60
C PHE J 72 -17.95 -9.91 53.48
N THR J 73 -16.74 -10.29 53.06
CA THR J 73 -15.54 -10.06 53.84
C THR J 73 -14.58 -9.15 53.09
N LEU J 74 -13.93 -8.25 53.82
CA LEU J 74 -12.93 -7.35 53.26
C LEU J 74 -11.56 -7.69 53.84
N THR J 75 -10.56 -7.82 52.99
CA THR J 75 -9.22 -8.23 53.39
C THR J 75 -8.24 -7.08 53.17
N ILE J 76 -7.36 -6.87 54.14
CA ILE J 76 -6.31 -5.85 54.06
C ILE J 76 -4.99 -6.59 54.26
N GLY J 77 -4.36 -7.01 53.16
CA GLY J 77 -3.07 -7.66 53.23
C GLY J 77 -1.96 -6.63 53.27
N ASN J 78 -0.99 -6.85 54.16
CA ASN J 78 0.13 -5.92 54.37
C ASN J 78 -0.43 -4.54 54.71
N LEU J 79 -1.03 -4.48 55.90
CA LEU J 79 -1.67 -3.26 56.37
C LEU J 79 -0.65 -2.11 56.40
N GLN J 80 -1.09 -0.96 55.91
CA GLN J 80 -0.22 0.19 55.71
C GLN J 80 -0.61 1.29 56.69
N ALA J 81 0.18 2.37 56.71
CA ALA J 81 0.04 3.41 57.73
C ALA J 81 -1.32 4.11 57.65
N GLU J 82 -1.74 4.52 56.46
CA GLU J 82 -2.98 5.28 56.32
C GLU J 82 -4.22 4.42 56.49
N ASP J 83 -4.07 3.09 56.50
CA ASP J 83 -5.22 2.20 56.54
C ASP J 83 -5.95 2.23 57.88
N PHE J 84 -5.37 2.85 58.90
CA PHE J 84 -6.01 2.90 60.20
C PHE J 84 -7.23 3.81 60.15
N GLY J 85 -8.35 3.33 60.67
CA GLY J 85 -9.58 4.09 60.67
C GLY J 85 -10.77 3.16 60.59
N THR J 86 -11.96 3.77 60.71
CA THR J 86 -13.19 3.02 60.70
C THR J 86 -13.52 2.54 59.28
N PHE J 87 -14.31 1.48 59.21
CA PHE J 87 -14.71 0.86 57.95
C PHE J 87 -16.22 0.70 57.90
N TYR J 88 -16.76 0.65 56.68
CA TYR J 88 -18.19 0.54 56.47
C TYR J 88 -18.46 -0.32 55.26
N CYS J 89 -19.43 -1.24 55.38
CA CYS J 89 -19.95 -2.00 54.25
C CYS J 89 -21.39 -1.58 54.03
N GLN J 90 -21.76 -1.32 52.78
CA GLN J 90 -23.09 -0.80 52.45
C GLN J 90 -23.69 -1.63 51.32
N GLN J 91 -24.96 -1.96 51.46
CA GLN J 91 -25.71 -2.61 50.39
C GLN J 91 -26.45 -1.56 49.57
N TYR J 92 -26.44 -1.75 48.26
CA TYR J 92 -27.15 -0.85 47.35
C TYR J 92 -27.90 -1.65 46.29
N ASP J 93 -28.60 -2.70 46.73
CA ASP J 93 -29.48 -3.46 45.86
C ASP J 93 -30.95 -3.21 46.12
N THR J 94 -31.33 -2.84 47.35
CA THR J 94 -32.71 -2.57 47.70
C THR J 94 -32.80 -1.17 48.31
N TYR J 95 -33.71 -0.37 47.79
CA TYR J 95 -33.90 1.00 48.26
C TYR J 95 -34.51 1.00 49.66
N PRO J 96 -33.92 1.72 50.64
CA PRO J 96 -32.70 2.49 50.48
C PRO J 96 -31.45 1.76 50.98
N GLY J 97 -30.28 2.33 50.72
CA GLY J 97 -29.05 1.73 51.20
C GLY J 97 -28.92 1.82 52.70
N THR J 98 -28.13 0.90 53.26
CA THR J 98 -27.89 0.82 54.70
C THR J 98 -26.43 0.53 54.96
N PHE J 99 -25.89 1.13 56.03
CA PHE J 99 -24.51 0.95 56.44
C PHE J 99 -24.45 0.12 57.71
N GLY J 100 -23.23 -0.11 58.19
CA GLY J 100 -22.98 -0.79 59.44
C GLY J 100 -22.56 0.18 60.53
N GLN J 101 -22.47 -0.36 61.75
CA GLN J 101 -22.11 0.46 62.90
C GLN J 101 -20.71 1.02 62.76
N GLY J 102 -19.77 0.23 62.27
CA GLY J 102 -18.42 0.69 62.06
C GLY J 102 -17.35 -0.18 62.70
N THR J 103 -16.40 -0.64 61.91
CA THR J 103 -15.27 -1.41 62.40
C THR J 103 -14.00 -0.58 62.22
N LYS J 104 -13.24 -0.43 63.31
CA LYS J 104 -12.06 0.42 63.31
C LYS J 104 -10.82 -0.38 63.65
N VAL J 105 -9.68 0.13 63.19
CA VAL J 105 -8.38 -0.51 63.39
C VAL J 105 -7.53 0.40 64.27
N GLU J 106 -6.94 -0.17 65.33
CA GLU J 106 -6.14 0.57 66.28
C GLU J 106 -4.81 -0.15 66.50
N VAL J 107 -3.80 0.62 66.86
CA VAL J 107 -2.46 0.07 67.10
C VAL J 107 -2.46 -0.77 68.37
N GLN K 1 -31.88 78.84 -22.29
CA GLN K 1 -31.01 78.08 -23.19
C GLN K 1 -29.56 78.45 -22.98
N VAL K 2 -28.65 77.62 -23.50
CA VAL K 2 -27.22 77.83 -23.34
C VAL K 2 -26.70 78.59 -24.56
N GLN K 3 -26.15 79.77 -24.32
CA GLN K 3 -25.58 80.61 -25.36
C GLN K 3 -24.10 80.84 -25.08
N LEU K 4 -23.27 80.73 -26.11
CA LEU K 4 -21.83 80.83 -25.98
C LEU K 4 -21.31 82.05 -26.73
N GLN K 5 -20.26 82.66 -26.19
CA GLN K 5 -19.64 83.82 -26.82
C GLN K 5 -18.19 83.89 -26.34
N GLU K 6 -17.25 83.61 -27.24
CA GLU K 6 -15.84 83.65 -26.90
C GLU K 6 -15.31 85.07 -26.94
N SER K 7 -14.44 85.40 -25.98
CA SER K 7 -13.83 86.73 -25.86
C SER K 7 -12.34 86.54 -25.57
N GLY K 8 -11.53 86.55 -26.63
CA GLY K 8 -10.10 86.40 -26.49
C GLY K 8 -9.34 87.55 -27.11
N PRO K 9 -8.20 87.91 -26.50
CA PRO K 9 -7.40 89.02 -27.05
C PRO K 9 -6.90 88.76 -28.47
N GLY K 10 -6.62 87.51 -28.81
CA GLY K 10 -6.15 87.19 -30.15
C GLY K 10 -4.64 87.21 -30.29
N LEU K 11 -4.03 88.39 -30.16
CA LEU K 11 -2.58 88.54 -30.31
C LEU K 11 -1.95 88.75 -28.94
N VAL K 12 -1.04 87.86 -28.58
CA VAL K 12 -0.33 87.94 -27.30
C VAL K 12 1.14 87.61 -27.52
N LYS K 13 2.01 88.33 -26.80
CA LYS K 13 3.44 88.10 -26.89
C LYS K 13 3.84 86.84 -26.11
N PRO K 14 4.93 86.18 -26.50
CA PRO K 14 5.34 84.95 -25.82
C PRO K 14 5.79 85.22 -24.39
N SER K 15 5.66 84.17 -23.57
CA SER K 15 6.10 84.17 -22.18
C SER K 15 5.40 85.26 -21.38
N GLU K 16 4.08 85.36 -21.53
CA GLU K 16 3.28 86.34 -20.80
C GLU K 16 1.96 85.70 -20.41
N THR K 17 1.35 86.27 -19.37
CA THR K 17 0.07 85.76 -18.87
C THR K 17 -1.04 86.03 -19.88
N LEU K 18 -1.96 85.08 -20.00
CA LEU K 18 -3.07 85.16 -20.93
C LEU K 18 -4.38 85.28 -20.15
N SER K 19 -5.42 85.77 -20.82
CA SER K 19 -6.76 85.87 -20.24
C SER K 19 -7.78 85.73 -21.36
N VAL K 20 -8.43 84.58 -21.43
CA VAL K 20 -9.45 84.27 -22.43
C VAL K 20 -10.72 83.87 -21.70
N THR K 21 -11.85 84.42 -22.13
CA THR K 21 -13.12 84.21 -21.45
C THR K 21 -14.21 83.79 -22.44
N CYS K 22 -15.19 83.07 -21.91
CA CYS K 22 -16.41 82.70 -22.63
C CYS K 22 -17.61 83.02 -21.76
N SER K 23 -18.79 83.02 -22.37
CA SER K 23 -20.02 83.37 -21.68
C SER K 23 -21.06 82.28 -21.82
N VAL K 24 -21.80 82.03 -20.73
CA VAL K 24 -22.95 81.14 -20.73
C VAL K 24 -24.12 81.90 -20.11
N SER K 25 -25.27 81.89 -20.79
CA SER K 25 -26.39 82.74 -20.43
C SER K 25 -27.52 81.90 -19.85
N GLY K 26 -28.17 82.42 -18.82
CA GLY K 26 -29.33 81.77 -18.23
C GLY K 26 -29.05 80.40 -17.65
N ASP K 27 -27.98 80.26 -16.87
CA ASP K 27 -27.58 78.95 -16.35
C ASP K 27 -27.42 79.03 -14.84
N SER K 28 -27.57 77.87 -14.20
CA SER K 28 -27.49 77.77 -12.75
C SER K 28 -26.04 77.75 -12.29
N MET K 29 -25.82 77.39 -11.02
CA MET K 29 -24.49 77.44 -10.42
C MET K 29 -23.77 76.11 -10.52
N ASN K 30 -24.34 75.05 -9.94
CA ASN K 30 -23.70 73.75 -9.89
C ASN K 30 -24.43 72.70 -10.72
N ASN K 31 -25.23 73.12 -11.70
CA ASN K 31 -25.98 72.17 -12.52
C ASN K 31 -25.04 71.29 -13.35
N TYR K 32 -23.99 71.86 -13.92
CA TYR K 32 -23.02 71.09 -14.68
C TYR K 32 -21.64 71.74 -14.60
N TYR K 33 -20.61 70.96 -14.90
CA TYR K 33 -19.23 71.43 -14.81
C TYR K 33 -18.84 72.17 -16.08
N TRP K 34 -17.61 72.68 -16.11
CA TRP K 34 -17.12 73.48 -17.22
C TRP K 34 -15.85 72.86 -17.79
N THR K 35 -15.74 72.88 -19.11
CA THR K 35 -14.61 72.28 -19.83
C THR K 35 -14.20 73.16 -21.01
N TRP K 36 -13.15 72.71 -21.71
CA TRP K 36 -12.60 73.42 -22.85
C TRP K 36 -12.09 72.39 -23.86
N ILE K 37 -12.20 72.72 -25.15
CA ILE K 37 -11.77 71.81 -26.22
C ILE K 37 -10.97 72.59 -27.25
N ARG K 38 -10.23 71.85 -28.10
CA ARG K 38 -9.34 72.45 -29.11
C ARG K 38 -9.25 71.53 -30.34
N GLN K 39 -9.78 72.04 -31.46
CA GLN K 39 -9.65 71.34 -32.74
C GLN K 39 -8.51 71.93 -33.57
N SER K 40 -7.75 72.85 -32.98
CA SER K 40 -6.76 73.72 -33.62
C SER K 40 -5.59 72.93 -34.21
N PRO K 41 -4.67 73.55 -34.97
CA PRO K 41 -3.80 72.82 -35.85
C PRO K 41 -4.50 71.67 -36.62
N GLY K 42 -5.84 71.74 -36.80
CA GLY K 42 -6.55 70.81 -37.65
C GLY K 42 -6.20 69.36 -37.39
N LYS K 43 -6.50 68.89 -36.17
CA LYS K 43 -6.19 67.52 -35.79
C LYS K 43 -7.41 66.89 -35.14
N GLY K 44 -7.24 65.72 -34.53
CA GLY K 44 -8.30 65.16 -33.74
C GLY K 44 -8.58 66.01 -32.51
N LEU K 45 -9.76 65.82 -31.93
CA LEU K 45 -10.15 66.59 -30.76
C LEU K 45 -9.14 66.36 -29.64
N GLU K 46 -8.68 67.46 -29.03
CA GLU K 46 -7.71 67.42 -27.95
C GLU K 46 -8.31 68.05 -26.71
N TRP K 47 -8.07 67.40 -25.57
CA TRP K 47 -8.69 67.82 -24.32
C TRP K 47 -7.81 68.79 -23.55
N ILE K 48 -8.44 69.77 -22.91
CA ILE K 48 -7.78 70.78 -22.10
C ILE K 48 -8.54 70.81 -20.77
N GLY K 49 -7.91 71.43 -19.77
CA GLY K 49 -8.41 71.46 -18.40
C GLY K 49 -9.91 71.65 -18.24
N TYR K 50 -10.49 70.86 -17.32
CA TYR K 50 -11.90 70.97 -16.97
C TYR K 50 -11.97 71.17 -15.46
N ILE K 51 -12.37 72.37 -15.06
CA ILE K 51 -12.41 72.69 -13.65
C ILE K 51 -13.75 72.25 -13.08
N SER K 52 -13.78 71.94 -11.79
CA SER K 52 -14.99 71.53 -11.10
C SER K 52 -15.75 72.75 -10.58
N ASP K 53 -16.82 72.50 -9.84
CA ASP K 53 -17.59 73.59 -9.26
C ASP K 53 -16.93 74.20 -8.04
N ARG K 54 -15.85 73.59 -7.54
CA ARG K 54 -15.19 74.05 -6.33
C ARG K 54 -13.75 74.51 -6.59
N GLU K 55 -13.43 74.89 -7.82
CA GLU K 55 -12.11 75.40 -8.19
C GLU K 55 -11.02 74.36 -7.88
N SER K 56 -11.10 73.23 -8.58
CA SER K 56 -10.13 72.16 -8.46
C SER K 56 -9.22 72.13 -9.68
N ALA K 57 -8.29 71.17 -9.70
CA ALA K 57 -7.34 71.02 -10.78
C ALA K 57 -7.04 69.55 -11.02
N THR K 58 -7.56 69.02 -12.13
CA THR K 58 -7.23 67.68 -12.59
C THR K 58 -7.32 67.70 -14.11
N TYR K 59 -6.19 67.92 -14.76
CA TYR K 59 -6.21 68.36 -16.14
C TYR K 59 -5.43 67.37 -16.99
N ASN K 60 -5.54 67.52 -18.31
CA ASN K 60 -4.90 66.59 -19.23
C ASN K 60 -3.38 66.62 -19.07
N PRO K 61 -2.75 65.49 -18.79
CA PRO K 61 -1.28 65.45 -18.69
C PRO K 61 -0.59 65.73 -20.01
N SER K 62 -1.34 65.65 -21.11
CA SER K 62 -0.75 65.67 -22.43
C SER K 62 -0.48 67.07 -22.96
N LEU K 63 -0.51 68.10 -22.10
CA LEU K 63 -0.07 69.40 -22.59
C LEU K 63 1.24 69.79 -21.94
N ASN K 64 1.19 70.19 -20.66
CA ASN K 64 2.26 70.07 -19.68
C ASN K 64 1.67 69.97 -18.28
N SER K 65 0.33 69.96 -18.19
CA SER K 65 -0.38 70.45 -17.01
C SER K 65 0.05 71.88 -16.70
N ARG K 66 -0.05 72.74 -17.72
CA ARG K 66 0.55 74.07 -17.72
C ARG K 66 -0.43 75.21 -17.49
N VAL K 67 -1.63 75.13 -18.07
CA VAL K 67 -2.54 76.26 -18.11
C VAL K 67 -3.44 76.21 -16.88
N VAL K 68 -3.41 77.29 -16.10
CA VAL K 68 -4.41 77.49 -15.06
C VAL K 68 -5.63 78.18 -15.65
N ILE K 69 -6.82 77.66 -15.32
CA ILE K 69 -8.00 78.04 -16.08
C ILE K 69 -9.11 78.57 -15.19
N SER K 70 -10.27 78.81 -15.81
CA SER K 70 -11.39 79.51 -15.20
C SER K 70 -11.89 78.87 -13.92
N ARG K 71 -12.29 79.73 -12.97
CA ARG K 71 -13.32 79.37 -12.01
C ARG K 71 -14.39 80.45 -11.91
N ASP K 72 -13.98 81.71 -12.00
CA ASP K 72 -14.79 82.84 -11.56
C ASP K 72 -16.15 82.93 -12.23
N THR K 73 -17.17 83.26 -11.44
CA THR K 73 -18.53 83.44 -11.93
C THR K 73 -19.12 84.76 -11.43
N SER K 74 -18.33 85.84 -11.51
CA SER K 74 -18.76 87.13 -10.99
C SER K 74 -20.09 87.56 -11.60
N LYS K 75 -20.12 87.80 -12.91
CA LYS K 75 -21.40 87.90 -13.60
C LYS K 75 -21.54 86.78 -14.62
N ASN K 76 -20.68 86.79 -15.63
CA ASN K 76 -20.60 85.68 -16.59
C ASN K 76 -19.28 85.72 -17.36
N GLN K 77 -18.30 84.93 -16.94
CA GLN K 77 -17.02 84.84 -17.65
C GLN K 77 -16.31 83.58 -17.20
N LEU K 78 -15.36 83.11 -18.02
CA LEU K 78 -14.52 81.98 -17.66
C LEU K 78 -13.08 82.33 -18.05
N SER K 79 -12.30 82.82 -17.09
CA SER K 79 -11.01 83.43 -17.38
C SER K 79 -9.87 82.42 -17.31
N LEU K 80 -9.06 82.39 -18.38
CA LEU K 80 -8.00 81.40 -18.55
C LEU K 80 -6.65 82.07 -18.28
N LYS K 81 -6.00 81.70 -17.19
CA LYS K 81 -4.67 82.25 -16.87
C LYS K 81 -3.59 81.32 -17.41
N LEU K 82 -3.11 81.60 -18.62
CA LEU K 82 -2.08 80.78 -19.27
C LEU K 82 -0.74 81.51 -19.17
N ASN K 83 0.21 80.91 -18.46
CA ASN K 83 1.53 81.48 -18.26
C ASN K 83 2.58 80.71 -19.07
N SER K 84 3.63 81.43 -19.45
CA SER K 84 4.76 80.86 -20.20
C SER K 84 4.26 80.17 -21.49
N VAL K 85 3.66 80.98 -22.35
CA VAL K 85 3.08 80.48 -23.59
C VAL K 85 4.20 80.14 -24.57
N THR K 86 3.91 79.21 -25.47
CA THR K 86 4.82 78.81 -26.53
C THR K 86 4.06 78.74 -27.84
N PRO K 87 4.75 78.94 -28.98
CA PRO K 87 4.05 78.83 -30.28
C PRO K 87 3.45 77.46 -30.54
N ALA K 88 3.92 76.42 -29.84
CA ALA K 88 3.41 75.07 -30.06
C ALA K 88 1.94 74.91 -29.65
N ASP K 89 1.39 75.83 -28.87
CA ASP K 89 -0.01 75.75 -28.45
C ASP K 89 -0.80 76.95 -28.94
N THR K 90 -0.51 77.42 -30.16
CA THR K 90 -1.32 78.43 -30.82
C THR K 90 -2.62 77.78 -31.26
N ALA K 91 -3.74 78.30 -30.78
CA ALA K 91 -5.00 77.56 -30.86
C ALA K 91 -6.18 78.53 -30.77
N VAL K 92 -7.35 78.03 -31.15
CA VAL K 92 -8.64 78.67 -30.86
C VAL K 92 -9.35 77.83 -29.81
N TYR K 93 -9.89 78.49 -28.79
CA TYR K 93 -10.46 77.82 -27.63
C TYR K 93 -11.97 77.84 -27.73
N TYR K 94 -12.59 76.67 -27.53
CA TYR K 94 -14.04 76.53 -27.55
C TYR K 94 -14.55 76.28 -26.14
N CYS K 95 -15.57 77.05 -25.75
CA CYS K 95 -16.20 76.93 -24.44
C CYS K 95 -17.33 75.92 -24.52
N ALA K 96 -17.18 74.81 -23.81
CA ALA K 96 -18.11 73.68 -23.95
C ALA K 96 -18.75 73.39 -22.60
N THR K 97 -19.70 72.45 -22.61
CA THR K 97 -20.39 72.03 -21.40
C THR K 97 -19.77 70.73 -20.88
N ALA K 98 -19.66 70.61 -19.56
CA ALA K 98 -19.13 69.42 -18.92
C ALA K 98 -20.14 68.91 -17.90
N ARG K 99 -20.46 67.62 -17.96
CA ARG K 99 -21.34 67.00 -16.99
C ARG K 99 -20.82 65.62 -16.68
N ARG K 100 -21.15 65.14 -15.47
CA ARG K 100 -20.62 63.88 -14.96
C ARG K 100 -21.74 62.86 -14.81
N GLY K 101 -21.54 61.68 -15.37
CA GLY K 101 -22.43 60.56 -15.20
C GLY K 101 -21.77 59.45 -14.39
N GLN K 102 -22.61 58.52 -13.93
CA GLN K 102 -22.12 57.42 -13.10
C GLN K 102 -22.73 56.11 -13.58
N ARG K 103 -21.85 55.12 -13.77
CA ARG K 103 -22.26 53.76 -14.24
C ARG K 103 -21.74 52.73 -13.23
N ILE K 104 -22.63 51.90 -12.70
CA ILE K 104 -22.30 50.87 -11.73
C ILE K 104 -22.60 49.51 -12.33
N TYR K 105 -21.68 48.56 -12.13
CA TYR K 105 -21.81 47.22 -12.67
C TYR K 105 -21.58 46.15 -11.60
N GLY K 106 -21.50 46.55 -10.34
CA GLY K 106 -21.28 45.61 -9.25
C GLY K 106 -21.76 46.14 -7.92
N VAL K 107 -21.03 45.85 -6.86
CA VAL K 107 -21.40 46.29 -5.52
C VAL K 107 -20.93 47.73 -5.34
N VAL K 108 -21.87 48.63 -5.03
CA VAL K 108 -21.52 50.03 -4.85
C VAL K 108 -20.69 50.22 -3.59
N SER K 109 -21.00 49.48 -2.53
CA SER K 109 -20.28 49.63 -1.27
C SER K 109 -18.83 49.19 -1.36
N PHE K 110 -18.45 48.46 -2.42
CA PHE K 110 -17.08 48.01 -2.60
C PHE K 110 -16.21 49.03 -3.33
N GLY K 111 -16.76 50.19 -3.71
CA GLY K 111 -16.00 51.18 -4.45
C GLY K 111 -15.63 50.69 -5.85
N GLU K 112 -16.62 50.39 -6.67
CA GLU K 112 -16.39 49.80 -7.98
C GLU K 112 -16.88 50.64 -9.14
N PHE K 113 -17.62 51.71 -8.88
CA PHE K 113 -18.13 52.55 -9.96
C PHE K 113 -17.03 53.46 -10.49
N PHE K 114 -17.15 53.81 -11.77
CA PHE K 114 -16.28 54.78 -12.40
C PHE K 114 -17.11 56.00 -12.82
N TYR K 115 -16.42 57.08 -13.17
CA TYR K 115 -17.08 58.33 -13.53
C TYR K 115 -16.83 58.61 -15.00
N TYR K 116 -17.90 58.85 -15.76
CA TYR K 116 -17.81 59.19 -17.16
C TYR K 116 -18.53 60.51 -17.41
N TYR K 117 -18.04 61.27 -18.38
CA TYR K 117 -18.50 62.62 -18.66
C TYR K 117 -19.15 62.68 -20.05
N SER K 118 -19.90 63.77 -20.27
CA SER K 118 -20.63 64.00 -21.52
C SER K 118 -20.56 65.48 -21.82
N MET K 119 -20.40 65.82 -23.10
CA MET K 119 -20.15 67.20 -23.54
C MET K 119 -21.24 67.58 -24.54
N ASP K 120 -22.27 68.28 -24.08
CA ASP K 120 -23.45 68.53 -24.91
C ASP K 120 -23.26 69.73 -25.83
N VAL K 121 -23.05 70.92 -25.27
CA VAL K 121 -23.04 72.13 -26.08
C VAL K 121 -21.63 72.72 -26.08
N TRP K 122 -21.14 73.04 -27.27
CA TRP K 122 -19.81 73.61 -27.47
C TRP K 122 -19.91 75.06 -27.93
N GLY K 123 -18.79 75.78 -27.84
CA GLY K 123 -18.76 77.19 -28.15
C GLY K 123 -18.36 77.47 -29.60
N LYS K 124 -18.25 78.77 -29.90
CA LYS K 124 -17.87 79.21 -31.23
C LYS K 124 -16.36 79.34 -31.36
N GLY K 125 -15.75 80.14 -30.51
CA GLY K 125 -14.31 80.29 -30.46
C GLY K 125 -13.82 81.49 -31.25
N THR K 126 -12.76 82.11 -30.74
CA THR K 126 -12.10 83.24 -31.40
C THR K 126 -10.62 82.90 -31.57
N THR K 127 -10.11 83.13 -32.78
CA THR K 127 -8.74 82.74 -33.11
C THR K 127 -7.75 83.56 -32.29
N VAL K 128 -6.89 82.87 -31.54
CA VAL K 128 -5.85 83.48 -30.73
C VAL K 128 -4.51 82.95 -31.23
N THR K 129 -3.59 83.86 -31.54
CA THR K 129 -2.29 83.49 -32.07
C THR K 129 -1.19 84.25 -31.35
N VAL K 130 -0.02 83.64 -31.29
CA VAL K 130 1.16 84.22 -30.65
C VAL K 130 2.01 84.90 -31.72
N SER K 131 2.75 85.91 -31.30
CA SER K 131 3.61 86.65 -32.22
C SER K 131 5.07 86.21 -32.07
N VAL L 3 -3.58 58.20 -38.77
CA VAL L 3 -4.33 59.01 -39.73
C VAL L 3 -4.48 58.25 -41.04
N ARG L 4 -5.47 57.36 -41.08
CA ARG L 4 -5.71 56.53 -42.26
C ARG L 4 -6.98 56.98 -42.97
N PRO L 5 -6.93 57.39 -44.23
CA PRO L 5 -8.16 57.73 -44.95
C PRO L 5 -9.09 56.54 -45.01
N LEU L 6 -10.38 56.80 -44.83
CA LEU L 6 -11.31 55.73 -44.47
C LEU L 6 -12.74 56.21 -44.68
N SER L 7 -13.68 55.27 -44.52
CA SER L 7 -15.13 55.44 -44.34
C SER L 7 -15.90 55.10 -45.61
N VAL L 8 -16.70 56.04 -46.11
CA VAL L 8 -17.65 55.76 -47.19
C VAL L 8 -17.96 57.07 -47.91
N ALA L 9 -18.47 56.98 -49.14
CA ALA L 9 -18.70 58.16 -49.96
C ALA L 9 -19.87 57.94 -50.91
N LEU L 10 -20.33 59.04 -51.50
CA LEU L 10 -21.35 59.09 -52.55
C LEU L 10 -22.72 58.57 -52.11
N GLY L 11 -22.99 58.57 -50.81
CA GLY L 11 -24.35 58.48 -50.33
C GLY L 11 -24.99 57.11 -50.23
N GLU L 12 -24.22 56.10 -50.64
CA GLU L 12 -24.55 54.67 -50.40
C GLU L 12 -24.12 54.52 -48.94
N THR L 13 -24.99 54.01 -48.07
CA THR L 13 -24.64 54.11 -46.65
C THR L 13 -24.07 52.79 -46.15
N ALA L 14 -23.54 52.80 -44.93
CA ALA L 14 -23.01 51.62 -44.27
C ALA L 14 -23.17 51.79 -42.76
N ARG L 15 -22.48 50.98 -41.97
CA ARG L 15 -22.50 51.16 -40.52
C ARG L 15 -21.10 50.92 -39.94
N ILE L 16 -20.59 51.91 -39.23
CA ILE L 16 -19.19 51.91 -38.81
C ILE L 16 -19.10 51.57 -37.32
N SER L 17 -17.97 50.99 -36.93
CA SER L 17 -17.68 50.69 -35.54
C SER L 17 -16.21 51.01 -35.28
N CYS L 18 -15.94 51.64 -34.15
CA CYS L 18 -14.56 51.98 -33.80
C CYS L 18 -13.76 50.73 -33.50
N GLY L 19 -12.44 50.83 -33.71
CA GLY L 19 -11.56 49.69 -33.61
C GLY L 19 -11.20 49.24 -32.22
N ARG L 20 -11.62 49.96 -31.19
CA ARG L 20 -11.32 49.57 -29.82
C ARG L 20 -12.10 48.31 -29.43
N GLN L 21 -11.40 47.34 -28.86
CA GLN L 21 -12.04 46.12 -28.42
C GLN L 21 -12.89 46.38 -27.18
N ALA L 22 -14.04 45.69 -27.11
CA ALA L 22 -14.94 45.82 -25.96
C ALA L 22 -14.30 45.14 -24.76
N LEU L 23 -13.87 45.94 -23.79
CA LEU L 23 -13.22 45.46 -22.59
C LEU L 23 -13.95 45.99 -21.37
N GLY L 24 -14.11 45.15 -20.35
CA GLY L 24 -14.74 45.55 -19.12
C GLY L 24 -16.19 45.97 -19.29
N SER L 25 -16.46 47.26 -19.11
CA SER L 25 -17.77 47.84 -19.35
C SER L 25 -17.60 49.07 -20.23
N ARG L 26 -18.37 49.13 -21.31
CA ARG L 26 -18.22 50.18 -22.32
C ARG L 26 -19.37 51.17 -22.20
N ALA L 27 -19.03 52.45 -22.13
CA ALA L 27 -20.00 53.55 -22.16
C ALA L 27 -19.54 54.47 -23.30
N VAL L 28 -20.00 54.18 -24.52
CA VAL L 28 -19.54 54.88 -25.70
C VAL L 28 -20.44 56.08 -25.98
N GLN L 29 -19.85 57.16 -26.48
CA GLN L 29 -20.58 58.34 -26.91
C GLN L 29 -20.16 58.71 -28.32
N TRP L 30 -21.01 58.39 -29.29
CA TRP L 30 -20.76 58.81 -30.66
C TRP L 30 -20.94 60.32 -30.78
N TYR L 31 -20.25 60.93 -31.76
CA TYR L 31 -20.28 62.36 -31.95
C TYR L 31 -20.46 62.69 -33.42
N GLN L 32 -21.18 63.78 -33.69
CA GLN L 32 -21.28 64.34 -35.05
C GLN L 32 -20.32 65.52 -35.13
N HIS L 33 -19.23 65.33 -35.86
CA HIS L 33 -18.29 66.42 -36.07
C HIS L 33 -18.96 67.53 -36.87
N ARG L 34 -18.55 68.77 -36.60
CA ARG L 34 -19.03 69.93 -37.35
C ARG L 34 -17.85 70.83 -37.64
N PRO L 35 -17.35 70.84 -38.89
CA PRO L 35 -16.14 71.61 -39.21
C PRO L 35 -16.38 73.10 -39.08
N GLY L 36 -15.64 73.74 -38.18
CA GLY L 36 -15.66 75.18 -38.02
C GLY L 36 -16.58 75.69 -36.93
N GLN L 37 -17.46 74.86 -36.40
CA GLN L 37 -18.40 75.32 -35.37
C GLN L 37 -18.62 74.19 -34.36
N ALA L 38 -19.60 74.37 -33.49
CA ALA L 38 -19.81 73.45 -32.39
C ALA L 38 -20.36 72.11 -32.90
N PRO L 39 -19.78 70.99 -32.48
CA PRO L 39 -20.38 69.69 -32.82
C PRO L 39 -21.48 69.30 -31.85
N ILE L 40 -22.04 68.10 -32.02
CA ILE L 40 -23.06 67.58 -31.11
C ILE L 40 -22.80 66.11 -30.87
N LEU L 41 -22.95 65.69 -29.60
CA LEU L 41 -22.85 64.28 -29.27
C LEU L 41 -24.09 63.54 -29.78
N LEU L 42 -23.88 62.31 -30.23
CA LEU L 42 -24.97 61.47 -30.73
C LEU L 42 -25.69 60.71 -29.65
N ILE L 43 -24.97 59.98 -28.80
CA ILE L 43 -25.59 59.20 -27.75
C ILE L 43 -24.76 59.31 -26.48
N TYR L 44 -25.43 59.15 -25.34
CA TYR L 44 -24.79 59.01 -24.05
C TYR L 44 -25.46 57.85 -23.34
N ASN L 45 -24.70 57.12 -22.53
CA ASN L 45 -25.14 55.89 -21.89
C ASN L 45 -25.43 54.78 -22.89
N ASN L 46 -25.10 55.00 -24.16
CA ASN L 46 -25.21 54.06 -25.27
C ASN L 46 -26.65 53.83 -25.70
N GLN L 47 -27.62 54.29 -24.90
CA GLN L 47 -29.03 54.10 -25.22
C GLN L 47 -29.83 55.38 -25.25
N ASP L 48 -29.68 56.24 -24.24
CA ASP L 48 -30.61 57.35 -24.05
C ASP L 48 -30.33 58.49 -25.03
N ARG L 49 -31.32 58.80 -25.85
CA ARG L 49 -31.31 59.83 -26.86
C ARG L 49 -31.29 61.21 -26.21
N PRO L 50 -30.32 62.06 -26.59
CA PRO L 50 -30.18 63.37 -25.92
C PRO L 50 -31.44 64.22 -26.02
N SER L 51 -31.83 64.56 -27.25
CA SER L 51 -33.03 65.36 -27.49
C SER L 51 -33.32 65.38 -28.98
N GLY L 52 -34.58 65.15 -29.35
CA GLY L 52 -35.04 65.26 -30.71
C GLY L 52 -34.13 64.69 -31.78
N ILE L 53 -33.60 63.49 -31.55
CA ILE L 53 -32.74 62.84 -32.53
C ILE L 53 -33.57 61.78 -33.23
N PRO L 54 -33.49 61.66 -34.56
CA PRO L 54 -34.25 60.62 -35.25
C PRO L 54 -33.82 59.24 -34.77
N GLU L 55 -34.78 58.31 -34.73
CA GLU L 55 -34.46 56.95 -34.30
C GLU L 55 -33.95 56.12 -35.47
N ARG L 56 -32.78 56.49 -35.97
CA ARG L 56 -31.99 55.69 -36.88
C ARG L 56 -30.57 55.69 -36.31
N PHE L 57 -30.40 56.44 -35.23
CA PHE L 57 -29.10 56.63 -34.58
C PHE L 57 -28.94 55.78 -33.34
N SER L 58 -29.58 54.61 -33.29
CA SER L 58 -29.54 53.78 -32.09
C SER L 58 -28.16 53.19 -31.88
N GLY L 59 -27.91 52.76 -30.64
CA GLY L 59 -26.64 52.14 -30.26
C GLY L 59 -26.88 50.75 -29.69
N THR L 60 -25.86 49.91 -29.77
CA THR L 60 -25.98 48.54 -29.32
C THR L 60 -26.13 48.47 -27.80
N PRO L 61 -26.90 47.51 -27.29
CA PRO L 61 -27.05 47.36 -25.84
C PRO L 61 -25.86 46.66 -25.21
N ASP L 62 -25.60 46.98 -23.95
CA ASP L 62 -24.53 46.36 -23.18
C ASP L 62 -25.04 45.18 -22.35
N ILE L 63 -25.72 44.24 -23.00
CA ILE L 63 -26.17 43.01 -22.37
C ILE L 63 -25.42 41.85 -23.00
N ASN L 64 -25.02 40.88 -22.16
CA ASN L 64 -24.21 39.73 -22.58
C ASN L 64 -22.88 40.21 -23.18
N PHE L 65 -22.08 40.81 -22.31
CA PHE L 65 -20.79 41.39 -22.69
C PHE L 65 -19.99 40.46 -23.60
N GLY L 66 -19.40 41.05 -24.63
CA GLY L 66 -18.68 40.30 -25.65
C GLY L 66 -19.03 40.81 -27.03
N THR L 67 -20.07 41.63 -27.11
CA THR L 67 -20.53 42.19 -28.37
C THR L 67 -19.82 43.51 -28.67
N ARG L 68 -19.73 43.81 -29.96
CA ARG L 68 -19.06 45.03 -30.42
C ARG L 68 -20.01 46.23 -30.36
N ALA L 69 -19.42 47.42 -30.36
CA ALA L 69 -20.18 48.67 -30.35
C ALA L 69 -20.36 49.13 -31.79
N THR L 70 -21.58 49.02 -32.30
CA THR L 70 -21.88 49.33 -33.69
C THR L 70 -22.89 50.48 -33.76
N LEU L 71 -22.64 51.42 -34.67
CA LEU L 71 -23.52 52.55 -34.91
C LEU L 71 -24.14 52.42 -36.29
N THR L 72 -25.45 52.60 -36.36
CA THR L 72 -26.19 52.46 -37.62
C THR L 72 -26.58 53.84 -38.14
N ILE L 73 -26.37 54.07 -39.43
CA ILE L 73 -26.70 55.34 -40.06
C ILE L 73 -27.36 55.10 -41.41
N SER L 74 -28.09 56.11 -41.88
CA SER L 74 -28.72 56.14 -43.19
C SER L 74 -29.34 57.52 -43.40
N GLY L 75 -29.54 57.89 -44.66
CA GLY L 75 -30.09 59.19 -44.97
C GLY L 75 -29.16 60.31 -44.54
N VAL L 76 -28.01 60.44 -45.20
CA VAL L 76 -26.93 61.26 -44.67
C VAL L 76 -27.06 62.71 -45.16
N GLU L 77 -26.64 63.62 -44.29
CA GLU L 77 -26.48 65.04 -44.62
C GLU L 77 -24.99 65.32 -44.59
N ALA L 78 -24.63 66.61 -44.72
CA ALA L 78 -23.23 67.00 -44.56
C ALA L 78 -22.76 66.72 -43.14
N GLY L 79 -23.67 66.73 -42.17
CA GLY L 79 -23.31 66.34 -40.82
C GLY L 79 -22.81 64.92 -40.75
N ASP L 80 -23.53 63.98 -41.37
CA ASP L 80 -23.03 62.61 -41.45
C ASP L 80 -21.77 62.53 -42.31
N GLU L 81 -21.69 63.39 -43.33
CA GLU L 81 -20.47 63.46 -44.13
C GLU L 81 -19.27 63.94 -43.31
N ALA L 82 -19.51 64.55 -42.16
CA ALA L 82 -18.43 64.94 -41.27
C ALA L 82 -17.94 63.71 -40.50
N ASP L 83 -17.05 63.92 -39.54
CA ASP L 83 -16.36 62.83 -38.87
C ASP L 83 -17.21 62.18 -37.78
N TYR L 84 -16.89 60.93 -37.48
CA TYR L 84 -17.46 60.19 -36.36
C TYR L 84 -16.34 59.87 -35.37
N TYR L 85 -16.62 59.96 -34.08
CA TYR L 85 -15.65 59.66 -33.04
C TYR L 85 -16.23 58.68 -32.05
N CYS L 86 -15.38 57.77 -31.57
CA CYS L 86 -15.77 56.71 -30.63
C CYS L 86 -15.13 57.00 -29.28
N HIS L 87 -15.83 57.77 -28.45
CA HIS L 87 -15.38 58.04 -27.09
C HIS L 87 -15.87 56.90 -26.18
N MET L 88 -14.96 55.99 -25.82
CA MET L 88 -15.30 54.83 -25.04
C MET L 88 -14.87 55.04 -23.59
N TRP L 89 -15.77 54.74 -22.67
CA TRP L 89 -15.52 54.81 -21.24
C TRP L 89 -15.46 53.39 -20.69
N ASP L 90 -14.31 53.03 -20.12
CA ASP L 90 -14.08 51.67 -19.65
C ASP L 90 -13.54 51.70 -18.23
N SER L 91 -13.84 50.63 -17.48
CA SER L 91 -13.46 50.57 -16.07
C SER L 91 -11.98 50.25 -15.91
N ARG L 92 -11.51 49.19 -16.56
CA ARG L 92 -10.13 48.75 -16.33
C ARG L 92 -9.10 49.66 -16.98
N SER L 93 -9.45 50.31 -18.09
CA SER L 93 -8.52 51.24 -18.71
C SER L 93 -8.34 52.52 -17.90
N GLY L 94 -9.15 52.72 -16.86
CA GLY L 94 -9.05 53.93 -16.09
C GLY L 94 -9.67 55.11 -16.82
N PHE L 95 -9.17 56.30 -16.52
CA PHE L 95 -9.68 57.50 -17.18
C PHE L 95 -9.18 57.58 -18.61
N SER L 96 -10.01 57.17 -19.57
CA SER L 96 -9.63 57.15 -20.98
C SER L 96 -9.53 58.58 -21.49
N TRP L 97 -8.30 59.07 -21.66
CA TRP L 97 -8.04 60.43 -22.11
C TRP L 97 -8.34 60.58 -23.60
N SER L 98 -7.94 59.59 -24.40
CA SER L 98 -8.10 59.65 -25.85
C SER L 98 -9.56 59.70 -26.25
N PHE L 99 -9.88 60.53 -27.26
CA PHE L 99 -11.25 60.64 -27.73
C PHE L 99 -11.66 59.48 -28.63
N GLY L 100 -10.70 58.76 -29.19
CA GLY L 100 -11.02 57.65 -30.08
C GLY L 100 -10.59 57.90 -31.51
N GLY L 101 -10.73 56.88 -32.36
CA GLY L 101 -10.33 57.03 -33.74
C GLY L 101 -11.25 58.00 -34.49
N ALA L 102 -10.68 58.69 -35.46
CA ALA L 102 -11.40 59.65 -36.28
C ALA L 102 -11.76 59.01 -37.62
N THR L 103 -13.01 59.17 -38.04
CA THR L 103 -13.50 58.59 -39.30
C THR L 103 -13.87 59.74 -40.22
N ARG L 104 -12.94 60.12 -41.09
CA ARG L 104 -13.13 61.24 -42.01
C ARG L 104 -13.74 60.71 -43.31
N LEU L 105 -14.90 61.23 -43.69
CA LEU L 105 -15.58 60.81 -44.91
C LEU L 105 -15.03 61.64 -46.07
N THR L 106 -14.33 60.98 -46.98
CA THR L 106 -13.79 61.60 -48.18
C THR L 106 -14.66 61.20 -49.37
N VAL L 107 -15.15 62.19 -50.11
CA VAL L 107 -16.11 61.96 -51.18
C VAL L 107 -15.70 62.76 -52.41
N LEU L 108 -15.87 62.13 -53.58
CA LEU L 108 -15.64 62.78 -54.87
C LEU L 108 -16.65 62.27 -55.87
N GLY L 109 -17.44 63.19 -56.42
CA GLY L 109 -18.47 62.84 -57.39
C GLY L 109 -17.90 62.34 -58.71
N ASN M 3 -20.47 -58.12 19.92
CA ASN M 3 -19.19 -58.72 19.58
C ASN M 3 -18.60 -58.07 18.33
N ASN M 4 -19.24 -57.00 17.86
CA ASN M 4 -18.79 -56.26 16.70
C ASN M 4 -18.66 -54.78 17.04
N LEU M 5 -17.85 -54.08 16.26
CA LEU M 5 -17.54 -52.68 16.51
C LEU M 5 -18.22 -51.78 15.50
N TRP M 6 -18.51 -50.55 15.92
CA TRP M 6 -19.15 -49.56 15.08
C TRP M 6 -18.37 -48.25 15.14
N VAL M 7 -18.43 -47.48 14.06
CA VAL M 7 -17.69 -46.23 13.97
C VAL M 7 -18.27 -45.22 14.96
N THR M 8 -17.38 -44.59 15.73
CA THR M 8 -17.77 -43.55 16.67
C THR M 8 -16.91 -42.32 16.40
N VAL M 9 -17.55 -41.19 16.12
CA VAL M 9 -16.83 -39.98 15.75
C VAL M 9 -16.49 -39.19 17.02
N TYR M 10 -15.22 -38.82 17.16
CA TYR M 10 -14.74 -38.04 18.29
C TYR M 10 -14.25 -36.69 17.81
N TYR M 11 -14.65 -35.63 18.51
CA TYR M 11 -14.22 -34.28 18.21
C TYR M 11 -13.45 -33.73 19.40
N GLY M 12 -12.21 -33.33 19.17
CA GLY M 12 -11.34 -32.84 20.21
C GLY M 12 -10.22 -33.78 20.63
N VAL M 13 -9.83 -34.73 19.79
CA VAL M 13 -8.78 -35.68 20.13
C VAL M 13 -7.44 -34.98 20.18
N PRO M 14 -6.51 -35.40 21.03
CA PRO M 14 -5.18 -34.77 21.11
C PRO M 14 -4.22 -35.28 20.03
N VAL M 15 -4.42 -34.79 18.81
CA VAL M 15 -3.62 -35.17 17.67
C VAL M 15 -3.10 -33.90 17.00
N TRP M 16 -1.79 -33.85 16.76
CA TRP M 16 -1.18 -32.68 16.13
C TRP M 16 -0.33 -33.14 14.95
N ARG M 17 -0.12 -32.20 14.02
CA ARG M 17 0.69 -32.46 12.84
C ARG M 17 1.52 -31.22 12.53
N ASP M 18 2.75 -31.44 12.07
CA ASP M 18 3.65 -30.34 11.76
C ASP M 18 3.04 -29.44 10.69
N ALA M 19 3.09 -28.13 10.94
CA ALA M 19 2.56 -27.15 9.99
C ALA M 19 3.21 -25.80 10.25
N ASP M 20 3.13 -24.94 9.25
CA ASP M 20 3.65 -23.58 9.34
C ASP M 20 2.52 -22.60 9.08
N THR M 21 2.37 -21.62 9.97
CA THR M 21 1.31 -20.62 9.86
C THR M 21 1.89 -19.25 10.18
N THR M 22 1.05 -18.23 10.08
CA THR M 22 1.44 -16.86 10.36
C THR M 22 1.13 -16.54 11.82
N LEU M 23 2.16 -16.19 12.59
CA LEU M 23 2.01 -15.86 14.00
C LEU M 23 1.96 -14.35 14.16
N PHE M 24 0.98 -13.87 14.90
CA PHE M 24 0.80 -12.44 15.11
C PHE M 24 1.61 -11.98 16.32
N CYS M 25 1.44 -10.70 16.67
CA CYS M 25 2.20 -10.07 17.74
C CYS M 25 1.38 -9.97 19.02
N ALA M 26 2.09 -9.99 20.14
CA ALA M 26 1.45 -9.94 21.49
C ALA M 26 2.44 -9.25 22.43
N SER M 27 2.21 -7.97 22.71
CA SER M 27 3.13 -7.21 23.53
C SER M 27 2.51 -6.90 24.89
N ASP M 28 3.36 -6.81 25.91
CA ASP M 28 2.92 -6.36 27.23
C ASP M 28 2.38 -4.94 27.10
N ALA M 29 1.15 -4.72 27.53
CA ALA M 29 0.43 -3.50 27.16
C ALA M 29 1.14 -2.23 27.66
N LYS M 30 1.76 -1.52 26.73
CA LYS M 30 2.36 -0.21 26.95
C LYS M 30 1.38 0.89 26.55
N ALA M 31 1.92 2.07 26.27
CA ALA M 31 1.08 3.23 25.92
C ALA M 31 1.12 4.23 27.07
N TYR M 32 1.29 3.77 28.32
CA TYR M 32 1.35 4.76 29.38
C TYR M 32 2.81 5.17 29.50
N GLU M 33 3.57 4.84 28.45
CA GLU M 33 4.91 5.34 28.18
C GLU M 33 4.87 6.57 27.30
N THR M 34 3.81 7.38 27.46
CA THR M 34 3.39 8.43 26.52
C THR M 34 2.90 7.73 25.26
N GLU M 35 3.48 8.06 24.10
CA GLU M 35 3.16 7.29 22.90
C GLU M 35 4.41 6.57 22.40
N VAL M 36 5.45 7.34 22.06
CA VAL M 36 6.79 6.83 21.76
C VAL M 36 6.70 5.66 20.80
N HIS M 37 6.40 5.94 19.53
CA HIS M 37 6.28 4.87 18.55
C HIS M 37 7.65 4.25 18.30
N ASN M 38 7.90 3.09 18.91
CA ASN M 38 9.16 2.39 18.72
C ASN M 38 9.19 1.73 17.34
N VAL M 39 10.37 1.25 16.94
CA VAL M 39 10.49 0.61 15.64
C VAL M 39 9.61 -0.63 15.57
N TRP M 40 9.62 -1.44 16.63
CA TRP M 40 8.74 -2.59 16.68
C TRP M 40 7.41 -2.15 17.24
N ALA M 41 6.55 -1.61 16.38
CA ALA M 41 5.35 -0.87 16.78
C ALA M 41 4.57 -1.57 17.87
N THR M 42 4.45 -0.91 19.02
CA THR M 42 3.56 -1.40 20.06
C THR M 42 2.11 -1.42 19.57
N HIS M 43 1.74 -0.37 18.84
CA HIS M 43 0.45 -0.30 18.19
C HIS M 43 0.36 -1.37 17.11
N ALA M 44 -0.89 -1.78 16.83
CA ALA M 44 -1.21 -2.88 15.91
C ALA M 44 -0.79 -4.22 16.49
N CYS M 45 -0.10 -4.21 17.63
CA CYS M 45 0.07 -5.41 18.44
C CYS M 45 -1.09 -5.45 19.43
N VAL M 46 -2.32 -5.49 18.89
CA VAL M 46 -3.50 -5.30 19.72
C VAL M 46 -3.58 -6.30 20.88
N PRO M 47 -3.37 -7.62 20.68
CA PRO M 47 -3.54 -8.54 21.80
C PRO M 47 -2.54 -8.30 22.92
N THR M 48 -3.04 -7.81 24.05
CA THR M 48 -2.23 -7.73 25.25
C THR M 48 -2.19 -9.10 25.91
N ASP M 49 -1.00 -9.58 26.19
CA ASP M 49 -0.84 -10.95 26.67
C ASP M 49 -1.55 -11.13 28.01
N PRO M 50 -2.49 -12.05 28.13
CA PRO M 50 -3.13 -12.32 29.42
C PRO M 50 -2.24 -13.21 30.27
N ASN M 51 -2.77 -13.68 31.41
CA ASN M 51 -2.02 -14.60 32.24
C ASN M 51 -1.62 -15.83 31.43
N PRO M 52 -0.34 -16.22 31.43
CA PRO M 52 0.08 -17.37 30.64
C PRO M 52 -0.75 -18.61 30.98
N GLN M 53 -1.17 -19.31 29.93
CA GLN M 53 -2.04 -20.48 30.05
C GLN M 53 -1.20 -21.71 29.71
N GLU M 54 -0.54 -22.25 30.73
CA GLU M 54 0.32 -23.42 30.56
C GLU M 54 -0.51 -24.70 30.57
N MET M 55 0.04 -25.72 29.89
CA MET M 55 -0.57 -27.04 29.91
C MET M 55 0.52 -28.05 29.59
N HIS M 56 0.94 -28.82 30.59
CA HIS M 56 2.00 -29.80 30.42
C HIS M 56 1.45 -31.09 29.83
N LEU M 57 2.20 -31.66 28.89
CA LEU M 57 1.82 -32.90 28.23
C LEU M 57 2.62 -34.04 28.84
N LYS M 58 1.92 -34.99 29.47
CA LYS M 58 2.58 -36.09 30.16
C LYS M 58 2.94 -37.21 29.18
N ASN M 59 4.16 -37.72 29.32
CA ASN M 59 4.65 -38.84 28.50
C ASN M 59 4.53 -38.55 27.01
N VAL M 60 4.88 -37.33 26.61
CA VAL M 60 4.87 -36.92 25.22
C VAL M 60 6.29 -36.59 24.82
N THR M 61 6.80 -37.28 23.80
CA THR M 61 8.14 -37.06 23.27
C THR M 61 8.01 -36.59 21.83
N GLU M 62 8.39 -35.34 21.58
CA GLU M 62 8.27 -34.73 20.26
C GLU M 62 9.65 -34.33 19.77
N ASN M 63 9.96 -34.68 18.52
CA ASN M 63 11.23 -34.31 17.93
C ASN M 63 11.28 -32.82 17.64
N PHE M 64 12.45 -32.22 17.89
CA PHE M 64 12.66 -30.79 17.66
C PHE M 64 13.86 -30.60 16.75
N ASN M 65 13.78 -29.61 15.88
CA ASN M 65 14.88 -29.27 14.97
C ASN M 65 14.92 -27.75 14.84
N MET M 66 15.83 -27.12 15.59
CA MET M 66 15.90 -25.67 15.62
C MET M 66 16.34 -25.06 14.29
N TRP M 67 17.08 -25.81 13.48
CA TRP M 67 17.65 -25.29 12.25
C TRP M 67 16.70 -25.36 11.06
N LYS M 68 15.58 -26.07 11.19
CA LYS M 68 14.55 -26.10 10.16
C LYS M 68 13.25 -25.44 10.63
N ASN M 69 13.30 -24.67 11.71
CA ASN M 69 12.12 -24.03 12.25
C ASN M 69 11.72 -22.85 11.37
N ASN M 70 10.41 -22.71 11.15
CA ASN M 70 9.88 -21.60 10.36
C ASN M 70 9.62 -20.37 11.22
N MET M 71 9.65 -20.49 12.55
CA MET M 71 9.41 -19.36 13.42
C MET M 71 10.52 -18.32 13.28
N VAL M 72 11.74 -18.77 13.03
CA VAL M 72 12.84 -17.83 12.85
C VAL M 72 12.64 -17.00 11.59
N GLU M 73 12.18 -17.64 10.51
CA GLU M 73 11.93 -16.90 9.28
C GLU M 73 10.74 -15.97 9.44
N GLN M 74 9.69 -16.44 10.12
CA GLN M 74 8.59 -15.59 10.56
C GLN M 74 9.16 -14.30 11.14
N MET M 75 9.95 -14.46 12.20
CA MET M 75 10.44 -13.31 12.92
C MET M 75 11.31 -12.43 12.03
N HIS M 76 12.20 -13.03 11.24
CA HIS M 76 13.12 -12.23 10.43
C HIS M 76 12.39 -11.37 9.42
N GLU M 77 11.42 -11.96 8.70
CA GLU M 77 10.64 -11.18 7.75
C GLU M 77 9.88 -10.07 8.46
N ASP M 78 9.30 -10.38 9.63
CA ASP M 78 8.63 -9.33 10.39
C ASP M 78 9.60 -8.24 10.84
N ILE M 79 10.83 -8.60 11.19
CA ILE M 79 11.82 -7.61 11.59
C ILE M 79 12.08 -6.63 10.44
N ILE M 80 12.37 -7.17 9.25
CA ILE M 80 12.70 -6.32 8.12
C ILE M 80 11.50 -5.45 7.75
N SER M 81 10.31 -6.05 7.71
CA SER M 81 9.11 -5.30 7.34
C SER M 81 8.83 -4.19 8.35
N LEU M 82 8.98 -4.48 9.64
CA LEU M 82 8.75 -3.47 10.67
C LEU M 82 9.76 -2.33 10.57
N TRP M 83 11.02 -2.66 10.29
CA TRP M 83 12.04 -1.62 10.15
C TRP M 83 11.73 -0.69 8.99
N ASP M 84 11.37 -1.27 7.84
CA ASP M 84 10.99 -0.45 6.69
C ASP M 84 9.76 0.40 7.00
N GLN M 85 8.75 -0.20 7.63
CA GLN M 85 7.55 0.55 7.98
C GLN M 85 7.86 1.70 8.93
N SER M 86 8.76 1.47 9.88
CA SER M 86 9.09 2.49 10.86
C SER M 86 9.81 3.66 10.22
N LEU M 87 10.81 3.40 9.38
CA LEU M 87 11.59 4.52 8.84
C LEU M 87 11.00 5.11 7.57
N LYS M 88 9.96 4.50 6.99
CA LYS M 88 9.45 5.01 5.71
C LYS M 88 8.84 6.41 5.79
N PRO M 89 7.87 6.71 6.69
CA PRO M 89 7.03 7.91 6.54
C PRO M 89 7.60 9.18 7.15
N CYS M 90 8.86 9.48 6.88
CA CYS M 90 9.48 10.73 7.31
C CYS M 90 10.75 10.95 6.49
N VAL M 91 11.59 11.92 6.92
CA VAL M 91 12.60 12.60 6.11
C VAL M 91 13.35 11.67 5.16
N LYS M 92 13.41 12.06 3.88
CA LYS M 92 13.99 11.20 2.85
C LYS M 92 15.50 11.37 2.75
N LEU M 93 15.98 12.61 2.82
CA LEU M 93 17.42 12.92 2.92
C LEU M 93 18.21 12.44 1.71
N THR M 94 17.67 12.65 0.51
CA THR M 94 18.44 12.26 -0.68
C THR M 94 19.52 13.25 -1.10
N PRO M 95 19.39 14.63 -0.88
CA PRO M 95 20.44 15.55 -1.33
C PRO M 95 21.70 15.53 -0.47
N LEU M 96 22.30 14.35 -0.30
CA LEU M 96 23.44 14.19 0.58
C LEU M 96 24.70 13.71 -0.11
N CYS M 97 24.59 13.01 -1.24
CA CYS M 97 25.77 12.52 -1.92
C CYS M 97 26.44 13.62 -2.73
N VAL M 98 27.42 14.29 -2.14
CA VAL M 98 28.15 15.38 -2.78
C VAL M 98 29.63 15.22 -2.46
N THR M 99 30.44 16.13 -2.97
CA THR M 99 31.86 16.16 -2.63
C THR M 99 32.04 16.86 -1.29
N LEU M 100 32.62 16.14 -0.33
CA LEU M 100 32.80 16.65 1.03
C LEU M 100 34.21 17.21 1.15
N ASN M 101 34.32 18.54 1.17
CA ASN M 101 35.62 19.21 1.28
C ASN M 101 36.08 19.19 2.74
N CYS M 102 36.50 18.01 3.17
CA CYS M 102 36.90 17.80 4.56
C CYS M 102 38.33 18.27 4.78
N THR M 103 38.79 18.21 6.02
CA THR M 103 40.15 18.60 6.36
C THR M 103 41.13 17.46 6.10
N ASP M 126 38.86 10.93 16.14
CA ASP M 126 38.62 10.79 14.70
C ASP M 126 37.91 12.01 14.13
N VAL M 127 36.86 11.74 13.35
CA VAL M 127 35.96 12.68 12.66
C VAL M 127 36.71 13.71 11.82
N ARG M 128 36.01 14.34 10.88
CA ARG M 128 36.57 15.39 10.06
C ARG M 128 35.56 16.53 9.94
N ASN M 129 36.07 17.76 9.88
CA ASN M 129 35.24 18.93 9.63
C ASN M 129 35.06 19.08 8.13
N CYS M 130 33.85 18.79 7.65
CA CYS M 130 33.58 18.74 6.22
C CYS M 130 32.63 19.86 5.83
N SER M 131 32.86 20.42 4.63
CA SER M 131 32.03 21.49 4.09
C SER M 131 31.47 21.06 2.75
N PHE M 132 30.19 21.36 2.53
CA PHE M 132 29.53 20.96 1.30
C PHE M 132 28.40 21.94 0.99
N ASN M 133 28.02 22.00 -0.28
CA ASN M 133 26.94 22.87 -0.73
C ASN M 133 25.63 22.11 -0.62
N MET M 134 24.76 22.56 0.27
CA MET M 134 23.51 21.89 0.59
C MET M 134 22.32 22.73 0.13
N THR M 135 21.28 22.03 -0.35
CA THR M 135 20.05 22.70 -0.75
C THR M 135 19.30 23.19 0.49
N THR M 136 18.93 24.46 0.48
CA THR M 136 18.22 25.08 1.59
C THR M 136 16.72 25.02 1.34
N GLU M 137 15.95 25.83 2.09
CA GLU M 137 14.49 25.86 1.96
C GLU M 137 14.05 26.05 0.51
N LEU M 138 14.70 26.96 -0.20
CA LEU M 138 14.27 27.34 -1.55
C LEU M 138 15.11 26.64 -2.62
N ARG M 139 14.52 26.55 -3.81
CA ARG M 139 15.20 25.92 -4.94
C ARG M 139 16.32 26.79 -5.46
N ASP M 140 16.17 28.11 -5.36
CA ASP M 140 17.17 29.02 -5.93
C ASP M 140 18.41 29.12 -5.05
N LYS M 141 18.21 29.25 -3.74
CA LYS M 141 19.32 29.53 -2.83
C LYS M 141 20.17 28.27 -2.61
N GLN M 142 21.39 28.50 -2.13
CA GLN M 142 22.31 27.45 -1.75
C GLN M 142 23.04 27.86 -0.49
N GLN M 143 23.18 26.93 0.44
CA GLN M 143 23.80 27.20 1.73
C GLN M 143 25.04 26.35 1.92
N LYS M 144 26.04 26.91 2.59
CA LYS M 144 27.28 26.20 2.91
C LYS M 144 27.16 25.65 4.32
N VAL M 145 27.29 24.33 4.47
CA VAL M 145 27.05 23.65 5.74
C VAL M 145 28.35 22.98 6.18
N TYR M 146 28.73 23.23 7.43
CA TYR M 146 29.88 22.58 8.05
C TYR M 146 29.36 21.55 9.04
N ALA M 147 29.75 20.30 8.86
CA ALA M 147 29.27 19.21 9.68
C ALA M 147 30.42 18.27 10.02
N LEU M 148 30.27 17.57 11.14
CA LEU M 148 31.25 16.59 11.59
C LEU M 148 30.77 15.20 11.20
N PHE M 149 31.58 14.48 10.43
CA PHE M 149 31.27 13.14 10.00
C PHE M 149 32.35 12.18 10.47
N TYR M 150 31.94 11.02 10.98
CA TYR M 150 32.89 10.04 11.47
C TYR M 150 33.69 9.43 10.32
N LYS M 151 34.92 9.02 10.63
CA LYS M 151 35.82 8.52 9.60
C LYS M 151 35.30 7.26 8.94
N LEU M 152 34.50 6.46 9.67
CA LEU M 152 33.93 5.26 9.08
C LEU M 152 32.98 5.59 7.94
N ASP M 153 32.19 6.65 8.10
CA ASP M 153 31.25 7.03 7.04
C ASP M 153 31.96 7.67 5.87
N ILE M 154 33.08 8.35 6.12
CA ILE M 154 33.80 9.07 5.09
C ILE M 154 34.58 8.10 4.21
N VAL M 155 34.55 8.34 2.90
CA VAL M 155 35.24 7.50 1.93
C VAL M 155 36.14 8.36 1.05
N PRO M 156 37.40 7.98 0.85
CA PRO M 156 38.27 8.76 -0.04
C PRO M 156 37.80 8.69 -1.49
N ILE M 157 38.11 9.75 -2.23
CA ILE M 157 37.77 9.81 -3.65
C ILE M 157 38.83 10.60 -4.40
N SER M 165 49.06 16.12 -2.72
CA SER M 165 49.98 17.15 -2.25
C SER M 165 49.23 18.41 -1.85
N SER M 166 48.33 18.28 -0.88
CA SER M 166 47.53 19.40 -0.40
C SER M 166 47.30 19.22 1.09
N ASN M 167 46.45 20.06 1.66
CA ASN M 167 46.15 20.03 3.09
C ASN M 167 44.66 19.84 3.37
N PHE M 168 43.77 20.22 2.45
CA PHE M 168 42.35 19.92 2.55
C PHE M 168 42.01 18.91 1.47
N SER M 169 41.44 17.78 1.88
CA SER M 169 41.07 16.72 0.96
C SER M 169 39.56 16.72 0.73
N GLU M 170 39.13 15.94 -0.26
CA GLU M 170 37.73 15.91 -0.67
C GLU M 170 37.26 14.46 -0.65
N TYR M 171 36.04 14.24 -0.13
CA TYR M 171 35.60 12.89 0.24
C TYR M 171 34.15 12.68 -0.21
N ARG M 172 33.62 11.51 0.16
CA ARG M 172 32.23 11.17 -0.11
C ARG M 172 31.77 10.16 0.92
N LEU M 173 30.49 9.82 0.88
CA LEU M 173 29.88 8.96 1.88
C LEU M 173 30.18 7.48 1.59
N ILE M 174 29.86 6.65 2.58
CA ILE M 174 30.17 5.22 2.49
C ILE M 174 29.28 4.52 1.46
N ASN M 175 28.00 4.88 1.41
CA ASN M 175 27.02 4.15 0.61
C ASN M 175 26.35 5.06 -0.40
N CYS M 176 27.13 5.87 -1.11
CA CYS M 176 26.60 6.67 -2.21
C CYS M 176 26.44 5.86 -3.50
N ASN M 177 26.91 4.61 -3.52
CA ASN M 177 26.73 3.73 -4.66
C ASN M 177 25.70 2.65 -4.44
N THR M 178 25.24 2.45 -3.20
CA THR M 178 24.28 1.38 -2.93
C THR M 178 22.84 1.89 -2.95
N SER M 179 22.52 2.84 -2.08
CA SER M 179 21.16 3.35 -1.96
C SER M 179 21.22 4.71 -1.28
N VAL M 180 20.09 5.41 -1.29
CA VAL M 180 20.02 6.73 -0.68
C VAL M 180 20.04 6.60 0.84
N ILE M 181 20.49 7.67 1.50
CA ILE M 181 20.58 7.72 2.95
C ILE M 181 19.32 8.36 3.51
N LYS M 182 18.71 7.73 4.51
CA LYS M 182 17.45 8.16 5.09
C LYS M 182 17.61 8.29 6.61
N GLN M 183 17.05 9.36 7.18
CA GLN M 183 17.10 9.60 8.61
C GLN M 183 16.34 8.52 9.39
N ALA M 184 16.77 8.23 10.62
CA ALA M 184 15.97 7.27 11.41
C ALA M 184 14.58 7.91 11.35
N CYS M 185 14.09 8.47 12.45
CA CYS M 185 12.91 9.31 12.26
C CYS M 185 12.82 10.18 13.50
N PRO M 186 12.30 11.42 13.43
CA PRO M 186 12.42 12.35 14.57
C PRO M 186 12.05 11.80 15.94
N LYS M 187 10.79 11.41 16.16
CA LYS M 187 10.41 10.73 17.39
C LYS M 187 10.14 9.24 17.20
N VAL M 188 11.19 8.47 16.93
CA VAL M 188 11.07 7.01 16.96
C VAL M 188 12.19 6.47 17.82
N SER M 189 11.84 5.66 18.82
CA SER M 189 12.81 5.12 19.75
C SER M 189 13.28 3.75 19.28
N PHE M 190 14.52 3.44 19.62
CA PHE M 190 15.15 2.18 19.21
C PHE M 190 15.18 1.16 20.34
N ASP M 191 14.43 1.41 21.40
CA ASP M 191 14.43 0.50 22.55
C ASP M 191 13.68 -0.78 22.19
N PRO M 192 14.33 -1.94 22.26
CA PRO M 192 13.62 -3.20 21.96
C PRO M 192 12.83 -3.67 23.17
N ILE M 193 11.56 -3.97 22.95
CA ILE M 193 10.67 -4.44 24.02
C ILE M 193 10.35 -5.91 23.79
N PRO M 194 10.02 -6.68 24.82
CA PRO M 194 9.66 -8.08 24.61
C PRO M 194 8.44 -8.22 23.71
N ILE M 195 8.47 -9.23 22.86
CA ILE M 195 7.38 -9.51 21.92
C ILE M 195 6.97 -10.97 22.09
N HIS M 196 5.66 -11.19 22.16
CA HIS M 196 5.10 -12.53 22.30
C HIS M 196 4.49 -12.97 20.98
N TYR M 197 4.60 -14.26 20.69
CA TYR M 197 4.19 -14.82 19.40
C TYR M 197 3.16 -15.93 19.64
N CYS M 198 1.88 -15.55 19.68
CA CYS M 198 0.83 -16.54 19.73
C CYS M 198 0.44 -17.00 18.32
N THR M 199 -0.32 -18.09 18.28
CA THR M 199 -0.87 -18.71 17.09
C THR M 199 -2.38 -18.62 17.08
N PRO M 200 -3.02 -18.64 15.92
CA PRO M 200 -4.48 -18.61 15.86
C PRO M 200 -5.09 -19.88 16.43
N ALA M 201 -6.41 -19.87 16.54
CA ALA M 201 -7.13 -21.05 16.99
C ALA M 201 -6.93 -22.20 16.03
N GLY M 202 -6.83 -23.41 16.58
CA GLY M 202 -6.53 -24.59 15.80
C GLY M 202 -5.05 -24.90 15.67
N TYR M 203 -4.17 -24.06 16.21
CA TYR M 203 -2.74 -24.29 16.21
C TYR M 203 -2.21 -24.23 17.63
N ALA M 204 -0.97 -24.65 17.80
CA ALA M 204 -0.35 -24.68 19.12
C ALA M 204 1.16 -24.60 18.96
N ILE M 205 1.83 -24.26 20.06
CA ILE M 205 3.29 -24.17 20.11
C ILE M 205 3.77 -25.14 21.18
N LEU M 206 4.74 -25.97 20.81
CA LEU M 206 5.32 -26.96 21.73
C LEU M 206 6.64 -26.42 22.25
N ARG M 207 6.75 -26.30 23.58
CA ARG M 207 7.96 -25.80 24.23
C ARG M 207 8.68 -26.98 24.88
N CYS M 208 9.99 -27.06 24.65
CA CYS M 208 10.72 -28.26 25.04
C CYS M 208 10.86 -28.37 26.56
N ASN M 209 11.27 -27.29 27.22
CA ASN M 209 11.48 -27.28 28.67
C ASN M 209 12.49 -28.32 29.12
N ASP M 210 13.47 -28.61 28.28
CA ASP M 210 14.47 -29.63 28.55
C ASP M 210 15.79 -28.97 28.90
N LYS M 211 16.41 -29.43 29.99
CA LYS M 211 17.69 -28.87 30.41
C LYS M 211 18.80 -29.35 29.49
N LYS M 212 19.73 -28.44 29.18
CA LYS M 212 20.85 -28.71 28.28
C LYS M 212 20.35 -29.24 26.93
N PHE M 213 19.32 -28.60 26.39
CA PHE M 213 18.77 -29.02 25.11
C PHE M 213 19.68 -28.55 23.98
N ASN M 214 20.13 -29.49 23.16
CA ASN M 214 21.01 -29.20 22.03
C ASN M 214 20.26 -28.64 20.82
N GLY M 215 18.93 -28.56 20.88
CA GLY M 215 18.15 -27.99 19.81
C GLY M 215 17.72 -28.97 18.74
N THR M 216 18.34 -30.14 18.69
CA THR M 216 17.96 -31.19 17.75
C THR M 216 17.83 -32.50 18.51
N GLY M 217 16.77 -33.25 18.19
CA GLY M 217 16.54 -34.52 18.83
C GLY M 217 15.28 -34.53 19.67
N PRO M 218 14.97 -35.67 20.29
CA PRO M 218 13.75 -35.77 21.09
C PRO M 218 13.82 -34.93 22.35
N CYS M 219 12.65 -34.52 22.82
CA CYS M 219 12.49 -33.73 24.03
C CYS M 219 11.82 -34.60 25.09
N LYS M 220 12.30 -34.50 26.34
CA LYS M 220 11.87 -35.45 27.36
C LYS M 220 10.42 -35.24 27.77
N ASN M 221 10.10 -34.07 28.33
CA ASN M 221 8.71 -33.70 28.54
C ASN M 221 8.45 -32.39 27.81
N VAL M 222 7.22 -32.20 27.35
CA VAL M 222 6.85 -31.07 26.51
C VAL M 222 5.57 -30.44 27.03
N SER M 223 5.51 -29.11 27.03
CA SER M 223 4.32 -28.38 27.42
C SER M 223 3.85 -27.50 26.26
N SER M 224 2.54 -27.35 26.15
CA SER M 224 1.93 -26.57 25.09
C SER M 224 1.58 -25.18 25.58
N VAL M 225 1.94 -24.16 24.80
CA VAL M 225 1.74 -22.76 25.16
C VAL M 225 1.23 -22.02 23.93
N GLN M 226 0.63 -20.86 24.16
CA GLN M 226 0.11 -20.03 23.07
C GLN M 226 1.15 -19.06 22.52
N CYS M 227 1.66 -18.14 23.34
CA CYS M 227 2.74 -17.24 22.96
C CYS M 227 4.07 -17.74 23.48
N THR M 228 5.13 -17.41 22.76
CA THR M 228 6.47 -17.60 23.28
C THR M 228 6.74 -16.60 24.39
N HIS M 229 7.78 -16.87 25.18
CA HIS M 229 8.16 -15.96 26.24
C HIS M 229 8.59 -14.62 25.66
N GLY M 230 8.55 -13.58 26.50
CA GLY M 230 8.91 -12.25 26.07
C GLY M 230 10.33 -12.18 25.53
N ILE M 231 10.47 -11.95 24.23
CA ILE M 231 11.77 -11.88 23.57
C ILE M 231 11.97 -10.47 23.03
N LYS M 232 13.11 -9.88 23.36
CA LYS M 232 13.44 -8.53 22.91
C LYS M 232 14.26 -8.58 21.63
N PRO M 233 13.78 -7.98 20.54
CA PRO M 233 14.49 -8.03 19.26
C PRO M 233 15.75 -7.16 19.21
N VAL M 234 16.71 -7.47 20.06
CA VAL M 234 18.00 -6.79 20.01
C VAL M 234 18.75 -7.24 18.77
N VAL M 235 19.52 -6.33 18.18
CA VAL M 235 20.31 -6.62 16.99
C VAL M 235 21.78 -6.43 17.35
N SER M 236 22.56 -7.49 17.18
CA SER M 236 23.98 -7.45 17.51
C SER M 236 24.71 -8.46 16.65
N THR M 237 26.01 -8.24 16.46
CA THR M 237 26.86 -9.13 15.71
C THR M 237 28.04 -9.55 16.57
N GLN M 238 28.42 -10.83 16.44
CA GLN M 238 29.66 -11.35 16.99
C GLN M 238 29.61 -11.46 18.51
N LEU M 239 28.54 -10.93 19.11
CA LEU M 239 28.40 -10.98 20.57
C LEU M 239 26.93 -10.72 20.90
N LEU M 240 26.28 -11.69 21.53
CA LEU M 240 24.86 -11.58 21.79
C LEU M 240 24.59 -10.62 22.95
N LEU M 241 23.32 -10.23 23.08
CA LEU M 241 22.91 -9.15 23.98
C LEU M 241 21.80 -9.67 24.87
N ASN M 242 21.08 -8.75 25.53
CA ASN M 242 19.96 -9.06 26.40
C ASN M 242 19.13 -10.22 25.88
N GLY M 243 18.88 -11.20 26.73
CA GLY M 243 18.13 -12.37 26.30
C GLY M 243 17.75 -13.29 27.44
N SER M 244 17.68 -14.58 27.17
CA SER M 244 17.28 -15.59 28.15
C SER M 244 18.47 -16.44 28.53
N LEU M 245 18.62 -16.71 29.82
CA LEU M 245 19.76 -17.48 30.31
C LEU M 245 19.49 -18.97 30.15
N ALA M 246 20.49 -19.78 30.50
CA ALA M 246 20.36 -21.22 30.47
C ALA M 246 19.85 -21.71 31.83
N GLU M 247 19.92 -23.01 32.07
CA GLU M 247 19.38 -23.58 33.29
C GLU M 247 20.46 -24.05 34.26
N GLU M 248 21.39 -24.91 33.82
CA GLU M 248 22.49 -25.31 34.69
C GLU M 248 23.86 -25.28 34.04
N GLY M 249 23.96 -25.20 32.72
CA GLY M 249 25.26 -25.23 32.09
C GLY M 249 25.31 -24.43 30.81
N ILE M 250 26.45 -24.54 30.13
CA ILE M 250 26.69 -23.85 28.87
C ILE M 250 26.25 -24.77 27.74
N ILE M 251 25.45 -24.24 26.81
CA ILE M 251 24.93 -25.00 25.68
C ILE M 251 25.55 -24.44 24.41
N ILE M 252 26.28 -25.28 23.69
CA ILE M 252 26.82 -24.93 22.38
C ILE M 252 25.98 -25.64 21.33
N ARG M 253 25.29 -24.86 20.51
CA ARG M 253 24.40 -25.38 19.48
C ARG M 253 24.85 -24.88 18.12
N SER M 254 25.05 -25.80 17.18
CA SER M 254 25.43 -25.45 15.82
C SER M 254 24.87 -26.52 14.88
N GLU M 255 24.41 -26.06 13.71
CA GLU M 255 23.76 -26.95 12.76
C GLU M 255 24.68 -28.04 12.23
N ASN M 256 25.91 -27.68 11.88
CA ASN M 256 26.88 -28.59 11.26
C ASN M 256 28.23 -28.46 11.93
N LEU M 257 28.25 -28.65 13.25
CA LEU M 257 29.46 -28.55 14.08
C LEU M 257 30.72 -29.05 13.40
N THR M 258 30.62 -30.12 12.61
CA THR M 258 31.77 -30.58 11.84
C THR M 258 32.20 -29.52 10.82
N ASN M 259 31.25 -28.92 10.11
CA ASN M 259 31.57 -27.90 9.11
C ASN M 259 32.09 -26.65 9.81
N ASN M 260 33.14 -26.07 9.23
CA ASN M 260 33.71 -24.83 9.74
C ASN M 260 33.10 -23.58 9.13
N ALA M 261 32.24 -23.72 8.13
CA ALA M 261 31.59 -22.59 7.49
C ALA M 261 30.26 -22.23 8.14
N LYS M 262 29.84 -22.97 9.16
CA LYS M 262 28.61 -22.68 9.88
C LYS M 262 28.94 -22.05 11.22
N THR M 263 28.25 -20.96 11.54
CA THR M 263 28.51 -20.25 12.78
C THR M 263 28.15 -21.11 13.99
N ILE M 264 28.81 -20.83 15.10
CA ILE M 264 28.62 -21.57 16.35
C ILE M 264 27.95 -20.64 17.35
N ILE M 265 26.85 -21.11 17.95
CA ILE M 265 26.06 -20.33 18.89
C ILE M 265 26.25 -20.90 20.28
N VAL M 266 26.56 -20.05 21.24
CA VAL M 266 26.84 -20.45 22.62
C VAL M 266 25.82 -19.80 23.54
N HIS M 267 25.20 -20.61 24.39
CA HIS M 267 24.27 -20.10 25.40
C HIS M 267 24.98 -20.01 26.74
N PHE M 268 24.51 -19.10 27.59
CA PHE M 268 25.19 -18.78 28.84
C PHE M 268 24.48 -19.39 30.04
N ASN M 269 25.16 -20.33 30.71
CA ASN M 269 24.91 -20.66 32.10
C ASN M 269 24.58 -19.41 32.91
N GLU M 270 25.46 -18.42 32.89
CA GLU M 270 25.28 -17.18 33.63
C GLU M 270 25.70 -16.02 32.75
N SER M 271 25.12 -14.85 33.03
CA SER M 271 25.33 -13.66 32.24
C SER M 271 26.40 -12.78 32.87
N VAL M 272 27.10 -12.02 32.03
CA VAL M 272 28.12 -11.07 32.47
C VAL M 272 27.66 -9.67 32.03
N LYS M 273 27.66 -8.74 32.99
CA LYS M 273 27.20 -7.38 32.73
C LYS M 273 28.31 -6.55 32.10
N ILE M 274 27.94 -5.73 31.12
CA ILE M 274 28.86 -4.83 30.46
C ILE M 274 28.27 -3.42 30.48
N ASN M 275 29.15 -2.43 30.51
CA ASN M 275 28.74 -1.03 30.59
C ASN M 275 29.37 -0.26 29.44
N CYS M 276 28.53 0.21 28.52
CA CYS M 276 28.97 0.97 27.37
C CYS M 276 28.41 2.39 27.49
N THR M 277 29.28 3.38 27.36
CA THR M 277 28.90 4.77 27.52
C THR M 277 29.67 5.64 26.55
N ARG M 278 29.11 6.82 26.28
CA ARG M 278 29.73 7.81 25.39
C ARG M 278 29.77 9.15 26.12
N PRO M 279 30.74 9.34 27.02
CA PRO M 279 30.84 10.59 27.79
C PRO M 279 31.41 11.73 26.96
N SER M 280 30.75 12.03 25.85
CA SER M 280 31.24 12.94 24.83
C SER M 280 30.15 13.93 24.43
N ASN M 281 29.58 14.61 25.42
CA ASN M 281 28.40 15.46 25.29
C ASN M 281 28.35 16.19 23.96
N ASN M 282 27.27 15.96 23.21
CA ASN M 282 27.07 16.53 21.88
C ASN M 282 26.18 17.77 21.96
N THR M 283 26.24 18.56 20.89
CA THR M 283 25.33 19.69 20.67
C THR M 283 24.81 19.55 19.25
N ARG M 284 23.76 18.76 19.07
CA ARG M 284 23.18 18.58 17.75
C ARG M 284 22.44 19.83 17.32
N THR M 285 22.51 20.13 16.02
CA THR M 285 21.84 21.29 15.45
C THR M 285 21.11 20.86 14.19
N GLY M 286 19.85 21.29 14.07
CA GLY M 286 19.06 20.94 12.90
C GLY M 286 19.06 22.06 11.88
N ILE M 287 19.24 21.68 10.61
CA ILE M 287 19.22 22.63 9.51
C ILE M 287 18.08 22.25 8.57
N HIS M 288 17.54 23.26 7.90
CA HIS M 288 16.42 23.07 6.99
C HIS M 288 16.97 22.86 5.58
N ILE M 289 16.84 21.64 5.07
CA ILE M 289 17.34 21.30 3.75
C ILE M 289 16.19 21.13 2.75
N GLY M 290 14.98 21.53 3.12
CA GLY M 290 13.85 21.46 2.23
C GLY M 290 12.55 21.76 2.93
N PRO M 291 11.44 21.75 2.18
CA PRO M 291 10.14 22.07 2.78
C PRO M 291 9.69 20.99 3.75
N GLY M 292 10.20 21.07 4.98
CA GLY M 292 9.95 20.07 5.99
C GLY M 292 11.08 19.09 6.19
N GLN M 293 12.09 19.10 5.33
CA GLN M 293 13.26 18.25 5.47
C GLN M 293 14.21 18.90 6.46
N VAL M 294 14.24 18.41 7.69
CA VAL M 294 15.13 18.92 8.73
C VAL M 294 16.25 17.91 8.91
N PHE M 295 17.48 18.34 8.69
CA PHE M 295 18.66 17.48 8.78
C PHE M 295 19.42 17.83 10.06
N TYR M 296 19.69 16.82 10.88
CA TYR M 296 20.40 17.00 12.14
C TYR M 296 21.83 16.55 11.98
N LYS M 297 22.77 17.44 12.31
CA LYS M 297 24.18 17.18 12.15
C LYS M 297 24.89 17.37 13.49
N THR M 298 26.04 16.69 13.63
CA THR M 298 26.81 16.76 14.85
C THR M 298 27.60 18.07 14.90
N GLY M 299 27.38 18.86 15.95
CA GLY M 299 28.10 20.09 16.15
C GLY M 299 29.38 19.88 16.95
N ASP M 300 29.95 20.99 17.38
CA ASP M 300 31.16 20.94 18.20
C ASP M 300 30.86 20.31 19.55
N ILE M 301 31.77 19.45 20.01
CA ILE M 301 31.62 18.75 21.28
C ILE M 301 32.01 19.72 22.38
N ILE M 302 31.00 20.22 23.12
CA ILE M 302 31.27 21.12 24.23
C ILE M 302 31.85 20.33 25.40
N GLY M 303 32.61 21.03 26.24
CA GLY M 303 33.29 20.35 27.32
C GLY M 303 34.45 19.52 26.79
N ASP M 304 34.92 18.61 27.63
CA ASP M 304 36.03 17.75 27.25
C ASP M 304 35.60 16.75 26.17
N ILE M 305 36.59 16.25 25.44
CA ILE M 305 36.36 15.29 24.36
C ILE M 305 36.76 13.91 24.85
N ARG M 306 35.89 12.93 24.61
CA ARG M 306 36.09 11.57 25.09
C ARG M 306 35.71 10.60 23.98
N LYS M 307 36.26 9.39 24.06
CA LYS M 307 35.97 8.33 23.11
C LYS M 307 35.14 7.24 23.78
N ALA M 308 34.23 6.64 23.01
CA ALA M 308 33.34 5.63 23.53
C ALA M 308 34.11 4.37 23.91
N TYR M 309 33.58 3.65 24.90
CA TYR M 309 34.24 2.44 25.39
C TYR M 309 33.19 1.54 26.03
N CYS M 310 33.59 0.29 26.26
CA CYS M 310 32.77 -0.68 26.96
C CYS M 310 33.61 -1.38 28.01
N ASN M 311 33.04 -1.57 29.19
CA ASN M 311 33.75 -2.18 30.31
C ASN M 311 33.28 -3.61 30.50
N ILE M 312 34.24 -4.53 30.61
CA ILE M 312 33.96 -5.95 30.80
C ILE M 312 34.61 -6.37 32.11
N SER M 313 33.84 -7.03 32.97
CA SER M 313 34.39 -7.58 34.21
C SER M 313 35.38 -8.68 33.85
N GLY M 314 36.67 -8.44 34.11
CA GLY M 314 37.70 -9.35 33.63
C GLY M 314 37.59 -10.74 34.23
N ALA M 315 37.41 -10.81 35.55
CA ALA M 315 37.37 -12.10 36.23
C ALA M 315 36.17 -12.92 35.77
N GLN M 316 34.98 -12.30 35.76
CA GLN M 316 33.78 -13.02 35.35
C GLN M 316 33.85 -13.43 33.89
N TRP M 317 34.32 -12.54 33.02
CA TRP M 317 34.44 -12.87 31.61
C TRP M 317 35.43 -14.01 31.39
N HIS M 318 36.56 -13.99 32.08
CA HIS M 318 37.54 -15.06 31.92
C HIS M 318 37.00 -16.38 32.45
N LYS M 319 36.27 -16.36 33.57
CA LYS M 319 35.67 -17.59 34.08
C LYS M 319 34.65 -18.15 33.11
N VAL M 320 33.81 -17.28 32.54
CA VAL M 320 32.80 -17.73 31.59
C VAL M 320 33.46 -18.29 30.34
N LEU M 321 34.52 -17.63 29.86
CA LEU M 321 35.23 -18.12 28.68
C LEU M 321 35.89 -19.45 28.95
N GLY M 322 36.44 -19.64 30.16
CA GLY M 322 37.02 -20.92 30.51
C GLY M 322 35.98 -22.03 30.55
N ARG M 323 34.81 -21.73 31.12
CA ARG M 323 33.74 -22.73 31.12
C ARG M 323 33.28 -23.05 29.71
N VAL M 324 33.20 -22.03 28.85
CA VAL M 324 32.81 -22.25 27.46
C VAL M 324 33.83 -23.12 26.75
N ALA M 325 35.11 -22.87 26.98
CA ALA M 325 36.16 -23.70 26.37
C ALA M 325 36.09 -25.12 26.89
N ASN M 326 35.85 -25.29 28.19
CA ASN M 326 35.74 -26.64 28.74
C ASN M 326 34.57 -27.40 28.13
N LYS M 327 33.44 -26.72 27.94
CA LYS M 327 32.29 -27.36 27.32
C LYS M 327 32.47 -27.57 25.82
N LEU M 328 33.33 -26.78 25.18
CA LEU M 328 33.65 -27.02 23.77
C LEU M 328 34.62 -28.17 23.59
N LYS M 329 35.47 -28.42 24.59
CA LYS M 329 36.48 -29.46 24.44
C LYS M 329 35.85 -30.83 24.21
N GLU M 330 34.78 -31.15 24.95
CA GLU M 330 34.13 -32.43 24.75
C GLU M 330 33.55 -32.56 23.35
N HIS M 331 32.99 -31.47 22.82
CA HIS M 331 32.50 -31.48 21.45
C HIS M 331 33.62 -31.51 20.42
N PHE M 332 34.84 -31.17 20.82
CA PHE M 332 35.97 -31.10 19.90
C PHE M 332 37.10 -32.01 20.34
N ASN M 333 36.74 -33.21 20.84
CA ASN M 333 37.69 -34.30 21.09
C ASN M 333 38.78 -33.92 22.09
N ASN M 334 38.43 -33.08 23.06
CA ASN M 334 39.38 -32.52 24.03
C ASN M 334 40.65 -32.02 23.32
N LYS M 335 40.45 -31.04 22.46
CA LYS M 335 41.53 -30.28 21.84
C LYS M 335 41.74 -28.97 22.60
N THR M 336 42.93 -28.40 22.43
CA THR M 336 43.27 -27.15 23.11
C THR M 336 42.56 -26.00 22.39
N ILE M 337 41.55 -25.43 23.03
CA ILE M 337 40.75 -24.38 22.42
C ILE M 337 41.49 -23.05 22.55
N VAL M 338 41.68 -22.37 21.43
CA VAL M 338 42.34 -21.07 21.38
C VAL M 338 41.42 -20.08 20.66
N PHE M 339 41.30 -18.88 21.23
CA PHE M 339 40.47 -17.83 20.65
C PHE M 339 41.37 -16.77 20.04
N LYS M 340 41.14 -16.45 18.78
CA LYS M 340 41.89 -15.43 18.07
C LYS M 340 40.97 -14.26 17.69
N PRO M 341 41.49 -13.05 17.61
CA PRO M 341 40.66 -11.91 17.22
C PRO M 341 40.27 -12.01 15.75
N SER M 342 39.29 -11.19 15.37
CA SER M 342 38.81 -11.17 14.00
C SER M 342 39.92 -10.74 13.05
N SER M 343 39.96 -11.38 11.87
CA SER M 343 41.03 -11.18 10.91
C SER M 343 40.56 -10.42 9.68
N GLY M 344 39.51 -10.90 9.00
CA GLY M 344 39.05 -10.26 7.79
C GLY M 344 38.54 -8.87 8.05
N GLY M 345 39.12 -7.87 7.39
CA GLY M 345 38.70 -6.50 7.58
C GLY M 345 37.37 -6.19 6.91
N ASP M 346 36.32 -6.04 7.71
CA ASP M 346 34.98 -5.71 7.25
C ASP M 346 34.24 -5.01 8.39
N PRO M 347 33.88 -3.74 8.23
CA PRO M 347 33.47 -2.95 9.40
C PRO M 347 32.29 -3.51 10.18
N GLU M 348 31.29 -4.08 9.51
CA GLU M 348 30.17 -4.66 10.23
C GLU M 348 30.54 -6.02 10.83
N ILE M 349 31.33 -6.81 10.10
CA ILE M 349 31.61 -8.17 10.53
C ILE M 349 32.65 -8.20 11.65
N THR M 350 33.74 -7.44 11.50
CA THR M 350 34.83 -7.53 12.47
C THR M 350 34.49 -6.82 13.77
N MET M 351 33.53 -5.91 13.76
CA MET M 351 33.16 -5.15 14.95
C MET M 351 32.02 -5.82 15.70
N HIS M 352 31.84 -5.39 16.95
CA HIS M 352 30.71 -5.81 17.76
C HIS M 352 29.60 -4.77 17.60
N SER M 353 28.58 -5.10 16.82
CA SER M 353 27.51 -4.17 16.52
C SER M 353 26.45 -4.17 17.62
N PHE M 354 25.97 -2.98 17.97
CA PHE M 354 24.85 -2.81 18.88
C PHE M 354 24.53 -1.32 18.95
N ASN M 355 23.37 -1.01 19.53
CA ASN M 355 22.98 0.35 19.83
C ASN M 355 22.79 0.51 21.33
N CYS M 356 23.20 1.66 21.87
CA CYS M 356 23.07 1.92 23.29
C CYS M 356 21.81 2.72 23.59
N ARG M 357 21.67 3.88 22.95
CA ARG M 357 20.45 4.68 23.07
C ARG M 357 20.04 5.25 21.72
N GLY M 358 20.59 4.73 20.63
CA GLY M 358 20.36 5.25 19.30
C GLY M 358 21.64 5.45 18.54
N GLU M 359 22.75 5.00 19.12
CA GLU M 359 24.08 5.16 18.54
C GLU M 359 24.76 3.81 18.45
N PHE M 360 25.45 3.56 17.34
CA PHE M 360 26.07 2.28 17.06
C PHE M 360 27.58 2.37 17.28
N PHE M 361 28.12 1.44 18.07
CA PHE M 361 29.45 1.61 18.67
C PHE M 361 30.57 0.98 17.85
N TYR M 362 30.51 -0.33 17.58
CA TYR M 362 31.50 -1.04 16.77
C TYR M 362 32.90 -0.95 17.40
N CYS M 363 33.03 -1.59 18.55
CA CYS M 363 34.27 -1.68 19.32
C CYS M 363 35.06 -2.91 18.87
N ASN M 364 36.35 -2.99 19.22
CA ASN M 364 36.87 -4.31 18.92
C ASN M 364 36.78 -5.20 20.16
N THR M 365 36.73 -6.50 19.91
CA THR M 365 36.75 -7.50 20.96
C THR M 365 38.08 -8.25 21.01
N THR M 366 39.16 -7.64 20.51
CA THR M 366 40.45 -8.33 20.48
C THR M 366 40.96 -8.60 21.90
N LYS M 367 40.82 -7.63 22.80
CA LYS M 367 41.28 -7.82 24.17
C LYS M 367 40.42 -8.80 24.94
N LEU M 368 39.25 -9.19 24.42
CA LEU M 368 38.41 -10.20 25.04
C LEU M 368 38.66 -11.59 24.45
N PHE M 369 38.69 -11.71 23.13
CA PHE M 369 38.84 -13.00 22.46
C PHE M 369 40.29 -13.22 22.03
N ASN M 370 41.17 -13.31 23.03
CA ASN M 370 42.58 -13.62 22.78
C ASN M 370 43.09 -14.37 24.00
N SER M 371 43.07 -15.70 23.92
CA SER M 371 43.52 -16.56 25.01
C SER M 371 43.66 -17.97 24.48
N THR M 372 44.42 -18.78 25.21
CA THR M 372 44.58 -20.20 24.92
C THR M 372 44.16 -20.99 26.15
N TRP M 373 43.32 -22.00 25.94
CA TRP M 373 42.69 -22.75 27.03
C TRP M 373 43.07 -24.22 26.90
N GLY M 374 43.63 -24.77 27.98
CA GLY M 374 43.91 -26.19 28.07
C GLY M 374 45.24 -26.62 27.48
N GLY M 375 45.98 -25.70 26.88
CA GLY M 375 47.26 -26.04 26.28
C GLY M 375 48.30 -26.45 27.30
N ASN M 376 48.25 -25.82 28.47
CA ASN M 376 49.17 -26.14 29.56
C ASN M 376 48.44 -26.17 30.90
N LYS M 377 47.12 -26.02 30.85
CA LYS M 377 46.22 -26.27 31.98
C LYS M 377 46.32 -25.20 33.05
N ASN M 378 47.29 -24.29 32.95
CA ASN M 378 47.52 -23.31 33.99
C ASN M 378 47.06 -21.92 33.52
N GLU M 379 47.27 -20.92 34.37
CA GLU M 379 46.59 -19.64 34.24
C GLU M 379 47.39 -18.55 33.53
N THR M 380 46.84 -17.33 33.59
CA THR M 380 47.37 -16.09 33.04
C THR M 380 46.33 -15.03 33.38
N ARG M 381 45.45 -14.71 32.44
CA ARG M 381 44.12 -14.20 32.72
C ARG M 381 44.11 -12.81 33.34
N ASP M 382 44.61 -12.72 34.59
CA ASP M 382 44.39 -11.62 35.51
C ASP M 382 42.92 -11.47 35.85
N ASN M 383 42.53 -10.36 36.47
CA ASN M 383 41.17 -10.15 36.92
C ASN M 383 40.73 -8.71 36.76
N GLY M 384 41.33 -7.98 35.82
CA GLY M 384 41.14 -6.55 35.71
C GLY M 384 40.02 -6.20 34.74
N THR M 385 39.37 -5.08 35.03
CA THR M 385 38.32 -4.57 34.15
C THR M 385 38.90 -4.28 32.77
N ILE M 386 38.21 -4.76 31.74
CA ILE M 386 38.70 -4.67 30.36
C ILE M 386 37.95 -3.54 29.67
N THR M 387 38.71 -2.59 29.11
CA THR M 387 38.16 -1.48 28.36
C THR M 387 38.55 -1.64 26.90
N ILE M 388 37.56 -1.57 26.01
CA ILE M 388 37.75 -1.84 24.60
C ILE M 388 37.45 -0.56 23.82
N PRO M 389 38.33 -0.13 22.92
CA PRO M 389 38.06 1.08 22.13
C PRO M 389 36.92 0.86 21.16
N CYS M 390 36.23 1.95 20.81
CA CYS M 390 35.05 1.89 19.96
C CYS M 390 35.16 2.93 18.85
N ARG M 391 34.53 2.61 17.72
CA ARG M 391 34.55 3.47 16.52
C ARG M 391 33.12 3.71 16.09
N ILE M 392 32.48 4.71 16.67
CA ILE M 392 31.08 5.02 16.40
C ILE M 392 30.93 5.63 15.01
N LYS M 393 29.86 5.25 14.32
CA LYS M 393 29.49 5.80 13.02
C LYS M 393 27.99 6.00 12.98
N GLN M 394 27.52 6.73 11.98
CA GLN M 394 26.10 7.08 11.88
C GLN M 394 25.37 6.44 10.73
N ILE M 395 26.01 6.24 9.58
CA ILE M 395 25.37 5.57 8.45
C ILE M 395 25.32 4.07 8.75
N ILE M 396 24.12 3.51 8.75
CA ILE M 396 23.90 2.14 9.19
C ILE M 396 23.28 1.36 8.04
N ASN M 397 24.07 0.51 7.41
CA ASN M 397 23.58 -0.40 6.37
C ASN M 397 23.34 -1.77 6.99
N MET M 398 22.35 -1.81 7.88
CA MET M 398 22.05 -3.02 8.63
C MET M 398 21.06 -3.88 7.84
N TRP M 399 20.90 -5.13 8.30
CA TRP M 399 20.22 -6.19 7.56
C TRP M 399 20.93 -6.48 6.24
N GLN M 400 22.26 -6.39 6.27
CA GLN M 400 23.12 -6.57 5.09
C GLN M 400 22.64 -5.59 4.03
N GLY M 401 22.48 -6.02 2.78
CA GLY M 401 21.94 -5.15 1.75
C GLY M 401 20.43 -5.18 1.62
N VAL M 402 19.76 -6.09 2.32
CA VAL M 402 18.31 -6.18 2.22
C VAL M 402 17.64 -4.98 2.88
N GLY M 403 18.11 -4.58 4.06
CA GLY M 403 17.48 -3.50 4.77
C GLY M 403 17.85 -2.13 4.22
N GLN M 404 17.00 -1.17 4.53
CA GLN M 404 17.21 0.21 4.07
C GLN M 404 18.36 0.85 4.82
N ALA M 405 19.14 1.66 4.12
CA ALA M 405 20.19 2.45 4.75
C ALA M 405 19.57 3.51 5.66
N MET M 406 20.24 3.77 6.78
CA MET M 406 19.71 4.67 7.78
C MET M 406 20.79 5.65 8.22
N TYR M 407 20.34 6.85 8.58
CA TYR M 407 21.19 7.88 9.17
C TYR M 407 20.70 8.12 10.59
N ALA M 408 21.57 7.90 11.56
CA ALA M 408 21.18 8.06 12.97
C ALA M 408 21.48 9.48 13.43
N PRO M 409 20.49 10.26 13.79
CA PRO M 409 20.75 11.62 14.28
C PRO M 409 21.46 11.58 15.62
N PRO M 410 22.29 12.58 15.90
CA PRO M 410 23.02 12.59 17.17
C PRO M 410 22.10 12.81 18.36
N ILE M 411 22.54 12.33 19.52
CA ILE M 411 21.81 12.49 20.77
C ILE M 411 22.40 13.66 21.53
N LYS M 412 21.52 14.40 22.22
CA LYS M 412 21.94 15.62 22.91
C LYS M 412 22.93 15.32 24.02
N GLY M 413 22.51 14.60 25.04
CA GLY M 413 23.31 14.35 26.22
C GLY M 413 24.23 13.16 26.07
N VAL M 414 24.82 12.77 27.19
CA VAL M 414 25.70 11.60 27.23
C VAL M 414 24.86 10.33 27.07
N ILE M 415 25.52 9.27 26.65
CA ILE M 415 24.87 7.98 26.39
C ILE M 415 25.38 6.97 27.40
N LYS M 416 24.47 6.20 27.98
CA LYS M 416 24.84 5.08 28.84
C LYS M 416 23.73 4.04 28.84
N CYS M 417 24.10 2.79 28.58
CA CYS M 417 23.16 1.67 28.71
C CYS M 417 23.88 0.49 29.32
N LEU M 418 23.17 -0.23 30.19
CA LEU M 418 23.74 -1.36 30.92
C LEU M 418 23.23 -2.64 30.28
N SER M 419 24.15 -3.50 29.85
CA SER M 419 23.83 -4.70 29.10
C SER M 419 24.44 -5.90 29.81
N ASN M 420 23.73 -7.04 29.78
CA ASN M 420 24.14 -8.24 30.51
C ASN M 420 24.20 -9.40 29.52
N ILE M 421 25.42 -9.74 29.07
CA ILE M 421 25.62 -10.54 27.88
C ILE M 421 25.10 -11.97 28.08
N THR M 422 24.28 -12.43 27.13
CA THR M 422 23.75 -13.80 27.12
C THR M 422 24.04 -14.34 25.72
N GLY M 423 25.23 -14.90 25.53
CA GLY M 423 25.55 -15.57 24.29
C GLY M 423 26.70 -15.01 23.48
N ILE M 424 27.36 -15.88 22.72
CA ILE M 424 28.45 -15.51 21.82
C ILE M 424 28.21 -16.17 20.47
N LEU M 425 28.72 -15.55 19.41
CA LEU M 425 28.65 -16.10 18.05
C LEU M 425 30.08 -16.38 17.59
N LEU M 426 30.47 -17.65 17.60
CA LEU M 426 31.83 -18.04 17.27
C LEU M 426 31.92 -18.55 15.83
N THR M 427 33.15 -18.67 15.34
CA THR M 427 33.40 -19.18 14.00
C THR M 427 34.70 -19.97 14.01
N ARG M 428 34.67 -21.18 13.46
CA ARG M 428 35.83 -22.05 13.45
C ARG M 428 36.61 -21.88 12.16
N ASP M 429 37.93 -21.96 12.26
CA ASP M 429 38.80 -21.86 11.10
C ASP M 429 39.19 -23.25 10.59
N ASN M 432 40.44 -24.09 7.84
CA ASN M 432 40.64 -25.05 6.75
C ASN M 432 41.87 -25.91 7.01
N ASP M 433 42.87 -25.34 7.67
CA ASP M 433 44.09 -26.05 7.96
C ASP M 433 43.86 -27.07 9.08
N THR M 434 44.80 -28.01 9.22
CA THR M 434 44.72 -29.09 10.18
C THR M 434 45.84 -28.96 11.20
N GLU M 435 45.49 -29.09 12.47
CA GLU M 435 46.44 -29.01 13.57
C GLU M 435 45.78 -29.62 14.80
N ASN M 436 46.52 -29.69 15.91
CA ASN M 436 46.01 -30.24 17.16
C ASN M 436 45.23 -29.20 17.97
N ASN M 437 45.14 -27.97 17.49
CA ASN M 437 44.40 -26.91 18.17
C ASN M 437 43.41 -26.26 17.21
N GLU M 438 42.19 -26.03 17.70
CA GLU M 438 41.14 -25.42 16.90
C GLU M 438 41.01 -23.95 17.28
N THR M 439 41.07 -23.08 16.27
CA THR M 439 40.99 -21.64 16.47
C THR M 439 39.55 -21.19 16.22
N PHE M 440 38.95 -20.56 17.23
CA PHE M 440 37.60 -20.02 17.14
C PHE M 440 37.69 -18.50 17.19
N ARG M 441 37.44 -17.86 16.06
CA ARG M 441 37.42 -16.41 16.04
C ARG M 441 35.99 -15.89 16.05
N PRO M 442 35.75 -14.73 16.65
CA PRO M 442 34.38 -14.23 16.76
C PRO M 442 33.79 -13.85 15.41
N GLY M 443 32.50 -13.49 15.40
CA GLY M 443 31.84 -13.11 14.18
C GLY M 443 30.82 -14.13 13.71
N GLY M 444 29.55 -13.74 13.69
CA GLY M 444 28.47 -14.61 13.28
C GLY M 444 28.18 -14.52 11.80
N GLY M 445 26.99 -14.97 11.43
CA GLY M 445 26.56 -14.93 10.05
C GLY M 445 25.38 -14.01 9.82
N ASP M 446 24.23 -14.58 9.48
CA ASP M 446 23.04 -13.78 9.24
C ASP M 446 22.47 -13.28 10.56
N MET M 447 21.58 -12.29 10.45
CA MET M 447 20.94 -11.72 11.63
C MET M 447 20.00 -12.69 12.33
N ARG M 448 19.63 -13.79 11.67
CA ARG M 448 18.76 -14.78 12.29
C ARG M 448 19.38 -15.44 13.51
N ASP M 449 20.72 -15.47 13.59
CA ASP M 449 21.39 -16.11 14.70
C ASP M 449 21.15 -15.40 16.02
N ASN M 450 20.79 -14.12 15.98
CA ASN M 450 20.48 -13.40 17.21
C ASN M 450 19.26 -13.99 17.90
N TRP M 451 18.29 -14.47 17.14
CA TRP M 451 17.07 -15.02 17.71
C TRP M 451 17.01 -16.54 17.65
N ARG M 452 17.94 -17.17 16.94
CA ARG M 452 18.00 -18.63 16.94
C ARG M 452 18.25 -19.17 18.33
N ASN M 453 18.99 -18.41 19.17
CA ASN M 453 19.22 -18.79 20.55
C ASN M 453 17.96 -18.73 21.40
N GLU M 454 16.94 -18.00 20.98
CA GLU M 454 15.73 -17.81 21.77
C GLU M 454 14.48 -18.51 21.24
N LEU M 455 14.45 -18.87 19.96
CA LEU M 455 13.31 -19.59 19.39
C LEU M 455 13.59 -21.08 19.23
N TYR M 456 14.70 -21.57 19.81
CA TYR M 456 15.04 -22.98 19.64
C TYR M 456 14.05 -23.90 20.34
N LYS M 457 13.54 -23.50 21.51
CA LYS M 457 12.65 -24.34 22.29
C LYS M 457 11.23 -24.39 21.75
N TYR M 458 10.83 -23.41 20.95
CA TYR M 458 9.46 -23.33 20.45
C TYR M 458 9.34 -23.97 19.07
N LYS M 459 8.14 -24.45 18.77
CA LYS M 459 7.86 -25.10 17.50
C LYS M 459 6.36 -25.05 17.25
N VAL M 460 5.96 -24.41 16.16
CA VAL M 460 4.54 -24.26 15.84
C VAL M 460 4.02 -25.59 15.30
N VAL M 461 2.77 -25.92 15.67
CA VAL M 461 2.16 -27.18 15.27
C VAL M 461 0.65 -26.98 15.20
N GLN M 462 0.01 -27.64 14.25
CA GLN M 462 -1.44 -27.60 14.11
C GLN M 462 -2.05 -28.86 14.69
N ILE M 463 -3.30 -28.75 15.15
CA ILE M 463 -3.99 -29.85 15.79
C ILE M 463 -5.26 -30.17 15.00
N GLU M 464 -5.55 -31.46 14.85
CA GLU M 464 -6.75 -31.92 14.17
C GLU M 464 -7.68 -32.56 15.18
N PRO M 465 -8.74 -31.87 15.60
CA PRO M 465 -9.60 -32.43 16.66
C PRO M 465 -10.45 -33.61 16.22
N LEU M 466 -10.61 -33.83 14.91
CA LEU M 466 -11.43 -34.94 14.44
C LEU M 466 -10.72 -36.27 14.68
N GLY M 467 -11.50 -37.28 15.08
CA GLY M 467 -10.96 -38.60 15.33
C GLY M 467 -12.03 -39.67 15.27
N ILE M 468 -11.69 -40.83 14.73
CA ILE M 468 -12.64 -41.93 14.56
C ILE M 468 -12.06 -43.18 15.23
N ALA M 469 -12.82 -43.77 16.13
CA ALA M 469 -12.45 -44.99 16.82
C ALA M 469 -13.64 -45.93 16.84
N PRO M 470 -13.40 -47.24 16.83
CA PRO M 470 -14.51 -48.20 16.84
C PRO M 470 -14.99 -48.55 18.24
N THR M 471 -16.30 -48.48 18.46
CA THR M 471 -16.91 -48.87 19.72
C THR M 471 -18.14 -49.70 19.41
N LYS M 472 -18.95 -49.97 20.43
CA LYS M 472 -20.19 -50.73 20.31
C LYS M 472 -21.34 -49.76 20.59
N CYS M 473 -21.79 -49.06 19.56
CA CYS M 473 -22.78 -48.01 19.73
C CYS M 473 -24.05 -48.24 18.91
N LYS M 474 -23.91 -48.55 17.61
CA LYS M 474 -25.00 -49.09 16.79
C LYS M 474 -26.06 -48.05 16.44
N ARG M 475 -25.98 -46.85 17.00
CA ARG M 475 -27.05 -45.88 16.90
C ARG M 475 -26.68 -44.77 15.91
N ARG M 476 -27.63 -43.87 15.69
CA ARG M 476 -27.40 -42.56 15.09
C ARG M 476 -26.89 -42.66 13.67
N GLY N 10 -6.39 -26.11 23.79
CA GLY N 10 -6.94 -26.63 25.03
C GLY N 10 -7.10 -28.13 25.03
N PHE N 11 -7.14 -28.72 23.84
CA PHE N 11 -7.29 -30.16 23.70
C PHE N 11 -5.97 -30.92 23.83
N LEU N 12 -4.85 -30.21 23.98
CA LEU N 12 -3.55 -30.87 24.02
C LEU N 12 -3.34 -31.65 25.31
N GLY N 13 -4.16 -31.42 26.33
CA GLY N 13 -3.98 -32.13 27.58
C GLY N 13 -4.20 -33.61 27.45
N ALA N 14 -3.44 -34.38 28.23
CA ALA N 14 -3.50 -35.84 28.23
C ALA N 14 -3.29 -36.40 26.82
N ALA N 15 -2.34 -35.83 26.09
CA ALA N 15 -2.08 -36.28 24.73
C ALA N 15 -1.41 -37.66 24.72
N GLY N 16 -0.41 -37.84 25.58
CA GLY N 16 0.30 -39.11 25.64
C GLY N 16 -0.33 -40.17 26.53
N SER N 17 -1.46 -39.86 27.14
CA SER N 17 -2.10 -40.80 28.04
C SER N 17 -2.82 -41.90 27.26
N THR N 18 -3.25 -42.92 27.99
CA THR N 18 -4.04 -44.00 27.41
C THR N 18 -5.36 -43.44 26.87
N MET N 19 -5.98 -44.20 25.97
CA MET N 19 -7.20 -43.72 25.32
C MET N 19 -8.34 -43.48 26.31
N GLY N 20 -8.46 -44.32 27.34
CA GLY N 20 -9.49 -44.08 28.33
C GLY N 20 -9.29 -42.78 29.08
N ALA N 21 -8.06 -42.52 29.52
CA ALA N 21 -7.74 -41.26 30.18
C ALA N 21 -7.94 -40.07 29.25
N ALA N 22 -7.62 -40.23 27.97
CA ALA N 22 -7.88 -39.17 27.00
C ALA N 22 -9.36 -38.91 26.87
N SER N 23 -10.18 -39.95 26.82
CA SER N 23 -11.62 -39.79 26.70
C SER N 23 -12.20 -39.08 27.92
N ILE N 24 -11.74 -39.45 29.12
CA ILE N 24 -12.24 -38.74 30.30
C ILE N 24 -11.64 -37.34 30.39
N THR N 25 -10.55 -37.09 29.66
CA THR N 25 -9.95 -35.76 29.62
C THR N 25 -10.34 -34.98 28.37
N LEU N 26 -10.66 -35.71 27.28
CA LEU N 26 -11.06 -35.08 26.00
C LEU N 26 -12.34 -34.25 26.23
N THR N 27 -12.80 -34.18 27.47
CA THR N 27 -14.04 -33.41 27.82
C THR N 27 -13.81 -32.65 29.13
N VAL N 28 -12.58 -32.69 29.67
CA VAL N 28 -12.25 -32.00 30.93
C VAL N 28 -11.90 -30.53 30.63
N GLN N 29 -11.07 -30.25 29.62
CA GLN N 29 -10.92 -28.81 29.26
C GLN N 29 -12.12 -28.59 28.34
N ALA N 30 -12.04 -29.25 27.18
CA ALA N 30 -13.07 -29.17 26.11
C ALA N 30 -12.91 -27.76 25.58
N ARG N 31 -13.75 -26.85 26.06
CA ARG N 31 -13.46 -25.42 25.73
C ARG N 31 -14.02 -24.32 26.65
N GLN N 32 -13.14 -23.71 27.42
CA GLN N 32 -13.49 -22.58 28.33
C GLN N 32 -13.82 -21.30 27.55
N LEU N 33 -13.24 -21.05 26.37
CA LEU N 33 -13.60 -19.74 25.71
C LEU N 33 -13.82 -18.66 26.79
N LEU N 34 -14.33 -17.48 26.40
CA LEU N 34 -14.57 -16.38 27.37
C LEU N 34 -16.09 -16.15 27.51
N LEU N 57 -3.31 -1.92 6.91
CA LEU N 57 -2.10 -1.73 6.11
C LEU N 57 -0.87 -2.20 6.87
N THR N 58 -0.97 -2.21 8.20
CA THR N 58 0.14 -2.64 9.02
C THR N 58 0.33 -4.16 8.90
N VAL N 59 1.59 -4.60 8.95
CA VAL N 59 1.90 -6.02 8.82
C VAL N 59 1.29 -6.81 9.96
N TRP N 60 1.27 -6.23 11.17
CA TRP N 60 0.64 -6.92 12.30
C TRP N 60 -0.86 -7.08 12.08
N GLY N 61 -1.52 -6.04 11.57
CA GLY N 61 -2.93 -6.17 11.25
C GLY N 61 -3.19 -7.21 10.18
N ILE N 62 -2.33 -7.27 9.17
CA ILE N 62 -2.46 -8.27 8.12
C ILE N 62 -2.32 -9.68 8.70
N LYS N 63 -1.33 -9.87 9.58
CA LYS N 63 -1.16 -11.17 10.23
C LYS N 63 -2.38 -11.53 11.07
N GLN N 64 -2.91 -10.54 11.81
CA GLN N 64 -4.13 -10.77 12.60
C GLN N 64 -5.26 -11.26 11.71
N LEU N 65 -5.49 -10.56 10.58
CA LEU N 65 -6.59 -10.91 9.70
C LEU N 65 -6.39 -12.30 9.09
N GLN N 66 -5.17 -12.60 8.65
CA GLN N 66 -4.89 -13.93 8.10
C GLN N 66 -5.15 -15.02 9.14
N ALA N 67 -4.67 -14.82 10.37
CA ALA N 67 -4.86 -15.82 11.40
C ALA N 67 -6.34 -16.02 11.72
N ARG N 68 -7.09 -14.93 11.84
CA ARG N 68 -8.51 -15.04 12.15
C ARG N 68 -9.27 -15.76 11.04
N VAL N 69 -8.99 -15.42 9.79
CA VAL N 69 -9.67 -16.08 8.68
C VAL N 69 -9.31 -17.56 8.64
N LEU N 70 -8.04 -17.89 8.88
CA LEU N 70 -7.63 -19.29 8.87
C LEU N 70 -8.34 -20.08 9.97
N ALA N 71 -8.41 -19.50 11.18
CA ALA N 71 -9.11 -20.19 12.27
C ALA N 71 -10.58 -20.38 11.94
N VAL N 72 -11.22 -19.36 11.36
CA VAL N 72 -12.61 -19.49 10.97
C VAL N 72 -12.79 -20.61 9.95
N GLU N 73 -11.88 -20.69 8.97
CA GLU N 73 -11.97 -21.74 7.96
C GLU N 73 -11.82 -23.12 8.57
N ARG N 74 -10.86 -23.30 9.47
CA ARG N 74 -10.70 -24.62 10.09
C ARG N 74 -11.92 -25.01 10.93
N TYR N 75 -12.45 -24.06 11.71
CA TYR N 75 -13.65 -24.35 12.49
C TYR N 75 -14.82 -24.71 11.58
N LEU N 76 -14.98 -23.97 10.49
CA LEU N 76 -16.06 -24.25 9.55
C LEU N 76 -15.89 -25.61 8.90
N GLN N 77 -14.65 -25.98 8.56
CA GLN N 77 -14.41 -27.31 7.97
C GLN N 77 -14.82 -28.41 8.93
N ASP N 78 -14.39 -28.30 10.19
CA ASP N 78 -14.75 -29.31 11.17
C ASP N 78 -16.26 -29.39 11.36
N GLN N 79 -16.94 -28.25 11.40
CA GLN N 79 -18.39 -28.26 11.56
C GLN N 79 -19.09 -28.81 10.33
N LYS N 80 -18.58 -28.54 9.13
CA LYS N 80 -19.15 -29.17 7.94
C LYS N 80 -19.09 -30.69 8.04
N PHE N 81 -17.91 -31.21 8.41
CA PHE N 81 -17.80 -32.66 8.51
C PHE N 81 -18.73 -33.23 9.59
N LEU N 82 -18.77 -32.57 10.76
CA LEU N 82 -19.61 -33.06 11.85
C LEU N 82 -21.08 -33.05 11.47
N GLY N 83 -21.58 -31.92 10.99
CA GLY N 83 -22.99 -31.83 10.63
C GLY N 83 -23.35 -32.70 9.44
N LEU N 84 -22.40 -32.92 8.54
CA LEU N 84 -22.67 -33.73 7.36
C LEU N 84 -22.75 -35.20 7.72
N TRP N 85 -22.00 -35.62 8.74
CA TRP N 85 -22.14 -36.98 9.26
C TRP N 85 -23.34 -37.13 10.19
N GLY N 86 -24.09 -36.05 10.42
CA GLY N 86 -25.21 -36.07 11.33
C GLY N 86 -24.85 -35.77 12.77
N CYS N 87 -23.57 -35.58 13.08
CA CYS N 87 -23.17 -35.28 14.45
C CYS N 87 -23.67 -33.91 14.89
N SER N 88 -23.45 -32.90 14.06
CA SER N 88 -23.83 -31.50 14.34
C SER N 88 -23.13 -31.11 15.64
N GLY N 89 -23.85 -30.61 16.64
CA GLY N 89 -23.22 -30.17 17.87
C GLY N 89 -23.21 -31.20 18.98
N LYS N 90 -22.53 -32.32 18.76
CA LYS N 90 -22.32 -33.33 19.79
C LYS N 90 -20.85 -33.72 19.81
N ILE N 91 -20.28 -33.84 21.01
CA ILE N 91 -18.85 -34.12 21.14
C ILE N 91 -18.56 -35.59 20.89
N ILE N 92 -19.20 -36.48 21.63
CA ILE N 92 -19.02 -37.92 21.44
C ILE N 92 -20.14 -38.35 20.50
N CYS N 93 -19.85 -38.37 19.21
CA CYS N 93 -20.85 -38.63 18.18
C CYS N 93 -20.89 -40.11 17.83
N CYS N 94 -22.09 -40.68 17.83
CA CYS N 94 -22.28 -42.07 17.47
C CYS N 94 -22.58 -42.22 15.98
N THR N 95 -22.35 -43.43 15.47
CA THR N 95 -22.67 -43.76 14.09
C THR N 95 -22.89 -45.27 14.00
N ALA N 96 -23.73 -45.69 13.06
CA ALA N 96 -24.07 -47.10 12.87
C ALA N 96 -23.35 -47.71 11.67
N VAL N 97 -22.09 -47.35 11.46
CA VAL N 97 -21.29 -47.88 10.36
C VAL N 97 -20.52 -49.10 10.86
N PRO N 98 -20.52 -50.21 10.12
CA PRO N 98 -19.73 -51.38 10.54
C PRO N 98 -18.23 -51.14 10.50
N TRP N 99 -17.46 -52.15 10.88
CA TRP N 99 -16.02 -52.02 11.13
C TRP N 99 -15.24 -53.18 10.48
N ASN N 100 -15.40 -53.35 9.16
CA ASN N 100 -14.61 -54.32 8.41
C ASN N 100 -13.18 -54.42 8.91
N SER N 101 -12.68 -55.65 9.00
CA SER N 101 -11.30 -55.91 9.42
C SER N 101 -10.35 -55.66 8.25
N SER N 102 -10.46 -54.48 7.70
CA SER N 102 -9.57 -53.95 6.66
C SER N 102 -8.93 -52.64 7.09
N TRP N 103 -9.66 -51.79 7.80
CA TRP N 103 -9.05 -50.60 8.41
C TRP N 103 -8.26 -50.97 9.66
N SER N 104 -8.72 -51.98 10.39
CA SER N 104 -8.03 -52.44 11.60
C SER N 104 -8.51 -53.85 11.92
N ASN N 105 -7.65 -54.61 12.61
CA ASN N 105 -7.96 -55.99 12.97
C ASN N 105 -7.74 -56.27 14.44
N LYS N 106 -7.54 -55.25 15.27
CA LYS N 106 -7.30 -55.43 16.69
C LYS N 106 -8.60 -55.20 17.47
N THR N 107 -8.63 -55.72 18.70
CA THR N 107 -9.85 -55.84 19.47
C THR N 107 -9.87 -54.84 20.62
N PHE N 108 -10.84 -53.93 20.60
CA PHE N 108 -11.25 -53.01 21.67
C PHE N 108 -10.24 -52.77 22.79
N GLU N 109 -9.96 -53.80 23.59
CA GLU N 109 -9.10 -53.61 24.75
C GLU N 109 -7.70 -53.15 24.33
N GLU N 110 -7.14 -53.77 23.29
CA GLU N 110 -5.82 -53.33 22.85
C GLU N 110 -5.87 -52.00 22.13
N ILE N 111 -6.95 -51.70 21.40
CA ILE N 111 -7.07 -50.39 20.75
C ILE N 111 -7.05 -49.29 21.80
N TRP N 112 -7.78 -49.48 22.89
CA TRP N 112 -7.94 -48.44 23.90
C TRP N 112 -6.93 -48.53 25.03
N ASN N 113 -6.06 -49.55 25.05
CA ASN N 113 -5.02 -49.66 26.06
C ASN N 113 -3.61 -49.69 25.47
N ASN N 114 -3.36 -50.54 24.49
CA ASN N 114 -2.11 -50.55 23.72
C ASN N 114 -2.09 -49.49 22.63
N MET N 115 -2.47 -48.24 22.92
CA MET N 115 -2.46 -47.23 21.88
C MET N 115 -2.83 -45.87 22.47
N THR N 116 -2.49 -44.83 21.72
CA THR N 116 -2.91 -43.46 21.99
C THR N 116 -3.61 -42.91 20.76
N TRP N 117 -4.14 -41.70 20.88
CA TRP N 117 -4.94 -41.13 19.79
C TRP N 117 -4.09 -40.88 18.55
N ILE N 118 -2.85 -40.42 18.73
CA ILE N 118 -1.98 -40.17 17.58
C ILE N 118 -1.59 -41.48 16.92
N GLU N 119 -1.29 -42.51 17.71
CA GLU N 119 -1.01 -43.82 17.15
C GLU N 119 -2.19 -44.34 16.34
N TRP N 120 -3.41 -44.19 16.87
CA TRP N 120 -4.58 -44.64 16.12
C TRP N 120 -4.76 -43.86 14.83
N GLU N 121 -4.58 -42.53 14.88
CA GLU N 121 -4.72 -41.74 13.67
C GLU N 121 -3.68 -42.12 12.62
N ARG N 122 -2.45 -42.42 13.05
CA ARG N 122 -1.45 -42.92 12.11
C ARG N 122 -1.84 -44.29 11.56
N GLU N 123 -2.46 -45.13 12.40
CA GLU N 123 -2.89 -46.45 11.95
C GLU N 123 -3.95 -46.35 10.85
N ILE N 124 -4.88 -45.40 10.99
CA ILE N 124 -5.98 -45.27 10.04
C ILE N 124 -5.81 -44.02 9.19
N SER N 125 -4.55 -43.62 8.96
CA SER N 125 -4.27 -42.34 8.31
C SER N 125 -4.85 -42.27 6.91
N ASN N 126 -4.57 -43.27 6.08
CA ASN N 126 -4.97 -43.24 4.68
C ASN N 126 -6.26 -44.00 4.41
N TYR N 127 -6.98 -44.41 5.45
CA TYR N 127 -8.35 -44.88 5.30
C TYR N 127 -9.36 -43.81 5.65
N THR N 128 -8.91 -42.61 6.01
CA THR N 128 -9.82 -41.57 6.48
C THR N 128 -10.80 -41.15 5.41
N SER N 129 -10.33 -41.03 4.16
CA SER N 129 -11.23 -40.60 3.08
C SER N 129 -12.33 -41.62 2.84
N GLN N 130 -11.98 -42.90 2.76
CA GLN N 130 -12.98 -43.96 2.61
C GLN N 130 -13.95 -43.98 3.79
N ILE N 131 -13.42 -43.84 5.01
CA ILE N 131 -14.29 -43.87 6.19
C ILE N 131 -15.26 -42.69 6.16
N TYR N 132 -14.78 -41.50 5.79
CA TYR N 132 -15.65 -40.34 5.68
C TYR N 132 -16.74 -40.57 4.64
N ASP N 133 -16.37 -41.12 3.48
CA ASP N 133 -17.35 -41.37 2.45
C ASP N 133 -18.41 -42.36 2.93
N ILE N 134 -17.97 -43.42 3.61
CA ILE N 134 -18.93 -44.40 4.11
C ILE N 134 -19.85 -43.79 5.16
N LEU N 135 -19.30 -42.92 6.02
CA LEU N 135 -20.15 -42.24 7.00
C LEU N 135 -21.21 -41.40 6.30
N THR N 136 -20.81 -40.64 5.28
CA THR N 136 -21.77 -39.80 4.58
C THR N 136 -22.85 -40.64 3.90
N ILE N 137 -22.45 -41.75 3.26
CA ILE N 137 -23.43 -42.61 2.61
C ILE N 137 -24.39 -43.21 3.63
N SER N 138 -23.87 -43.67 4.77
CA SER N 138 -24.74 -44.24 5.80
C SER N 138 -25.70 -43.20 6.34
N GLN N 139 -25.23 -41.96 6.54
CA GLN N 139 -26.08 -40.90 7.05
C GLN N 139 -27.23 -40.63 6.08
N THR N 140 -26.90 -40.44 4.79
CA THR N 140 -27.97 -40.15 3.84
C THR N 140 -28.91 -41.34 3.69
N GLN N 141 -28.38 -42.56 3.77
CA GLN N 141 -29.25 -43.74 3.71
C GLN N 141 -30.24 -43.76 4.86
N GLN N 142 -29.76 -43.53 6.09
CA GLN N 142 -30.66 -43.57 7.24
C GLN N 142 -31.64 -42.41 7.21
N GLU N 143 -31.20 -41.24 6.73
CA GLU N 143 -32.09 -40.10 6.66
C GLU N 143 -33.22 -40.34 5.65
N LYS N 144 -32.87 -40.88 4.49
CA LYS N 144 -33.90 -41.22 3.51
C LYS N 144 -34.83 -42.31 4.04
N ASN N 145 -34.26 -43.32 4.72
CA ASN N 145 -35.08 -44.38 5.29
C ASN N 145 -36.08 -43.83 6.30
N GLU N 146 -35.64 -42.95 7.19
CA GLU N 146 -36.57 -42.40 8.18
C GLU N 146 -37.60 -41.47 7.51
N LYS N 147 -37.18 -40.69 6.51
CA LYS N 147 -38.14 -39.84 5.82
C LYS N 147 -39.22 -40.66 5.12
N ASP N 148 -38.85 -41.77 4.49
CA ASP N 148 -39.82 -42.62 3.81
C ASP N 148 -40.63 -43.50 4.75
N LEU N 149 -40.10 -43.84 5.93
CA LEU N 149 -40.86 -44.56 6.93
C LEU N 149 -41.78 -43.63 7.72
N LEU N 150 -41.54 -42.33 7.62
CA LEU N 150 -42.34 -41.35 8.36
C LEU N 150 -43.80 -41.36 7.96
N GLU N 151 -44.15 -41.95 6.81
CA GLU N 151 -45.55 -42.05 6.40
C GLU N 151 -46.38 -42.81 7.42
N GLN O 1 24.71 -35.79 -0.39
CA GLN O 1 23.59 -35.79 0.55
C GLN O 1 23.84 -36.78 1.68
N ILE O 2 23.09 -37.87 1.68
CA ILE O 2 23.20 -38.91 2.70
C ILE O 2 24.07 -40.03 2.13
N HIS O 3 25.27 -40.19 2.68
CA HIS O 3 26.21 -41.21 2.24
C HIS O 3 26.66 -42.02 3.45
N LEU O 4 26.50 -43.34 3.37
CA LEU O 4 26.89 -44.24 4.44
C LEU O 4 28.10 -45.05 3.99
N VAL O 5 29.24 -44.84 4.64
CA VAL O 5 30.46 -45.60 4.38
C VAL O 5 30.90 -46.23 5.69
N GLN O 6 31.38 -47.47 5.60
CA GLN O 6 31.78 -48.23 6.77
C GLN O 6 33.10 -48.93 6.51
N SER O 7 33.56 -49.71 7.48
CA SER O 7 34.88 -50.30 7.44
C SER O 7 34.99 -51.32 6.31
N GLY O 8 36.20 -51.85 6.12
CA GLY O 8 36.48 -52.81 5.08
C GLY O 8 36.18 -54.23 5.50
N THR O 9 36.62 -55.16 4.65
CA THR O 9 36.40 -56.59 4.87
C THR O 9 37.67 -57.23 5.42
N GLU O 10 37.49 -58.23 6.28
CA GLU O 10 38.61 -58.96 6.84
C GLU O 10 38.13 -60.34 7.28
N VAL O 11 39.09 -61.22 7.50
CA VAL O 11 38.82 -62.60 7.92
C VAL O 11 39.31 -62.79 9.34
N LYS O 12 38.48 -63.42 10.17
CA LYS O 12 38.81 -63.68 11.56
C LYS O 12 38.60 -65.16 11.87
N LYS O 13 38.72 -65.49 13.15
CA LYS O 13 38.68 -66.85 13.65
C LYS O 13 37.50 -67.02 14.58
N PRO O 14 36.98 -68.24 14.72
CA PRO O 14 35.87 -68.47 15.65
C PRO O 14 36.26 -68.14 17.09
N GLY O 15 35.30 -67.61 17.83
CA GLY O 15 35.53 -67.20 19.21
C GLY O 15 36.09 -65.81 19.37
N SER O 16 36.36 -65.08 18.28
CA SER O 16 36.90 -63.75 18.36
C SER O 16 35.77 -62.71 18.38
N SER O 17 36.14 -61.44 18.37
CA SER O 17 35.19 -60.33 18.37
C SER O 17 35.42 -59.45 17.15
N VAL O 18 34.33 -58.99 16.55
CA VAL O 18 34.37 -58.18 15.33
C VAL O 18 33.80 -56.81 15.65
N THR O 19 34.51 -55.76 15.24
CA THR O 19 34.06 -54.39 15.40
C THR O 19 33.92 -53.76 14.02
N VAL O 20 32.68 -53.49 13.60
CA VAL O 20 32.39 -52.87 12.33
C VAL O 20 31.85 -51.48 12.60
N SER O 21 32.55 -50.47 12.07
CA SER O 21 32.19 -49.07 12.30
C SER O 21 31.56 -48.48 11.05
N CYS O 22 30.39 -47.87 11.22
CA CYS O 22 29.66 -47.25 10.12
C CYS O 22 29.67 -45.74 10.29
N LYS O 23 30.23 -45.04 9.30
CA LYS O 23 30.34 -43.59 9.32
C LYS O 23 29.19 -43.01 8.51
N ALA O 24 28.45 -42.09 9.12
CA ALA O 24 27.27 -41.49 8.49
C ALA O 24 27.63 -40.09 8.01
N TYR O 25 27.65 -39.90 6.70
CA TYR O 25 27.93 -38.61 6.08
C TYR O 25 26.62 -37.99 5.63
N GLY O 26 26.35 -36.77 6.08
CA GLY O 26 25.11 -36.08 5.78
C GLY O 26 24.06 -36.20 6.86
N VAL O 27 24.22 -37.12 7.80
CA VAL O 27 23.29 -37.26 8.92
C VAL O 27 23.64 -36.22 9.97
N ASN O 28 22.67 -35.38 10.32
CA ASN O 28 22.92 -34.34 11.31
C ASN O 28 23.13 -34.94 12.70
N THR O 29 22.12 -35.64 13.21
CA THR O 29 22.21 -36.26 14.53
C THR O 29 21.57 -37.65 14.49
N PHE O 30 21.99 -38.49 15.42
CA PHE O 30 21.33 -39.77 15.66
C PHE O 30 20.14 -39.65 16.59
N GLY O 31 19.77 -38.43 16.98
CA GLY O 31 18.54 -38.23 17.71
C GLY O 31 17.36 -38.18 16.76
N LEU O 32 17.50 -37.38 15.70
CA LEU O 32 16.46 -37.35 14.67
C LEU O 32 16.50 -38.58 13.79
N TYR O 33 17.68 -39.10 13.50
CA TYR O 33 17.83 -40.29 12.67
C TYR O 33 17.94 -41.54 13.54
N ALA O 34 17.78 -42.69 12.89
CA ALA O 34 17.91 -43.97 13.56
C ALA O 34 18.68 -44.92 12.65
N VAL O 35 19.67 -45.61 13.23
CA VAL O 35 20.54 -46.51 12.48
C VAL O 35 20.15 -47.95 12.83
N ASN O 36 20.01 -48.78 11.81
CA ASN O 36 19.60 -50.17 11.96
C ASN O 36 20.64 -51.07 11.33
N TRP O 37 20.94 -52.19 12.01
CA TRP O 37 21.94 -53.14 11.54
C TRP O 37 21.25 -54.39 11.01
N VAL O 38 21.50 -54.72 9.74
CA VAL O 38 20.92 -55.88 9.10
C VAL O 38 22.04 -56.69 8.45
N ARG O 39 21.89 -58.01 8.44
CA ARG O 39 22.88 -58.93 7.90
C ARG O 39 22.25 -59.76 6.80
N GLN O 40 22.94 -59.86 5.67
CA GLN O 40 22.50 -60.68 4.55
C GLN O 40 23.45 -61.85 4.38
N ALA O 41 22.94 -63.07 4.60
CA ALA O 41 23.75 -64.26 4.40
C ALA O 41 24.06 -64.43 2.91
N PRO O 42 25.19 -65.07 2.59
CA PRO O 42 25.55 -65.26 1.17
C PRO O 42 24.49 -66.02 0.39
N GLY O 43 23.85 -65.35 -0.57
CA GLY O 43 22.79 -65.98 -1.35
C GLY O 43 21.59 -66.38 -0.50
N GLN O 44 21.17 -65.52 0.41
CA GLN O 44 20.09 -65.85 1.33
C GLN O 44 19.41 -64.56 1.77
N SER O 45 18.18 -64.70 2.26
CA SER O 45 17.40 -63.55 2.71
C SER O 45 18.13 -62.78 3.81
N LEU O 46 17.71 -61.54 4.01
CA LEU O 46 18.32 -60.66 4.99
C LEU O 46 17.87 -61.03 6.41
N GLU O 47 18.58 -60.48 7.39
CA GLU O 47 18.26 -60.72 8.80
C GLU O 47 18.54 -59.43 9.56
N TYR O 48 17.71 -59.15 10.56
CA TYR O 48 17.78 -57.90 11.32
C TYR O 48 18.40 -58.19 12.68
N ILE O 49 19.47 -57.48 13.01
CA ILE O 49 20.16 -57.69 14.28
C ILE O 49 19.56 -56.80 15.37
N GLY O 50 19.66 -55.49 15.20
CA GLY O 50 19.19 -54.59 16.22
C GLY O 50 19.34 -53.16 15.77
N GLN O 51 19.17 -52.23 16.71
CA GLN O 51 19.21 -50.81 16.41
C GLN O 51 19.56 -50.03 17.66
N ILE O 52 19.95 -48.79 17.46
CA ILE O 52 20.06 -47.80 18.53
C ILE O 52 19.24 -46.58 18.09
N TRP O 53 17.98 -46.53 18.53
CA TRP O 53 17.05 -45.49 18.11
C TRP O 53 16.96 -44.44 19.20
N ARG O 54 17.31 -43.20 18.85
CA ARG O 54 17.43 -42.08 19.78
C ARG O 54 18.04 -42.52 21.11
N TRP O 55 19.22 -43.12 21.00
CA TRP O 55 20.02 -43.59 22.14
C TRP O 55 19.24 -44.63 22.96
N LYS O 56 18.88 -45.72 22.29
CA LYS O 56 18.19 -46.84 22.94
C LYS O 56 18.59 -48.10 22.18
N SER O 57 19.57 -48.82 22.71
CA SER O 57 20.07 -50.02 22.07
C SER O 57 19.08 -51.16 22.22
N SER O 58 18.96 -51.98 21.18
CA SER O 58 18.09 -53.15 21.19
C SER O 58 18.64 -54.16 20.19
N ALA O 59 18.13 -55.39 20.31
CA ALA O 59 18.61 -56.47 19.45
C ALA O 59 17.48 -57.47 19.25
N SER O 60 17.65 -58.34 18.25
CA SER O 60 16.66 -59.33 17.91
C SER O 60 16.57 -60.39 19.00
N HIS O 61 15.63 -61.33 18.82
CA HIS O 61 15.43 -62.37 19.81
C HIS O 61 16.66 -63.26 19.94
N HIS O 62 17.27 -63.63 18.82
CA HIS O 62 18.44 -64.50 18.86
C HIS O 62 19.69 -63.80 19.38
N PHE O 63 19.74 -62.47 19.29
CA PHE O 63 20.95 -61.72 19.65
C PHE O 63 20.79 -61.16 21.07
N ARG O 64 20.76 -62.06 22.04
CA ARG O 64 20.69 -61.69 23.45
C ARG O 64 22.04 -61.99 24.10
N GLY O 65 22.67 -60.97 24.66
CA GLY O 65 23.99 -61.13 25.20
C GLY O 65 25.04 -61.47 24.17
N ARG O 66 24.75 -61.19 22.90
CA ARG O 66 25.61 -61.59 21.79
C ARG O 66 26.12 -60.42 20.98
N VAL O 67 25.34 -59.34 20.86
CA VAL O 67 25.68 -58.19 20.04
C VAL O 67 25.60 -56.93 20.90
N LEU O 68 26.46 -55.97 20.59
CA LEU O 68 26.46 -54.68 21.27
C LEU O 68 26.45 -53.57 20.23
N ILE O 69 25.65 -52.53 20.49
CA ILE O 69 25.49 -51.41 19.57
C ILE O 69 26.04 -50.16 20.25
N SER O 70 26.88 -49.43 19.53
CA SER O 70 27.43 -48.17 20.01
C SER O 70 27.18 -47.09 18.98
N ALA O 71 27.04 -45.85 19.44
CA ALA O 71 26.78 -44.74 18.55
C ALA O 71 27.40 -43.47 19.12
N VAL O 72 28.04 -42.69 18.26
CA VAL O 72 28.64 -41.41 18.64
C VAL O 72 28.10 -40.35 17.70
N ASP O 73 27.69 -39.21 18.26
CA ASP O 73 27.03 -38.17 17.51
C ASP O 73 28.09 -37.25 16.87
N LEU O 74 27.67 -36.08 16.40
CA LEU O 74 28.56 -35.17 15.69
C LEU O 74 29.75 -34.76 16.56
N THR O 75 30.93 -34.70 15.93
CA THR O 75 32.12 -34.20 16.59
C THR O 75 32.72 -33.04 15.79
N GLY O 76 33.89 -32.56 16.22
CA GLY O 76 34.50 -31.45 15.52
C GLY O 76 34.95 -31.80 14.11
N SER O 77 35.54 -32.99 13.95
CA SER O 77 36.06 -33.41 12.62
C SER O 77 35.34 -34.66 12.12
N SER O 78 35.21 -35.71 12.94
CA SER O 78 34.59 -36.93 12.50
C SER O 78 33.07 -36.78 12.39
N PRO O 79 32.44 -37.46 11.44
CA PRO O 79 30.99 -37.45 11.36
C PRO O 79 30.40 -38.39 12.40
N PRO O 80 29.08 -38.43 12.57
CA PRO O 80 28.49 -39.41 13.48
C PRO O 80 28.81 -40.83 13.03
N ILE O 81 29.18 -41.67 14.01
CA ILE O 81 29.60 -43.04 13.75
C ILE O 81 28.83 -43.97 14.66
N SER O 82 28.48 -45.15 14.13
CA SER O 82 27.89 -46.20 14.94
C SER O 82 28.63 -47.50 14.66
N SER O 83 28.97 -48.21 15.73
CA SER O 83 29.83 -49.38 15.66
C SER O 83 29.05 -50.64 16.00
N LEU O 84 29.35 -51.72 15.31
CA LEU O 84 28.73 -53.02 15.53
C LEU O 84 29.75 -53.92 16.22
N GLU O 85 29.37 -54.45 17.38
CA GLU O 85 30.24 -55.32 18.16
C GLU O 85 29.54 -56.67 18.35
N ILE O 86 30.18 -57.74 17.90
CA ILE O 86 29.68 -59.10 18.08
C ILE O 86 30.80 -59.95 18.68
N LYS O 87 30.44 -60.80 19.63
CA LYS O 87 31.41 -61.66 20.30
C LYS O 87 30.95 -63.11 20.22
N ASN O 88 31.89 -64.02 20.52
CA ASN O 88 31.67 -65.46 20.44
C ASN O 88 31.19 -65.85 19.04
N LEU O 89 31.87 -65.33 18.03
CA LEU O 89 31.50 -65.60 16.65
C LEU O 89 31.68 -67.07 16.29
N THR O 90 30.75 -67.58 15.49
CA THR O 90 30.78 -68.96 15.02
C THR O 90 30.74 -68.98 13.49
N SER O 91 30.79 -70.20 12.93
CA SER O 91 30.91 -70.34 11.48
C SER O 91 29.68 -69.86 10.74
N ASP O 92 28.54 -69.71 11.42
CA ASP O 92 27.32 -69.29 10.75
C ASP O 92 27.21 -67.77 10.63
N ASP O 93 28.12 -67.01 11.24
CA ASP O 93 28.05 -65.56 11.21
C ASP O 93 28.73 -64.96 9.98
N THR O 94 29.31 -65.79 9.12
CA THR O 94 30.03 -65.29 7.95
C THR O 94 29.03 -64.77 6.93
N ALA O 95 28.83 -63.45 6.91
CA ALA O 95 27.89 -62.84 5.99
C ALA O 95 28.24 -61.37 5.85
N VAL O 96 27.65 -60.73 4.84
CA VAL O 96 27.84 -59.30 4.63
C VAL O 96 26.96 -58.53 5.60
N TYR O 97 27.53 -57.51 6.23
CA TYR O 97 26.84 -56.71 7.23
C TYR O 97 26.53 -55.34 6.64
N PHE O 98 25.29 -54.88 6.81
CA PHE O 98 24.82 -53.64 6.22
C PHE O 98 24.48 -52.65 7.33
N CYS O 99 24.84 -51.38 7.11
CA CYS O 99 24.49 -50.30 8.01
C CYS O 99 23.41 -49.45 7.34
N THR O 100 22.27 -49.32 8.01
CA THR O 100 21.11 -48.64 7.45
C THR O 100 20.69 -47.49 8.35
N THR O 101 20.36 -46.35 7.73
CA THR O 101 19.96 -45.15 8.45
C THR O 101 18.73 -44.55 7.79
N THR O 102 17.78 -44.12 8.61
CA THR O 102 16.57 -43.47 8.11
C THR O 102 16.20 -42.33 9.03
N SER O 103 15.41 -41.40 8.49
CA SER O 103 15.02 -40.20 9.22
C SER O 103 13.71 -40.44 9.98
N THR O 104 13.70 -40.10 11.26
CA THR O 104 12.53 -40.26 12.11
C THR O 104 11.97 -38.92 12.58
N TYR O 105 12.35 -37.83 11.91
CA TYR O 105 11.86 -36.51 12.32
C TYR O 105 10.36 -36.39 12.14
N ASP O 106 9.83 -36.87 11.02
CA ASP O 106 8.41 -36.76 10.71
C ASP O 106 7.70 -38.05 11.10
N ARG O 107 6.68 -37.94 11.94
CA ARG O 107 5.93 -39.13 12.43
C ARG O 107 4.93 -39.62 11.37
N TRP O 108 4.48 -38.73 10.48
CA TRP O 108 3.52 -39.08 9.45
C TRP O 108 4.17 -39.47 8.13
N SER O 109 5.51 -39.52 8.07
CA SER O 109 6.17 -39.96 6.85
C SER O 109 5.91 -41.43 6.57
N GLY O 110 5.72 -42.23 7.61
CA GLY O 110 5.46 -43.65 7.45
C GLY O 110 6.68 -44.53 7.41
N LEU O 111 7.88 -43.96 7.47
CA LEU O 111 9.09 -44.77 7.46
C LEU O 111 9.31 -45.51 8.78
N HIS O 112 8.74 -45.03 9.87
CA HIS O 112 8.95 -45.61 11.19
C HIS O 112 7.62 -45.83 11.88
N HIS O 113 7.59 -46.83 12.77
CA HIS O 113 6.37 -47.17 13.50
C HIS O 113 6.79 -47.86 14.80
N ASP O 114 6.79 -47.11 15.90
CA ASP O 114 7.03 -47.66 17.24
C ASP O 114 8.35 -48.42 17.32
N GLY O 115 9.40 -47.85 16.75
CA GLY O 115 10.73 -48.40 16.81
C GLY O 115 11.11 -49.25 15.61
N VAL O 116 10.22 -50.13 15.17
CA VAL O 116 10.46 -50.92 13.96
C VAL O 116 10.18 -50.02 12.76
N MET O 117 11.05 -50.10 11.75
CA MET O 117 11.08 -49.06 10.73
C MET O 117 11.68 -49.62 9.45
N ALA O 118 11.53 -48.86 8.37
CA ALA O 118 12.16 -49.18 7.10
C ALA O 118 13.59 -48.64 7.07
N PHE O 119 14.32 -49.00 6.01
CA PHE O 119 15.72 -48.61 5.85
C PHE O 119 15.84 -47.77 4.59
N SER O 120 15.91 -46.45 4.75
CA SER O 120 15.98 -45.54 3.60
C SER O 120 17.36 -45.56 2.96
N SER O 121 18.41 -45.57 3.77
CA SER O 121 19.79 -45.51 3.27
C SER O 121 20.55 -46.76 3.66
N TRP O 122 21.51 -47.14 2.82
CA TRP O 122 22.26 -48.37 3.02
C TRP O 122 23.74 -48.11 2.80
N GLY O 123 24.57 -48.94 3.45
CA GLY O 123 26.01 -48.88 3.28
C GLY O 123 26.51 -49.91 2.28
N GLN O 124 27.80 -49.81 1.94
CA GLN O 124 28.36 -50.68 0.93
C GLN O 124 28.46 -52.13 1.41
N GLY O 125 28.53 -52.35 2.71
CA GLY O 125 28.58 -53.70 3.23
C GLY O 125 30.00 -54.14 3.55
N THR O 126 30.11 -55.06 4.51
CA THR O 126 31.39 -55.62 4.94
C THR O 126 31.32 -57.14 4.84
N LEU O 127 32.09 -57.71 3.92
CA LEU O 127 32.16 -59.16 3.82
C LEU O 127 32.96 -59.72 4.99
N ILE O 128 32.40 -60.74 5.64
CA ILE O 128 33.03 -61.39 6.78
C ILE O 128 33.04 -62.89 6.54
N SER O 129 34.18 -63.53 6.76
CA SER O 129 34.30 -64.97 6.57
C SER O 129 35.38 -65.50 7.50
N VAL O 130 35.35 -66.81 7.71
CA VAL O 130 36.34 -67.48 8.55
C VAL O 130 37.34 -68.24 7.68
N ASP P 1 7.89 -62.30 14.14
CA ASP P 1 6.71 -63.08 14.49
C ASP P 1 5.78 -63.24 13.29
N ILE P 2 6.11 -62.55 12.20
CA ILE P 2 5.34 -62.62 10.97
C ILE P 2 6.16 -63.37 9.94
N GLN P 3 5.65 -64.53 9.52
CA GLN P 3 6.33 -65.38 8.54
C GLN P 3 5.85 -64.98 7.15
N MET P 4 6.61 -64.10 6.51
CA MET P 4 6.24 -63.54 5.22
C MET P 4 7.00 -64.25 4.10
N THR P 5 6.27 -64.66 3.06
CA THR P 5 6.86 -65.31 1.90
C THR P 5 6.37 -64.62 0.63
N GLN P 6 7.20 -64.67 -0.41
CA GLN P 6 6.89 -64.05 -1.69
C GLN P 6 7.06 -65.05 -2.82
N SER P 7 6.11 -65.03 -3.74
CA SER P 7 6.07 -65.91 -4.90
C SER P 7 5.79 -65.10 -6.15
N PRO P 8 6.29 -65.54 -7.32
CA PRO P 8 7.17 -66.71 -7.50
C PRO P 8 8.60 -66.42 -7.08
N SER P 9 9.32 -67.46 -6.63
CA SER P 9 10.69 -67.27 -6.16
C SER P 9 11.59 -66.76 -7.28
N THR P 10 11.42 -67.30 -8.48
CA THR P 10 12.18 -66.88 -9.65
C THR P 10 11.23 -66.62 -10.81
N LEU P 11 11.61 -65.68 -11.67
CA LEU P 11 10.81 -65.35 -12.85
C LEU P 11 11.73 -64.68 -13.86
N SER P 12 11.29 -64.72 -15.12
CA SER P 12 12.05 -64.15 -16.22
C SER P 12 11.16 -63.23 -17.05
N ALA P 13 11.72 -62.10 -17.47
CA ALA P 13 10.98 -61.14 -18.27
C ALA P 13 11.98 -60.31 -19.06
N SER P 14 11.46 -59.65 -20.10
CA SER P 14 12.27 -58.81 -20.97
C SER P 14 11.93 -57.33 -20.73
N THR P 15 12.60 -56.47 -21.48
CA THR P 15 12.35 -55.04 -21.39
C THR P 15 10.96 -54.71 -21.91
N GLY P 16 10.24 -53.87 -21.18
CA GLY P 16 8.90 -53.46 -21.56
C GLY P 16 7.79 -54.38 -21.10
N ASP P 17 8.07 -55.34 -20.23
CA ASP P 17 7.07 -56.28 -19.75
C ASP P 17 6.71 -55.96 -18.30
N THR P 18 5.40 -55.87 -18.03
CA THR P 18 4.92 -55.65 -16.68
C THR P 18 5.15 -56.90 -15.85
N VAL P 19 5.74 -56.74 -14.67
CA VAL P 19 6.16 -57.85 -13.82
C VAL P 19 5.39 -57.78 -12.51
N ARG P 20 4.85 -58.93 -12.09
CA ARG P 20 4.09 -59.02 -10.84
C ARG P 20 4.98 -59.56 -9.74
N ILE P 21 5.21 -58.76 -8.70
CA ILE P 21 5.93 -59.18 -7.51
C ILE P 21 4.97 -59.06 -6.33
N SER P 22 4.61 -60.21 -5.74
CA SER P 22 3.62 -60.26 -4.69
C SER P 22 4.14 -61.10 -3.52
N CYS P 23 3.65 -60.78 -2.32
CA CYS P 23 4.00 -61.54 -1.12
C CYS P 23 2.84 -61.50 -0.13
N ARG P 24 2.21 -62.65 0.09
CA ARG P 24 1.18 -62.77 1.11
C ARG P 24 1.83 -62.99 2.47
N ALA P 25 1.50 -62.12 3.42
CA ALA P 25 2.05 -62.23 4.76
C ALA P 25 1.34 -63.33 5.54
N SER P 26 1.90 -63.67 6.71
CA SER P 26 1.24 -64.62 7.59
C SER P 26 0.05 -64.00 8.31
N GLN P 27 0.09 -62.68 8.54
CA GLN P 27 -0.98 -61.98 9.23
C GLN P 27 -1.31 -60.71 8.47
N SER P 28 -2.56 -60.27 8.61
CA SER P 28 -3.01 -59.07 7.91
C SER P 28 -2.33 -57.83 8.48
N ILE P 29 -1.85 -56.97 7.59
CA ILE P 29 -1.24 -55.70 8.00
C ILE P 29 -2.17 -54.56 7.61
N THR P 30 -3.02 -54.14 8.55
CA THR P 30 -3.98 -53.09 8.26
C THR P 30 -3.33 -51.72 8.15
N GLY P 31 -2.17 -51.52 8.77
CA GLY P 31 -1.48 -50.25 8.73
C GLY P 31 -0.65 -50.01 7.50
N ASN P 32 -0.60 -50.96 6.56
CA ASN P 32 0.17 -50.85 5.33
C ASN P 32 1.64 -50.60 5.62
N TRP P 33 2.15 -51.22 6.68
CA TRP P 33 3.55 -51.07 7.06
C TRP P 33 4.39 -52.13 6.34
N VAL P 34 4.53 -51.93 5.03
CA VAL P 34 5.32 -52.82 4.18
C VAL P 34 6.29 -51.98 3.36
N ALA P 35 7.51 -52.48 3.20
CA ALA P 35 8.56 -51.79 2.47
C ALA P 35 9.09 -52.70 1.37
N TRP P 36 9.40 -52.11 0.21
CA TRP P 36 9.89 -52.84 -0.94
C TRP P 36 11.35 -52.48 -1.19
N TYR P 37 12.16 -53.50 -1.45
CA TYR P 37 13.60 -53.32 -1.64
C TYR P 37 14.03 -53.97 -2.95
N GLN P 38 14.99 -53.34 -3.61
CA GLN P 38 15.53 -53.83 -4.89
C GLN P 38 17.04 -53.82 -4.80
N GLN P 39 17.65 -55.00 -4.77
CA GLN P 39 19.08 -55.15 -4.56
C GLN P 39 19.76 -55.47 -5.88
N ARG P 40 20.62 -54.56 -6.33
CA ARG P 40 21.48 -54.85 -7.47
C ARG P 40 22.52 -55.90 -7.09
N PRO P 41 23.02 -56.67 -8.05
CA PRO P 41 24.11 -57.60 -7.75
C PRO P 41 25.34 -56.85 -7.27
N GLY P 42 25.94 -57.35 -6.20
CA GLY P 42 27.14 -56.77 -5.64
C GLY P 42 26.92 -55.76 -4.53
N LYS P 43 26.29 -54.63 -4.82
CA LYS P 43 26.16 -53.55 -3.85
C LYS P 43 24.84 -53.65 -3.08
N ALA P 44 24.57 -52.61 -2.31
CA ALA P 44 23.43 -52.59 -1.40
C ALA P 44 22.11 -52.43 -2.16
N PRO P 45 21.00 -52.80 -1.53
CA PRO P 45 19.68 -52.47 -2.07
C PRO P 45 19.36 -51.00 -1.79
N ARG P 46 18.18 -50.59 -2.23
CA ARG P 46 17.59 -49.32 -1.82
C ARG P 46 16.10 -49.51 -1.57
N LEU P 47 15.54 -48.53 -0.85
CA LEU P 47 14.12 -48.51 -0.53
C LEU P 47 13.37 -47.85 -1.67
N LEU P 48 12.46 -48.61 -2.30
CA LEU P 48 11.61 -48.07 -3.36
C LEU P 48 10.27 -47.59 -2.82
N ILE P 49 9.53 -48.49 -2.20
CA ILE P 49 8.15 -48.23 -1.78
C ILE P 49 8.04 -48.45 -0.28
N TYR P 50 7.47 -47.48 0.42
CA TYR P 50 7.19 -47.59 1.84
C TYR P 50 5.73 -47.23 2.09
N ARG P 51 5.23 -47.60 3.26
CA ARG P 51 3.86 -47.33 3.66
C ARG P 51 2.88 -47.85 2.60
N GLY P 52 3.13 -49.07 2.14
CA GLY P 52 2.25 -49.71 1.18
C GLY P 52 2.52 -49.35 -0.26
N ALA P 53 2.12 -48.15 -0.68
CA ALA P 53 2.25 -47.73 -2.07
C ALA P 53 2.70 -46.29 -2.17
N ALA P 54 3.68 -45.89 -1.37
CA ALA P 54 4.21 -44.54 -1.39
C ALA P 54 5.61 -44.54 -2.00
N LEU P 55 5.82 -43.65 -2.97
CA LEU P 55 7.11 -43.54 -3.64
C LEU P 55 8.10 -42.77 -2.77
N LEU P 56 9.38 -42.93 -3.11
CA LEU P 56 10.47 -42.23 -2.45
C LEU P 56 11.05 -41.18 -3.40
N GLY P 57 11.50 -40.06 -2.83
CA GLY P 57 12.07 -39.00 -3.63
C GLY P 57 13.33 -39.41 -4.37
N GLY P 58 13.23 -39.55 -5.68
CA GLY P 58 14.34 -40.00 -6.49
C GLY P 58 14.15 -41.42 -6.98
N VAL P 59 12.91 -41.79 -7.24
CA VAL P 59 12.58 -43.12 -7.74
C VAL P 59 11.79 -42.97 -9.04
N PRO P 60 12.09 -43.77 -10.06
CA PRO P 60 11.30 -43.73 -11.29
C PRO P 60 9.84 -44.08 -11.02
N SER P 61 8.95 -43.46 -11.80
CA SER P 61 7.51 -43.59 -11.59
C SER P 61 6.97 -44.95 -12.02
N ARG P 62 7.83 -45.91 -12.33
CA ARG P 62 7.39 -47.23 -12.78
C ARG P 62 7.23 -48.22 -11.64
N PHE P 63 7.50 -47.82 -10.40
CA PHE P 63 7.39 -48.69 -9.24
C PHE P 63 6.19 -48.27 -8.42
N ARG P 64 5.11 -49.03 -8.50
CA ARG P 64 3.88 -48.76 -7.76
C ARG P 64 3.38 -50.04 -7.12
N GLY P 65 2.92 -49.94 -5.88
CA GLY P 65 2.47 -51.08 -5.12
C GLY P 65 0.98 -51.03 -4.82
N SER P 66 0.55 -51.98 -4.00
CA SER P 66 -0.85 -52.11 -3.62
C SER P 66 -0.94 -52.70 -2.22
N ALA P 67 -1.97 -52.30 -1.48
CA ALA P 67 -2.23 -52.81 -0.14
C ALA P 67 -3.67 -53.29 -0.08
N ALA P 68 -3.86 -54.60 -0.05
CA ALA P 68 -5.18 -55.22 0.03
C ALA P 68 -5.13 -56.26 1.13
N GLY P 69 -5.42 -55.84 2.35
CA GLY P 69 -5.39 -56.73 3.50
C GLY P 69 -4.03 -57.39 3.68
N THR P 70 -3.97 -58.69 3.43
CA THR P 70 -2.74 -59.45 3.57
C THR P 70 -1.92 -59.46 2.29
N ASP P 71 -2.53 -59.22 1.14
CA ASP P 71 -1.84 -59.26 -0.15
C ASP P 71 -1.13 -57.93 -0.40
N PHE P 72 0.14 -58.01 -0.80
CA PHE P 72 0.92 -56.84 -1.17
C PHE P 72 1.65 -57.15 -2.47
N THR P 73 1.34 -56.40 -3.52
CA THR P 73 1.89 -56.63 -4.86
C THR P 73 2.69 -55.42 -5.32
N LEU P 74 3.81 -55.67 -5.98
CA LEU P 74 4.65 -54.63 -6.55
C LEU P 74 4.62 -54.75 -8.07
N THR P 75 4.39 -53.63 -8.74
CA THR P 75 4.26 -53.58 -10.19
C THR P 75 5.42 -52.81 -10.80
N ILE P 76 5.96 -53.34 -11.89
CA ILE P 76 7.03 -52.68 -12.65
C ILE P 76 6.53 -52.53 -14.07
N GLY P 77 5.92 -51.39 -14.38
CA GLY P 77 5.46 -51.12 -15.73
C GLY P 77 6.59 -50.55 -16.57
N ASN P 78 6.72 -51.05 -17.80
CA ASN P 78 7.78 -50.65 -18.71
C ASN P 78 9.14 -50.91 -18.04
N LEU P 79 9.41 -52.20 -17.86
CA LEU P 79 10.64 -52.62 -17.20
C LEU P 79 11.86 -52.07 -17.91
N GLN P 80 12.80 -51.54 -17.13
CA GLN P 80 13.96 -50.82 -17.64
C GLN P 80 15.22 -51.65 -17.39
N ALA P 81 16.35 -51.17 -17.91
CA ALA P 81 17.58 -51.94 -17.91
C ALA P 81 18.08 -52.23 -16.49
N GLU P 82 18.14 -51.21 -15.63
CA GLU P 82 18.69 -51.39 -14.30
C GLU P 82 17.77 -52.16 -13.37
N ASP P 83 16.51 -52.37 -13.77
CA ASP P 83 15.52 -53.00 -12.90
C ASP P 83 15.81 -54.48 -12.65
N PHE P 84 16.73 -55.08 -13.39
CA PHE P 84 17.02 -56.48 -13.21
C PHE P 84 17.74 -56.71 -11.89
N GLY P 85 17.28 -57.67 -11.12
CA GLY P 85 17.87 -57.96 -9.83
C GLY P 85 16.83 -58.50 -8.88
N THR P 86 17.30 -58.93 -7.72
CA THR P 86 16.44 -59.51 -6.70
C THR P 86 15.59 -58.44 -6.03
N PHE P 87 14.45 -58.85 -5.49
CA PHE P 87 13.51 -57.97 -4.83
C PHE P 87 13.17 -58.50 -3.44
N TYR P 88 12.76 -57.60 -2.56
CA TYR P 88 12.43 -57.94 -1.18
C TYR P 88 11.26 -57.09 -0.70
N CYS P 89 10.31 -57.73 -0.03
CA CYS P 89 9.24 -57.03 0.67
C CYS P 89 9.41 -57.28 2.16
N GLN P 90 9.32 -56.22 2.96
CA GLN P 90 9.58 -56.30 4.39
C GLN P 90 8.44 -55.64 5.15
N GLN P 91 8.00 -56.30 6.22
CA GLN P 91 7.02 -55.72 7.14
C GLN P 91 7.74 -55.03 8.29
N TYR P 92 7.24 -53.86 8.67
CA TYR P 92 7.80 -53.11 9.80
C TYR P 92 6.67 -52.58 10.68
N ASP P 93 5.70 -53.43 10.98
CA ASP P 93 4.65 -53.10 11.93
C ASP P 93 4.77 -53.83 13.26
N THR P 94 5.40 -55.00 13.28
CA THR P 94 5.60 -55.78 14.50
C THR P 94 7.07 -56.10 14.65
N TYR P 95 7.62 -55.79 15.82
CA TYR P 95 9.02 -56.02 16.10
C TYR P 95 9.31 -57.52 16.23
N PRO P 96 10.30 -58.06 15.50
CA PRO P 96 11.15 -57.32 14.56
C PRO P 96 10.71 -57.47 13.11
N GLY P 97 11.34 -56.70 12.22
CA GLY P 97 11.02 -56.81 10.81
C GLY P 97 11.49 -58.12 10.21
N THR P 98 10.84 -58.52 9.12
CA THR P 98 11.15 -59.76 8.42
C THR P 98 11.10 -59.53 6.93
N PHE P 99 12.01 -60.20 6.20
CA PHE P 99 12.10 -60.10 4.76
C PHE P 99 11.62 -61.41 4.12
N GLY P 100 11.67 -61.44 2.79
CA GLY P 100 11.35 -62.63 2.04
C GLY P 100 12.60 -63.29 1.46
N GLN P 101 12.38 -64.47 0.89
CA GLN P 101 13.51 -65.23 0.34
C GLN P 101 14.19 -64.48 -0.80
N GLY P 102 13.40 -63.86 -1.67
CA GLY P 102 13.95 -63.09 -2.76
C GLY P 102 13.39 -63.46 -4.12
N THR P 103 12.86 -62.48 -4.84
CA THR P 103 12.36 -62.66 -6.20
C THR P 103 13.26 -61.88 -7.16
N LYS P 104 13.77 -62.58 -8.18
CA LYS P 104 14.73 -61.99 -9.10
C LYS P 104 14.17 -62.00 -10.52
N VAL P 105 14.68 -61.08 -11.34
CA VAL P 105 14.27 -60.91 -12.73
C VAL P 105 15.46 -61.23 -13.62
N GLU P 106 15.24 -62.09 -14.61
CA GLU P 106 16.29 -62.53 -15.52
C GLU P 106 15.80 -62.39 -16.96
N VAL P 107 16.75 -62.21 -17.87
CA VAL P 107 16.42 -62.04 -19.29
C VAL P 107 15.94 -63.37 -19.87
N GLN Q 1 66.50 24.15 52.27
CA GLN Q 1 65.64 25.14 51.62
C GLN Q 1 66.22 25.55 50.28
N VAL Q 2 65.39 26.19 49.45
CA VAL Q 2 65.80 26.61 48.11
C VAL Q 2 66.28 28.05 48.17
N GLN Q 3 67.55 28.26 47.81
CA GLN Q 3 68.16 29.58 47.79
C GLN Q 3 68.62 29.90 46.37
N LEU Q 4 68.35 31.12 45.92
CA LEU Q 4 68.64 31.54 44.56
C LEU Q 4 69.68 32.65 44.56
N GLN Q 5 70.53 32.65 43.53
CA GLN Q 5 71.56 33.67 43.38
C GLN Q 5 71.91 33.77 41.90
N GLU Q 6 71.53 34.88 41.27
CA GLU Q 6 71.81 35.08 39.86
C GLU Q 6 73.23 35.59 39.66
N SER Q 7 73.88 35.09 38.61
CA SER Q 7 75.25 35.47 38.27
C SER Q 7 75.32 35.70 36.75
N GLY Q 8 75.15 36.96 36.34
CA GLY Q 8 75.21 37.31 34.95
C GLY Q 8 76.25 38.38 34.67
N PRO Q 9 76.88 38.31 33.49
CA PRO Q 9 77.90 39.31 33.15
C PRO Q 9 77.36 40.73 33.09
N GLY Q 10 76.10 40.91 32.69
CA GLY Q 10 75.51 42.23 32.63
C GLY Q 10 75.66 42.91 31.28
N LEU Q 11 76.89 43.24 30.91
CA LEU Q 11 77.18 43.93 29.65
C LEU Q 11 77.78 42.94 28.67
N VAL Q 12 77.14 42.77 27.52
CA VAL Q 12 77.61 41.87 26.47
C VAL Q 12 77.40 42.54 25.12
N LYS Q 13 78.37 42.34 24.22
CA LYS Q 13 78.29 42.89 22.87
C LYS Q 13 77.31 42.08 22.01
N PRO Q 14 76.71 42.71 21.00
CA PRO Q 14 75.75 41.99 20.16
C PRO Q 14 76.40 40.90 19.33
N SER Q 15 75.58 39.91 18.97
CA SER Q 15 76.00 38.80 18.12
C SER Q 15 77.16 38.02 18.72
N GLU Q 16 77.07 37.71 20.01
CA GLU Q 16 78.09 36.94 20.70
C GLU Q 16 77.44 35.98 21.68
N THR Q 17 78.16 34.92 22.02
CA THR Q 17 77.66 33.91 22.94
C THR Q 17 77.53 34.49 24.34
N LEU Q 18 76.49 34.07 25.05
CA LEU Q 18 76.20 34.53 26.40
C LEU Q 18 76.36 33.37 27.38
N SER Q 19 76.55 33.71 28.65
CA SER Q 19 76.65 32.71 29.72
C SER Q 19 76.12 33.34 31.01
N VAL Q 20 74.90 32.94 31.40
CA VAL Q 20 74.25 33.43 32.62
C VAL Q 20 73.90 32.24 33.48
N THR Q 21 74.20 32.33 34.78
CA THR Q 21 74.02 31.20 35.68
C THR Q 21 73.25 31.62 36.93
N CYS Q 22 72.56 30.65 37.52
CA CYS Q 22 71.90 30.81 38.81
C CYS Q 22 72.29 29.63 39.70
N SER Q 23 71.99 29.76 41.00
CA SER Q 23 72.37 28.76 41.99
C SER Q 23 71.16 28.30 42.77
N VAL Q 24 71.11 27.00 43.05
CA VAL Q 24 70.12 26.41 43.96
C VAL Q 24 70.87 25.56 44.98
N SER Q 25 70.57 25.77 46.27
CA SER Q 25 71.34 25.20 47.35
C SER Q 25 70.54 24.10 48.04
N GLY Q 26 71.24 23.02 48.42
CA GLY Q 26 70.63 21.94 49.17
C GLY Q 26 69.48 21.25 48.46
N ASP Q 27 69.66 20.89 47.18
CA ASP Q 27 68.59 20.32 46.39
C ASP Q 27 69.05 19.01 45.75
N SER Q 28 68.08 18.15 45.46
CA SER Q 28 68.34 16.83 44.91
C SER Q 28 68.61 16.94 43.41
N MET Q 29 68.62 15.79 42.73
CA MET Q 29 68.97 15.72 41.31
C MET Q 29 67.73 15.82 40.41
N ASN Q 30 66.80 14.89 40.55
CA ASN Q 30 65.63 14.81 39.68
C ASN Q 30 64.33 15.10 40.43
N ASN Q 31 64.40 15.80 41.57
CA ASN Q 31 63.20 16.09 42.34
C ASN Q 31 62.25 17.01 41.58
N TYR Q 32 62.78 18.02 40.90
CA TYR Q 32 61.96 18.91 40.09
C TYR Q 32 62.76 19.46 38.93
N TYR Q 33 62.05 19.96 37.91
CA TYR Q 33 62.68 20.46 36.70
C TYR Q 33 63.12 21.91 36.89
N TRP Q 34 63.75 22.47 35.86
CA TRP Q 34 64.30 23.82 35.92
C TRP Q 34 63.71 24.68 34.81
N THR Q 35 63.40 25.94 35.14
CA THR Q 35 62.79 26.88 34.21
C THR Q 35 63.37 28.27 34.39
N TRP Q 36 62.90 29.20 33.56
CA TRP Q 36 63.35 30.58 33.56
C TRP Q 36 62.17 31.48 33.22
N ILE Q 37 62.15 32.68 33.79
CA ILE Q 37 61.05 33.63 33.58
C ILE Q 37 61.64 35.02 33.32
N ARG Q 38 60.80 35.92 32.77
CA ARG Q 38 61.22 37.28 32.38
C ARG Q 38 60.05 38.25 32.52
N GLN Q 39 60.20 39.18 33.48
CA GLN Q 39 59.22 40.26 33.64
C GLN Q 39 59.72 41.54 32.97
N SER Q 40 60.83 41.45 32.24
CA SER Q 40 61.62 42.56 31.71
C SER Q 40 60.84 43.38 30.66
N PRO Q 41 61.35 44.52 30.19
CA PRO Q 41 60.53 45.50 29.52
C PRO Q 41 59.17 45.72 30.19
N GLY Q 42 59.03 45.42 31.51
CA GLY Q 42 57.84 45.75 32.26
C GLY Q 42 56.55 45.36 31.57
N LYS Q 43 56.37 44.06 31.36
CA LYS Q 43 55.18 43.55 30.67
C LYS Q 43 54.60 42.40 31.47
N GLY Q 44 53.64 41.68 30.89
CA GLY Q 44 53.18 40.45 31.51
C GLY Q 44 54.28 39.40 31.54
N LEU Q 45 54.10 38.41 32.41
CA LEU Q 45 55.09 37.35 32.53
C LEU Q 45 55.27 36.65 31.19
N GLU Q 46 56.52 36.48 30.79
CA GLU Q 46 56.86 35.83 29.52
C GLU Q 46 57.71 34.60 29.79
N TRP Q 47 57.40 33.52 29.07
CA TRP Q 47 58.04 32.24 29.33
C TRP Q 47 59.27 32.05 28.45
N ILE Q 48 60.30 31.42 29.03
CA ILE Q 48 61.55 31.11 28.34
C ILE Q 48 61.82 29.64 28.61
N GLY Q 49 62.75 29.07 27.83
CA GLY Q 49 63.05 27.66 27.87
C GLY Q 49 63.11 27.00 29.22
N TYR Q 50 62.52 25.80 29.31
CA TYR Q 50 62.53 24.99 30.53
C TYR Q 50 63.11 23.63 30.14
N ILE Q 51 64.31 23.35 30.61
CA ILE Q 51 64.97 22.10 30.25
C ILE Q 51 64.54 21.02 31.23
N SER Q 52 64.56 19.77 30.77
CA SER Q 52 64.19 18.63 31.59
C SER Q 52 65.41 18.13 32.35
N ASP Q 53 65.23 17.01 33.05
CA ASP Q 53 66.33 16.41 33.80
C ASP Q 53 67.31 15.65 32.90
N ARG Q 54 66.97 15.46 31.63
CA ARG Q 54 67.79 14.69 30.70
C ARG Q 54 68.32 15.53 29.55
N GLU Q 55 68.43 16.85 29.73
CA GLU Q 55 68.97 17.76 28.73
C GLU Q 55 68.17 17.68 27.42
N SER Q 56 66.90 18.07 27.50
CA SER Q 56 66.02 18.09 26.35
C SER Q 56 65.79 19.54 25.90
N ALA Q 57 64.97 19.70 24.87
CA ALA Q 57 64.66 21.00 24.31
C ALA Q 57 63.22 21.04 23.81
N THR Q 58 62.37 21.76 24.55
CA THR Q 58 61.00 22.04 24.14
C THR Q 58 60.63 23.39 24.73
N TYR Q 59 60.81 24.45 23.93
CA TYR Q 59 60.90 25.79 24.48
C TYR Q 59 59.82 26.65 23.85
N ASN Q 60 59.62 27.84 24.40
CA ASN Q 60 58.57 28.72 23.93
C ASN Q 60 58.82 29.14 22.48
N PRO Q 61 57.86 28.90 21.58
CA PRO Q 61 58.02 29.32 20.18
C PRO Q 61 58.04 30.83 20.03
N SER Q 62 57.61 31.54 21.07
CA SER Q 62 57.35 32.97 20.95
C SER Q 62 58.61 33.82 21.14
N LEU Q 63 59.80 33.22 21.10
CA LEU Q 63 60.98 34.08 21.10
C LEU Q 63 61.68 34.03 19.74
N ASN Q 64 62.37 32.93 19.46
CA ASN Q 64 62.62 32.39 18.12
C ASN Q 64 62.80 30.88 18.20
N SER Q 65 62.66 30.32 19.40
CA SER Q 65 63.35 29.08 19.78
C SER Q 65 64.86 29.24 19.56
N ARG Q 66 65.41 30.29 20.15
CA ARG Q 66 66.76 30.77 19.85
C ARG Q 66 67.79 30.42 20.90
N VAL Q 67 67.44 30.51 22.18
CA VAL Q 67 68.42 30.44 23.27
C VAL Q 67 68.57 28.97 23.67
N VAL Q 68 69.81 28.48 23.62
CA VAL Q 68 70.14 27.21 24.24
C VAL Q 68 70.52 27.45 25.70
N ILE Q 69 69.97 26.61 26.58
CA ILE Q 69 70.00 26.96 28.00
C ILE Q 69 70.62 25.85 28.84
N SER Q 70 70.55 26.03 30.16
CA SER Q 70 71.26 25.21 31.14
C SER Q 70 70.90 23.74 31.06
N ARG Q 71 71.92 22.91 31.29
CA ARG Q 71 71.69 21.58 31.86
C ARG Q 71 72.64 21.32 33.03
N ASP Q 72 73.88 21.79 32.92
CA ASP Q 72 74.99 21.32 33.75
C ASP Q 72 74.74 21.46 35.24
N THR Q 73 75.14 20.43 36.00
CA THR Q 73 75.04 20.42 37.45
C THR Q 73 76.36 20.00 38.08
N SER Q 74 77.46 20.57 37.59
CA SER Q 74 78.80 20.19 38.07
C SER Q 74 78.90 20.35 39.59
N LYS Q 75 78.81 21.58 40.07
CA LYS Q 75 78.58 21.77 41.51
C LYS Q 75 77.23 22.44 41.76
N ASN Q 76 77.08 23.67 41.29
CA ASN Q 76 75.79 24.36 41.31
C ASN Q 76 75.79 25.54 40.35
N GLN Q 77 75.25 25.37 39.15
CA GLN Q 77 75.14 26.45 38.18
C GLN Q 77 74.10 26.05 37.14
N LEU Q 78 73.56 27.05 36.43
CA LEU Q 78 72.65 26.81 35.31
C LEU Q 78 73.06 27.75 34.18
N SER Q 79 73.87 27.25 33.24
CA SER Q 79 74.53 28.10 32.26
C SER Q 79 73.71 28.25 30.98
N LEU Q 80 73.49 29.51 30.58
CA LEU Q 80 72.62 29.85 29.45
C LEU Q 80 73.49 30.23 28.25
N LYS Q 81 73.49 29.40 27.22
CA LYS Q 81 74.24 29.69 25.99
C LYS Q 81 73.34 30.40 24.99
N LEU Q 82 73.35 31.73 24.99
CA LEU Q 82 72.52 32.53 24.09
C LEU Q 82 73.40 33.06 22.96
N ASN Q 83 73.11 32.65 21.74
CA ASN Q 83 73.86 33.06 20.56
C ASN Q 83 73.05 34.01 19.69
N SER Q 84 73.75 34.89 18.98
CA SER Q 84 73.14 35.87 18.08
C SER Q 84 72.11 36.73 18.82
N VAL Q 85 72.60 37.46 19.81
CA VAL Q 85 71.74 38.28 20.65
C VAL Q 85 71.30 39.51 19.88
N THR Q 86 70.15 40.05 20.25
CA THR Q 86 69.61 41.27 19.67
C THR Q 86 69.13 42.18 20.79
N PRO Q 87 69.11 43.49 20.57
CA PRO Q 87 68.61 44.41 21.61
C PRO Q 87 67.15 44.17 21.98
N ALA Q 88 66.38 43.49 21.13
CA ALA Q 88 64.97 43.25 21.41
C ALA Q 88 64.75 42.32 22.59
N ASP Q 89 65.76 41.59 23.03
CA ASP Q 89 65.63 40.68 24.17
C ASP Q 89 66.58 41.08 25.30
N THR Q 90 66.75 42.38 25.52
CA THR Q 90 67.47 42.89 26.68
C THR Q 90 66.59 42.69 27.90
N ALA Q 91 67.08 41.95 28.88
CA ALA Q 91 66.21 41.43 29.93
C ALA Q 91 67.02 41.10 31.18
N VAL Q 92 66.31 40.94 32.29
CA VAL Q 92 66.86 40.33 33.51
C VAL Q 92 66.22 38.96 33.67
N TYR Q 93 67.06 37.96 33.96
CA TYR Q 93 66.63 36.57 33.98
C TYR Q 93 66.45 36.10 35.43
N TYR Q 94 65.31 35.47 35.71
CA TYR Q 94 65.00 34.95 37.02
C TYR Q 94 65.06 33.43 37.00
N CYS Q 95 65.77 32.85 37.96
CA CYS Q 95 65.92 31.42 38.08
C CYS Q 95 64.79 30.88 38.97
N ALA Q 96 63.92 30.07 38.39
CA ALA Q 96 62.70 29.65 39.07
C ALA Q 96 62.67 28.12 39.17
N THR Q 97 61.66 27.62 39.86
CA THR Q 97 61.49 26.17 40.03
C THR Q 97 60.44 25.67 39.03
N ALA Q 98 60.67 24.49 38.48
CA ALA Q 98 59.73 23.86 37.55
C ALA Q 98 59.39 22.47 38.06
N ARG Q 99 58.10 22.16 38.12
CA ARG Q 99 57.64 20.83 38.51
C ARG Q 99 56.45 20.46 37.65
N ARG Q 100 56.26 19.16 37.47
CA ARG Q 100 55.23 18.64 36.56
C ARG Q 100 54.16 17.90 37.36
N GLY Q 101 52.90 18.25 37.12
CA GLY Q 101 51.77 17.55 37.68
C GLY Q 101 50.98 16.84 36.59
N GLN Q 102 50.10 15.94 37.03
CA GLN Q 102 49.31 15.14 36.10
C GLN Q 102 47.86 15.10 36.56
N ARG Q 103 46.96 15.42 35.62
CA ARG Q 103 45.50 15.43 35.88
C ARG Q 103 44.81 14.50 34.88
N ILE Q 104 44.04 13.53 35.38
CA ILE Q 104 43.34 12.56 34.54
C ILE Q 104 41.84 12.74 34.75
N TYR Q 105 41.09 12.70 33.65
CA TYR Q 105 39.64 12.89 33.69
C TYR Q 105 38.91 11.79 32.92
N GLY Q 106 39.63 10.74 32.52
CA GLY Q 106 39.01 9.65 31.78
C GLY Q 106 39.80 8.36 31.90
N VAL Q 107 39.86 7.60 30.81
CA VAL Q 107 40.58 6.33 30.81
C VAL Q 107 42.07 6.61 30.60
N VAL Q 108 42.91 6.17 31.53
CA VAL Q 108 44.34 6.40 31.43
C VAL Q 108 44.92 5.59 30.28
N SER Q 109 44.44 4.37 30.08
CA SER Q 109 44.99 3.50 29.04
C SER Q 109 44.70 4.03 27.64
N PHE Q 110 43.78 4.98 27.50
CA PHE Q 110 43.47 5.56 26.19
C PHE Q 110 44.37 6.74 25.82
N GLY Q 111 45.31 7.11 26.67
CA GLY Q 111 46.17 8.26 26.41
C GLY Q 111 45.40 9.56 26.42
N GLU Q 112 44.78 9.90 27.55
CA GLU Q 112 43.92 11.06 27.64
C GLU Q 112 44.38 12.11 28.65
N PHE Q 113 45.39 11.81 29.45
CA PHE Q 113 45.87 12.77 30.43
C PHE Q 113 46.74 13.84 29.76
N PHE Q 114 46.75 15.02 30.37
CA PHE Q 114 47.63 16.10 29.95
C PHE Q 114 48.58 16.43 31.09
N TYR Q 115 49.62 17.20 30.77
CA TYR Q 115 50.65 17.53 31.74
C TYR Q 115 50.59 19.03 32.04
N TYR Q 116 50.50 19.36 33.33
CA TYR Q 116 50.50 20.75 33.77
C TYR Q 116 51.62 20.97 34.78
N TYR Q 117 52.16 22.18 34.78
CA TYR Q 117 53.34 22.54 35.57
C TYR Q 117 52.98 23.57 36.63
N SER Q 118 53.88 23.71 37.60
CA SER Q 118 53.70 24.63 38.73
C SER Q 118 55.06 25.23 39.05
N MET Q 119 55.10 26.52 39.38
CA MET Q 119 56.34 27.27 39.57
C MET Q 119 56.34 27.87 40.97
N ASP Q 120 56.99 27.20 41.91
CA ASP Q 120 56.90 27.59 43.32
C ASP Q 120 57.84 28.73 43.69
N VAL Q 121 59.14 28.53 43.54
CA VAL Q 121 60.11 29.51 44.01
C VAL Q 121 60.84 30.13 42.83
N TRP Q 122 60.91 31.46 42.81
CA TRP Q 122 61.56 32.22 41.77
C TRP Q 122 62.82 32.89 42.30
N GLY Q 123 63.67 33.34 41.37
CA GLY Q 123 64.95 33.93 41.73
C GLY Q 123 64.91 35.44 41.87
N LYS Q 124 66.09 36.00 42.12
CA LYS Q 124 66.22 37.45 42.28
C LYS Q 124 66.49 38.13 40.94
N GLY Q 125 67.55 37.73 40.27
CA GLY Q 125 67.86 38.24 38.95
C GLY Q 125 68.88 39.36 38.98
N THR Q 126 69.73 39.41 37.96
CA THR Q 126 70.71 40.45 37.77
C THR Q 126 70.52 41.09 36.40
N THR Q 127 70.50 42.41 36.37
CA THR Q 127 70.20 43.13 35.13
C THR Q 127 71.30 42.91 34.10
N VAL Q 128 70.92 42.40 32.94
CA VAL Q 128 71.83 42.15 31.83
C VAL Q 128 71.36 42.98 30.64
N THR Q 129 72.25 43.78 30.07
CA THR Q 129 71.91 44.67 28.97
C THR Q 129 72.95 44.55 27.86
N VAL Q 130 72.50 44.79 26.63
CA VAL Q 130 73.36 44.74 25.46
C VAL Q 130 73.84 46.16 25.15
N SER Q 131 75.00 46.25 24.52
CA SER Q 131 75.59 47.54 24.16
C SER Q 131 75.37 47.84 22.69
N VAL R 3 45.78 45.41 27.42
CA VAL R 3 46.22 46.16 28.58
C VAL R 3 45.15 47.15 29.00
N ARG R 4 44.17 46.67 29.76
CA ARG R 4 43.05 47.50 30.20
C ARG R 4 43.15 47.76 31.70
N PRO R 5 43.25 49.02 32.13
CA PRO R 5 43.25 49.30 33.58
C PRO R 5 41.98 48.79 34.22
N LEU R 6 42.14 48.21 35.41
CA LEU R 6 41.10 47.34 35.95
C LEU R 6 41.34 47.11 37.44
N SER R 7 40.36 46.44 38.07
CA SER R 7 40.41 45.79 39.39
C SER R 7 39.68 46.59 40.45
N VAL R 8 40.37 46.95 41.53
CA VAL R 8 39.72 47.54 42.70
C VAL R 8 40.76 48.34 43.48
N ALA R 9 40.30 49.26 44.33
CA ALA R 9 41.21 50.15 45.05
C ALA R 9 40.63 50.55 46.40
N LEU R 10 41.50 51.14 47.23
CA LEU R 10 41.15 51.73 48.52
C LEU R 10 40.61 50.74 49.54
N GLY R 11 40.91 49.46 49.37
CA GLY R 11 40.78 48.51 50.46
C GLY R 11 39.41 47.93 50.76
N GLU R 12 38.43 48.38 49.97
CA GLU R 12 37.08 47.77 49.93
C GLU R 12 37.35 46.56 49.03
N THR R 13 36.98 45.34 49.44
CA THR R 13 37.47 44.21 48.68
C THR R 13 36.38 43.70 47.74
N ALA R 14 36.76 42.78 46.85
CA ALA R 14 35.86 42.13 45.92
C ALA R 14 36.38 40.73 45.61
N ARG R 15 35.87 40.10 44.55
CA ARG R 15 36.39 38.81 44.13
C ARG R 15 36.48 38.73 42.61
N ILE R 16 37.67 38.47 42.09
CA ILE R 16 37.94 38.58 40.67
C ILE R 16 37.98 37.19 40.03
N SER R 17 37.66 37.14 38.75
CA SER R 17 37.75 35.92 37.96
C SER R 17 38.29 36.26 36.58
N CYS R 18 39.21 35.46 36.09
CA CYS R 18 39.79 35.71 34.78
C CYS R 18 38.74 35.48 33.68
N GLY R 19 38.93 36.16 32.55
CA GLY R 19 37.97 36.17 31.48
C GLY R 19 37.92 34.94 30.61
N ARG R 20 38.82 33.99 30.80
CA ARG R 20 38.82 32.77 30.01
C ARG R 20 37.62 31.89 30.36
N GLN R 21 36.91 31.44 29.34
CA GLN R 21 35.77 30.57 29.55
C GLN R 21 36.24 29.18 29.99
N ALA R 22 35.47 28.57 30.88
CA ALA R 22 35.76 27.22 31.37
C ALA R 22 35.48 26.23 30.26
N LEU R 23 36.55 25.66 29.70
CA LEU R 23 36.45 24.69 28.61
C LEU R 23 37.20 23.42 28.99
N GLY R 24 36.61 22.27 28.65
CA GLY R 24 37.23 20.99 28.92
C GLY R 24 37.44 20.72 30.40
N SER R 25 38.69 20.69 30.83
CA SER R 25 39.04 20.55 32.24
C SER R 25 40.02 21.66 32.60
N ARG R 26 39.72 22.39 33.68
CA ARG R 26 40.50 23.55 34.07
C ARG R 26 41.34 23.22 35.29
N ALA R 27 42.64 23.53 35.20
CA ALA R 27 43.57 23.44 36.32
C ALA R 27 44.23 24.80 36.45
N VAL R 28 43.58 25.69 37.22
CA VAL R 28 44.02 27.08 37.31
C VAL R 28 44.99 27.24 38.47
N GLN R 29 45.98 28.13 38.29
CA GLN R 29 46.93 28.47 39.34
C GLN R 29 46.98 29.99 39.47
N TRP R 30 46.33 30.51 40.51
CA TRP R 30 46.42 31.93 40.82
C TRP R 30 47.83 32.26 41.30
N TYR R 31 48.24 33.52 41.11
CA TYR R 31 49.57 33.97 41.47
C TYR R 31 49.50 35.31 42.18
N GLN R 32 50.39 35.51 43.15
CA GLN R 32 50.58 36.81 43.79
C GLN R 32 51.80 37.45 43.16
N HIS R 33 51.58 38.49 42.35
CA HIS R 33 52.68 39.23 41.76
C HIS R 33 53.47 39.93 42.85
N ARG R 34 54.77 40.08 42.64
CA ARG R 34 55.64 40.80 43.55
C ARG R 34 56.58 41.68 42.72
N PRO R 35 56.32 42.99 42.66
CA PRO R 35 57.12 43.88 41.79
C PRO R 35 58.56 43.96 42.28
N GLY R 36 59.49 43.52 41.42
CA GLY R 36 60.90 43.65 41.67
C GLY R 36 61.57 42.43 42.26
N GLN R 37 60.80 41.46 42.74
CA GLN R 37 61.38 40.28 43.37
C GLN R 37 60.53 39.06 43.02
N ALA R 38 60.82 37.95 43.68
CA ALA R 38 60.17 36.68 43.34
C ALA R 38 58.71 36.69 43.76
N PRO R 39 57.79 36.30 42.86
CA PRO R 39 56.39 36.14 43.28
C PRO R 39 56.13 34.79 43.91
N ILE R 40 54.87 34.51 44.24
CA ILE R 40 54.48 33.21 44.79
C ILE R 40 53.16 32.79 44.18
N LEU R 41 53.05 31.51 43.84
CA LEU R 41 51.79 30.97 43.36
C LEU R 41 50.81 30.84 44.53
N LEU R 42 49.54 31.08 44.23
CA LEU R 42 48.49 30.99 45.24
C LEU R 42 47.94 29.59 45.40
N ILE R 43 47.53 28.94 44.33
CA ILE R 43 46.97 27.60 44.42
C ILE R 43 47.49 26.77 43.26
N TYR R 44 47.55 25.46 43.47
CA TYR R 44 47.80 24.49 42.43
C TYR R 44 46.79 23.36 42.61
N ASN R 45 46.37 22.76 41.49
CA ASN R 45 45.31 21.76 41.45
C ASN R 45 43.95 22.37 41.82
N ASN R 46 43.89 23.69 41.97
CA ASN R 46 42.69 24.48 42.26
C ASN R 46 42.20 24.31 43.68
N GLN R 47 42.73 23.33 44.41
CA GLN R 47 42.29 23.06 45.77
C GLN R 47 43.44 23.05 46.78
N ASP R 48 44.53 22.35 46.48
CA ASP R 48 45.53 22.06 47.49
C ASP R 48 46.42 23.26 47.77
N ARG R 49 46.40 23.71 49.02
CA ARG R 49 47.15 24.85 49.55
C ARG R 49 48.64 24.54 49.57
N PRO R 50 49.47 25.39 48.97
CA PRO R 50 50.91 25.08 48.88
C PRO R 50 51.56 24.89 50.24
N SER R 51 51.54 25.94 51.07
CA SER R 51 52.10 25.87 52.41
C SER R 51 51.73 27.14 53.16
N GLY R 52 51.27 26.97 54.40
CA GLY R 52 50.97 28.06 55.30
C GLY R 52 50.27 29.27 54.69
N ILE R 53 49.23 29.02 53.89
CA ILE R 53 48.46 30.09 53.28
C ILE R 53 47.17 30.22 54.08
N PRO R 54 46.73 31.44 54.41
CA PRO R 54 45.47 31.59 55.14
C PRO R 54 44.31 31.05 54.32
N GLU R 55 43.32 30.47 55.01
CA GLU R 55 42.16 29.93 54.31
C GLU R 55 41.12 31.03 54.06
N ARG R 56 41.49 31.97 53.21
CA ARG R 56 40.58 32.94 52.62
C ARG R 56 40.88 32.93 51.13
N PHE R 57 41.91 32.16 50.75
CA PHE R 57 42.39 32.07 49.38
C PHE R 57 41.90 30.83 48.66
N SER R 58 40.72 30.33 49.01
CA SER R 58 40.22 29.09 48.44
C SER R 58 39.87 29.27 46.97
N GLY R 59 39.79 28.16 46.24
CA GLY R 59 39.43 28.14 44.84
C GLY R 59 38.21 27.27 44.60
N THR R 60 37.51 27.55 43.51
CA THR R 60 36.28 26.82 43.21
C THR R 60 36.58 25.37 42.84
N PRO R 61 35.69 24.44 43.20
CA PRO R 61 35.90 23.03 42.84
C PRO R 61 35.51 22.76 41.40
N ASP R 62 36.17 21.76 40.82
CA ASP R 62 35.88 21.32 39.45
C ASP R 62 34.90 20.15 39.42
N ILE R 63 33.75 20.32 40.08
CA ILE R 63 32.68 19.34 40.05
C ILE R 63 31.48 19.96 39.34
N ASN R 64 30.82 19.16 38.50
CA ASN R 64 29.70 19.60 37.68
C ASN R 64 30.16 20.73 36.74
N PHE R 65 31.04 20.34 35.82
CA PHE R 65 31.66 21.27 34.87
C PHE R 65 30.63 22.20 34.25
N GLY R 66 31.00 23.48 34.14
CA GLY R 66 30.12 24.51 33.66
C GLY R 66 30.22 25.75 34.53
N THR R 67 30.87 25.60 35.68
CA THR R 67 31.04 26.70 36.63
C THR R 67 32.30 27.48 36.33
N ARG R 68 32.30 28.75 36.71
CA ARG R 68 33.43 29.65 36.48
C ARG R 68 34.48 29.48 37.58
N ALA R 69 35.69 29.92 37.26
CA ALA R 69 36.80 29.89 38.20
C ALA R 69 36.87 31.22 38.92
N THR R 70 36.50 31.23 40.21
CA THR R 70 36.42 32.45 40.99
C THR R 70 37.39 32.37 42.17
N LEU R 71 38.10 33.47 42.41
CA LEU R 71 39.02 33.60 43.53
C LEU R 71 38.49 34.61 44.52
N THR R 72 38.48 34.23 45.80
CA THR R 72 37.96 35.08 46.85
C THR R 72 39.11 35.68 47.65
N ILE R 73 39.04 36.98 47.94
CA ILE R 73 40.06 37.68 48.68
C ILE R 73 39.42 38.63 49.68
N SER R 74 40.18 38.99 50.71
CA SER R 74 39.81 39.96 51.74
C SER R 74 41.02 40.19 52.63
N GLY R 75 41.04 41.34 53.30
CA GLY R 75 42.15 41.69 54.16
C GLY R 75 43.45 41.85 53.39
N VAL R 76 43.53 42.89 52.56
CA VAL R 76 44.59 42.96 51.55
C VAL R 76 45.83 43.64 52.10
N GLU R 77 46.98 43.17 51.62
CA GLU R 77 48.27 43.80 51.85
C GLU R 77 48.73 44.37 50.51
N ALA R 78 49.96 44.88 50.48
CA ALA R 78 50.54 45.31 49.20
C ALA R 78 50.68 44.13 48.24
N GLY R 79 50.83 42.91 48.78
CA GLY R 79 50.83 41.73 47.94
C GLY R 79 49.54 41.58 47.17
N ASP R 80 48.41 41.69 47.86
CA ASP R 80 47.12 41.69 47.16
C ASP R 80 46.97 42.91 46.26
N GLU R 81 47.56 44.04 46.66
CA GLU R 81 47.57 45.22 45.82
C GLU R 81 48.36 45.00 44.54
N ALA R 82 49.21 43.97 44.50
CA ALA R 82 49.93 43.63 43.28
C ALA R 82 49.00 42.86 42.34
N ASP R 83 49.55 42.34 41.25
CA ASP R 83 48.74 41.78 40.18
C ASP R 83 48.29 40.36 40.50
N TYR R 84 47.20 39.95 39.86
CA TYR R 84 46.71 38.58 39.88
C TYR R 84 46.76 38.03 38.45
N TYR R 85 47.14 36.77 38.32
CA TYR R 85 47.23 36.11 37.02
C TYR R 85 46.47 34.80 37.03
N CYS R 86 45.81 34.49 35.92
CA CYS R 86 44.99 33.30 35.78
C CYS R 86 45.68 32.35 34.80
N HIS R 87 46.54 31.48 35.33
CA HIS R 87 47.18 30.45 34.53
C HIS R 87 46.26 29.24 34.45
N MET R 88 45.59 29.06 33.32
CA MET R 88 44.62 27.99 33.15
C MET R 88 45.24 26.86 32.34
N TRP R 89 45.07 25.64 32.81
CA TRP R 89 45.53 24.44 32.12
C TRP R 89 44.32 23.69 31.61
N ASP R 90 44.23 23.51 30.30
CA ASP R 90 43.06 22.90 29.66
C ASP R 90 43.50 21.81 28.70
N SER R 91 42.63 20.82 28.54
CA SER R 91 42.96 19.66 27.72
C SER R 91 42.87 19.97 26.24
N ARG R 92 41.74 20.53 25.80
CA ARG R 92 41.53 20.74 24.37
C ARG R 92 42.37 21.87 23.80
N SER R 93 42.67 22.89 24.62
CA SER R 93 43.53 23.98 24.12
C SER R 93 44.98 23.55 23.95
N GLY R 94 45.33 22.34 24.40
CA GLY R 94 46.71 21.91 24.28
C GLY R 94 47.58 22.58 25.33
N PHE R 95 48.86 22.73 25.00
CA PHE R 95 49.79 23.37 25.92
C PHE R 95 49.56 24.87 25.94
N SER R 96 48.84 25.36 26.94
CA SER R 96 48.51 26.78 27.05
C SER R 96 49.78 27.57 27.39
N TRP R 97 50.33 28.25 26.40
CA TRP R 97 51.56 29.03 26.58
C TRP R 97 51.31 30.31 27.37
N SER R 98 50.20 30.99 27.06
CA SER R 98 49.88 32.27 27.68
C SER R 98 49.65 32.12 29.19
N PHE R 99 50.17 33.07 29.97
CA PHE R 99 50.00 33.05 31.41
C PHE R 99 48.62 33.49 31.86
N GLY R 100 47.88 34.21 31.01
CA GLY R 100 46.57 34.69 31.38
C GLY R 100 46.50 36.20 31.50
N GLY R 101 45.29 36.72 31.70
CA GLY R 101 45.14 38.16 31.82
C GLY R 101 45.77 38.69 33.09
N ALA R 102 46.26 39.92 33.01
CA ALA R 102 46.89 40.59 34.14
C ALA R 102 45.90 41.56 34.78
N THR R 103 45.81 41.52 36.11
CA THR R 103 44.89 42.38 36.85
C THR R 103 45.72 43.32 37.72
N ARG R 104 45.98 44.52 37.21
CA ARG R 104 46.80 45.50 37.91
C ARG R 104 45.89 46.37 38.78
N LEU R 105 46.17 46.39 40.08
CA LEU R 105 45.38 47.18 41.03
C LEU R 105 45.95 48.60 41.06
N THR R 106 45.17 49.55 40.58
CA THR R 106 45.53 50.96 40.59
C THR R 106 44.74 51.66 41.70
N VAL R 107 45.46 52.34 42.59
CA VAL R 107 44.86 52.93 43.78
C VAL R 107 45.36 54.36 43.95
N LEU R 108 44.45 55.24 44.37
CA LEU R 108 44.77 56.62 44.69
C LEU R 108 43.92 57.07 45.87
N GLY R 109 44.59 57.47 46.95
CA GLY R 109 43.89 57.91 48.15
C GLY R 109 43.14 59.22 47.96
C1 NAG S . -22.96 -19.23 -35.00
C2 NAG S . -23.97 -18.37 -35.77
C3 NAG S . -25.38 -18.92 -35.61
C4 NAG S . -25.43 -20.39 -36.02
C5 NAG S . -24.44 -21.16 -35.15
C6 NAG S . -24.36 -22.62 -35.51
C7 NAG S . -23.17 -16.06 -35.95
C8 NAG S . -23.20 -14.68 -35.36
N2 NAG S . -23.90 -16.98 -35.32
O3 NAG S . -26.28 -18.16 -36.43
O4 NAG S . -26.74 -20.93 -35.88
O5 NAG S . -23.12 -20.62 -35.36
O6 NAG S . -23.43 -22.85 -36.56
O7 NAG S . -22.51 -16.32 -36.95
C1 NAG S . -27.24 -21.17 -37.21
C2 NAG S . -28.32 -22.26 -37.20
C3 NAG S . -28.92 -22.44 -38.59
C4 NAG S . -29.37 -21.10 -39.17
C5 NAG S . -28.24 -20.09 -39.09
C6 NAG S . -28.65 -18.69 -39.54
C7 NAG S . -27.61 -23.79 -35.41
C8 NAG S . -27.05 -25.15 -35.10
N2 NAG S . -27.79 -23.51 -36.71
O3 NAG S . -30.02 -23.33 -38.52
O4 NAG S . -29.73 -21.29 -40.53
O5 NAG S . -27.78 -19.96 -37.74
O6 NAG S . -27.53 -17.94 -40.00
O7 NAG S . -27.87 -22.97 -34.53
C1 BMA S . -31.12 -20.93 -40.76
C2 BMA S . -31.33 -20.94 -42.28
C3 BMA S . -32.80 -20.71 -42.63
C4 BMA S . -33.72 -21.60 -41.78
C5 BMA S . -33.39 -21.51 -40.29
C6 BMA S . -34.19 -22.49 -39.46
O2 BMA S . -30.98 -22.21 -42.83
O3 BMA S . -33.04 -20.98 -44.01
O4 BMA S . -35.07 -21.20 -41.97
O5 BMA S . -31.99 -21.83 -40.12
O6 BMA S . -34.17 -23.75 -40.14
C1 MAN S . -32.90 -19.79 -44.80
C2 MAN S . -33.84 -19.93 -46.02
C3 MAN S . -33.34 -21.06 -46.92
C4 MAN S . -31.86 -20.83 -47.29
C5 MAN S . -31.02 -20.70 -46.01
C6 MAN S . -29.57 -20.38 -46.29
O2 MAN S . -33.82 -18.75 -46.82
O3 MAN S . -34.12 -21.18 -48.09
O4 MAN S . -31.39 -21.92 -48.05
O5 MAN S . -31.56 -19.62 -45.21
O6 MAN S . -28.88 -20.35 -45.05
C1 MAN S . -35.17 -18.27 -46.95
C2 MAN S . -35.35 -17.76 -48.41
C3 MAN S . -34.56 -16.46 -48.60
C4 MAN S . -34.93 -15.45 -47.52
C5 MAN S . -34.66 -16.05 -46.14
C6 MAN S . -35.05 -15.13 -45.01
O2 MAN S . -36.71 -17.43 -48.66
O3 MAN S . -34.78 -15.90 -49.90
O4 MAN S . -34.17 -14.27 -47.68
O5 MAN S . -35.43 -17.26 -46.00
O6 MAN S . -35.14 -13.81 -45.53
C1 MAN S . -37.18 -18.17 -49.81
C2 MAN S . -38.59 -17.65 -50.16
C3 MAN S . -39.60 -18.10 -49.10
C4 MAN S . -39.53 -19.63 -48.91
C5 MAN S . -38.10 -20.02 -48.52
C6 MAN S . -37.91 -21.52 -48.38
O2 MAN S . -39.06 -18.19 -51.40
O3 MAN S . -40.93 -17.72 -49.46
O4 MAN S . -40.42 -20.02 -47.88
O5 MAN S . -37.19 -19.57 -49.54
O6 MAN S . -38.76 -21.98 -47.34
C1 MAN S . -34.91 -24.72 -39.39
C2 MAN S . -34.39 -26.11 -39.81
C3 MAN S . -34.76 -26.38 -41.26
C4 MAN S . -36.26 -26.16 -41.50
C5 MAN S . -36.70 -24.77 -41.00
C6 MAN S . -38.20 -24.62 -41.03
O2 MAN S . -35.03 -27.14 -39.06
O3 MAN S . -34.40 -27.70 -41.66
O4 MAN S . -36.55 -26.29 -42.88
O5 MAN S . -36.29 -24.60 -39.63
O6 MAN S . -38.75 -25.72 -40.30
C1 MAN S . -33.18 -27.66 -42.43
C2 MAN S . -33.16 -28.91 -43.35
C3 MAN S . -33.00 -30.17 -42.52
C4 MAN S . -31.79 -30.05 -41.57
C5 MAN S . -31.94 -28.80 -40.69
C6 MAN S . -30.76 -28.58 -39.79
O2 MAN S . -32.03 -28.88 -44.23
O3 MAN S . -32.88 -31.33 -43.33
O4 MAN S . -31.72 -31.21 -40.74
O5 MAN S . -32.07 -27.65 -41.56
O6 MAN S . -31.07 -27.49 -38.92
C1 MAN S . -32.49 -29.00 -45.58
C2 MAN S . -31.55 -30.01 -46.32
C3 MAN S . -30.18 -29.38 -46.54
C4 MAN S . -30.32 -28.00 -47.20
C5 MAN S . -31.22 -27.10 -46.35
C6 MAN S . -31.44 -25.74 -46.97
O2 MAN S . -32.05 -30.33 -47.61
O3 MAN S . -29.33 -30.22 -47.32
O4 MAN S . -29.03 -27.40 -47.33
O5 MAN S . -32.51 -27.73 -46.22
O6 MAN S . -30.20 -25.25 -47.45
C1 MAN S . -40.16 -25.84 -40.58
C2 MAN S . -40.74 -26.86 -39.56
C3 MAN S . -40.28 -28.26 -39.92
C4 MAN S . -40.61 -28.59 -41.38
C5 MAN S . -39.92 -27.57 -42.28
C6 MAN S . -40.24 -27.77 -43.75
O2 MAN S . -42.16 -26.90 -39.62
O3 MAN S . -40.86 -29.25 -39.06
O4 MAN S . -40.15 -29.89 -41.71
O5 MAN S . -40.39 -26.24 -41.92
O6 MAN S . -41.54 -27.26 -43.99
C1 MAN S . -42.70 -26.58 -38.32
C2 MAN S . -44.06 -27.32 -38.20
C3 MAN S . -45.10 -26.68 -39.11
C4 MAN S . -45.16 -25.17 -38.87
C5 MAN S . -43.77 -24.56 -39.08
C6 MAN S . -43.72 -23.07 -38.82
O2 MAN S . -44.59 -27.21 -36.88
O3 MAN S . -46.39 -27.25 -38.94
O4 MAN S . -46.07 -24.57 -39.78
O5 MAN S . -42.85 -25.18 -38.17
O6 MAN S . -42.49 -22.57 -39.35
C1 NAG T . -24.52 -3.03 -34.64
C2 NAG T . -25.55 -2.36 -33.75
C3 NAG T . -26.78 -1.97 -34.57
C4 NAG T . -26.37 -1.17 -35.80
C5 NAG T . -25.25 -1.86 -36.57
C6 NAG T . -24.68 -1.01 -37.69
C7 NAG T . -25.94 -2.80 -31.37
C8 NAG T . -26.35 -3.83 -30.35
N2 NAG T . -25.93 -3.22 -32.64
O3 NAG T . -27.66 -1.21 -33.76
O4 NAG T . -27.47 -1.05 -36.69
O5 NAG T . -24.15 -2.16 -35.69
O6 NAG T . -23.61 -0.20 -37.23
O7 NAG T . -25.62 -1.66 -31.05
C1 NAG T . -28.07 0.24 -36.56
C2 NAG T . -28.54 0.70 -37.94
C3 NAG T . -29.31 2.03 -37.83
C4 NAG T . -30.41 1.93 -36.79
C5 NAG T . -29.84 1.44 -35.47
C6 NAG T . -30.88 1.21 -34.40
C7 NAG T . -27.34 0.19 -40.02
C8 NAG T . -26.11 0.45 -40.83
N2 NAG T . -27.42 0.84 -38.85
O3 NAG T . -29.86 2.35 -39.10
O4 NAG T . -31.01 3.21 -36.60
O5 NAG T . -29.17 0.18 -35.67
O6 NAG T . -31.03 2.34 -33.55
O7 NAG T . -28.22 -0.57 -40.40
C1 BMA T . -32.42 3.14 -36.89
C2 BMA T . -33.03 4.49 -36.51
C3 BMA T . -34.51 4.54 -36.87
C4 BMA T . -34.73 4.07 -38.33
C5 BMA T . -34.06 2.72 -38.57
C6 BMA T . -34.19 2.24 -40.00
O2 BMA T . -32.40 5.55 -37.22
O3 BMA T . -35.05 5.84 -36.70
O4 BMA T . -36.13 3.97 -38.58
O5 BMA T . -32.67 2.85 -38.26
O6 BMA T . -33.83 3.31 -40.85
C1 MAN T . -35.01 6.19 -35.30
C2 MAN T . -36.41 6.73 -34.91
C3 MAN T . -36.30 7.87 -33.88
C4 MAN T . -35.33 9.00 -34.33
C5 MAN T . -34.34 8.50 -35.38
C6 MAN T . -33.05 9.30 -35.41
O2 MAN T . -37.20 5.71 -34.28
O3 MAN T . -35.94 7.38 -32.59
O4 MAN T . -36.07 10.09 -34.86
O5 MAN T . -33.99 7.14 -35.06
O6 MAN T . -32.21 8.77 -36.44
C1 MAN T . -38.58 6.12 -34.29
C2 MAN T . -39.21 5.69 -32.92
C3 MAN T . -40.70 6.01 -32.85
C4 MAN T . -41.30 6.25 -34.25
C5 MAN T . -40.68 5.25 -35.23
C6 MAN T . -41.34 5.26 -36.59
O2 MAN T . -38.61 6.42 -31.84
O3 MAN T . -40.98 7.13 -32.00
O4 MAN T . -42.70 6.08 -34.23
O5 MAN T . -39.27 5.57 -35.41
O6 MAN T . -40.90 4.11 -37.31
C1 MAN T . -33.97 2.89 -42.23
C2 MAN T . -32.54 2.57 -42.76
C3 MAN T . -31.74 3.86 -42.91
C4 MAN T . -32.52 4.90 -43.73
C5 MAN T . -33.89 5.15 -43.08
C6 MAN T . -34.74 6.12 -43.85
O2 MAN T . -32.59 1.98 -44.06
O3 MAN T . -30.46 3.62 -43.51
O4 MAN T . -31.79 6.12 -43.79
O5 MAN T . -34.60 3.89 -43.00
O6 MAN T . -35.17 5.49 -45.05
C1 NAG U . 14.30 -17.23 -42.74
C2 NAG U . 15.50 -17.83 -42.03
C3 NAG U . 16.78 -17.24 -42.61
C4 NAG U . 16.82 -17.41 -44.12
C5 NAG U . 15.52 -16.91 -44.76
C6 NAG U . 15.43 -17.25 -46.23
C7 NAG U . 15.32 -18.61 -39.72
C8 NAG U . 15.26 -18.21 -38.27
N2 NAG U . 15.44 -17.61 -40.60
O3 NAG U . 17.88 -17.88 -41.98
O4 NAG U . 17.90 -16.66 -44.68
O5 NAG U . 14.38 -17.52 -44.13
O6 NAG U . 15.47 -16.08 -47.04
O7 NAG U . 15.28 -19.79 -40.07
C1 NAG U . 19.11 -17.45 -44.65
C2 NAG U . 19.91 -17.23 -45.92
C3 NAG U . 21.21 -18.02 -45.85
C4 NAG U . 21.97 -17.72 -44.56
C5 NAG U . 21.06 -17.85 -43.34
C6 NAG U . 21.71 -17.37 -42.07
C7 NAG U . 18.64 -16.71 -47.94
C8 NAG U . 17.87 -17.26 -49.11
N2 NAG U . 19.14 -17.60 -47.10
O3 NAG U . 22.00 -17.71 -46.98
O4 NAG U . 23.02 -18.66 -44.37
O5 NAG U . 19.88 -17.05 -43.52
O6 NAG U . 20.79 -17.35 -40.98
O7 NAG U . 18.79 -15.50 -47.79
C1 BMA U . 24.24 -18.26 -45.00
C2 BMA U . 25.40 -18.75 -44.12
C3 BMA U . 26.74 -18.75 -44.87
C4 BMA U . 26.60 -19.22 -46.33
C5 BMA U . 25.44 -18.54 -47.02
C6 BMA U . 25.18 -19.09 -48.41
O2 BMA U . 25.17 -20.08 -43.70
O3 BMA U . 27.64 -19.59 -44.18
O4 BMA U . 27.79 -18.96 -47.05
O5 BMA U . 24.28 -18.82 -46.28
O6 BMA U . 25.04 -20.49 -48.28
C1 MAN U . 28.96 -19.01 -44.11
C2 MAN U . 29.93 -20.18 -44.27
C3 MAN U . 29.81 -21.12 -43.07
C4 MAN U . 29.95 -20.33 -41.75
C5 MAN U . 28.95 -19.16 -41.73
C6 MAN U . 29.12 -18.28 -40.52
O2 MAN U . 31.29 -19.75 -44.32
O3 MAN U . 30.77 -22.17 -43.11
O4 MAN U . 29.69 -21.19 -40.67
O5 MAN U . 29.15 -18.35 -42.90
O6 MAN U . 27.97 -17.45 -40.41
C1 MAN U . 31.88 -20.36 -45.49
C2 MAN U . 33.30 -20.88 -45.10
C3 MAN U . 34.31 -19.73 -44.99
C4 MAN U . 34.19 -18.75 -46.18
C5 MAN U . 32.74 -18.27 -46.27
C6 MAN U . 32.50 -17.31 -47.41
O2 MAN U . 33.81 -21.78 -46.08
O3 MAN U . 35.65 -20.20 -44.87
O4 MAN U . 35.04 -17.64 -45.97
O5 MAN U . 31.93 -19.41 -46.53
O6 MAN U . 32.42 -18.05 -48.62
C1 MAN U . 33.78 -23.13 -45.56
C2 MAN U . 34.45 -24.07 -46.61
C3 MAN U . 33.55 -24.23 -47.82
C4 MAN U . 32.19 -24.76 -47.37
C5 MAN U . 31.56 -23.77 -46.39
C6 MAN U . 30.25 -24.27 -45.83
O2 MAN U . 34.63 -25.38 -46.09
O3 MAN U . 34.12 -25.09 -48.79
O4 MAN U . 31.35 -24.92 -48.50
O5 MAN U . 32.46 -23.56 -45.26
O6 MAN U . 29.87 -25.42 -46.56
C1 MAN U . 25.13 -21.13 -49.57
C2 MAN U . 25.03 -22.66 -49.33
C3 MAN U . 26.31 -23.17 -48.68
C4 MAN U . 27.54 -22.76 -49.48
C5 MAN U . 27.58 -21.23 -49.63
C6 MAN U . 28.68 -20.77 -50.54
O2 MAN U . 24.92 -23.37 -50.57
O3 MAN U . 26.29 -24.59 -48.52
O4 MAN U . 28.72 -23.18 -48.81
O5 MAN U . 26.34 -20.78 -50.24
O6 MAN U . 28.63 -21.62 -51.66
C1 MAN U . 29.27 -20.99 -52.78
C2 MAN U . 28.61 -21.58 -54.03
C3 MAN U . 28.93 -23.08 -54.11
C4 MAN U . 30.44 -23.35 -53.97
C5 MAN U . 30.97 -22.66 -52.69
C6 MAN U . 32.47 -22.79 -52.54
O2 MAN U . 29.15 -21.01 -55.23
O3 MAN U . 28.43 -23.66 -55.31
O4 MAN U . 30.68 -24.74 -53.89
O5 MAN U . 30.65 -21.26 -52.74
O6 MAN U . 33.08 -21.88 -53.45
C1 MAN U . 28.06 -20.47 -56.00
C2 MAN U . 28.39 -20.70 -57.49
C3 MAN U . 29.53 -19.79 -57.93
C4 MAN U . 29.24 -18.32 -57.55
C5 MAN U . 28.99 -18.24 -56.04
C6 MAN U . 28.63 -16.83 -55.59
O2 MAN U . 27.28 -20.36 -58.33
O3 MAN U . 29.79 -19.88 -59.33
O4 MAN U . 30.34 -17.50 -57.89
O5 MAN U . 27.88 -19.09 -55.69
O6 MAN U . 27.49 -16.41 -56.33
C1 MAN U . 25.94 -24.91 -47.16
C2 MAN U . 26.80 -26.13 -46.75
C3 MAN U . 26.37 -27.36 -47.54
C4 MAN U . 24.85 -27.57 -47.44
C5 MAN U . 24.12 -26.30 -47.87
C6 MAN U . 22.61 -26.40 -47.70
O2 MAN U . 26.60 -26.47 -45.38
O3 MAN U . 27.07 -28.53 -47.11
O4 MAN U . 24.45 -28.66 -48.26
O5 MAN U . 24.56 -25.19 -47.07
O6 MAN U . 22.35 -26.63 -46.32
C1 NAG V . 6.34 -1.90 -44.14
C2 NAG V . 6.17 -0.43 -44.46
C3 NAG V . 5.77 -0.27 -45.92
C4 NAG V . 6.84 -0.90 -46.80
C5 NAG V . 7.17 -2.34 -46.34
C6 NAG V . 8.36 -2.93 -47.06
C7 NAG V . 5.48 1.20 -42.77
C8 NAG V . 4.35 1.71 -41.92
N2 NAG V . 5.18 0.18 -43.59
O3 NAG V . 5.63 1.11 -46.21
O4 NAG V . 6.37 -0.90 -48.15
O5 NAG V . 7.43 -2.43 -44.92
O6 NAG V . 8.86 -2.04 -48.04
O7 NAG V . 6.61 1.69 -42.72
C1 NAG V . 6.84 0.25 -48.92
C2 NAG V . 6.18 0.24 -50.29
C3 NAG V . 6.67 1.42 -51.11
C4 NAG V . 6.44 2.73 -50.36
C5 NAG V . 7.08 2.66 -48.97
C6 NAG V . 6.79 3.88 -48.12
C7 NAG V . 5.44 -1.82 -51.42
C8 NAG V . 5.87 -3.06 -52.12
N2 NAG V . 6.42 -1.01 -50.99
O3 NAG V . 5.98 1.47 -52.36
O4 NAG V . 7.02 3.81 -51.07
O5 NAG V . 6.57 1.52 -48.25
O6 NAG V . 5.95 3.56 -47.02
O7 NAG V . 4.26 -1.54 -51.24
C1 NAG W . 4.14 14.18 -27.48
C2 NAG W . 2.70 14.21 -27.99
C3 NAG W . 2.56 13.35 -29.25
C4 NAG W . 3.59 13.76 -30.29
C5 NAG W . 5.00 13.76 -29.69
C6 NAG W . 6.05 14.28 -30.63
C7 NAG W . 0.70 14.46 -26.59
C8 NAG W . -0.15 13.84 -25.52
N2 NAG W . 1.77 13.75 -26.96
O3 NAG W . 1.25 13.48 -29.78
O4 NAG W . 3.56 12.88 -31.39
O5 NAG W . 5.03 14.60 -28.52
O6 NAG W . 6.07 15.70 -30.65
O7 NAG W . 0.42 15.54 -27.09
C1 NAG W . 3.05 13.57 -32.55
C2 NAG W . 3.56 12.88 -33.80
C3 NAG W . 3.01 13.55 -35.06
C4 NAG W . 1.49 13.64 -34.99
C5 NAG W . 1.06 14.30 -33.69
C6 NAG W . -0.44 14.31 -33.50
C7 NAG W . 5.74 11.80 -33.45
C8 NAG W . 7.23 11.96 -33.55
N2 NAG W . 5.02 12.86 -33.84
O3 NAG W . 3.41 12.83 -36.21
O4 NAG W . 1.00 14.39 -36.09
O5 NAG W . 1.61 13.60 -32.57
O6 NAG W . -0.79 14.08 -32.14
O7 NAG W . 5.22 10.77 -33.05
C1 NAG X . 5.38 -19.21 -27.46
C2 NAG X . 6.24 -18.04 -26.99
C3 NAG X . 7.72 -18.33 -27.25
C4 NAG X . 8.12 -19.66 -26.62
C5 NAG X . 7.19 -20.77 -27.12
C6 NAG X . 7.45 -22.11 -26.46
C7 NAG X . 6.05 -15.60 -27.12
C8 NAG X . 5.60 -14.43 -27.93
N2 NAG X . 5.84 -16.80 -27.65
O3 NAG X . 8.52 -17.28 -26.73
O4 NAG X . 9.46 -19.96 -26.95
O5 NAG X . 5.83 -20.42 -26.83
O6 NAG X . 8.60 -22.73 -27.00
O7 NAG X . 6.59 -15.46 -26.03
C1 NAG X . 10.24 -20.14 -25.75
C2 NAG X . 11.61 -20.69 -26.15
C3 NAG X . 12.48 -20.89 -24.92
C4 NAG X . 12.53 -19.62 -24.08
C5 NAG X . 11.13 -19.08 -23.80
C6 NAG X . 11.12 -17.74 -23.11
C7 NAG X . 11.75 -22.07 -28.18
C8 NAG X . 11.55 -23.43 -28.76
N2 NAG X . 11.46 -21.95 -26.88
O3 NAG X . 13.78 -21.27 -25.32
O4 NAG X . 13.18 -19.90 -22.84
O5 NAG X . 10.41 -18.93 -25.03
O6 NAG X . 12.11 -16.88 -23.64
O7 NAG X . 12.15 -21.12 -28.85
C1 BMA X . 14.38 -19.12 -22.69
C2 BMA X . 14.68 -19.09 -21.19
C3 BMA X . 16.00 -18.37 -20.93
C4 BMA X . 17.11 -18.94 -21.81
C5 BMA X . 16.69 -18.93 -23.29
C6 BMA X . 17.73 -19.54 -24.20
O2 BMA X . 14.82 -20.41 -20.68
O3 BMA X . 16.36 -18.45 -19.55
O4 BMA X . 18.30 -18.17 -21.65
O5 BMA X . 15.47 -19.69 -23.41
O6 BMA X . 18.20 -20.74 -23.59
C1 MAN X . 15.44 -17.65 -18.79
C2 MAN X . 16.29 -16.77 -17.83
C3 MAN X . 15.64 -16.70 -16.45
C4 MAN X . 15.37 -18.10 -15.84
C5 MAN X . 15.08 -19.14 -16.94
C6 MAN X . 14.08 -20.21 -16.50
O2 MAN X . 16.34 -15.42 -18.30
O3 MAN X . 14.45 -15.92 -16.46
O4 MAN X . 16.48 -18.52 -15.06
O5 MAN X . 14.53 -18.47 -18.07
O6 MAN X . 13.90 -21.11 -17.58
C1 MAN X . 17.39 -14.73 -17.60
C2 MAN X . 16.90 -13.25 -17.37
C3 MAN X . 17.99 -12.39 -16.72
C4 MAN X . 19.37 -13.04 -16.84
C5 MAN X . 19.51 -13.67 -18.22
C6 MAN X . 20.91 -14.17 -18.52
O2 MAN X . 15.78 -13.21 -16.49
O3 MAN X . 17.68 -12.09 -15.36
O4 MAN X . 20.39 -12.06 -16.65
O5 MAN X . 18.61 -14.81 -18.32
O6 MAN X . 20.97 -14.53 -19.90
C1 MAN X . 18.92 -21.51 -24.57
C2 MAN X . 17.93 -22.55 -25.16
C3 MAN X . 17.62 -23.63 -24.12
C4 MAN X . 18.91 -24.21 -23.53
C5 MAN X . 19.75 -23.08 -22.93
C6 MAN X . 21.07 -23.56 -22.37
O2 MAN X . 18.50 -23.25 -26.27
O3 MAN X . 16.81 -24.67 -24.66
O4 MAN X . 18.59 -25.15 -22.50
O5 MAN X . 20.04 -22.12 -23.98
O6 MAN X . 21.91 -23.91 -23.45
C1 NAG Y . -42.11 -12.12 -9.38
C2 NAG Y . -42.75 -10.77 -9.08
C3 NAG Y . -42.09 -9.67 -9.90
C4 NAG Y . -40.57 -9.68 -9.70
C5 NAG Y . -40.00 -11.08 -9.89
C6 NAG Y . -38.54 -11.19 -9.50
C7 NAG Y . -45.08 -10.08 -8.67
C8 NAG Y . -46.51 -10.24 -9.08
N2 NAG Y . -44.18 -10.80 -9.36
O3 NAG Y . -42.62 -8.40 -9.54
O4 NAG Y . -39.96 -8.82 -10.66
O5 NAG Y . -40.70 -12.04 -9.09
O6 NAG Y . -37.73 -10.31 -10.27
O7 NAG Y . -44.74 -9.33 -7.76
C1 NAG Y . -39.49 -7.59 -10.08
C2 NAG Y . -38.55 -6.93 -11.10
C3 NAG Y . -38.05 -5.59 -10.56
C4 NAG Y . -39.21 -4.71 -10.13
C5 NAG Y . -40.11 -5.47 -9.16
C6 NAG Y . -41.35 -4.70 -8.78
C7 NAG Y . -37.28 -8.36 -12.63
C8 NAG Y . -36.07 -9.22 -12.81
N2 NAG Y . -37.43 -7.80 -11.43
O3 NAG Y . -37.28 -4.95 -11.57
O4 NAG Y . -38.72 -3.54 -9.51
O5 NAG Y . -40.55 -6.70 -9.74
O6 NAG Y . -42.32 -4.72 -9.82
O7 NAG Y . -38.09 -8.17 -13.55
C1 BMA Y . -38.98 -2.38 -10.34
C2 BMA Y . -38.88 -1.12 -9.44
C3 BMA Y . -38.94 0.15 -10.27
C4 BMA Y . -38.00 0.09 -11.48
C5 BMA Y . -38.27 -1.18 -12.29
C6 BMA Y . -37.36 -1.32 -13.49
O2 BMA Y . -37.64 -1.10 -8.74
O3 BMA Y . -38.63 1.31 -9.49
O4 BMA Y . -38.19 1.23 -12.30
O5 BMA Y . -38.06 -2.31 -11.42
O6 BMA Y . -36.12 -0.68 -13.18
C1 MAN Y . -39.85 1.80 -8.87
C2 MAN Y . -40.08 3.24 -9.38
C3 MAN Y . -40.69 4.13 -8.29
C4 MAN Y . -39.90 4.09 -6.96
C5 MAN Y . -39.02 2.83 -6.87
C6 MAN Y . -38.69 2.43 -5.44
O2 MAN Y . -41.01 3.27 -10.47
O3 MAN Y . -42.06 3.81 -8.06
O4 MAN Y . -39.08 5.25 -6.84
O5 MAN Y . -39.73 1.73 -7.46
O6 MAN Y . -37.88 1.27 -5.48
C1 MAN Y . -35.16 -1.01 -14.21
C2 MAN Y . -34.21 -2.09 -13.61
C3 MAN Y . -33.28 -1.47 -12.57
C4 MAN Y . -32.59 -0.22 -13.13
C5 MAN Y . -33.65 0.78 -13.62
C6 MAN Y . -33.04 2.03 -14.23
O2 MAN Y . -33.34 -2.63 -14.62
O3 MAN Y . -32.30 -2.39 -12.10
O4 MAN Y . -31.80 0.39 -12.12
O5 MAN Y . -34.45 0.14 -14.63
O6 MAN Y . -32.47 1.66 -15.48
C1 NAG Z . -30.06 20.06 28.57
C2 NAG Z . -29.55 20.59 29.92
C3 NAG Z . -30.21 19.84 31.08
C4 NAG Z . -31.72 19.91 30.95
C5 NAG Z . -32.13 19.32 29.61
C6 NAG Z . -33.62 19.38 29.36
C7 NAG Z . -27.28 21.49 29.67
C8 NAG Z . -25.81 21.21 29.79
N2 NAG Z . -28.11 20.49 30.00
O3 NAG Z . -29.80 20.42 32.31
O4 NAG Z . -32.37 19.22 32.01
O5 NAG Z . -31.50 20.07 28.56
O6 NAG Z . -34.00 20.63 28.81
O7 NAG Z . -27.71 22.58 29.30
C1 NAG Z . -33.01 20.21 32.86
C2 NAG Z . -34.17 19.59 33.64
C3 NAG Z . -34.76 20.61 34.60
C4 NAG Z . -33.69 21.25 35.47
C5 NAG Z . -32.57 21.79 34.60
C6 NAG Z . -31.40 22.33 35.40
C7 NAG Z . -35.10 17.90 32.12
C8 NAG Z . -36.26 17.55 31.23
N2 NAG Z . -35.19 19.08 32.74
O3 NAG Z . -35.74 19.98 35.42
O4 NAG Z . -34.26 22.32 36.21
O5 NAG Z . -32.05 20.75 33.77
O6 NAG Z . -30.65 23.28 34.64
O7 NAG Z . -34.15 17.16 32.26
C1 BMA Z . -34.14 22.10 37.64
C2 BMA Z . -34.56 23.41 38.33
C3 BMA Z . -34.60 23.24 39.84
C4 BMA Z . -35.35 21.96 40.25
C5 BMA Z . -34.85 20.74 39.46
C6 BMA Z . -35.67 19.50 39.76
O2 BMA Z . -35.86 23.79 37.93
O3 BMA Z . -35.23 24.35 40.46
O4 BMA Z . -35.18 21.73 41.64
O5 BMA Z . -34.96 21.03 38.06
O6 BMA Z . -37.04 19.89 39.71
C1 MAN Z . -34.25 25.36 40.82
C2 MAN Z . -34.79 26.10 42.05
C3 MAN Z . -36.04 26.90 41.67
C4 MAN Z . -35.75 27.81 40.47
C5 MAN Z . -35.21 26.96 39.31
C6 MAN Z . -34.81 27.81 38.11
O2 MAN Z . -33.85 27.07 42.52
O3 MAN Z . -36.54 27.66 42.76
O4 MAN Z . -36.94 28.47 40.07
O5 MAN Z . -34.04 26.25 39.74
O6 MAN Z . -34.39 26.93 37.07
C1 MAN Z . -33.58 26.80 43.92
C2 MAN Z . -33.46 28.17 44.65
C3 MAN Z . -32.19 28.89 44.24
C4 MAN Z . -30.98 27.97 44.42
C5 MAN Z . -31.18 26.69 43.61
C6 MAN Z . -30.06 25.69 43.80
O2 MAN Z . -33.37 27.98 46.06
O3 MAN Z . -32.00 30.10 44.96
O4 MAN Z . -29.80 28.63 43.98
O5 MAN Z . -32.39 26.04 44.04
O6 MAN Z . -28.90 26.41 44.22
C1 MAN Z . -34.42 28.71 46.72
C2 MAN Z . -34.17 28.63 48.25
C3 MAN Z . -34.46 27.22 48.76
C4 MAN Z . -35.85 26.77 48.33
C5 MAN Z . -35.98 26.83 46.81
C6 MAN Z . -37.35 26.47 46.29
O2 MAN Z . -35.05 29.49 48.98
O3 MAN Z . -34.33 27.13 50.17
O4 MAN Z . -36.09 25.43 48.76
O5 MAN Z . -35.70 28.19 46.38
O6 MAN Z . -37.62 25.13 46.66
C1 MAN Z . -37.87 18.74 39.97
C2 MAN Z . -39.26 19.04 39.37
C3 MAN Z . -39.92 20.19 40.12
C4 MAN Z . -39.94 19.91 41.63
C5 MAN Z . -38.53 19.57 42.14
C6 MAN Z . -38.55 19.09 43.58
O2 MAN Z . -40.14 17.92 39.52
O3 MAN Z . -41.24 20.42 39.66
O4 MAN Z . -40.43 21.05 42.33
O5 MAN Z . -37.97 18.50 41.36
O6 MAN Z . -39.49 18.02 43.65
C1 MAN Z . -41.25 21.57 38.78
C2 MAN Z . -42.67 22.17 38.83
C3 MAN Z . -43.67 21.23 38.16
C4 MAN Z . -43.19 20.83 36.76
C5 MAN Z . -41.78 20.21 36.86
C6 MAN Z . -41.20 19.85 35.51
O2 MAN Z . -42.74 23.39 38.06
O3 MAN Z . -44.98 21.80 38.08
O4 MAN Z . -44.07 19.88 36.20
O5 MAN Z . -40.90 21.17 37.47
O6 MAN Z . -39.97 19.16 35.73
C1 MAN Z . -43.25 24.45 38.91
C2 MAN Z . -44.29 25.25 38.08
C3 MAN Z . -43.58 26.07 37.00
C4 MAN Z . -42.44 26.90 37.61
C5 MAN Z . -41.46 25.97 38.34
C6 MAN Z . -40.33 26.71 39.02
O2 MAN Z . -44.98 26.20 38.89
O3 MAN Z . -44.48 26.92 36.30
O4 MAN Z . -41.73 27.58 36.57
O5 MAN Z . -42.18 25.26 39.37
O6 MAN Z . -39.84 27.70 38.11
C1 MAN Z . -39.82 17.75 45.02
C2 MAN Z . -40.62 16.41 45.04
C3 MAN Z . -42.01 16.63 44.45
C4 MAN Z . -42.72 17.78 45.17
C5 MAN Z . -41.88 19.05 45.03
C6 MAN Z . -42.47 20.24 45.76
O2 MAN Z . -40.84 15.96 46.37
O3 MAN Z . -42.80 15.45 44.52
O4 MAN Z . -44.00 18.00 44.61
O5 MAN Z . -40.57 18.81 45.59
O6 MAN Z . -42.21 20.07 47.15
C1 MAN Z . -40.29 14.63 46.50
C2 MAN Z . -41.12 13.89 47.57
C3 MAN Z . -40.84 14.48 48.95
C4 MAN Z . -39.33 14.53 49.22
C5 MAN Z . -38.64 15.32 48.12
C6 MAN Z . -37.13 15.37 48.28
O2 MAN Z . -40.75 12.52 47.67
O3 MAN Z . -41.50 13.75 49.99
O4 MAN Z . -39.09 15.14 50.48
O5 MAN Z . -38.92 14.70 46.86
O6 MAN Z . -36.63 16.37 47.41
C1 NAG AA . -14.58 22.30 33.04
C2 NAG AA . -13.84 21.24 33.86
C3 NAG AA . -13.85 21.65 35.33
C4 NAG AA . -13.34 23.07 35.51
C5 NAG AA . -14.04 24.04 34.55
C6 NAG AA . -13.43 25.42 34.56
C7 NAG AA . -13.74 18.85 33.35
C8 NAG AA . -14.52 17.57 33.22
N2 NAG AA . -14.45 19.93 33.69
O3 NAG AA . -13.05 20.74 36.07
O4 NAG AA . -13.58 23.52 36.83
O5 NAG AA . -13.94 23.55 33.20
O6 NAG AA . -12.44 25.55 33.54
O7 NAG AA . -12.53 18.89 33.17
C1 NAG AA . -12.38 23.43 37.61
C2 NAG AA . -12.35 24.63 38.57
C3 NAG AA . -11.14 24.52 39.51
C4 NAG AA . -11.11 23.16 40.18
C5 NAG AA . -11.18 22.05 39.13
C6 NAG AA . -11.27 20.66 39.73
C7 NAG AA . -13.20 26.87 38.03
C8 NAG AA . -13.00 28.09 37.18
N2 NAG AA . -12.31 25.88 37.83
O3 NAG AA . -11.21 25.55 40.48
O4 NAG AA . -9.90 23.03 40.92
O5 NAG AA . -12.37 22.22 38.34
O6 NAG AA . -9.98 20.05 39.79
O7 NAG AA . -14.11 26.77 38.83
C1 BMA AA . -10.20 22.76 42.31
C2 BMA AA . -8.86 22.45 43.00
C3 BMA AA . -9.07 22.28 44.50
C4 BMA AA . -9.90 23.42 45.11
C5 BMA AA . -11.20 23.62 44.30
C6 BMA AA . -12.03 24.79 44.80
O2 BMA AA . -7.96 23.53 42.85
O3 BMA AA . -7.84 22.17 45.20
O4 BMA AA . -10.23 23.13 46.45
O5 BMA AA . -10.85 23.87 42.93
O6 BMA AA . -11.17 25.92 44.92
C1 MAN AA . -7.14 20.98 44.78
C2 MAN AA . -6.68 20.23 46.06
C3 MAN AA . -5.32 19.55 45.85
C4 MAN AA . -4.23 20.53 45.32
C5 MAN AA . -4.87 21.75 44.63
C6 MAN AA . -3.96 22.39 43.61
O2 MAN AA . -7.59 19.17 46.39
O3 MAN AA . -5.42 18.40 45.00
O4 MAN AA . -3.40 20.97 46.39
O5 MAN AA . -6.05 21.31 43.94
O6 MAN AA . -4.63 23.51 43.05
C1 MAN AA . -7.36 18.76 47.75
C2 MAN AA . -7.49 17.20 47.80
C3 MAN AA . -7.34 16.67 49.23
C4 MAN AA . -7.53 17.78 50.28
C5 MAN AA . -8.68 18.69 49.82
C6 MAN AA . -9.09 19.71 50.88
O2 MAN AA . -6.47 16.56 47.03
O3 MAN AA . -6.09 16.01 49.43
O4 MAN AA . -7.85 17.21 51.54
O5 MAN AA . -8.26 19.43 48.64
O6 MAN AA . -10.31 20.31 50.47
C1 MAN AA . -11.92 27.05 45.39
C2 MAN AA . -12.19 27.97 44.19
C3 MAN AA . -10.90 28.66 43.74
C4 MAN AA . -10.19 29.32 44.93
C5 MAN AA . -9.94 28.28 46.03
C6 MAN AA . -9.30 28.86 47.27
O2 MAN AA . -13.09 29.03 44.53
O3 MAN AA . -11.13 29.61 42.71
O4 MAN AA . -8.96 29.88 44.52
O5 MAN AA . -11.22 27.72 46.42
O6 MAN AA . -10.26 29.70 47.93
C1 NAG BA . 2.48 40.03 -16.37
C2 NAG BA . 1.22 40.12 -17.21
C3 NAG BA . 1.47 39.55 -18.60
C4 NAG BA . 2.67 40.25 -19.25
C5 NAG BA . 3.87 40.17 -18.33
C6 NAG BA . 5.07 40.95 -18.84
C7 NAG BA . -1.16 39.82 -16.65
C8 NAG BA . -2.16 38.97 -15.93
N2 NAG BA . 0.12 39.41 -16.57
O3 NAG BA . 0.31 39.74 -19.41
O4 NAG BA . 2.98 39.63 -20.49
O5 NAG BA . 3.55 40.72 -17.04
O6 NAG BA . 4.90 42.34 -18.62
O7 NAG BA . -1.47 40.83 -17.26
C1 NAG BA . 2.67 40.53 -21.56
C2 NAG BA . 3.59 40.22 -22.74
C3 NAG BA . 3.26 41.13 -23.92
C4 NAG BA . 1.77 41.03 -24.27
C5 NAG BA . 0.93 41.32 -23.04
C6 NAG BA . -0.55 41.12 -23.28
C7 NAG BA . 5.72 39.32 -21.94
C8 NAG BA . 7.14 39.64 -21.59
N2 NAG BA . 4.98 40.35 -22.37
O3 NAG BA . 4.04 40.75 -25.05
O4 NAG BA . 1.45 41.99 -25.29
O5 NAG BA . 1.29 40.41 -21.98
O6 NAG BA . -1.21 40.62 -22.12
O7 NAG BA . 5.26 38.19 -21.83
C1 NAG CA . -25.79 40.92 -3.04
C2 NAG CA . -26.04 40.60 -4.50
C3 NAG CA . -25.46 41.68 -5.38
C4 NAG CA . -26.00 43.06 -4.97
C5 NAG CA . -25.84 43.26 -3.45
C6 NAG CA . -26.54 44.51 -2.96
C7 NAG CA . -26.24 38.26 -5.22
C8 NAG CA . -25.49 36.99 -5.55
N2 NAG CA . -25.48 39.30 -4.85
O3 NAG CA . -25.79 41.38 -6.73
O4 NAG CA . -25.31 44.10 -5.63
O5 NAG CA . -26.39 42.16 -2.72
O6 NAG CA . -25.60 45.48 -2.49
O7 NAG CA . -27.45 38.33 -5.28
C1 NAG CA . -25.91 44.34 -6.92
C2 NAG CA . -25.94 45.83 -7.22
C3 NAG CA . -26.53 46.07 -8.59
C4 NAG CA . -25.83 45.23 -9.66
C5 NAG CA . -25.74 43.77 -9.22
C6 NAG CA . -24.89 42.93 -10.15
C7 NAG CA . -26.09 47.31 -5.26
C8 NAG CA . -27.02 47.98 -4.29
N2 NAG CA . -26.68 46.56 -6.20
O3 NAG CA . -26.44 47.46 -8.90
O4 NAG CA . -26.57 45.25 -10.87
O5 NAG CA . -25.15 43.67 -7.92
O6 NAG CA . -24.74 41.60 -9.66
O7 NAG CA . -24.87 47.43 -5.19
C1 BMA CA . -26.18 46.35 -11.72
C2 BMA CA . -26.31 45.86 -13.17
C3 BMA CA . -26.36 47.02 -14.16
C4 BMA CA . -27.19 48.22 -13.66
C5 BMA CA . -26.83 48.57 -12.22
C6 BMA CA . -27.73 49.63 -11.64
O2 BMA CA . -27.51 45.13 -13.35
O3 BMA CA . -26.90 46.56 -15.39
O4 BMA CA . -26.99 49.36 -14.48
O5 BMA CA . -27.04 47.41 -11.44
O6 BMA CA . -29.08 49.17 -11.83
C1 MAN CA . -26.17 47.08 -16.52
C2 MAN CA . -27.24 47.35 -17.59
C3 MAN CA . -27.85 46.03 -18.07
C4 MAN CA . -26.76 45.02 -18.45
C5 MAN CA . -25.74 44.86 -17.32
C6 MAN CA . -24.57 43.98 -17.69
O2 MAN CA . -26.67 47.95 -18.75
O3 MAN CA . -28.76 46.21 -19.14
O4 MAN CA . -27.35 43.76 -18.73
O5 MAN CA . -25.21 46.15 -16.95
O6 MAN CA . -23.87 43.64 -16.50
C1 MAN CA . -27.46 49.13 -19.03
C2 MAN CA . -27.72 49.17 -20.57
C3 MAN CA . -26.48 49.66 -21.33
C4 MAN CA . -25.84 50.89 -20.66
C5 MAN CA . -25.56 50.55 -19.19
C6 MAN CA . -24.92 51.69 -18.43
O2 MAN CA . -28.78 50.10 -20.90
O3 MAN CA . -26.76 49.94 -22.70
O4 MAN CA . -24.62 51.23 -21.32
O5 MAN CA . -26.79 50.28 -18.56
O6 MAN CA . -25.95 52.62 -18.09
C1 MAN CA . -29.94 49.35 -21.32
C2 MAN CA . -31.01 50.38 -21.78
C3 MAN CA . -31.59 51.11 -20.58
C4 MAN CA . -32.15 50.11 -19.58
C5 MAN CA . -31.04 49.17 -19.13
C6 MAN CA . -31.51 48.09 -18.19
O2 MAN CA . -32.12 49.72 -22.39
O3 MAN CA . -32.60 52.04 -20.96
O4 MAN CA . -32.68 50.79 -18.46
O5 MAN CA . -30.44 48.50 -20.28
O6 MAN CA . -32.83 48.43 -17.78
C1 MAN CA . -30.01 50.26 -11.61
C2 MAN CA . -31.43 49.70 -11.89
C3 MAN CA . -31.62 49.48 -13.39
C4 MAN CA . -31.28 50.74 -14.18
C5 MAN CA . -29.85 51.18 -13.87
C6 MAN CA . -29.51 52.49 -14.52
O2 MAN CA . -32.44 50.64 -11.51
O3 MAN CA . -32.95 49.06 -13.69
O4 MAN CA . -31.40 50.48 -15.57
O5 MAN CA . -29.71 51.38 -12.44
O6 MAN CA . -30.62 53.34 -14.28
C1 MAN CA . -30.23 54.71 -14.39
C2 MAN CA . -31.18 55.51 -13.48
C3 MAN CA . -32.60 55.39 -14.03
C4 MAN CA . -32.65 55.76 -15.53
C5 MAN CA . -31.63 54.93 -16.30
C6 MAN CA . -31.53 55.31 -17.77
O2 MAN CA . -30.87 56.90 -13.48
O3 MAN CA . -33.52 56.18 -13.30
O4 MAN CA . -33.95 55.51 -16.04
O5 MAN CA . -30.32 55.13 -15.73
O6 MAN CA . -30.82 56.54 -17.86
C1 MAN CA . -30.66 57.31 -12.12
C2 MAN CA . -31.22 58.75 -11.98
C3 MAN CA . -30.33 59.74 -12.73
C4 MAN CA . -28.86 59.57 -12.30
C5 MAN CA . -28.42 58.12 -12.54
C6 MAN CA . -26.99 57.86 -12.08
O2 MAN CA . -31.23 59.18 -10.62
O3 MAN CA . -30.74 61.08 -12.53
O4 MAN CA . -28.02 60.43 -13.05
O5 MAN CA . -29.28 57.24 -11.78
O6 MAN CA . -26.90 58.19 -10.71
C1 MAN CA . -32.96 47.63 -13.87
C2 MAN CA . -33.95 47.33 -15.04
C3 MAN CA . -35.37 47.66 -14.61
C4 MAN CA . -35.73 46.97 -13.29
C5 MAN CA . -34.69 47.36 -12.22
C6 MAN CA . -34.92 46.65 -10.91
O2 MAN CA . -33.95 45.94 -15.37
O3 MAN CA . -36.31 47.29 -15.63
O4 MAN CA . -37.02 47.37 -12.86
O5 MAN CA . -33.38 47.00 -12.68
O6 MAN CA . -34.84 45.25 -11.14
C1 NAG DA . 29.57 7.21 -30.63
C2 NAG DA . 30.24 5.85 -30.77
C3 NAG DA . 31.37 5.71 -29.75
C4 NAG DA . 32.34 6.87 -29.88
C5 NAG DA . 31.59 8.20 -29.78
C6 NAG DA . 32.48 9.40 -30.04
C7 NAG DA . 29.33 3.62 -31.28
C8 NAG DA . 28.26 2.63 -30.99
N2 NAG DA . 29.27 4.77 -30.60
O3 NAG DA . 32.05 4.48 -29.96
O4 NAG DA . 33.31 6.81 -28.85
O5 NAG DA . 30.55 8.25 -30.77
O6 NAG DA . 32.78 9.54 -31.42
O7 NAG DA . 30.22 3.41 -32.10
C1 NAG DA . 34.60 6.48 -29.42
C2 NAG DA . 35.69 7.07 -28.52
C3 NAG DA . 37.07 6.70 -29.08
C4 NAG DA . 37.18 5.18 -29.26
C5 NAG DA . 36.02 4.68 -30.12
C6 NAG DA . 36.00 3.17 -30.23
C7 NAG DA . 34.89 9.11 -27.41
C8 NAG DA . 34.85 10.61 -27.45
N2 NAG DA . 35.56 8.51 -28.42
O3 NAG DA . 38.07 7.15 -28.18
O4 NAG DA . 38.41 4.87 -29.90
O5 NAG DA . 34.77 5.06 -29.53
O6 NAG DA . 34.67 2.67 -30.28
O7 NAG DA . 34.35 8.46 -26.52
C1 NAG EA . -12.29 42.28 7.75
C2 NAG EA . -10.99 42.81 8.31
C3 NAG EA . -11.26 44.02 9.16
C4 NAG EA . -11.98 45.08 8.33
C5 NAG EA . -13.20 44.49 7.60
C6 NAG EA . -13.81 45.45 6.60
C7 NAG EA . -9.10 41.32 8.70
C8 NAG EA . -8.51 40.25 9.57
N2 NAG EA . -10.30 41.78 9.06
O3 NAG EA . -10.03 44.52 9.67
O4 NAG EA . -12.37 46.16 9.18
O5 NAG EA . -12.88 43.27 6.88
O6 NAG EA . -13.15 46.70 6.61
O7 NAG EA . -8.50 41.74 7.71
C1 NAG EA . -11.40 47.24 9.20
C2 NAG EA . -11.84 48.28 10.25
C3 NAG EA . -10.85 49.44 10.28
C4 NAG EA . -9.43 48.93 10.51
C5 NAG EA . -9.07 47.87 9.48
C6 NAG EA . -7.73 47.23 9.71
C7 NAG EA . -14.18 48.63 10.89
C8 NAG EA . -15.50 49.18 10.46
N2 NAG EA . -13.19 48.75 10.00
O3 NAG EA . -11.21 50.36 11.32
O4 NAG EA . -8.51 50.01 10.40
O5 NAG EA . -10.05 46.81 9.50
O6 NAG EA . -7.84 45.86 10.06
O7 NAG EA . -14.01 48.10 11.98
C1 NAG FA . 7.05 29.36 7.51
C2 NAG FA . 6.80 29.32 9.01
C3 NAG FA . 5.65 30.25 9.39
C4 NAG FA . 5.91 31.66 8.85
C5 NAG FA . 6.20 31.60 7.35
C6 NAG FA . 6.59 32.94 6.77
C7 NAG FA . 7.11 27.42 10.53
C8 NAG FA . 6.71 26.01 10.85
N2 NAG FA . 6.53 27.97 9.46
O3 NAG FA . 5.52 30.29 10.80
O4 NAG FA . 4.76 32.47 9.07
O5 NAG FA . 7.30 30.72 7.10
O6 NAG FA . 7.93 33.28 7.12
O7 NAG FA . 7.93 28.02 11.21
C1 NAG FA . 5.09 33.49 10.05
C2 NAG FA . 4.15 34.67 9.83
C3 NAG FA . 4.41 35.76 10.87
C4 NAG FA . 4.33 35.17 12.27
C5 NAG FA . 5.25 33.97 12.40
C6 NAG FA . 5.14 33.26 13.72
C7 NAG FA . 3.43 34.95 7.49
C8 NAG FA . 3.73 35.59 6.17
N2 NAG FA . 4.29 35.22 8.48
O3 NAG FA . 3.46 36.80 10.72
O4 NAG FA . 4.72 36.15 13.23
O5 NAG FA . 4.93 33.00 11.38
O6 NAG FA . 5.17 31.85 13.57
O7 NAG FA . 2.45 34.23 7.66
C1 NAG GA . -24.92 23.37 -0.12
C2 NAG GA . -23.58 23.46 -0.84
C3 NAG GA . -23.75 24.17 -2.19
C4 NAG GA . -24.83 23.49 -3.01
C5 NAG GA . -26.12 23.41 -2.21
C6 NAG GA . -27.23 22.65 -2.91
C7 NAG GA . -21.28 23.96 -0.15
C8 NAG GA . -20.41 24.77 0.76
N2 NAG GA . -22.60 24.16 -0.03
O3 NAG GA . -22.52 24.16 -2.89
O4 NAG GA . -25.06 24.23 -4.20
O5 NAG GA . -25.88 22.73 -0.96
O6 NAG GA . -27.84 23.43 -3.92
O7 NAG GA . -20.82 23.18 -0.97
C1 NAG GA . -24.84 23.36 -5.34
C2 NAG GA . -25.31 24.11 -6.59
C3 NAG GA . -25.09 23.26 -7.83
C4 NAG GA . -23.65 22.76 -7.90
C5 NAG GA . -23.25 22.09 -6.59
C6 NAG GA . -21.79 21.71 -6.54
C7 NAG GA . -27.11 25.76 -6.34
C8 NAG GA . -28.59 25.98 -6.23
N2 NAG GA . -26.70 24.50 -6.48
O3 NAG GA . -25.40 24.02 -9.00
O4 NAG GA . -23.55 21.79 -8.94
O5 NAG GA . -23.47 22.99 -5.49
O6 NAG GA . -20.96 22.72 -7.11
O7 NAG GA . -26.30 26.70 -6.29
C1 BMA GA . -22.62 22.25 -9.96
C2 BMA GA . -22.17 20.98 -10.71
C3 BMA GA . -21.28 21.36 -11.88
C4 BMA GA . -21.92 22.46 -12.75
C5 BMA GA . -22.32 23.65 -11.87
C6 BMA GA . -23.02 24.73 -12.66
O2 BMA GA . -23.29 20.31 -11.26
O3 BMA GA . -20.98 20.22 -12.68
O4 BMA GA . -20.99 22.88 -13.73
O5 BMA GA . -23.22 23.18 -10.85
O6 BMA GA . -23.95 24.11 -13.53
C1 MAN GA . -20.12 19.34 -11.92
C2 MAN GA . -18.94 18.95 -12.84
C3 MAN GA . -18.62 17.47 -12.69
C4 MAN GA . -19.85 16.56 -12.93
C5 MAN GA . -21.15 17.25 -12.48
C6 MAN GA . -22.16 16.28 -11.90
O2 MAN GA . -17.76 19.65 -12.47
O3 MAN GA . -18.02 17.18 -11.43
O4 MAN GA . -19.94 16.21 -14.30
O5 MAN GA . -20.83 18.21 -11.47
O6 MAN GA . -23.33 17.01 -11.54
C1 MAN GA . -16.79 19.52 -13.53
C2 MAN GA . -15.37 19.41 -12.88
C3 MAN GA . -14.26 19.36 -13.94
C4 MAN GA . -14.77 19.84 -15.31
C5 MAN GA . -15.69 21.04 -15.11
C6 MAN GA . -16.08 21.72 -16.40
O2 MAN GA . -15.24 18.20 -12.12
O3 MAN GA . -13.67 18.06 -14.04
O4 MAN GA . -13.66 20.21 -16.13
O5 MAN GA . -16.90 20.61 -14.45
O6 MAN GA . -16.76 22.94 -16.09
C1 MAN GA . -24.86 25.11 -14.03
C2 MAN GA . -26.13 25.08 -13.13
C3 MAN GA . -26.93 23.81 -13.38
C4 MAN GA . -27.20 23.61 -14.88
C5 MAN GA . -25.86 23.60 -15.63
C6 MAN GA . -26.03 23.44 -17.13
O2 MAN GA . -27.01 26.16 -13.44
O3 MAN GA . -28.17 23.82 -12.67
O4 MAN GA . -27.87 22.38 -15.10
O5 MAN GA . -25.19 24.84 -15.39
O6 MAN GA . -26.56 24.67 -17.63
C1 NAG HA . -19.06 -8.85 39.38
C2 NAG HA . -17.78 -9.08 40.16
C3 NAG HA . -16.87 -7.86 40.04
C4 NAG HA . -16.64 -7.50 38.58
C5 NAG HA . -17.96 -7.41 37.81
C6 NAG HA . -17.76 -7.26 36.32
C7 NAG HA . -17.29 -10.12 42.33
C8 NAG HA . -17.73 -10.30 43.75
N2 NAG HA . -18.06 -9.35 41.57
O3 NAG HA . -15.63 -8.11 40.68
O4 NAG HA . -15.99 -6.23 38.50
O5 NAG HA . -18.74 -8.59 38.01
O6 NAG HA . -17.07 -6.07 35.99
O7 NAG HA . -16.27 -10.65 41.89
C1 NAG HA . -14.61 -6.35 38.10
C2 NAG HA . -14.12 -4.94 37.73
C3 NAG HA . -12.64 -4.98 37.35
C4 NAG HA . -11.82 -5.63 38.45
C5 NAG HA . -12.39 -6.99 38.79
C6 NAG HA . -11.70 -7.66 39.96
C7 NAG HA . -15.74 -3.36 36.79
C8 NAG HA . -16.48 -2.91 35.56
N2 NAG HA . -14.92 -4.40 36.63
O3 NAG HA . -12.19 -3.64 37.12
O4 NAG HA . -10.48 -5.78 38.02
O5 NAG HA . -13.79 -6.86 39.15
O6 NAG HA . -11.99 -7.00 41.19
O7 NAG HA . -15.90 -2.79 37.87
C1 BMA HA . -9.61 -4.89 38.75
C2 BMA HA . -8.17 -5.44 38.61
C3 BMA HA . -7.15 -4.46 39.19
C4 BMA HA . -7.39 -3.03 38.71
C5 BMA HA . -8.85 -2.64 38.97
C6 BMA HA . -9.17 -1.23 38.49
O2 BMA HA . -7.83 -5.62 37.25
O3 BMA HA . -5.82 -4.84 38.87
O4 BMA HA . -6.53 -2.12 39.37
O5 BMA HA . -9.70 -3.56 38.27
O6 BMA HA . -8.35 -0.95 37.36
C1 MAN HA . -5.33 -5.75 39.88
C2 MAN HA . -4.09 -5.08 40.54
C3 MAN HA . -3.04 -6.13 40.95
C4 MAN HA . -2.66 -7.07 39.78
C5 MAN HA . -3.73 -7.08 38.69
C6 MAN HA . -3.71 -8.35 37.84
O2 MAN HA . -4.46 -4.40 41.74
O3 MAN HA . -3.47 -6.88 42.09
O4 MAN HA . -1.41 -6.67 39.22
O5 MAN HA . -5.02 -7.01 39.31
O6 MAN HA . -4.74 -8.25 36.87
C1 MAN HA . -8.82 0.26 36.72
C2 MAN HA . -9.60 -0.15 35.44
C3 MAN HA . -8.63 -0.66 34.38
C4 MAN HA . -7.48 0.35 34.16
C5 MAN HA . -6.77 0.61 35.49
C6 MAN HA . -5.67 1.63 35.37
O2 MAN HA . -10.26 0.98 34.85
O3 MAN HA . -9.29 -0.92 33.14
O4 MAN HA . -6.56 -0.18 33.22
O5 MAN HA . -7.74 1.12 36.43
O6 MAN HA . -6.25 2.91 35.15
C1 NAG IA . 22.89 -32.98 22.65
C2 NAG IA . 23.81 -33.92 21.87
C3 NAG IA . 23.31 -35.37 21.97
C4 NAG IA . 23.15 -35.76 23.43
C5 NAG IA . 22.18 -34.81 24.10
C6 NAG IA . 22.00 -35.09 25.57
C7 NAG IA . 24.87 -32.68 20.04
C8 NAG IA . 24.82 -32.34 18.58
N2 NAG IA . 23.91 -33.51 20.49
O3 NAG IA . 24.24 -36.23 21.32
O4 NAG IA . 22.70 -37.11 23.56
O5 NAG IA . 22.70 -33.48 24.00
O6 NAG IA . 23.02 -34.49 26.35
O7 NAG IA . 25.72 -32.23 20.79
C1 NAG IA . 23.79 -37.89 24.08
C2 NAG IA . 23.26 -39.15 24.79
C3 NAG IA . 24.43 -40.03 25.24
C4 NAG IA . 25.38 -40.31 24.10
C5 NAG IA . 25.82 -39.00 23.44
C6 NAG IA . 26.68 -39.21 22.22
C7 NAG IA . 21.14 -38.46 25.80
C8 NAG IA . 20.43 -38.12 27.08
N2 NAG IA . 22.42 -38.79 25.92
O3 NAG IA . 23.92 -41.25 25.77
O4 NAG IA . 26.53 -40.98 24.60
O5 NAG IA . 24.66 -38.28 23.02
O6 NAG IA . 27.44 -38.05 21.92
O7 NAG IA . 20.57 -38.41 24.72
C1 BMA IA . 26.69 -42.28 23.99
C2 BMA IA . 28.07 -42.81 24.41
C3 BMA IA . 28.28 -44.24 23.92
C4 BMA IA . 27.06 -45.13 24.23
C5 BMA IA . 25.76 -44.46 23.77
C6 BMA IA . 24.53 -45.26 24.20
O2 BMA IA . 28.18 -42.85 25.83
O3 BMA IA . 29.44 -44.82 24.51
O4 BMA IA . 27.20 -46.37 23.58
O5 BMA IA . 25.66 -43.17 24.39
O6 BMA IA . 24.72 -45.63 25.56
C1 MAN IA . 30.60 -44.59 23.68
C2 MAN IA . 31.57 -45.76 23.93
C3 MAN IA . 32.09 -45.71 25.36
C4 MAN IA . 32.70 -44.33 25.66
C5 MAN IA . 31.65 -43.25 25.38
C6 MAN IA . 32.20 -41.84 25.56
O2 MAN IA . 32.72 -45.66 23.09
O3 MAN IA . 33.05 -46.72 25.61
O4 MAN IA . 33.09 -44.26 27.02
O5 MAN IA . 31.21 -43.36 24.01
O6 MAN IA . 31.14 -40.92 25.31
C1 MAN IA . 32.84 -46.88 22.34
C2 MAN IA . 34.35 -47.24 22.26
C3 MAN IA . 35.09 -46.27 21.35
C4 MAN IA . 34.39 -46.18 19.99
C5 MAN IA . 32.94 -45.76 20.19
C6 MAN IA . 32.16 -45.72 18.89
O2 MAN IA . 34.54 -48.54 21.67
O3 MAN IA . 36.46 -46.62 21.19
O4 MAN IA . 35.05 -45.22 19.18
O5 MAN IA . 32.28 -46.72 21.04
O6 MAN IA . 33.09 -45.50 17.83
C1 MAN IA . 35.27 -49.39 22.57
C2 MAN IA . 35.61 -50.70 21.82
C3 MAN IA . 34.34 -51.55 21.64
C4 MAN IA . 33.63 -51.75 22.98
C5 MAN IA . 33.29 -50.39 23.58
C6 MAN IA . 32.63 -50.48 24.94
O2 MAN IA . 36.51 -51.52 22.57
O3 MAN IA . 34.64 -52.81 21.04
O4 MAN IA . 32.43 -52.49 22.77
O5 MAN IA . 34.51 -49.63 23.76
O6 MAN IA . 31.40 -51.19 24.79
C1 MAN IA . 23.59 -46.39 26.02
C2 MAN IA . 23.56 -46.29 27.55
C3 MAN IA . 24.78 -46.98 28.14
C4 MAN IA . 24.90 -48.42 27.62
C5 MAN IA . 24.87 -48.45 26.07
C6 MAN IA . 24.78 -49.85 25.53
O2 MAN IA . 22.44 -46.98 28.09
O3 MAN IA . 24.76 -46.99 29.56
O4 MAN IA . 26.11 -49.01 28.07
O5 MAN IA . 23.71 -47.74 25.60
O6 MAN IA . 23.67 -50.47 26.18
C1 MAN IA . 25.63 -45.97 30.08
C2 MAN IA . 26.07 -46.39 31.50
C3 MAN IA . 24.87 -46.33 32.45
C4 MAN IA . 24.20 -44.96 32.38
C5 MAN IA . 23.79 -44.67 30.92
C6 MAN IA . 23.17 -43.30 30.75
O2 MAN IA . 27.04 -45.50 32.02
O3 MAN IA . 25.25 -46.61 33.79
O4 MAN IA . 23.05 -44.95 33.20
O5 MAN IA . 24.96 -44.72 30.09
O6 MAN IA . 22.71 -43.19 29.41
C1 MAN IA . 28.20 -46.24 32.43
C2 MAN IA . 28.66 -45.71 33.81
C3 MAN IA . 29.26 -44.31 33.67
C4 MAN IA . 30.33 -44.28 32.57
C5 MAN IA . 29.73 -44.79 31.26
C6 MAN IA . 30.75 -44.85 30.13
O2 MAN IA . 29.69 -46.51 34.38
O3 MAN IA . 29.79 -43.83 34.90
O4 MAN IA . 30.81 -42.96 32.39
O5 MAN IA . 29.23 -46.13 31.46
O6 MAN IA . 31.54 -43.67 30.17
C1 MAN IA . 23.70 -51.89 25.97
C2 MAN IA . 22.33 -52.45 26.45
C3 MAN IA . 22.24 -52.38 27.97
C4 MAN IA . 23.44 -53.07 28.61
C5 MAN IA . 24.73 -52.39 28.12
C6 MAN IA . 25.99 -53.05 28.66
O2 MAN IA . 22.20 -53.83 26.13
O3 MAN IA . 21.04 -52.95 28.45
O4 MAN IA . 23.37 -52.97 30.02
O5 MAN IA . 24.79 -52.48 26.68
O6 MAN IA . 26.19 -54.28 27.95
C1 MAN IA . 21.02 -54.01 25.31
C2 MAN IA . 20.48 -55.44 25.61
C3 MAN IA . 21.42 -56.49 25.02
C4 MAN IA . 21.71 -56.19 23.54
C5 MAN IA . 22.27 -54.78 23.41
C6 MAN IA . 22.53 -54.37 21.98
O2 MAN IA . 19.22 -55.65 24.97
O3 MAN IA . 20.90 -57.80 25.15
O4 MAN IA . 22.64 -57.12 23.03
O5 MAN IA . 21.32 -53.84 23.95
O6 MAN IA . 23.33 -53.20 21.97
C1 NAG JA . 27.92 -31.04 7.32
C2 NAG JA . 27.22 -31.74 6.17
C3 NAG JA . 27.98 -33.00 5.79
C4 NAG JA . 29.46 -32.69 5.55
C5 NAG JA . 30.05 -31.87 6.69
C6 NAG JA . 31.45 -31.39 6.40
C7 NAG JA . 24.80 -31.68 5.78
C8 NAG JA . 23.45 -32.09 6.30
N2 NAG JA . 25.85 -32.06 6.52
O3 NAG JA . 27.41 -33.57 4.63
O4 NAG JA . 30.20 -33.90 5.45
O5 NAG JA . 29.25 -30.71 6.94
O6 NAG JA . 31.43 -30.06 5.86
O7 NAG JA . 24.93 -31.02 4.75
C1 NAG JA . 30.46 -34.20 4.07
C2 NAG JA . 31.84 -34.83 3.95
C3 NAG JA . 32.11 -35.28 2.52
C4 NAG JA . 30.98 -36.15 2.01
C5 NAG JA . 29.65 -35.43 2.19
C6 NAG JA . 28.45 -36.27 1.81
C7 NAG JA . 33.73 -34.19 5.39
C8 NAG JA . 34.72 -33.11 5.71
N2 NAG JA . 32.87 -33.91 4.40
O3 NAG JA . 33.33 -36.01 2.48
O4 NAG JA . 31.18 -36.41 0.62
O5 NAG JA . 29.47 -35.09 3.57
O6 NAG JA . 28.00 -35.96 0.50
O7 NAG JA . 33.69 -35.25 6.01
C1 BMA JA . 31.23 -37.84 0.39
C2 BMA JA . 31.27 -38.05 -1.13
C3 BMA JA . 31.45 -39.52 -1.46
C4 BMA JA . 32.60 -40.15 -0.65
C5 BMA JA . 32.44 -39.84 0.85
C6 BMA JA . 33.60 -40.37 1.67
O2 BMA JA . 32.38 -37.37 -1.70
O3 BMA JA . 31.67 -39.73 -2.85
O4 BMA JA . 32.63 -41.55 -0.85
O5 BMA JA . 32.37 -38.42 1.02
O6 BMA JA . 34.81 -39.93 1.07
C1 MAN JA . 30.49 -39.33 -3.59
C2 MAN JA . 30.14 -40.47 -4.56
C3 MAN JA . 29.59 -39.92 -5.89
C4 MAN JA . 30.52 -38.85 -6.54
C5 MAN JA . 31.45 -38.23 -5.49
C6 MAN JA . 31.92 -36.83 -5.88
O2 MAN JA . 29.09 -41.30 -4.03
O3 MAN JA . 28.27 -39.40 -5.75
O4 MAN JA . 31.29 -39.45 -7.57
O5 MAN JA . 30.73 -38.10 -4.25
O6 MAN JA . 32.78 -36.34 -4.86
C1 MAN JA . 29.07 -42.55 -4.77
C2 MAN JA . 27.57 -42.93 -4.96
C3 MAN JA . 27.43 -44.29 -5.67
C4 MAN JA . 28.74 -45.10 -5.62
C5 MAN JA . 29.37 -44.92 -4.23
C6 MAN JA . 30.56 -45.82 -4.00
O2 MAN JA . 26.88 -41.99 -5.80
O3 MAN JA . 26.98 -44.15 -7.02
O4 MAN JA . 28.48 -46.47 -5.85
O5 MAN JA . 29.83 -43.55 -4.09
O6 MAN JA . 30.89 -45.78 -2.62
C1 MAN JA . 35.93 -40.41 1.84
C2 MAN JA . 36.48 -39.23 2.66
C3 MAN JA . 37.17 -38.22 1.73
C4 MAN JA . 38.19 -38.93 0.83
C5 MAN JA . 37.50 -40.04 0.04
C6 MAN JA . 38.45 -40.83 -0.84
O2 MAN JA . 37.49 -39.65 3.58
O3 MAN JA . 37.79 -37.16 2.46
O4 MAN JA . 38.76 -37.99 -0.08
O5 MAN JA . 36.91 -40.97 0.98
O6 MAN JA . 39.30 -41.60 0.00
C1 NAG KA . 34.59 23.63 11.00
C2 NAG KA . 34.30 23.98 12.46
C3 NAG KA . 33.45 25.23 12.54
C4 NAG KA . 34.09 26.38 11.78
C5 NAG KA . 34.40 25.94 10.34
C6 NAG KA . 35.16 26.97 9.56
C7 NAG KA . 33.90 22.53 14.40
C8 NAG KA . 33.13 21.36 14.94
N2 NAG KA . 33.65 22.87 13.13
O3 NAG KA . 33.28 25.60 13.91
O4 NAG KA . 33.23 27.50 11.74
O5 NAG KA . 35.20 24.75 10.36
O6 NAG KA . 36.55 26.96 9.88
O7 NAG KA . 34.72 23.15 15.09
C1 NAG KA . 33.80 28.56 12.53
C2 NAG KA . 33.33 29.90 11.97
C3 NAG KA . 33.87 31.05 12.81
C4 NAG KA . 33.52 30.85 14.28
C5 NAG KA . 33.99 29.47 14.75
C6 NAG KA . 33.57 29.16 16.16
C7 NAG KA . 32.91 29.74 9.55
C8 NAG KA . 33.48 29.96 8.19
N2 NAG KA . 33.72 30.05 10.58
O3 NAG KA . 33.33 32.29 12.35
O4 NAG KA . 34.15 31.85 15.07
O5 NAG KA . 33.42 28.45 13.91
O6 NAG KA . 33.31 27.77 16.34
O7 NAG KA . 31.78 29.29 9.73
C1 NAG LA . 27.63 -22.82 35.86
C2 NAG LA . 26.73 -22.81 37.07
C3 NAG LA . 27.56 -23.07 38.33
C4 NAG LA . 28.47 -24.29 38.15
C5 NAG LA . 29.16 -24.33 36.79
C6 NAG LA . 29.81 -25.66 36.47
C7 NAG LA . 24.87 -21.42 37.85
C8 NAG LA . 24.28 -20.03 37.87
N2 NAG LA . 26.02 -21.55 37.19
O3 NAG LA . 26.70 -23.27 39.44
O4 NAG LA . 29.49 -24.23 39.15
O5 NAG LA . 28.23 -24.08 35.73
O6 NAG LA . 29.17 -26.30 35.38
O7 NAG LA . 24.32 -22.36 38.41
C1 NAG LA . 29.56 -25.44 39.95
C2 NAG LA . 31.03 -25.73 40.23
C3 NAG LA . 31.16 -26.97 41.12
C4 NAG LA . 30.32 -26.81 42.37
C5 NAG LA . 28.88 -26.46 42.00
C6 NAG LA . 28.02 -26.16 43.22
C7 NAG LA . 32.75 -25.07 38.62
C8 NAG LA . 33.42 -25.40 37.31
N2 NAG LA . 31.78 -25.90 39.00
O3 NAG LA . 32.53 -27.16 41.46
O4 NAG LA . 30.34 -28.02 43.13
O5 NAG LA . 28.86 -25.29 41.18
O6 NAG LA . 27.22 -25.00 43.01
O7 NAG LA . 33.08 -24.10 39.29
C1 NAG MA . 35.54 1.44 33.02
C2 NAG MA . 34.83 2.62 33.66
C3 NAG MA . 35.71 3.85 33.63
C4 NAG MA . 37.07 3.54 34.27
C5 NAG MA . 37.67 2.27 33.68
C6 NAG MA . 38.92 1.80 34.40
C7 NAG MA . 32.37 2.79 33.63
C8 NAG MA . 31.17 3.11 32.79
N2 NAG MA . 33.56 2.89 33.00
O3 NAG MA . 35.05 4.90 34.32
O4 NAG MA . 37.98 4.60 34.04
O5 NAG MA . 36.74 1.18 33.73
O6 NAG MA . 40.07 1.89 33.58
O7 NAG MA . 32.29 2.45 34.80
C1 NAG MA . 37.83 5.60 35.06
C2 NAG MA . 39.18 6.17 35.47
C3 NAG MA . 39.00 7.26 36.52
C4 NAG MA . 38.01 8.31 36.05
C5 NAG MA . 36.72 7.67 35.54
C6 NAG MA . 35.79 8.66 34.88
C7 NAG MA . 41.08 4.62 35.28
C8 NAG MA . 41.86 3.53 35.95
N2 NAG MA . 40.05 5.11 35.98
O3 NAG MA . 40.27 7.84 36.80
O4 NAG MA . 37.64 9.17 37.11
O5 NAG MA . 37.02 6.66 34.56
O6 NAG MA . 34.66 7.99 34.31
O7 NAG MA . 41.35 5.02 34.16
C1 BMA MA . 38.53 10.29 37.25
C2 BMA MA . 37.68 11.47 37.74
C3 BMA MA . 38.54 12.60 38.34
C4 BMA MA . 39.72 12.06 39.19
C5 BMA MA . 40.46 10.94 38.45
C6 BMA MA . 41.52 10.30 39.30
O2 BMA MA . 36.79 11.06 38.77
O3 BMA MA . 37.73 13.43 39.14
O4 BMA MA . 40.63 13.11 39.48
O5 BMA MA . 39.52 9.94 38.17
O6 BMA MA . 40.88 9.91 40.52
C1 MAN MA . 38.03 14.82 38.94
C2 MAN MA . 37.91 15.47 40.33
C3 MAN MA . 36.45 15.41 40.78
C4 MAN MA . 35.50 15.97 39.71
C5 MAN MA . 35.76 15.28 38.36
C6 MAN MA . 34.96 15.88 37.23
O2 MAN MA . 38.26 16.85 40.30
O3 MAN MA . 36.25 16.09 42.02
O4 MAN MA . 34.16 15.76 40.09
O5 MAN MA . 37.14 15.39 38.02
O6 MAN MA . 34.99 14.98 36.13
C1 MAN MA . 39.23 17.04 41.36
C2 MAN MA . 38.86 18.36 42.11
C3 MAN MA . 39.28 19.60 41.30
C4 MAN MA . 40.70 19.45 40.74
C5 MAN MA . 40.77 18.16 39.92
C6 MAN MA . 42.13 17.92 39.31
O2 MAN MA . 39.54 18.44 43.37
O3 MAN MA . 39.18 20.79 42.07
O4 MAN MA . 41.01 20.55 39.90
O5 MAN MA . 40.53 17.08 40.81
O6 MAN MA . 42.99 17.41 40.31
C1 MAN MA . 38.59 18.26 44.44
C2 MAN MA . 39.33 18.50 45.78
C3 MAN MA . 40.27 17.34 46.07
C4 MAN MA . 39.50 16.03 46.07
C5 MAN MA . 38.86 15.84 44.70
C6 MAN MA . 37.99 14.59 44.63
O2 MAN MA . 38.42 18.53 46.88
O3 MAN MA . 40.96 17.52 47.31
O4 MAN MA . 40.38 14.95 46.33
O5 MAN MA . 37.99 16.97 44.40
O6 MAN MA . 38.29 13.81 45.78
C1 MAN MA . 41.88 9.58 41.52
C2 MAN MA . 41.12 9.20 42.82
C3 MAN MA . 40.50 10.46 43.44
C4 MAN MA . 41.55 11.55 43.62
C5 MAN MA . 42.22 11.87 42.29
C6 MAN MA . 43.36 12.84 42.44
O2 MAN MA . 42.00 8.69 43.81
O3 MAN MA . 39.88 10.17 44.68
O4 MAN MA . 40.94 12.73 44.13
O5 MAN MA . 42.78 10.66 41.73
O6 MAN MA . 44.11 12.39 43.56
C1 MAN MA . 45.45 12.89 43.49
C2 MAN MA . 46.33 11.87 44.22
C3 MAN MA . 45.92 11.83 45.70
C4 MAN MA . 45.89 13.24 46.31
C5 MAN MA . 45.02 14.17 45.45
C6 MAN MA . 45.03 15.61 45.93
O2 MAN MA . 47.69 12.25 44.21
O3 MAN MA . 46.77 10.97 46.46
O4 MAN MA . 45.38 13.20 47.63
O5 MAN MA . 45.51 14.15 44.10
O6 MAN MA . 46.27 16.18 45.53
C1 MAN MA . 48.47 11.16 43.65
C2 MAN MA . 49.82 11.11 44.40
C3 MAN MA . 50.69 12.30 44.02
C4 MAN MA . 50.80 12.42 42.48
C5 MAN MA . 49.40 12.51 41.87
C6 MAN MA . 49.42 12.57 40.36
O2 MAN MA . 50.57 9.95 44.05
O3 MAN MA . 51.99 12.23 44.59
O4 MAN MA . 51.54 13.57 42.14
O5 MAN MA . 48.64 11.34 42.26
O6 MAN MA . 50.08 11.41 39.88
C1 MAN MA . 38.46 10.04 44.49
C2 MAN MA . 37.76 10.70 45.70
C3 MAN MA . 38.02 9.86 46.96
C4 MAN MA . 37.65 8.39 46.72
C5 MAN MA . 38.42 7.87 45.50
C6 MAN MA . 38.05 6.44 45.14
O2 MAN MA . 36.34 10.73 45.54
O3 MAN MA . 37.31 10.37 48.08
O4 MAN MA . 37.99 7.61 47.86
O5 MAN MA . 38.10 8.69 44.35
O6 MAN MA . 36.65 6.41 44.88
C1 NAG NA . 41.08 -3.25 17.28
C2 NAG NA . 41.88 -3.16 16.01
C3 NAG NA . 43.24 -3.78 16.21
C4 NAG NA . 43.96 -3.08 17.35
C5 NAG NA . 43.06 -3.01 18.61
C6 NAG NA . 43.65 -2.15 19.70
C7 NAG NA . 40.76 -3.09 13.83
C8 NAG NA . 40.03 -3.88 12.79
N2 NAG NA . 41.18 -3.78 14.90
O3 NAG NA . 43.99 -3.67 15.00
O4 NAG NA . 45.16 -3.79 17.65
O5 NAG NA . 41.74 -2.49 18.32
O6 NAG NA . 44.95 -1.69 19.35
O7 NAG NA . 40.94 -1.89 13.72
C1 NAG NA . 46.32 -3.23 16.96
C2 NAG NA . 47.55 -4.12 17.24
C3 NAG NA . 48.79 -3.55 16.55
C4 NAG NA . 48.52 -3.35 15.07
C5 NAG NA . 47.26 -2.51 14.85
C6 NAG NA . 46.88 -2.38 13.39
C7 NAG NA . 47.79 -5.46 19.27
C8 NAG NA . 48.04 -5.44 20.75
N2 NAG NA . 47.78 -4.27 18.66
O3 NAG NA . 49.89 -4.42 16.73
O4 NAG NA . 49.62 -2.70 14.45
O5 NAG NA . 46.14 -3.09 15.53
O6 NAG NA . 45.63 -2.99 13.12
O7 NAG NA . 47.61 -6.50 18.66
C1 NAG OA . 30.81 1.43 -3.06
C2 NAG OA . 31.14 -0.04 -3.33
C3 NAG OA . 32.01 -0.61 -2.22
C4 NAG OA . 33.24 0.26 -2.00
C5 NAG OA . 32.83 1.71 -1.78
C6 NAG OA . 34.02 2.65 -1.69
C7 NAG OA . 29.75 -1.70 -4.48
C8 NAG OA . 28.43 -2.43 -4.49
N2 NAG OA . 29.93 -0.82 -3.49
O3 NAG OA . 32.39 -1.94 -2.56
O4 NAG OA . 33.96 -0.19 -0.85
O5 NAG OA . 32.03 2.17 -2.88
O6 NAG OA . 34.64 2.82 -2.95
O7 NAG OA . 30.61 -1.92 -5.32
C1 NAG OA . 35.21 -0.77 -1.27
C2 NAG OA . 36.19 -0.67 -0.11
C3 NAG OA . 37.53 -1.30 -0.49
C4 NAG OA . 37.32 -2.72 -0.97
C5 NAG OA . 36.29 -2.75 -2.09
C6 NAG OA . 35.95 -4.15 -2.54
C7 NAG OA . 35.82 1.25 1.37
C8 NAG OA . 36.12 2.70 1.63
N2 NAG OA . 36.39 0.72 0.29
O3 NAG OA . 38.40 -1.29 0.64
O4 NAG OA . 38.55 -3.26 -1.45
O5 NAG OA . 35.07 -2.14 -1.66
O6 NAG OA . 34.56 -4.29 -2.81
O7 NAG OA . 35.09 0.60 2.11
C1 NAG PA . 38.03 23.45 0.51
C2 NAG PA . 38.39 23.86 -0.91
C3 NAG PA . 39.67 24.69 -0.90
C4 NAG PA . 39.54 25.87 0.06
C5 NAG PA . 39.11 25.37 1.45
C6 NAG PA . 38.83 26.49 2.41
C7 NAG PA . 37.62 22.29 -2.63
C8 NAG PA . 37.94 21.06 -3.43
N2 NAG PA . 38.56 22.70 -1.76
O3 NAG PA . 39.93 25.17 -2.22
O4 NAG PA . 40.79 26.53 0.18
O5 NAG PA . 37.90 24.61 1.34
O6 NAG PA . 37.43 26.71 2.57
O7 NAG PA . 36.55 22.89 -2.75
C1 NAG PA . 40.67 27.89 -0.29
C2 NAG PA . 41.73 28.73 0.42
C3 NAG PA . 41.68 30.18 -0.07
C4 NAG PA . 41.79 30.22 -1.60
C5 NAG PA . 40.74 29.31 -2.23
C6 NAG PA . 40.88 29.22 -3.73
C7 NAG PA . 42.19 27.80 2.65
C8 NAG PA . 41.88 27.89 4.11
N2 NAG PA . 41.55 28.68 1.86
O3 NAG PA . 42.74 30.91 0.52
O4 NAG PA . 41.61 31.55 -2.06
O5 NAG PA . 40.87 27.98 -1.71
O6 NAG PA . 40.53 27.92 -4.20
O7 NAG PA . 42.96 26.97 2.20
C1 NAG QA . 19.47 -4.31 27.85
C2 NAG QA . 19.54 -3.15 26.85
C3 NAG QA . 19.85 -1.84 27.57
C4 NAG QA . 18.87 -1.61 28.71
C5 NAG QA . 18.85 -2.82 29.64
C6 NAG QA . 17.81 -2.72 30.74
C7 NAG QA . 20.45 -2.85 24.60
C8 NAG QA . 21.56 -3.21 23.65
N2 NAG QA . 20.52 -3.41 25.81
O3 NAG QA . 19.80 -0.76 26.65
O4 NAG QA . 19.25 -0.45 29.44
O5 NAG QA . 18.54 -3.99 28.89
O6 NAG QA . 18.25 -1.86 31.79
O7 NAG QA . 19.56 -2.07 24.28
C1 NAG QA . 18.17 0.50 29.45
C2 NAG QA . 18.54 1.63 30.42
C3 NAG QA . 17.43 2.67 30.47
C4 NAG QA . 17.09 3.15 29.06
C5 NAG QA . 16.82 1.97 28.14
C6 NAG QA . 16.61 2.37 26.70
C7 NAG QA . 19.99 1.13 32.34
C8 NAG QA . 20.07 0.53 33.72
N2 NAG QA . 18.79 1.09 31.76
O3 NAG QA . 17.85 3.77 31.27
O4 NAG QA . 15.92 3.97 29.13
O5 NAG QA . 17.92 1.06 28.16
O6 NAG QA . 17.53 3.39 26.32
O7 NAG QA . 20.97 1.61 31.79
C1 BMA QA . 16.22 5.31 28.69
C2 BMA QA . 14.88 5.92 28.26
C3 BMA QA . 15.05 7.39 27.89
C4 BMA QA . 15.81 8.16 28.97
C5 BMA QA . 17.13 7.43 29.30
C6 BMA QA . 17.89 8.12 30.41
O2 BMA QA . 13.94 5.88 29.34
O3 BMA QA . 13.80 8.00 27.65
O4 BMA QA . 16.08 9.46 28.53
O5 BMA QA . 16.83 6.09 29.70
O6 BMA QA . 16.97 8.50 31.42
C1 MAN QA . 13.24 7.45 26.43
C2 MAN QA . 12.76 8.65 25.57
C3 MAN QA . 11.41 8.34 24.93
C4 MAN QA . 10.34 7.94 25.97
C5 MAN QA . 10.96 7.18 27.15
C6 MAN QA . 10.07 6.10 27.71
O2 MAN QA . 13.66 8.87 24.48
O3 MAN QA . 11.52 7.35 23.91
O4 MAN QA . 9.65 9.09 26.44
O5 MAN QA . 12.18 6.56 26.72
O6 MAN QA . 10.71 5.50 28.83
C1 MAN QA . 13.37 10.17 23.90
C2 MAN QA . 13.60 10.05 22.36
C3 MAN QA . 13.41 11.41 21.66
C4 MAN QA . 13.47 12.57 22.66
C5 MAN QA . 14.58 12.29 23.67
C6 MAN QA . 14.86 13.47 24.59
O2 MAN QA . 12.64 9.17 21.76
O3 MAN QA . 12.20 11.45 20.90
O4 MAN QA . 13.75 13.79 21.97
O5 MAN QA . 14.18 11.17 24.51
O6 MAN QA . 16.03 13.17 25.35
C1 MAN QA . 17.69 8.81 32.62
C2 MAN QA . 17.75 7.53 33.49
C3 MAN QA . 16.37 7.21 34.07
C4 MAN QA . 15.77 8.44 34.76
C5 MAN QA . 15.72 9.61 33.77
C6 MAN QA . 15.18 10.89 34.38
O2 MAN QA . 18.61 7.71 34.62
O3 MAN QA . 16.42 6.12 34.99
O4 MAN QA . 14.46 8.15 35.22
O5 MAN QA . 17.06 9.88 33.30
O6 MAN QA . 16.17 11.40 35.27
C1 NAG RA . -0.96 -44.48 3.35
C2 NAG RA . -0.81 -44.78 1.86
C3 NAG RA . 0.44 -44.10 1.31
C4 NAG RA . 0.44 -42.62 1.63
C5 NAG RA . 0.17 -42.37 3.12
C6 NAG RA . -0.05 -40.91 3.44
C7 NAG RA . -1.22 -46.79 0.51
C8 NAG RA . -1.08 -48.28 0.43
N2 NAG RA . -0.76 -46.22 1.63
O3 NAG RA . 0.51 -44.30 -0.10
O4 NAG RA . 1.71 -42.07 1.32
O5 NAG RA . -1.02 -43.06 3.55
O6 NAG RA . 1.12 -40.14 3.17
O7 NAG RA . -1.71 -46.13 -0.40
C1 NAG RA . 1.67 -41.22 0.15
C2 NAG RA . 2.99 -40.43 0.11
C3 NAG RA . 3.04 -39.56 -1.14
C4 NAG RA . 2.78 -40.39 -2.39
C5 NAG RA . 1.48 -41.16 -2.24
C6 NAG RA . 1.20 -42.09 -3.40
C7 NAG RA . 4.08 -39.85 2.23
C8 NAG RA . 4.11 -38.92 3.40
N2 NAG RA . 3.15 -39.62 1.30
O3 NAG RA . 4.32 -38.93 -1.22
O4 NAG RA . 2.69 -39.53 -3.52
O5 NAG RA . 1.52 -41.97 -1.05
O6 NAG RA . 2.08 -43.20 -3.40
O7 NAG RA . 4.89 -40.79 2.12
C1 BMA RA . 3.82 -39.73 -4.39
C2 BMA RA . 3.43 -39.19 -5.79
C3 BMA RA . 4.64 -39.16 -6.73
C4 BMA RA . 5.86 -38.54 -6.06
C5 BMA RA . 6.14 -39.22 -4.72
C6 BMA RA . 7.34 -38.62 -3.99
O2 BMA RA . 2.94 -37.86 -5.71
O3 BMA RA . 4.34 -38.47 -7.93
O4 BMA RA . 7.00 -38.66 -6.91
O5 BMA RA . 4.98 -39.06 -3.90
O6 BMA RA . 7.41 -37.24 -4.34
C1 MAN RA . 3.78 -39.39 -8.88
C2 MAN RA . 4.73 -39.42 -10.12
C3 MAN RA . 3.94 -39.62 -11.42
C4 MAN RA . 2.78 -38.59 -11.58
C5 MAN RA . 2.37 -37.99 -10.24
C6 MAN RA . 0.95 -37.46 -10.23
O2 MAN RA . 5.63 -40.51 -10.04
O3 MAN RA . 3.44 -40.94 -11.54
O4 MAN RA . 3.17 -37.55 -12.48
O5 MAN RA . 2.46 -39.01 -9.23
O6 MAN RA . 0.68 -36.93 -8.94
C1 MAN RA . 8.37 -36.60 -3.46
C2 MAN RA . 7.56 -35.79 -2.40
C3 MAN RA . 6.92 -34.56 -3.05
C4 MAN RA . 7.96 -33.76 -3.84
C5 MAN RA . 8.63 -34.67 -4.89
C6 MAN RA . 9.70 -33.96 -5.68
O2 MAN RA . 8.42 -35.28 -1.38
O3 MAN RA . 6.28 -33.73 -2.09
O4 MAN RA . 7.33 -32.67 -4.51
O5 MAN RA . 9.25 -35.77 -4.19
O6 MAN RA . 10.81 -33.73 -4.82
C1 NAG SA . 27.04 17.97 -30.69
C2 NAG SA . 27.16 19.47 -30.50
C3 NAG SA . 28.13 20.06 -31.51
C4 NAG SA . 29.47 19.34 -31.45
C5 NAG SA . 29.26 17.83 -31.60
C6 NAG SA . 30.54 17.05 -31.41
C7 NAG SA . 25.10 20.43 -29.55
C8 NAG SA . 23.79 21.08 -29.85
N2 NAG SA . 25.85 20.10 -30.61
O3 NAG SA . 28.31 21.45 -31.24
O4 NAG SA . 30.30 19.78 -32.53
O5 NAG SA . 28.35 17.37 -30.60
O6 NAG SA . 30.60 16.45 -30.12
O7 NAG SA . 25.47 20.21 -28.41
C1 NAG SA . 31.47 20.44 -32.00
C2 NAG SA . 32.60 20.32 -33.03
C3 NAG SA . 33.84 21.04 -32.54
C4 NAG SA . 33.52 22.48 -32.18
C5 NAG SA . 32.35 22.53 -31.19
C6 NAG SA . 31.91 23.93 -30.88
C7 NAG SA . 32.31 18.24 -34.31
C8 NAG SA . 32.73 16.81 -34.45
N2 NAG SA . 32.89 18.92 -33.31
O3 NAG SA . 34.84 21.01 -33.57
O4 NAG SA . 34.65 23.11 -31.61
O5 NAG SA . 31.23 21.84 -31.73
O6 NAG SA . 30.50 23.98 -30.66
O7 NAG SA . 31.48 18.75 -35.05
C1 NAG TA . 12.52 41.27 -11.94
C2 NAG TA . 14.03 41.42 -11.79
C3 NAG TA . 14.45 42.82 -12.25
C4 NAG TA . 13.93 43.11 -13.65
C5 NAG TA . 12.43 42.86 -13.72
C6 NAG TA . 11.87 42.99 -15.12
C7 NAG TA . 14.93 40.02 -10.00
C8 NAG TA . 15.32 39.94 -8.55
N2 NAG TA . 14.45 41.19 -10.42
O3 NAG TA . 15.87 42.91 -12.23
O4 NAG TA . 14.19 44.46 -13.98
O5 NAG TA . 12.13 41.53 -13.28
O6 NAG TA . 11.62 41.73 -15.70
O7 NAG TA . 15.04 39.06 -10.75
C1 NAG TA . 15.10 44.53 -15.11
C2 NAG TA . 14.85 45.84 -15.85
C3 NAG TA . 15.81 45.98 -17.03
C4 NAG TA . 17.25 45.81 -16.56
C5 NAG TA . 17.40 44.50 -15.79
C6 NAG TA . 18.78 44.32 -15.20
C7 NAG TA . 12.50 46.49 -15.58
C8 NAG TA . 11.14 46.51 -16.21
N2 NAG TA . 13.46 45.93 -16.31
O3 NAG TA . 15.64 47.25 -17.63
O4 NAG TA . 18.12 45.80 -17.68
O5 NAG TA . 16.46 44.46 -14.70
O6 NAG TA . 18.72 43.63 -13.96
O7 NAG TA . 12.71 46.99 -14.48
C1 NAG UA . -9.16 -27.58 -41.29
C2 NAG UA . -8.99 -29.01 -40.83
C3 NAG UA . -8.86 -29.92 -42.06
C4 NAG UA . -9.98 -29.67 -43.08
C5 NAG UA . -10.22 -28.17 -43.30
C6 NAG UA . -11.50 -27.89 -44.05
C7 NAG UA . -7.72 -30.08 -39.04
C8 NAG UA . -6.46 -30.08 -38.23
N2 NAG UA . -7.83 -29.14 -39.97
O3 NAG UA . -8.89 -31.28 -41.64
O4 NAG UA . -9.57 -30.23 -44.32
O5 NAG UA . -10.33 -27.47 -42.05
O6 NAG UA . -12.45 -27.22 -43.23
O7 NAG UA . -8.60 -30.91 -38.83
C1 NAG UA . -10.55 -31.15 -44.86
C2 NAG UA . -10.61 -30.95 -46.37
C3 NAG UA . -11.60 -31.93 -46.98
C4 NAG UA . -11.26 -33.36 -46.57
C5 NAG UA . -11.16 -33.46 -45.05
C6 NAG UA . -10.70 -34.82 -44.56
C7 NAG UA . -10.13 -28.74 -47.31
C8 NAG UA . -10.66 -27.37 -47.59
N2 NAG UA . -10.97 -29.58 -46.71
O3 NAG UA . -11.56 -31.83 -48.40
O4 NAG UA . -12.27 -34.25 -47.02
O5 NAG UA . -10.21 -32.50 -44.56
O6 NAG UA . -9.73 -34.69 -43.53
O7 NAG UA . -8.98 -29.06 -47.61
C1 NAG VA . -38.07 29.16 16.22
C2 NAG VA . -39.31 28.53 15.61
C3 NAG VA . -40.48 29.51 15.69
C4 NAG VA . -40.63 30.09 17.09
C5 NAG VA . -39.28 30.51 17.70
C6 NAG VA . -39.37 30.80 19.19
C7 NAG VA . -39.75 27.15 13.63
C8 NAG VA . -39.36 26.87 12.21
N2 NAG VA . -39.07 28.12 14.23
O3 NAG VA . -41.67 28.84 15.30
O4 NAG VA . -41.43 31.27 16.99
O5 NAG VA . -38.31 29.47 17.55
O6 NAG VA . -38.65 29.84 19.94
O7 NAG VA . -40.63 26.52 14.20
C1 NAG VA . -42.57 31.22 17.88
C2 NAG VA . -42.79 32.63 18.44
C3 NAG VA . -44.01 32.66 19.34
C4 NAG VA . -45.23 32.11 18.60
C5 NAG VA . -44.92 30.74 18.02
C6 NAG VA . -46.03 30.19 17.16
C7 NAG VA . -40.84 34.10 18.75
C8 NAG VA . -39.67 34.43 19.62
N2 NAG VA . -41.61 33.09 19.17
O3 NAG VA . -44.26 33.99 19.77
O4 NAG VA . -46.33 32.01 19.49
O5 NAG VA . -43.76 30.80 17.18
O6 NAG VA . -45.54 29.63 15.96
O7 NAG VA . -41.08 34.71 17.72
C1 NAG WA . -20.37 -33.29 -24.55
C2 NAG WA . -20.33 -34.34 -25.64
C3 NAG WA . -19.13 -35.24 -25.42
C4 NAG WA . -17.85 -34.43 -25.22
C5 NAG WA . -18.05 -33.22 -24.30
C6 NAG WA . -16.90 -32.25 -24.34
C7 NAG WA . -22.36 -35.18 -26.73
C8 NAG WA . -23.58 -36.03 -26.58
N2 NAG WA . -21.56 -35.11 -25.67
O3 NAG WA . -18.99 -36.11 -26.54
O4 NAG WA . -16.89 -35.27 -24.60
O5 NAG WA . -19.22 -32.48 -24.64
O6 NAG WA . -16.36 -32.01 -23.05
O7 NAG WA . -22.11 -34.59 -27.77
C1 NAG WA . -15.85 -35.74 -25.48
C2 NAG WA . -14.66 -36.16 -24.62
C3 NAG WA . -13.54 -36.73 -25.49
C4 NAG WA . -14.08 -37.86 -26.37
C5 NAG WA . -15.28 -37.36 -27.17
C6 NAG WA . -15.93 -38.46 -27.98
C7 NAG WA . -14.34 -34.98 -22.49
C8 NAG WA . -13.77 -33.77 -21.83
N2 NAG WA . -14.17 -35.05 -23.82
O3 NAG WA . -12.50 -37.22 -24.66
O4 NAG WA . -13.07 -38.30 -27.26
O5 NAG WA . -16.28 -36.84 -26.28
O6 NAG WA . -17.32 -38.57 -27.68
O7 NAG WA . -14.92 -35.85 -21.86
C1 NAG XA . -40.70 8.74 20.07
C2 NAG XA . -41.97 9.55 20.18
C3 NAG XA . -42.66 9.60 18.82
C4 NAG XA . -41.69 10.04 17.72
C5 NAG XA . -40.32 9.36 17.84
C6 NAG XA . -39.27 10.00 16.96
C7 NAG XA . -43.32 9.67 22.23
C8 NAG XA . -44.23 8.93 23.16
N2 NAG XA . -42.87 8.98 21.18
O3 NAG XA . -43.76 10.50 18.88
O4 NAG XA . -42.24 9.65 16.47
O5 NAG XA . -39.82 9.40 19.19
O6 NAG XA . -38.66 9.06 16.10
O7 NAG XA . -43.00 10.83 22.43
C1 NAG XA . -42.79 10.74 15.71
C2 NAG XA . -42.85 10.29 14.24
C3 NAG XA . -43.48 11.37 13.38
C4 NAG XA . -44.84 11.77 13.94
C5 NAG XA . -44.71 12.16 15.41
C6 NAG XA . -46.04 12.46 16.06
C7 NAG XA . -41.15 8.69 13.48
C8 NAG XA . -39.74 8.52 12.98
N2 NAG XA . -41.52 9.95 13.75
O3 NAG XA . -43.63 10.89 12.05
O4 NAG XA . -45.38 12.87 13.21
O5 NAG XA . -44.10 11.09 16.15
O6 NAG XA . -46.24 11.66 17.22
O7 NAG XA . -41.90 7.74 13.64
C1 NAG YA . 8.66 -31.25 33.06
C2 NAG YA . 9.32 -31.66 34.37
C3 NAG YA . 8.95 -30.65 35.45
C4 NAG YA . 9.20 -29.21 34.99
C5 NAG YA . 8.73 -28.96 33.55
C6 NAG YA . 9.24 -27.66 32.98
C7 NAG YA . 9.80 -33.98 35.00
C8 NAG YA . 9.21 -35.29 35.40
N2 NAG YA . 8.92 -33.00 34.76
O3 NAG YA . 9.70 -30.92 36.63
O4 NAG YA . 8.45 -28.34 35.82
O5 NAG YA . 9.16 -30.00 32.66
O6 NAG YA . 8.18 -26.84 32.53
O7 NAG YA . 11.01 -33.81 34.91
C1 NAG YA . 9.24 -27.63 36.79
C2 NAG YA . 8.45 -26.40 37.22
C3 NAG YA . 9.21 -25.62 38.29
C4 NAG YA . 9.57 -26.54 39.46
C5 NAG YA . 10.33 -27.76 38.93
C6 NAG YA . 10.62 -28.77 40.01
C7 NAG YA . 6.91 -25.37 35.61
C8 NAG YA . 6.78 -24.45 34.43
N2 NAG YA . 8.14 -25.54 36.09
O3 NAG YA . 8.40 -24.54 38.76
O4 NAG YA . 10.38 -25.84 40.40
O5 NAG YA . 9.54 -28.44 37.94
O6 NAG YA . 10.12 -30.07 39.67
O7 NAG YA . 5.94 -25.93 36.10
C1 NAG ZA . 2.85 -24.98 -31.00
C2 NAG ZA . 2.57 -25.50 -29.64
C3 NAG ZA . 2.83 -27.00 -29.61
C4 NAG ZA . 2.04 -27.70 -30.72
C5 NAG ZA . 2.14 -26.95 -32.06
C6 NAG ZA . 1.14 -27.46 -33.08
C7 NAG ZA . 2.86 -24.26 -27.56
C8 NAG ZA . 3.85 -23.61 -26.64
N2 NAG ZA . 3.37 -24.82 -28.65
O3 NAG ZA . 2.44 -27.50 -28.34
O4 NAG ZA . 2.60 -29.00 -30.88
O5 NAG ZA . 1.91 -25.54 -31.92
O6 NAG ZA . -0.17 -27.05 -32.73
O7 NAG ZA . 1.66 -24.29 -27.30
C1 NAG ZA . 1.77 -30.05 -30.33
C2 NAG ZA . 2.43 -31.39 -30.68
C3 NAG ZA . 1.60 -32.54 -30.12
C4 NAG ZA . 1.37 -32.35 -28.63
C5 NAG ZA . 0.79 -30.97 -28.34
C6 NAG ZA . 0.69 -30.68 -26.86
C7 NAG ZA . 3.75 -31.22 -32.73
C8 NAG ZA . 3.76 -31.42 -34.21
N2 NAG ZA . 2.61 -31.53 -32.11
O3 NAG ZA . 2.27 -33.77 -30.36
O4 NAG ZA . 0.47 -33.34 -28.15
O5 NAG ZA . 1.62 -29.94 -28.91
O6 NAG ZA . 1.26 -29.41 -26.55
O7 NAG ZA . 4.73 -30.82 -32.12
C1 NAG AB . -31.64 24.59 2.25
C2 NAG AB . -31.83 23.13 1.98
C3 NAG AB . -33.23 22.91 1.44
C4 NAG AB . -34.27 23.50 2.39
C5 NAG AB . -33.89 24.90 2.88
C6 NAG AB . -34.74 25.37 4.03
C7 NAG AB . -30.10 21.57 1.26
C8 NAG AB . -29.12 21.22 0.18
N2 NAG AB . -30.84 22.67 1.04
O3 NAG AB . -33.43 21.52 1.29
O4 NAG AB . -35.50 23.59 1.68
O5 NAG AB . -32.51 24.98 3.31
O6 NAG AB . -34.40 24.67 5.21
O7 NAG AB . -30.23 20.88 2.26
C1 NAG AB . -36.47 22.59 2.05
C2 NAG AB . -37.77 22.88 1.29
C3 NAG AB . -38.83 21.85 1.65
C4 NAG AB . -38.30 20.44 1.42
C5 NAG AB . -36.98 20.23 2.14
C6 NAG AB . -36.34 18.91 1.81
C7 NAG AB . -37.98 25.26 0.76
C8 NAG AB . -38.53 26.59 1.19
N2 NAG AB . -38.24 24.23 1.56
O3 NAG AB . -40.00 22.08 0.87
O4 NAG AB . -39.25 19.50 1.90
O5 NAG AB . -36.04 21.25 1.75
O6 NAG AB . -34.98 19.08 1.41
O7 NAG AB . -37.33 25.13 -0.27
C1 NAG BB . 20.48 -8.66 33.55
C2 NAG BB . 19.00 -8.74 33.53
C3 NAG BB . 18.49 -8.77 34.96
C4 NAG BB . 19.15 -9.91 35.74
C5 NAG BB . 20.67 -9.97 35.50
C6 NAG BB . 21.29 -11.24 36.00
C7 NAG BB . 17.51 -7.74 31.87
C8 NAG BB . 17.05 -6.46 31.24
N2 NAG BB . 18.43 -7.61 32.82
O3 NAG BB . 17.08 -8.96 34.94
O4 NAG BB . 18.94 -9.66 37.13
O5 NAG BB . 21.01 -9.87 34.08
O6 NAG BB . 21.01 -12.32 35.12
O7 NAG BB . 17.07 -8.83 31.53
C1 NAG BB . 17.96 -10.54 37.71
C2 NAG BB . 17.90 -10.25 39.21
C3 NAG BB . 16.87 -11.16 39.89
C4 NAG BB . 15.52 -11.02 39.20
C5 NAG BB . 15.65 -11.25 37.70
C6 NAG BB . 14.37 -10.98 36.95
C7 NAG BB . 20.04 -9.39 40.04
C8 NAG BB . 21.36 -9.72 40.67
N2 NAG BB . 19.21 -10.41 39.83
O3 NAG BB . 16.76 -10.80 41.26
O4 NAG BB . 14.61 -11.98 39.74
O5 NAG BB . 16.64 -10.37 37.15
O6 NAG BB . 14.59 -10.12 35.85
O7 NAG BB . 19.73 -8.24 39.74
C1 NAG CB . -31.23 -36.50 -21.71
C2 NAG CB . -31.97 -37.54 -20.85
C3 NAG CB . -32.09 -38.86 -21.62
C4 NAG CB . -32.74 -38.61 -22.98
C5 NAG CB . -31.98 -37.54 -23.74
C6 NAG CB . -32.63 -37.16 -25.06
C7 NAG CB . -31.50 -37.03 -18.50
C8 NAG CB . -30.70 -37.39 -17.29
N2 NAG CB . -31.27 -37.76 -19.59
O3 NAG CB . -32.88 -39.77 -20.87
O4 NAG CB . -32.74 -39.81 -23.74
O5 NAG CB . -31.92 -36.34 -22.95
O6 NAG CB . -31.69 -36.53 -25.93
O7 NAG CB . -32.31 -36.12 -18.48
C1 NAG DB . 27.63 19.01 -20.90
C2 NAG DB . 27.52 20.29 -21.73
C3 NAG DB . 28.91 20.87 -22.01
C4 NAG DB . 29.68 21.04 -20.70
C5 NAG DB . 29.69 19.75 -19.91
C6 NAG DB . 30.34 19.89 -18.55
C7 NAG DB . 26.08 20.97 -23.61
C8 NAG DB . 25.43 20.54 -24.88
N2 NAG DB . 26.82 20.04 -22.98
O3 NAG DB . 28.78 22.11 -22.67
O4 NAG DB . 31.01 21.44 -20.98
O5 NAG DB . 28.35 19.29 -19.69
O6 NAG DB . 31.60 19.24 -18.50
O7 NAG DB . 25.96 22.11 -23.16
C1 NAG EB . 29.44 17.02 -41.28
C2 NAG EB . 30.90 16.52 -41.25
C3 NAG EB . 31.58 16.75 -42.59
C4 NAG EB . 30.64 16.40 -43.72
C5 NAG EB . 29.50 17.41 -43.75
C6 NAG EB . 28.20 16.84 -44.26
C7 NAG EB . 31.87 18.46 -40.06
C8 NAG EB . 32.66 18.90 -38.87
N2 NAG EB . 31.65 17.14 -40.16
O3 NAG EB . 32.76 15.94 -42.66
O4 NAG EB . 31.33 16.42 -44.96
O5 NAG EB . 29.25 17.93 -42.43
O6 NAG EB . 28.03 15.49 -43.86
O7 NAG EB . 31.43 19.27 -40.88
C1 NAG FB . 10.88 -22.32 -38.13
C2 NAG FB . 10.89 -22.73 -39.61
C3 NAG FB . 10.36 -24.16 -39.76
C4 NAG FB . 11.12 -25.11 -38.84
C5 NAG FB . 11.11 -24.59 -37.41
C6 NAG FB . 11.93 -25.43 -36.46
C7 NAG FB . 10.47 -21.41 -41.63
C8 NAG FB . 9.55 -20.45 -42.32
N2 NAG FB . 10.11 -21.81 -40.41
O3 NAG FB . 10.51 -24.57 -41.11
O4 NAG FB . 10.53 -26.41 -38.89
O5 NAG FB . 11.63 -23.27 -37.37
O6 NAG FB . 13.00 -24.68 -35.91
O7 NAG FB . 11.50 -21.81 -42.17
C1 NAG GB . 28.03 -12.65 -28.59
C2 NAG GB . 28.39 -14.10 -28.91
C3 NAG GB . 29.01 -14.77 -27.69
C4 NAG GB . 30.19 -13.95 -27.18
C5 NAG GB . 29.76 -12.52 -26.93
C6 NAG GB . 30.91 -11.61 -26.53
C7 NAG GB . 27.11 -15.36 -30.58
C8 NAG GB . 25.83 -16.09 -30.88
N2 NAG GB . 27.22 -14.85 -29.36
O3 NAG GB . 29.45 -16.09 -28.03
O4 NAG GB . 30.69 -14.52 -25.97
O5 NAG GB . 29.20 -11.96 -28.12
O6 NAG GB . 32.15 -12.14 -26.96
O7 NAG GB . 27.99 -15.22 -31.43
C1 NAG HB . -22.36 -18.28 -51.89
C2 NAG HB . -22.20 -18.78 -53.33
C3 NAG HB . -23.56 -19.08 -53.95
C4 NAG HB . -24.34 -20.04 -53.06
C5 NAG HB . -24.46 -19.48 -51.66
C6 NAG HB . -25.12 -20.43 -50.69
C7 NAG HB . -20.64 -18.18 -55.11
C8 NAG HB . -19.97 -17.05 -55.85
N2 NAG HB . -21.47 -17.82 -54.14
O3 NAG HB . -23.38 -19.65 -55.24
O4 NAG HB . -25.64 -20.26 -53.60
O5 NAG HB . -23.15 -19.21 -51.13
O6 NAG HB . -24.35 -21.60 -50.50
O7 NAG HB . -20.42 -19.35 -55.40
C1 NAG IB . 6.57 -24.58 -54.82
C2 NAG IB . 6.64 -26.08 -55.13
C3 NAG IB . 7.45 -26.31 -56.41
C4 NAG IB . 6.89 -25.48 -57.56
C5 NAG IB . 6.81 -24.01 -57.14
C6 NAG IB . 6.15 -23.14 -58.19
C7 NAG IB . 6.52 -27.23 -52.96
C8 NAG IB . 7.28 -27.97 -51.92
N2 NAG IB . 7.22 -26.82 -54.02
O3 NAG IB . 7.41 -27.70 -56.75
O4 NAG IB . 7.72 -25.60 -58.70
O5 NAG IB . 6.02 -23.89 -55.95
O6 NAG IB . 5.20 -22.26 -57.60
O7 NAG IB . 5.31 -27.01 -52.86
C1 NAG JB . -12.62 -4.01 -55.55
C2 NAG JB . -11.23 -3.56 -55.06
C3 NAG JB . -10.66 -2.46 -55.97
C4 NAG JB . -10.72 -2.88 -57.44
C5 NAG JB . -12.14 -3.28 -57.80
C6 NAG JB . -12.26 -3.78 -59.22
C7 NAG JB . -11.97 -2.06 -53.25
C8 NAG JB . -11.87 -1.76 -51.79
N2 NAG JB . -11.26 -3.12 -53.69
O3 NAG JB . -9.32 -2.19 -55.59
O4 NAG JB . -10.31 -1.79 -58.26
O5 NAG JB . -12.55 -4.35 -56.94
O6 NAG JB . -13.30 -4.75 -59.34
O7 NAG JB . -12.66 -1.38 -54.00
C1 NAG KB . 0.48 -7.06 -53.27
C2 NAG KB . 1.07 -5.66 -53.45
C3 NAG KB . 1.13 -5.28 -54.92
C4 NAG KB . 1.85 -6.37 -55.72
C5 NAG KB . 1.23 -7.73 -55.45
C6 NAG KB . 1.97 -8.86 -56.12
C7 NAG KB . 0.87 -3.58 -52.16
C8 NAG KB . -0.06 -2.67 -51.41
N2 NAG KB . 0.33 -4.67 -52.69
O3 NAG KB . 1.79 -4.04 -55.08
O4 NAG KB . 1.76 -6.08 -57.11
O5 NAG KB . 1.23 -8.00 -54.04
O6 NAG KB . 2.52 -9.75 -55.16
O7 NAG KB . 2.07 -3.34 -52.26
C1 NAG LB . -51.74 -19.08 0.79
C2 NAG LB . -52.26 -19.02 2.24
C3 NAG LB . -53.24 -17.85 2.39
C4 NAG LB . -52.64 -16.54 1.89
C5 NAG LB . -52.16 -16.73 0.45
C6 NAG LB . -51.47 -15.50 -0.10
C7 NAG LB . -53.22 -20.58 3.87
C8 NAG LB . -53.87 -21.92 4.07
N2 NAG LB . -52.89 -20.26 2.61
O3 NAG LB . -53.61 -17.71 3.76
O4 NAG LB . -53.61 -15.50 1.92
O5 NAG LB . -51.22 -17.80 0.40
O6 NAG LB . -51.18 -14.56 0.92
O7 NAG LB . -53.00 -19.83 4.81
C1 NAG MB . -56.26 -25.34 -9.33
C2 NAG MB . -56.50 -26.79 -9.75
C3 NAG MB . -57.98 -27.12 -9.63
C4 NAG MB . -58.50 -26.80 -8.23
C5 NAG MB . -58.18 -25.34 -7.88
C6 NAG MB . -58.55 -24.99 -6.46
C7 NAG MB . -55.57 -28.23 -11.50
C8 NAG MB . -55.10 -28.31 -12.92
N2 NAG MB . -56.02 -27.04 -11.09
O3 NAG MB . -58.18 -28.50 -9.91
O4 NAG MB . -59.92 -26.98 -8.19
O5 NAG MB . -56.76 -25.12 -8.00
O6 NAG MB . -59.56 -23.99 -6.42
O7 NAG MB . -55.53 -29.20 -10.74
C1 NAG NB . -45.17 -33.77 -19.27
C2 NAG NB . -44.25 -34.53 -20.22
C3 NAG NB . -45.01 -34.84 -21.51
C4 NAG NB . -46.32 -35.54 -21.21
C5 NAG NB . -47.12 -34.78 -20.14
C6 NAG NB . -48.36 -35.53 -19.68
C7 NAG NB . -41.87 -34.00 -19.91
C8 NAG NB . -40.74 -33.11 -20.32
N2 NAG NB . -43.05 -33.76 -20.51
O3 NAG NB . -44.19 -35.65 -22.35
O4 NAG NB . -47.10 -35.62 -22.39
O5 NAG NB . -46.31 -34.57 -18.98
O6 NAG NB . -49.28 -34.65 -19.05
O7 NAG NB . -41.74 -34.90 -19.09
C1 NAG OB . -44.33 1.63 28.59
C2 NAG OB . -45.20 0.40 28.77
C3 NAG OB . -46.67 0.79 28.90
C4 NAG OB . -46.85 1.85 29.98
C5 NAG OB . -45.92 3.02 29.73
C6 NAG OB . -45.96 4.06 30.82
C7 NAG OB . -44.07 -1.50 27.68
C8 NAG OB . -44.02 -2.38 26.48
N2 NAG OB . -45.02 -0.55 27.68
O3 NAG OB . -47.45 -0.36 29.20
O4 NAG OB . -48.20 2.32 29.99
O5 NAG OB . -44.56 2.55 29.65
O6 NAG OB . -45.46 5.31 30.37
O7 NAG OB . -43.29 -1.63 28.61
C1 NAG PB . 16.02 32.73 -15.45
C2 NAG PB . 17.03 33.69 -14.83
C3 NAG PB . 17.67 34.56 -15.92
C4 NAG PB . 18.26 33.68 -17.01
C5 NAG PB . 17.20 32.71 -17.55
C6 NAG PB . 17.75 31.73 -18.55
C7 NAG PB . 17.05 35.02 -12.77
C8 NAG PB . 16.24 35.87 -11.83
N2 NAG PB . 16.39 34.53 -13.82
O3 NAG PB . 18.69 35.36 -15.34
O4 NAG PB . 18.72 34.49 -18.09
O5 NAG PB . 16.66 31.93 -16.46
O6 NAG PB . 17.28 32.00 -19.86
O7 NAG PB . 18.24 34.79 -12.57
C1 NAG QB . 9.27 51.61 -10.90
C2 NAG QB . 8.96 52.01 -12.36
C3 NAG QB . 8.93 53.53 -12.52
C4 NAG QB . 8.19 54.15 -11.34
C5 NAG QB . 9.04 53.96 -10.08
C6 NAG QB . 8.21 53.85 -8.82
C7 NAG QB . 11.23 51.64 -13.27
C8 NAG QB . 12.04 50.93 -14.31
N2 NAG QB . 9.91 51.42 -13.29
O3 NAG QB . 8.26 53.86 -13.74
O4 NAG QB . 8.00 55.53 -11.57
O5 NAG QB . 9.83 52.77 -10.18
O6 NAG QB . 6.99 53.16 -9.06
O7 NAG QB . 11.76 52.40 -12.45
C1 NAG RB . -29.93 34.51 -2.35
C2 NAG RB . -30.69 35.78 -1.97
C3 NAG RB . -32.16 35.45 -1.70
C4 NAG RB . -32.76 34.70 -2.88
C5 NAG RB . -31.91 33.49 -3.22
C6 NAG RB . -32.39 32.76 -4.46
C7 NAG RB . -29.97 37.73 -0.67
C8 NAG RB . -29.32 38.21 0.60
N2 NAG RB . -30.08 36.41 -0.80
O3 NAG RB . -32.87 36.66 -1.48
O4 NAG RB . -34.09 34.28 -2.57
O5 NAG RB . -30.57 33.89 -3.47
O6 NAG RB . -31.41 32.78 -5.48
O7 NAG RB . -30.38 38.51 -1.53
C1 NAG SB . -16.31 33.82 -19.45
C2 NAG SB . -17.74 33.96 -19.96
C3 NAG SB . -18.01 32.94 -21.07
C4 NAG SB . -16.96 33.06 -22.17
C5 NAG SB . -15.56 32.95 -21.57
C6 NAG SB . -14.47 33.17 -22.58
C7 NAG SB . -19.50 34.79 -18.47
C8 NAG SB . -20.42 34.46 -17.34
N2 NAG SB . -18.70 33.80 -18.89
O3 NAG SB . -19.31 33.16 -21.61
O4 NAG SB . -17.14 32.03 -23.13
O5 NAG SB . -15.39 33.95 -20.55
O6 NAG SB . -14.94 33.92 -23.70
O7 NAG SB . -19.48 35.91 -18.99
C1 NAG TB . -33.24 35.88 33.68
C2 NAG TB . -34.07 37.16 33.89
C3 NAG TB . -34.67 37.18 35.29
C4 NAG TB . -35.47 35.91 35.54
C5 NAG TB . -34.58 34.69 35.31
C6 NAG TB . -35.34 33.38 35.42
C7 NAG TB . -33.75 39.48 33.14
C8 NAG TB . -32.77 40.60 32.98
N2 NAG TB . -33.26 38.34 33.67
O3 NAG TB . -35.51 38.32 35.43
O4 NAG TB . -35.96 35.89 36.88
O5 NAG TB . -34.05 34.73 33.98
O6 NAG TB . -36.33 33.27 34.42
O7 NAG TB . -34.93 39.58 32.81
C1 NAG UB . -36.73 47.76 6.62
C2 NAG UB . -38.24 47.78 6.36
C3 NAG UB . -38.69 49.20 5.98
C4 NAG UB . -38.23 50.20 7.03
C5 NAG UB . -36.72 50.07 7.26
C6 NAG UB . -36.22 50.96 8.38
C7 NAG UB . -38.83 45.54 5.55
C8 NAG UB . -39.19 44.71 4.35
N2 NAG UB . -38.60 46.84 5.32
O3 NAG UB . -40.11 49.23 5.86
O4 NAG UB . -38.53 51.52 6.60
O5 NAG UB . -36.40 48.73 7.62
O6 NAG UB . -35.34 50.25 9.24
O7 NAG UB . -38.73 45.05 6.67
C1 NAG VB . -19.31 45.47 28.59
C2 NAG VB . -18.60 45.62 27.24
C3 NAG VB . -17.70 46.86 27.22
C4 NAG VB . -18.47 48.10 27.67
C5 NAG VB . -19.11 47.83 29.02
C6 NAG VB . -19.96 48.99 29.51
C7 NAG VB . -16.79 43.98 27.63
C8 NAG VB . -16.13 42.73 27.12
N2 NAG VB . -17.83 44.42 26.92
O3 NAG VB . -17.19 47.05 25.90
O4 NAG VB . -17.59 49.21 27.77
O5 NAG VB . -19.98 46.70 28.92
O6 NAG VB . -21.04 48.54 30.32
O7 NAG VB . -16.40 44.55 28.65
C1 NAG WB . -20.18 47.52 15.14
C2 NAG WB . -18.81 48.16 14.91
C3 NAG WB . -18.81 49.60 15.42
C4 NAG WB . -19.96 50.38 14.80
C5 NAG WB . -21.28 49.64 15.02
C6 NAG WB . -22.45 50.31 14.33
C7 NAG WB . -16.52 47.31 15.09
C8 NAG WB . -15.57 46.47 15.89
N2 NAG WB . -17.76 47.39 15.57
O3 NAG WB . -17.58 50.22 15.10
O4 NAG WB . -20.04 51.68 15.39
O5 NAG WB . -21.19 48.31 14.51
O6 NAG WB . -23.01 49.45 13.34
O7 NAG WB . -16.18 47.88 14.06
C1 NAG XB . -24.34 -22.94 43.65
C2 NAG XB . -23.99 -24.43 43.66
C3 NAG XB . -22.94 -24.71 44.76
C4 NAG XB . -21.74 -23.78 44.61
C5 NAG XB . -22.21 -22.32 44.60
C6 NAG XB . -21.10 -21.34 44.37
C7 NAG XB . -25.21 -26.57 43.73
C8 NAG XB . -26.51 -27.24 44.01
N2 NAG XB . -25.17 -25.25 43.89
O3 NAG XB . -22.50 -26.06 44.68
O4 NAG XB . -20.85 -23.97 45.70
O5 NAG XB . -23.15 -22.15 43.53
O6 NAG XB . -19.90 -21.99 43.96
O7 NAG XB . -24.22 -27.21 43.36
C1 NAG YB . -33.39 -16.53 49.90
C2 NAG YB . -34.92 -16.52 49.98
C3 NAG YB . -35.38 -17.22 51.26
C4 NAG YB . -34.78 -18.61 51.34
C5 NAG YB . -33.26 -18.54 51.20
C6 NAG YB . -32.61 -19.91 51.16
C7 NAG YB . -36.62 -14.86 49.41
C8 NAG YB . -37.00 -13.41 49.43
N2 NAG YB . -35.43 -15.17 49.92
O3 NAG YB . -36.80 -17.29 51.26
O4 NAG YB . -35.11 -19.20 52.60
O5 NAG YB . -32.92 -17.88 49.98
O6 NAG YB . -31.75 -20.11 52.27
O7 NAG YB . -37.37 -15.71 48.93
C1 NAG ZB . -42.69 -5.08 41.22
C2 NAG ZB . -43.55 -4.02 40.53
C3 NAG ZB . -44.26 -3.18 41.59
C4 NAG ZB . -45.01 -4.06 42.57
C5 NAG ZB . -44.11 -5.18 43.12
C6 NAG ZB . -44.85 -6.19 43.97
C7 NAG ZB . -42.69 -3.35 38.34
C8 NAG ZB . -41.81 -2.40 37.59
N2 NAG ZB . -42.74 -3.18 39.67
O3 NAG ZB . -45.15 -2.28 40.95
O4 NAG ZB . -45.46 -3.28 43.67
O5 NAG ZB . -43.51 -5.92 42.03
O6 NAG ZB . -43.96 -6.93 44.78
O7 NAG ZB . -43.35 -4.23 37.77
C1 NAG AC . 3.54 -41.71 32.28
C2 NAG AC . 2.28 -42.44 32.78
C3 NAG AC . 2.54 -43.01 34.18
C4 NAG AC . 3.80 -43.85 34.20
C5 NAG AC . 4.98 -43.05 33.64
C6 NAG AC . 6.24 -43.87 33.53
C7 NAG AC . 0.33 -41.41 31.72
C8 NAG AC . -0.81 -40.46 31.90
N2 NAG AC . 1.14 -41.56 32.79
O3 NAG AC . 1.42 -43.79 34.57
O4 NAG AC . 4.10 -44.26 35.53
O5 NAG AC . 4.66 -42.59 32.32
O6 NAG AC . 7.40 -43.03 33.46
O7 NAG AC . 0.53 -42.00 30.67
C1 NAG BC . 29.34 26.26 -3.24
C2 NAG BC . 30.54 26.25 -4.18
C3 NAG BC . 31.17 27.64 -4.26
C4 NAG BC . 30.12 28.68 -4.62
C5 NAG BC . 28.93 28.59 -3.66
C6 NAG BC . 27.80 29.52 -4.03
C7 NAG BC . 32.34 24.63 -4.62
C8 NAG BC . 33.29 23.64 -4.02
N2 NAG BC . 31.52 25.26 -3.77
O3 NAG BC . 32.20 27.64 -5.24
O4 NAG BC . 30.68 29.99 -4.55
O5 NAG BC . 28.39 27.26 -3.66
O6 NAG BC . 27.68 30.60 -3.11
O7 NAG BC . 32.29 24.83 -5.83
C1 NAG CC . 47.86 23.34 5.20
C2 NAG CC . 47.84 24.63 6.04
C3 NAG CC . 49.26 25.06 6.42
C4 NAG CC . 50.07 23.84 6.83
C5 NAG CC . 50.30 22.97 5.60
C6 NAG CC . 50.41 21.49 5.94
C7 NAG CC . 47.53 26.21 4.15
C8 NAG CC . 46.67 27.31 3.61
N2 NAG CC . 47.15 25.71 5.34
O3 NAG CC . 49.20 26.00 7.49
O4 NAG CC . 51.32 24.25 7.35
O5 NAG CC . 49.23 23.11 4.66
O6 NAG CC . 49.55 21.14 7.01
O7 NAG CC . 48.51 25.80 3.55
C1 NAG DC . 29.07 -1.93 35.38
C2 NAG DC . 30.30 -2.30 36.21
C3 NAG DC . 29.88 -3.13 37.42
C4 NAG DC . 28.80 -2.43 38.21
C5 NAG DC . 27.64 -2.04 37.31
C6 NAG DC . 26.59 -1.22 38.00
C7 NAG DC . 32.58 -2.85 35.50
C8 NAG DC . 33.43 -3.68 34.58
N2 NAG DC . 31.26 -3.02 35.40
O3 NAG DC . 31.02 -3.36 38.24
O4 NAG DC . 28.33 -3.27 39.25
O5 NAG DC . 28.12 -1.24 36.21
O6 NAG DC . 26.46 0.08 37.43
O7 NAG DC . 33.07 -2.06 36.30
C1 NAG EC . 25.70 18.46 28.19
C2 NAG EC . 25.54 18.43 29.71
C3 NAG EC . 24.26 19.15 30.12
C4 NAG EC . 24.21 20.55 29.53
C5 NAG EC . 24.42 20.49 28.02
C6 NAG EC . 24.51 21.86 27.38
C7 NAG EC . 26.51 16.60 31.02
C8 NAG EC . 26.36 15.17 31.45
N2 NAG EC . 25.55 17.08 30.22
O3 NAG EC . 24.18 19.22 31.55
O4 NAG EC . 22.96 21.16 29.81
O5 NAG EC . 25.65 19.81 27.73
O6 NAG EC . 24.89 22.85 28.32
O7 NAG EC . 27.45 17.30 31.39
C1 NAG FC . 39.00 -35.72 27.02
C2 NAG FC . 40.19 -35.96 27.95
C3 NAG FC . 40.49 -37.46 28.06
C4 NAG FC . 39.25 -38.22 28.47
C5 NAG FC . 38.11 -37.92 27.49
C6 NAG FC . 36.80 -38.56 27.90
C7 NAG FC . 42.26 -34.71 28.36
C8 NAG FC . 43.42 -34.00 27.73
N2 NAG FC . 41.37 -35.24 27.52
O3 NAG FC . 41.52 -37.66 29.02
O4 NAG FC . 39.50 -39.62 28.49
O5 NAG FC . 37.88 -36.51 27.44
O6 NAG FC . 36.32 -38.01 29.13
O7 NAG FC . 42.15 -34.82 29.58
C1 NAG GC . 43.28 -9.99 41.34
C2 NAG GC . 43.06 -10.29 42.82
C3 NAG GC . 44.28 -9.84 43.64
C4 NAG GC . 45.55 -10.43 43.07
C5 NAG GC . 45.66 -10.12 41.58
C6 NAG GC . 46.84 -10.78 40.92
C7 NAG GC . 40.63 -10.20 43.19
C8 NAG GC . 39.50 -9.40 43.76
N2 NAG GC . 41.85 -9.66 43.32
O3 NAG GC . 44.11 -10.23 44.99
O4 NAG GC . 46.68 -9.90 43.74
O5 NAG GC . 44.49 -10.59 40.89
O6 NAG GC . 46.48 -11.39 39.69
O7 NAG GC . 40.46 -11.28 42.64
C1 NAG HC . 48.55 -24.19 17.63
C2 NAG HC . 48.44 -22.67 17.45
C3 NAG HC . 49.72 -22.09 16.85
C4 NAG HC . 50.94 -22.53 17.66
C5 NAG HC . 50.96 -24.06 17.77
C6 NAG HC . 52.09 -24.57 18.63
C7 NAG HC . 47.16 -22.70 15.33
C8 NAG HC . 45.91 -22.23 14.64
N2 NAG HC . 47.30 -22.33 16.61
O3 NAG HC . 49.64 -20.67 16.84
O4 NAG HC . 52.13 -22.10 17.03
O5 NAG HC . 49.74 -24.50 18.38
O6 NAG HC . 51.73 -25.79 19.27
O7 NAG HC . 48.01 -23.37 14.74
C1 NAG IC . 47.06 -11.84 23.20
C2 NAG IC . 47.78 -11.02 22.13
C3 NAG IC . 49.29 -11.20 22.25
C4 NAG IC . 49.75 -10.90 23.67
C5 NAG IC . 48.96 -11.72 24.67
C6 NAG IC . 49.28 -11.38 26.11
C7 NAG IC . 47.26 -10.51 19.79
C8 NAG IC . 46.76 -11.06 18.49
N2 NAG IC . 47.32 -11.38 20.80
O3 NAG IC . 49.94 -10.33 21.33
O4 NAG IC . 51.14 -11.20 23.81
O5 NAG IC . 47.56 -11.47 24.50
O6 NAG IC . 48.16 -10.84 26.78
O7 NAG IC . 47.60 -9.34 19.91
C1 NAG JC . -14.05 -53.01 4.11
C2 NAG JC . -15.44 -53.19 3.48
C3 NAG JC . -15.31 -53.85 2.10
C4 NAG JC . -14.31 -53.11 1.23
C5 NAG JC . -12.98 -53.00 1.95
C6 NAG JC . -11.96 -52.19 1.18
C7 NAG JC . -17.63 -54.10 4.18
C8 NAG JC . -18.34 -54.96 5.17
N2 NAG JC . -16.30 -53.98 4.34
O3 NAG JC . -16.58 -53.89 1.46
O4 NAG JC . -14.12 -53.82 0.00
O5 NAG JC . -13.18 -52.32 3.19
O6 NAG JC . -12.55 -51.50 0.08
O7 NAG JC . -18.21 -53.53 3.25
C1 NAG KC . -7.35 -60.73 11.70
C2 NAG KC . -7.50 -61.35 13.09
C3 NAG KC . -7.91 -62.82 12.97
C4 NAG KC . -9.16 -62.96 12.11
C5 NAG KC . -8.96 -62.27 10.76
C6 NAG KC . -10.20 -62.26 9.91
C7 NAG KC . -6.24 -61.12 15.18
C8 NAG KC . -4.89 -61.00 15.80
N2 NAG KC . -6.27 -61.22 13.85
O3 NAG KC . -8.15 -63.35 14.27
O4 NAG KC . -9.45 -64.33 11.89
O5 NAG KC . -8.59 -60.90 10.97
O6 NAG KC . -10.03 -63.01 8.71
O7 NAG KC . -7.27 -61.13 15.85
C1 NAG LC . 0.42 -53.95 25.35
C2 NAG LC . 1.16 -53.43 26.57
C3 NAG LC . 2.16 -54.48 27.05
C4 NAG LC . 1.47 -55.83 27.25
C5 NAG LC . 0.63 -56.22 26.02
C6 NAG LC . -0.20 -57.45 26.24
C7 NAG LC . 1.36 -50.99 26.63
C8 NAG LC . 2.19 -49.80 26.24
N2 NAG LC . 1.84 -52.19 26.27
O3 NAG LC . 2.77 -54.06 28.26
O4 NAG LC . 2.45 -56.84 27.47
O5 NAG LC . -0.27 -55.15 25.69
O6 NAG LC . -0.62 -58.02 25.01
O7 NAG LC . 0.31 -50.87 27.24
#